data_7FD2
#
_entry.id   7FD2
#
loop_
_entity.id
_entity.type
_entity.pdbx_description
1 polymer 'Envelope glycoprotein 1'
2 polymer 'Envelope glycoprotein 2'
3 polymer 'capsid protein'
4 branched alpha-D-mannopyranose-(1-6)-beta-D-mannopyranose-(1-4)-2-acetamido-2-deoxy-beta-D-glucopyranose-(1-4)-2-acetamido-2-deoxy-beta-D-glucopyranose
5 branched 2-acetamido-2-deoxy-beta-D-glucopyranose-(1-4)-2-acetamido-2-deoxy-beta-D-glucopyranose
6 branched beta-D-mannopyranose-(1-4)-2-acetamido-2-deoxy-beta-D-glucopyranose-(1-4)-2-acetamido-2-deoxy-beta-D-glucopyranose
7 non-polymer 2-acetamido-2-deoxy-beta-D-glucopyranose
8 non-polymer 1,2-DIOLEOYL-SN-GLYCERO-3-PHOSPHOCHOLINE
9 non-polymer 'STEARIC ACID'
10 non-polymer 'PALMITIC ACID'
11 non-polymer CHOLESTEROL
#
loop_
_entity_poly.entity_id
_entity_poly.type
_entity_poly.pdbx_seq_one_letter_code
_entity_poly.pdbx_strand_id
1 'polypeptide(L)'
;YEHTATIPNVVGFPYKAHIERNGFSPMTLQLEVLGTSLEPTLNLEYITCEYKTVVPSPYIKCCGTSECRSMERPDYQCQV
YTGVYPFMWGGAYCFCDTENTQLSEAYVDRSDVCKHDHAAAYKAHTAAMKATIRISYGNLNQTTTAFVNGEHTVTVGGSR
FTFGPISTAWTPFDNKIVVYKNDVYNQDFPPYGSGQPGRFGDIQSRTVESKDLYANTALKLSRPSSGTVHVPYTQTPSGF
KYWLKERGTSLNDKAPFGCVIKTNPVRAENCAVGNIPVSMDIPDTAFTRVIDAPAVTNLECQVAVCTHSSDFGGIATLTF
KTDKPGKCAVHSHSNVATIQEAAVDIKTDGKITLHFSTASASPAFKVSVCSAKTTCTAACEPPKDHIVPYGASHNNQVFP
DMSGTAMTWVQRVAGGLGGLTLAAVAVLILVTCVTMRR
;
A,E,I,M
2 'polypeptide(L)'
;SVTEHFNVYKATKPYLAYCADCGDGQFCYSPVAIEKIRDEASDGMIKIQVAAQIGINKGGTHEHNKIRYIAGHDMKEANR
DSLQVYTSGVCAIRGTMGHFIVAYCPPGDELKVQFQDAESHTQACKVQYKHAPAPVGREKFTVRPHFGIEVPCTTYQLTT
APTEEEIDMHTPPDIPDITLLSQQSGNVKITAGGKTIRYNCTCGSGNVGTTSSDKTINSCKIAQCHAAVTNHDKWQYTSS
FVPRADQLSRKGKVHVPFPLTNSTCRVPVARAPGVTYGKRELTVKLHPDHPTLLTYRSLGADPRPYEEWIDRYVERTIPV
TEDGIEYRWGNNPPVRLWAQLTTEGKPHGWPHEIILYYYGLYPAATIAAVSAAGLAVVLSLLASCYMFATARRKCLTPYA
LTPGAVVPVTLGVLCCAPR
;
B,F,J,N
3 'polypeptide(L)'
;MNYIPTQTFYGRRWRPRPAYRPWRVPMQPAPPMVIPELQTPIVQAQQMQQLISAVSALTTKQNGKAPKKPKKKPQKAKAK
KNEQQKKNENKKPPPKQKNPAKKKKPGKRERMCMKIENDCIFEVKLDGKVTGYACLVGDKVMKPAHVKGVIDNPDLAKLT
YKKSSKYDLECAQIPVHMKSDASKYTHEKPEGHYNWHHGAVQYSGGRFTIPTGAGKPGDSGRPIFDNKGRVVAIVLGGAN
EGARTALSVVTWTKDMVTRYTPEGTEEW
;
C,G,K,O
#
loop_
_chem_comp.id
_chem_comp.type
_chem_comp.name
_chem_comp.formula
BMA D-saccharide, beta linking beta-D-mannopyranose 'C6 H12 O6'
CLR non-polymer CHOLESTEROL 'C27 H46 O'
MAN D-saccharide, alpha linking alpha-D-mannopyranose 'C6 H12 O6'
NAG D-saccharide, beta linking 2-acetamido-2-deoxy-beta-D-glucopyranose 'C8 H15 N O6'
PCW non-polymer 1,2-DIOLEOYL-SN-GLYCERO-3-PHOSPHOCHOLINE 'C44 H85 N O8 P 1'
PLM non-polymer 'PALMITIC ACID' 'C16 H32 O2'
STE non-polymer 'STEARIC ACID' 'C18 H36 O2'
#
# COMPACT_ATOMS: atom_id res chain seq x y z
N TYR A 1 -28.04 77.74 -22.68
CA TYR A 1 -26.67 77.87 -22.23
C TYR A 1 -25.91 76.57 -22.46
N GLU A 2 -24.70 76.69 -22.99
CA GLU A 2 -23.90 75.52 -23.33
C GLU A 2 -23.02 75.14 -22.14
N HIS A 3 -23.16 73.90 -21.68
CA HIS A 3 -22.41 73.40 -20.54
C HIS A 3 -22.38 71.87 -20.59
N THR A 4 -21.21 71.30 -20.32
CA THR A 4 -21.03 69.85 -20.30
C THR A 4 -20.49 69.41 -18.95
N ALA A 5 -20.98 68.25 -18.47
CA ALA A 5 -20.55 67.69 -17.21
C ALA A 5 -20.45 66.17 -17.33
N THR A 6 -19.66 65.57 -16.45
CA THR A 6 -19.45 64.12 -16.42
C THR A 6 -19.89 63.61 -15.05
N ILE A 7 -20.72 62.57 -15.04
CA ILE A 7 -21.27 62.05 -13.80
C ILE A 7 -20.91 60.57 -13.64
N PRO A 8 -20.75 60.08 -12.41
CA PRO A 8 -20.52 58.64 -12.23
C PRO A 8 -21.75 57.83 -12.54
N ASN A 9 -21.54 56.59 -12.95
CA ASN A 9 -22.62 55.66 -13.26
C ASN A 9 -22.99 54.86 -12.01
N VAL A 10 -23.46 55.58 -11.00
CA VAL A 10 -23.82 54.99 -9.70
C VAL A 10 -25.25 55.39 -9.37
N VAL A 11 -26.05 54.38 -8.99
CA VAL A 11 -27.47 54.62 -8.63
C VAL A 11 -27.53 55.11 -7.18
N GLY A 12 -28.09 56.29 -6.95
CA GLY A 12 -28.21 56.87 -5.62
C GLY A 12 -27.07 57.77 -5.21
N PHE A 13 -26.30 58.29 -6.16
CA PHE A 13 -25.22 59.23 -5.84
C PHE A 13 -25.64 60.65 -6.17
N PRO A 14 -25.85 61.52 -5.18
CA PRO A 14 -26.25 62.91 -5.47
C PRO A 14 -25.14 63.73 -6.13
N TYR A 15 -24.93 63.49 -7.42
CA TYR A 15 -23.98 64.31 -8.16
C TYR A 15 -24.52 65.73 -8.32
N LYS A 16 -23.63 66.71 -8.22
CA LYS A 16 -24.00 68.12 -8.29
C LYS A 16 -23.15 68.83 -9.33
N ALA A 17 -23.81 69.40 -10.33
CA ALA A 17 -23.15 70.17 -11.38
C ALA A 17 -23.42 71.65 -11.15
N HIS A 18 -22.36 72.45 -11.17
CA HIS A 18 -22.47 73.88 -10.90
C HIS A 18 -22.27 74.64 -12.20
N ILE A 19 -23.19 75.55 -12.50
CA ILE A 19 -23.09 76.45 -13.63
C ILE A 19 -22.69 77.83 -13.11
N GLU A 20 -21.50 78.31 -13.50
CA GLU A 20 -21.10 79.70 -13.35
C GLU A 20 -21.48 80.46 -14.60
N ARG A 21 -22.73 80.92 -14.66
CA ARG A 21 -23.14 81.79 -15.75
C ARG A 21 -22.65 83.20 -15.48
N ASN A 22 -22.19 83.87 -16.54
CA ASN A 22 -21.50 85.15 -16.40
C ASN A 22 -22.42 86.22 -15.78
N GLY A 23 -23.48 86.58 -16.48
CA GLY A 23 -24.31 87.70 -16.07
C GLY A 23 -25.35 87.40 -15.00
N PHE A 24 -25.42 86.15 -14.54
CA PHE A 24 -26.43 85.71 -13.59
C PHE A 24 -25.76 85.14 -12.34
N SER A 25 -26.61 84.96 -11.33
CA SER A 25 -26.15 84.37 -10.06
C SER A 25 -25.87 82.88 -10.26
N PRO A 26 -24.80 82.28 -9.67
CA PRO A 26 -24.48 80.87 -9.88
C PRO A 26 -25.64 79.96 -9.50
N MET A 27 -25.74 78.84 -10.22
CA MET A 27 -26.77 77.85 -9.98
C MET A 27 -26.14 76.47 -9.87
N THR A 28 -26.64 75.66 -8.93
CA THR A 28 -26.14 74.26 -8.79
C THR A 28 -27.29 73.30 -9.10
N LEU A 29 -27.05 72.25 -9.89
CA LEU A 29 -28.13 71.32 -10.31
C LEU A 29 -27.88 69.95 -9.72
N GLN A 30 -28.91 69.32 -9.14
CA GLN A 30 -28.76 67.95 -8.59
C GLN A 30 -29.18 66.93 -9.66
N LEU A 31 -28.26 66.05 -10.06
CA LEU A 31 -28.57 65.02 -11.09
C LEU A 31 -28.41 63.63 -10.44
N GLU A 32 -29.47 62.82 -10.40
CA GLU A 32 -29.38 61.51 -9.70
C GLU A 32 -29.76 60.38 -10.65
N VAL A 33 -28.91 59.36 -10.76
CA VAL A 33 -29.27 58.17 -11.59
C VAL A 33 -30.19 57.29 -10.77
N LEU A 34 -31.49 57.30 -11.06
CA LEU A 34 -32.48 56.47 -10.39
C LEU A 34 -32.38 55.00 -10.78
N GLY A 35 -31.85 54.72 -11.98
CA GLY A 35 -31.74 53.34 -12.42
C GLY A 35 -31.34 53.22 -13.88
N THR A 36 -30.45 52.28 -14.17
CA THR A 36 -29.98 52.06 -15.53
C THR A 36 -30.43 50.69 -16.02
N SER A 37 -30.16 50.43 -17.30
CA SER A 37 -30.46 49.14 -17.91
C SER A 37 -29.57 48.94 -19.11
N LEU A 38 -28.72 47.90 -19.06
CA LEU A 38 -27.84 47.55 -20.18
C LEU A 38 -28.55 46.45 -20.96
N GLU A 39 -28.97 46.75 -22.19
CA GLU A 39 -29.89 45.91 -22.94
C GLU A 39 -29.21 45.29 -24.16
N PRO A 40 -28.79 44.02 -24.09
CA PRO A 40 -28.10 43.41 -25.22
C PRO A 40 -29.06 42.98 -26.31
N THR A 41 -28.51 42.81 -27.52
CA THR A 41 -29.27 42.33 -28.66
C THR A 41 -29.11 40.82 -28.78
N LEU A 42 -30.24 40.12 -28.88
CA LEU A 42 -30.25 38.66 -28.83
C LEU A 42 -30.60 38.10 -30.21
N ASN A 43 -29.76 37.18 -30.69
CA ASN A 43 -30.01 36.43 -31.91
C ASN A 43 -30.30 34.99 -31.53
N LEU A 44 -31.54 34.55 -31.69
CA LEU A 44 -31.93 33.21 -31.29
C LEU A 44 -31.28 32.18 -32.21
N GLU A 45 -30.61 31.19 -31.61
CA GLU A 45 -29.97 30.15 -32.40
C GLU A 45 -30.86 28.92 -32.52
N TYR A 46 -31.28 28.34 -31.40
CA TYR A 46 -32.18 27.20 -31.42
C TYR A 46 -32.90 27.10 -30.08
N ILE A 47 -33.85 26.18 -30.00
CA ILE A 47 -34.64 25.94 -28.79
C ILE A 47 -34.40 24.51 -28.32
N THR A 48 -34.01 24.35 -27.07
CA THR A 48 -33.68 23.05 -26.49
C THR A 48 -34.65 22.72 -25.37
N CYS A 49 -35.11 21.47 -25.34
CA CYS A 49 -36.05 21.01 -24.33
C CYS A 49 -35.93 19.50 -24.21
N GLU A 50 -36.75 18.94 -23.33
CA GLU A 50 -36.85 17.49 -23.23
C GLU A 50 -37.46 16.92 -24.50
N TYR A 51 -37.04 15.71 -24.87
CA TYR A 51 -37.58 15.05 -26.05
C TYR A 51 -38.71 14.10 -25.66
N LYS A 52 -39.28 13.45 -26.66
CA LYS A 52 -40.32 12.45 -26.43
C LYS A 52 -40.07 11.27 -27.37
N THR A 53 -39.76 10.11 -26.80
CA THR A 53 -39.57 8.90 -27.60
C THR A 53 -40.93 8.26 -27.83
N VAL A 54 -41.38 8.25 -29.08
CA VAL A 54 -42.67 7.70 -29.44
C VAL A 54 -42.45 6.28 -29.95
N VAL A 55 -42.97 5.31 -29.21
CA VAL A 55 -42.85 3.90 -29.56
C VAL A 55 -44.25 3.35 -29.80
N PRO A 56 -44.70 3.26 -31.05
CA PRO A 56 -46.03 2.73 -31.33
C PRO A 56 -46.08 1.23 -31.08
N SER A 57 -47.29 0.69 -31.11
CA SER A 57 -47.47 -0.73 -30.93
C SER A 57 -46.79 -1.49 -32.08
N PRO A 58 -46.04 -2.55 -31.80
CA PRO A 58 -45.35 -3.25 -32.88
C PRO A 58 -46.32 -4.09 -33.70
N TYR A 59 -46.04 -4.13 -35.02
CA TYR A 59 -46.86 -4.96 -35.93
C TYR A 59 -46.25 -6.36 -35.96
N ILE A 60 -47.02 -7.36 -35.52
CA ILE A 60 -46.55 -8.74 -35.43
C ILE A 60 -47.16 -9.51 -36.59
N LYS A 61 -46.33 -9.92 -37.54
CA LYS A 61 -46.79 -10.53 -38.78
C LYS A 61 -46.86 -12.04 -38.56
N CYS A 62 -48.07 -12.53 -38.27
CA CYS A 62 -48.23 -13.93 -37.88
C CYS A 62 -48.13 -14.84 -39.10
N CYS A 63 -47.07 -15.66 -39.13
CA CYS A 63 -46.76 -16.56 -40.26
C CYS A 63 -46.70 -15.77 -41.57
N GLY A 64 -45.78 -14.80 -41.60
CA GLY A 64 -45.60 -13.92 -42.74
C GLY A 64 -44.33 -13.12 -42.59
N THR A 65 -44.12 -12.16 -43.49
CA THR A 65 -42.89 -11.32 -43.44
C THR A 65 -43.18 -9.93 -44.00
N SER A 66 -42.62 -8.89 -43.37
CA SER A 66 -42.78 -7.50 -43.89
C SER A 66 -41.37 -6.92 -44.10
N GLU A 67 -41.30 -5.69 -44.62
CA GLU A 67 -39.98 -5.03 -44.81
C GLU A 67 -40.00 -3.68 -44.10
N CYS A 68 -38.86 -3.23 -43.58
CA CYS A 68 -38.78 -1.91 -42.93
C CYS A 68 -38.84 -0.83 -44.00
N ARG A 69 -39.64 0.24 -43.76
CA ARG A 69 -39.72 1.37 -44.72
C ARG A 69 -39.20 2.63 -44.02
N SER A 70 -38.07 3.18 -44.51
CA SER A 70 -37.48 4.37 -43.84
C SER A 70 -38.48 5.54 -43.95
N MET A 71 -38.62 6.33 -42.90
CA MET A 71 -39.49 7.52 -43.02
C MET A 71 -38.72 8.80 -42.72
N GLU A 72 -39.30 9.96 -43.00
CA GLU A 72 -38.61 11.25 -42.67
C GLU A 72 -38.96 11.66 -41.24
N ARG A 73 -38.42 10.93 -40.26
CA ARG A 73 -38.66 11.24 -38.81
C ARG A 73 -37.30 11.49 -38.12
N PRO A 74 -37.14 12.54 -37.26
CA PRO A 74 -35.89 12.75 -36.53
C PRO A 74 -35.45 11.51 -35.76
N ASP A 75 -34.18 11.09 -35.90
CA ASP A 75 -33.69 9.94 -35.12
C ASP A 75 -34.58 8.72 -35.30
N TYR A 76 -34.86 8.38 -36.56
CA TYR A 76 -35.75 7.27 -36.87
C TYR A 76 -35.00 5.94 -36.86
N GLN A 77 -35.60 4.93 -36.26
CA GLN A 77 -35.06 3.58 -36.23
C GLN A 77 -36.15 2.59 -36.64
N CYS A 78 -35.79 1.60 -37.45
CA CYS A 78 -36.73 0.55 -37.84
C CYS A 78 -36.01 -0.79 -37.87
N GLN A 79 -36.66 -1.82 -37.31
CA GLN A 79 -36.00 -3.16 -37.22
C GLN A 79 -36.99 -4.30 -37.42
N VAL A 80 -36.64 -5.24 -38.31
CA VAL A 80 -37.49 -6.44 -38.57
C VAL A 80 -36.81 -7.64 -37.91
N TYR A 81 -37.47 -8.24 -36.92
CA TYR A 81 -36.92 -9.38 -36.18
C TYR A 81 -37.67 -10.64 -36.60
N THR A 82 -36.90 -11.64 -37.00
CA THR A 82 -37.50 -12.90 -37.52
C THR A 82 -37.43 -14.01 -36.48
N GLY A 83 -38.36 -14.95 -36.50
CA GLY A 83 -38.43 -16.06 -35.58
C GLY A 83 -39.12 -15.79 -34.26
N VAL A 84 -39.94 -14.75 -34.17
CA VAL A 84 -40.55 -14.39 -32.90
C VAL A 84 -41.76 -15.28 -32.60
N TYR A 85 -41.90 -15.66 -31.33
CA TYR A 85 -43.02 -16.45 -30.82
C TYR A 85 -43.56 -15.74 -29.58
N PRO A 86 -44.32 -14.67 -29.76
CA PRO A 86 -44.88 -13.96 -28.61
C PRO A 86 -45.98 -14.75 -27.92
N PHE A 87 -46.27 -14.35 -26.68
CA PHE A 87 -47.35 -14.89 -25.87
C PHE A 87 -48.23 -13.76 -25.34
N MET A 88 -49.52 -14.04 -25.20
CA MET A 88 -50.47 -13.20 -24.49
C MET A 88 -50.97 -13.93 -23.25
N TRP A 89 -51.93 -13.30 -22.55
CA TRP A 89 -52.50 -13.91 -21.36
C TRP A 89 -53.27 -15.18 -21.68
N GLY A 90 -54.05 -15.17 -22.76
CA GLY A 90 -54.80 -16.35 -23.15
C GLY A 90 -53.97 -17.42 -23.82
N GLY A 91 -52.80 -17.06 -24.30
CA GLY A 91 -51.93 -18.02 -24.96
C GLY A 91 -51.09 -17.36 -26.03
N ALA A 92 -50.68 -18.19 -26.99
CA ALA A 92 -49.75 -17.76 -28.03
C ALA A 92 -50.44 -16.88 -29.07
N TYR A 93 -49.83 -15.72 -29.35
CA TYR A 93 -50.42 -14.81 -30.32
C TYR A 93 -50.36 -15.35 -31.74
N CYS A 94 -49.15 -15.63 -32.25
CA CYS A 94 -49.05 -16.08 -33.67
C CYS A 94 -49.38 -17.56 -33.85
N PHE A 95 -49.22 -18.09 -35.07
CA PHE A 95 -49.65 -19.49 -35.35
C PHE A 95 -48.45 -20.43 -35.48
N CYS A 96 -47.38 -20.03 -36.21
CA CYS A 96 -46.30 -20.96 -36.46
C CYS A 96 -45.32 -20.90 -35.29
N ASP A 97 -44.26 -21.72 -35.36
CA ASP A 97 -43.20 -21.65 -34.31
C ASP A 97 -42.25 -20.48 -34.61
N THR A 98 -41.30 -20.67 -35.53
CA THR A 98 -40.28 -19.62 -35.81
C THR A 98 -40.60 -18.81 -37.07
N GLU A 99 -41.71 -19.09 -37.77
CA GLU A 99 -41.96 -18.35 -39.03
C GLU A 99 -42.76 -17.08 -38.77
N ASN A 100 -42.17 -16.06 -38.11
CA ASN A 100 -42.93 -14.83 -37.77
C ASN A 100 -41.98 -13.63 -37.69
N THR A 101 -42.47 -12.41 -37.97
CA THR A 101 -41.67 -11.21 -37.85
C THR A 101 -42.40 -10.17 -37.02
N GLN A 102 -41.65 -9.36 -36.29
CA GLN A 102 -42.19 -8.23 -35.54
C GLN A 102 -41.47 -6.97 -36.01
N LEU A 103 -42.24 -5.91 -36.24
CA LEU A 103 -41.70 -4.66 -36.76
C LEU A 103 -41.54 -3.68 -35.61
N SER A 104 -40.30 -3.32 -35.30
CA SER A 104 -40.01 -2.37 -34.24
C SER A 104 -39.70 -1.00 -34.84
N GLU A 105 -40.44 0.01 -34.39
CA GLU A 105 -40.30 1.36 -34.93
C GLU A 105 -40.31 2.35 -33.78
N ALA A 106 -39.35 3.27 -33.78
CA ALA A 106 -39.23 4.26 -32.73
C ALA A 106 -38.57 5.51 -33.30
N TYR A 107 -38.86 6.66 -32.69
CA TYR A 107 -38.35 7.93 -33.16
C TYR A 107 -38.44 8.97 -32.06
N VAL A 108 -37.77 10.09 -32.28
CA VAL A 108 -37.73 11.20 -31.33
C VAL A 108 -38.58 12.34 -31.87
N ASP A 109 -39.40 12.92 -31.00
CA ASP A 109 -40.26 14.04 -31.37
C ASP A 109 -40.16 15.11 -30.31
N ARG A 110 -40.43 16.35 -30.71
CA ARG A 110 -40.50 17.46 -29.77
C ARG A 110 -41.55 17.17 -28.71
N SER A 111 -41.19 17.39 -27.46
CA SER A 111 -42.11 17.11 -26.36
C SER A 111 -43.30 18.05 -26.43
N ASP A 112 -44.39 17.62 -25.78
CA ASP A 112 -45.64 18.37 -25.81
C ASP A 112 -45.53 19.71 -25.11
N VAL A 113 -44.49 19.92 -24.31
CA VAL A 113 -44.36 21.12 -23.51
C VAL A 113 -43.04 21.85 -23.79
N CYS A 114 -42.42 21.59 -24.94
CA CYS A 114 -41.41 22.52 -25.43
C CYS A 114 -42.01 23.89 -25.65
N LYS A 115 -43.28 23.93 -26.04
CA LYS A 115 -44.05 25.16 -26.07
C LYS A 115 -44.10 25.83 -24.71
N HIS A 116 -43.94 25.06 -23.63
CA HIS A 116 -43.99 25.63 -22.25
C HIS A 116 -42.62 25.58 -21.57
N ASP A 117 -41.96 24.41 -21.59
CA ASP A 117 -40.70 24.23 -20.87
C ASP A 117 -39.57 24.07 -21.88
N HIS A 118 -38.77 25.12 -22.05
CA HIS A 118 -37.68 25.09 -23.01
C HIS A 118 -36.64 26.12 -22.60
N ALA A 119 -35.42 25.96 -23.14
CA ALA A 119 -34.33 26.89 -22.95
C ALA A 119 -33.87 27.40 -24.30
N ALA A 120 -33.59 28.71 -24.36
CA ALA A 120 -33.24 29.38 -25.61
C ALA A 120 -31.75 29.74 -25.61
N ALA A 121 -31.08 29.44 -26.71
CA ALA A 121 -29.68 29.80 -26.91
C ALA A 121 -29.60 31.08 -27.72
N TYR A 122 -28.87 32.07 -27.21
CA TYR A 122 -28.81 33.39 -27.81
C TYR A 122 -27.36 33.79 -28.08
N LYS A 123 -27.20 34.82 -28.91
CA LYS A 123 -25.95 35.55 -29.04
C LYS A 123 -26.18 37.00 -28.67
N ALA A 124 -25.35 37.53 -27.78
CA ALA A 124 -25.50 38.87 -27.25
C ALA A 124 -24.40 39.76 -27.80
N HIS A 125 -24.78 40.91 -28.36
CA HIS A 125 -23.84 41.87 -28.89
C HIS A 125 -24.51 43.24 -28.97
N THR A 126 -23.70 44.30 -28.99
CA THR A 126 -24.24 45.68 -29.10
C THR A 126 -25.24 45.95 -27.99
N ALA A 127 -24.80 45.88 -26.73
CA ALA A 127 -25.68 46.21 -25.62
C ALA A 127 -26.02 47.69 -25.63
N ALA A 128 -27.31 48.01 -25.49
CA ALA A 128 -27.80 49.37 -25.54
C ALA A 128 -28.19 49.81 -24.14
N MET A 129 -27.62 50.92 -23.68
CA MET A 129 -27.82 51.39 -22.31
C MET A 129 -28.89 52.47 -22.26
N LYS A 130 -29.80 52.32 -21.30
CA LYS A 130 -30.84 53.32 -21.05
C LYS A 130 -30.91 53.55 -19.55
N ALA A 131 -30.98 54.82 -19.13
CA ALA A 131 -30.91 55.18 -17.73
C ALA A 131 -32.02 56.16 -17.36
N THR A 132 -32.40 56.13 -16.09
CA THR A 132 -33.42 57.02 -15.53
C THR A 132 -32.74 58.09 -14.71
N ILE A 133 -33.01 59.35 -15.03
CA ILE A 133 -32.34 60.49 -14.41
C ILE A 133 -33.38 61.46 -13.87
N ARG A 134 -33.15 61.93 -12.65
CA ARG A 134 -33.92 63.03 -12.06
C ARG A 134 -33.16 64.33 -12.19
N ILE A 135 -33.84 65.35 -12.70
CA ILE A 135 -33.32 66.72 -12.77
C ILE A 135 -34.15 67.57 -11.83
N SER A 136 -33.51 68.15 -10.82
CA SER A 136 -34.18 69.08 -9.92
C SER A 136 -33.26 70.27 -9.67
N TYR A 137 -33.58 71.40 -10.30
CA TYR A 137 -32.77 72.60 -10.18
C TYR A 137 -33.70 73.79 -9.98
N GLY A 138 -33.23 74.77 -9.23
CA GLY A 138 -34.04 75.95 -9.00
C GLY A 138 -35.33 75.60 -8.30
N ASN A 139 -36.43 75.69 -9.04
CA ASN A 139 -37.77 75.47 -8.49
C ASN A 139 -38.45 74.23 -9.03
N LEU A 140 -37.85 73.61 -10.05
CA LEU A 140 -38.44 72.43 -10.74
C LEU A 140 -37.86 71.14 -10.15
N ASN A 141 -38.55 70.01 -10.35
CA ASN A 141 -38.07 68.72 -9.85
C ASN A 141 -38.70 67.63 -10.74
N GLN A 142 -37.94 67.25 -11.78
CA GLN A 142 -38.50 66.32 -12.79
C GLN A 142 -37.62 65.09 -13.00
N THR A 143 -38.22 64.00 -13.48
CA THR A 143 -37.58 62.72 -13.78
C THR A 143 -37.90 62.31 -15.22
N THR A 144 -36.86 61.96 -15.99
CA THR A 144 -37.04 61.50 -17.36
C THR A 144 -36.09 60.34 -17.62
N THR A 145 -36.39 59.59 -18.69
CA THR A 145 -35.58 58.44 -19.11
C THR A 145 -35.05 58.71 -20.51
N ALA A 146 -33.77 58.38 -20.74
CA ALA A 146 -33.15 58.61 -22.03
C ALA A 146 -32.13 57.52 -22.30
N PHE A 147 -31.95 57.21 -23.59
CA PHE A 147 -30.89 56.29 -24.01
C PHE A 147 -29.54 56.97 -23.84
N VAL A 148 -28.58 56.23 -23.29
CA VAL A 148 -27.27 56.81 -22.93
C VAL A 148 -26.42 56.75 -24.19
N ASN A 149 -26.53 57.80 -25.01
CA ASN A 149 -25.69 57.98 -26.18
C ASN A 149 -25.75 59.44 -26.59
N GLY A 150 -24.79 59.86 -27.41
CA GLY A 150 -24.74 61.22 -27.87
C GLY A 150 -25.70 61.49 -29.02
N GLU A 151 -26.83 60.78 -29.03
CA GLU A 151 -27.81 60.91 -30.10
C GLU A 151 -29.24 60.90 -29.59
N HIS A 152 -29.45 61.20 -28.30
CA HIS A 152 -30.80 61.29 -27.75
C HIS A 152 -30.91 62.53 -26.87
N THR A 153 -31.95 63.34 -27.11
CA THR A 153 -32.21 64.53 -26.33
C THR A 153 -33.64 64.50 -25.81
N VAL A 154 -33.78 64.75 -24.50
CA VAL A 154 -35.13 64.74 -23.85
C VAL A 154 -35.36 66.12 -23.23
N THR A 155 -36.61 66.59 -23.31
CA THR A 155 -36.96 67.95 -22.79
C THR A 155 -37.30 67.88 -21.30
N VAL A 156 -36.66 68.73 -20.49
CA VAL A 156 -36.90 68.79 -19.05
C VAL A 156 -37.15 70.26 -18.70
N GLY A 157 -38.42 70.63 -18.58
CA GLY A 157 -38.77 71.99 -18.20
C GLY A 157 -38.22 73.04 -19.13
N GLY A 158 -38.26 72.78 -20.44
CA GLY A 158 -37.69 73.69 -21.42
C GLY A 158 -36.22 73.49 -21.72
N SER A 159 -35.58 72.50 -21.11
CA SER A 159 -34.15 72.27 -21.26
C SER A 159 -33.88 71.07 -22.16
N ARG A 160 -32.80 71.20 -22.94
CA ARG A 160 -32.38 70.11 -23.85
C ARG A 160 -31.24 69.34 -23.20
N PHE A 161 -31.49 68.10 -22.80
CA PHE A 161 -30.51 67.27 -22.11
C PHE A 161 -30.18 66.06 -22.98
N THR A 162 -28.86 65.83 -23.13
CA THR A 162 -28.34 64.68 -23.93
C THR A 162 -27.23 63.99 -23.12
N PHE A 163 -27.45 62.74 -22.73
CA PHE A 163 -26.43 61.97 -21.96
C PHE A 163 -25.54 61.22 -22.95
N GLY A 164 -24.31 61.67 -23.14
CA GLY A 164 -23.40 61.07 -24.14
C GLY A 164 -22.92 59.68 -23.75
N PRO A 165 -22.37 58.88 -24.69
CA PRO A 165 -22.42 57.41 -24.62
C PRO A 165 -21.64 56.84 -23.44
N ILE A 166 -21.92 55.60 -23.05
CA ILE A 166 -21.26 55.00 -21.86
C ILE A 166 -19.74 55.01 -22.02
N SER A 167 -19.02 55.56 -21.02
CA SER A 167 -17.56 55.63 -21.03
C SER A 167 -16.91 54.33 -21.48
N THR A 168 -17.50 53.20 -21.08
CA THR A 168 -16.87 51.89 -21.39
C THR A 168 -17.85 50.96 -22.12
N ALA A 169 -17.33 50.01 -22.90
CA ALA A 169 -18.14 49.06 -23.63
C ALA A 169 -18.28 47.73 -22.89
N TRP A 170 -17.95 47.71 -21.61
CA TRP A 170 -18.01 46.46 -20.84
C TRP A 170 -19.44 45.96 -20.72
N THR A 171 -19.62 44.64 -20.85
CA THR A 171 -20.90 43.99 -20.69
C THR A 171 -20.71 42.73 -19.87
N PRO A 172 -21.70 42.34 -19.06
CA PRO A 172 -21.57 41.10 -18.29
C PRO A 172 -21.87 39.85 -19.10
N PHE A 173 -22.64 39.97 -20.18
CA PHE A 173 -22.97 38.81 -21.00
C PHE A 173 -21.82 38.47 -21.94
N ASP A 174 -21.64 37.18 -22.18
CA ASP A 174 -20.65 36.71 -23.14
C ASP A 174 -21.28 36.65 -24.53
N ASN A 175 -20.55 36.05 -25.48
CA ASN A 175 -21.08 35.88 -26.83
C ASN A 175 -22.30 34.96 -26.83
N LYS A 176 -22.24 33.85 -26.09
CA LYS A 176 -23.29 32.85 -26.11
C LYS A 176 -24.07 32.90 -24.81
N ILE A 177 -25.39 33.00 -24.93
CA ILE A 177 -26.29 33.21 -23.80
C ILE A 177 -27.39 32.16 -23.84
N VAL A 178 -27.62 31.50 -22.71
CA VAL A 178 -28.71 30.53 -22.57
C VAL A 178 -29.65 31.04 -21.49
N VAL A 179 -30.94 31.16 -21.84
CA VAL A 179 -31.94 31.74 -20.97
C VAL A 179 -32.98 30.67 -20.66
N TYR A 180 -33.23 30.44 -19.37
CA TYR A 180 -34.29 29.54 -18.92
C TYR A 180 -35.14 30.29 -17.90
N LYS A 181 -36.36 30.63 -18.30
CA LYS A 181 -37.30 31.38 -17.45
C LYS A 181 -36.66 32.71 -17.05
N ASN A 182 -36.31 32.90 -15.79
CA ASN A 182 -35.77 34.16 -15.30
C ASN A 182 -34.28 34.10 -15.04
N ASP A 183 -33.59 33.06 -15.49
CA ASP A 183 -32.16 32.89 -15.28
C ASP A 183 -31.41 32.97 -16.60
N VAL A 184 -30.22 33.58 -16.56
CA VAL A 184 -29.35 33.72 -17.72
C VAL A 184 -28.00 33.10 -17.38
N TYR A 185 -27.50 32.25 -18.27
CA TYR A 185 -26.26 31.53 -18.05
C TYR A 185 -25.27 31.85 -19.17
N ASN A 186 -24.01 32.10 -18.79
CA ASN A 186 -22.92 32.27 -19.75
C ASN A 186 -22.39 30.89 -20.12
N GLN A 187 -22.99 30.28 -21.14
CA GLN A 187 -22.68 28.90 -21.49
C GLN A 187 -22.31 28.80 -22.96
N ASP A 188 -21.29 27.96 -23.24
CA ASP A 188 -20.90 27.64 -24.61
C ASP A 188 -21.76 26.48 -25.09
N PHE A 189 -22.98 26.82 -25.53
CA PHE A 189 -23.86 25.80 -26.06
C PHE A 189 -23.32 25.26 -27.38
N PRO A 190 -23.56 23.98 -27.68
CA PRO A 190 -22.99 23.40 -28.89
C PRO A 190 -23.60 24.04 -30.14
N PRO A 191 -22.82 24.14 -31.21
CA PRO A 191 -23.37 24.70 -32.45
C PRO A 191 -24.55 23.89 -32.96
N TYR A 192 -25.42 24.57 -33.70
CA TYR A 192 -26.61 23.92 -34.24
C TYR A 192 -26.22 22.78 -35.17
N GLY A 193 -26.90 21.64 -35.01
CA GLY A 193 -26.62 20.48 -35.83
C GLY A 193 -25.40 19.69 -35.43
N SER A 194 -24.82 20.03 -34.27
CA SER A 194 -23.62 19.32 -33.77
C SER A 194 -23.80 18.97 -32.29
N GLY A 195 -25.01 18.57 -31.90
CA GLY A 195 -25.27 18.21 -30.51
C GLY A 195 -24.90 16.78 -30.20
N GLN A 196 -24.55 16.54 -28.94
CA GLN A 196 -24.22 15.22 -28.43
C GLN A 196 -25.33 14.72 -27.53
N PRO A 197 -25.62 13.41 -27.54
CA PRO A 197 -26.63 12.88 -26.63
C PRO A 197 -26.20 13.02 -25.18
N GLY A 198 -27.18 13.24 -24.31
CA GLY A 198 -26.92 13.34 -22.89
C GLY A 198 -26.42 14.69 -22.41
N ARG A 199 -26.24 15.65 -23.29
CA ARG A 199 -25.80 16.99 -22.91
C ARG A 199 -26.78 18.01 -23.43
N PHE A 200 -26.60 19.26 -22.99
CA PHE A 200 -27.45 20.35 -23.46
C PHE A 200 -27.32 20.49 -24.97
N GLY A 201 -28.46 20.56 -25.66
CA GLY A 201 -28.46 20.59 -27.10
C GLY A 201 -28.50 19.24 -27.78
N ASP A 202 -28.88 18.17 -27.06
CA ASP A 202 -29.00 16.87 -27.70
C ASP A 202 -30.07 16.89 -28.78
N ILE A 203 -31.18 17.58 -28.54
CA ILE A 203 -32.17 17.87 -29.56
C ILE A 203 -32.26 19.39 -29.70
N GLN A 204 -32.37 19.86 -30.94
CA GLN A 204 -32.36 21.28 -31.22
C GLN A 204 -33.46 21.61 -32.22
N SER A 205 -34.12 22.75 -31.99
CA SER A 205 -35.16 23.25 -32.87
C SER A 205 -34.96 24.75 -33.06
N ARG A 206 -35.01 25.21 -34.30
CA ARG A 206 -34.70 26.61 -34.59
C ARG A 206 -35.69 27.56 -33.95
N THR A 207 -36.98 27.21 -33.97
CA THR A 207 -38.03 28.09 -33.49
C THR A 207 -39.08 27.23 -32.79
N VAL A 208 -39.91 27.86 -31.96
CA VAL A 208 -41.01 27.14 -31.33
C VAL A 208 -42.03 26.70 -32.37
N GLU A 209 -42.10 27.46 -33.47
CA GLU A 209 -43.03 27.10 -34.58
C GLU A 209 -42.25 26.34 -35.65
N SER A 210 -41.04 25.87 -35.33
CA SER A 210 -40.25 25.10 -36.29
C SER A 210 -40.88 23.75 -36.60
N LYS A 211 -40.81 23.36 -37.86
CA LYS A 211 -41.22 22.03 -38.31
C LYS A 211 -40.06 21.05 -38.36
N ASP A 212 -38.86 21.56 -38.64
CA ASP A 212 -37.65 20.75 -38.64
C ASP A 212 -37.10 20.64 -37.22
N LEU A 213 -36.75 19.42 -36.82
CA LEU A 213 -36.20 19.16 -35.51
C LEU A 213 -34.97 18.26 -35.66
N TYR A 214 -33.86 18.68 -35.06
CA TYR A 214 -32.64 17.88 -35.05
C TYR A 214 -32.57 17.11 -33.74
N ALA A 215 -32.34 15.80 -33.84
CA ALA A 215 -32.28 14.94 -32.67
C ALA A 215 -31.11 13.98 -32.81
N ASN A 216 -30.25 13.95 -31.79
CA ASN A 216 -29.12 13.02 -31.72
C ASN A 216 -29.10 12.44 -30.30
N THR A 217 -29.84 11.35 -30.11
CA THR A 217 -29.98 10.73 -28.79
C THR A 217 -29.48 9.30 -28.77
N ALA A 218 -28.82 8.84 -29.83
CA ALA A 218 -28.22 7.50 -29.87
C ALA A 218 -29.24 6.41 -29.57
N LEU A 219 -30.40 6.48 -30.23
CA LEU A 219 -31.45 5.50 -30.01
C LEU A 219 -31.04 4.14 -30.56
N LYS A 220 -31.33 3.10 -29.78
CA LYS A 220 -30.91 1.72 -30.18
C LYS A 220 -32.10 0.76 -30.07
N LEU A 221 -32.17 -0.22 -30.97
CA LEU A 221 -33.22 -1.24 -30.95
C LEU A 221 -32.60 -2.62 -30.80
N SER A 222 -33.32 -3.49 -30.09
CA SER A 222 -32.75 -4.84 -29.80
C SER A 222 -33.85 -5.90 -29.84
N ARG A 223 -33.47 -7.14 -30.09
CA ARG A 223 -34.40 -8.26 -30.11
C ARG A 223 -35.34 -8.23 -28.91
N PRO A 224 -36.63 -8.45 -29.11
CA PRO A 224 -37.51 -8.76 -27.98
C PRO A 224 -37.15 -10.11 -27.40
N SER A 225 -37.45 -10.28 -26.11
CA SER A 225 -37.26 -11.58 -25.50
C SER A 225 -38.31 -12.55 -26.03
N SER A 226 -38.04 -13.84 -25.81
CA SER A 226 -38.96 -14.90 -26.31
C SER A 226 -40.29 -14.85 -25.57
N GLY A 227 -41.39 -14.88 -26.31
CA GLY A 227 -42.71 -14.86 -25.72
C GLY A 227 -43.10 -13.58 -25.02
N THR A 228 -42.66 -12.44 -25.53
CA THR A 228 -43.01 -11.15 -24.94
C THR A 228 -43.10 -10.10 -26.03
N VAL A 229 -44.08 -9.21 -25.91
CA VAL A 229 -44.28 -8.11 -26.85
C VAL A 229 -44.01 -6.83 -26.08
N HIS A 230 -42.80 -6.30 -26.19
CA HIS A 230 -42.44 -5.12 -25.43
C HIS A 230 -41.61 -4.09 -26.17
N VAL A 231 -41.18 -4.35 -27.40
CA VAL A 231 -40.36 -3.42 -28.19
C VAL A 231 -39.19 -2.92 -27.34
N PRO A 232 -38.20 -3.75 -27.05
CA PRO A 232 -37.04 -3.25 -26.29
C PRO A 232 -36.30 -2.18 -27.05
N TYR A 233 -35.83 -1.18 -26.29
CA TYR A 233 -35.00 -0.13 -26.85
C TYR A 233 -34.23 0.50 -25.71
N THR A 234 -32.99 0.90 -26.00
CA THR A 234 -32.14 1.59 -25.00
C THR A 234 -31.75 2.94 -25.62
N GLN A 235 -31.97 4.03 -24.89
CA GLN A 235 -31.73 5.36 -25.43
C GLN A 235 -31.09 6.27 -24.38
N THR A 236 -30.28 7.20 -24.85
CA THR A 236 -29.63 8.14 -23.95
C THR A 236 -30.67 9.05 -23.30
N PRO A 237 -30.57 9.29 -21.98
CA PRO A 237 -31.50 10.21 -21.32
C PRO A 237 -31.37 11.63 -21.83
N SER A 238 -32.42 12.42 -21.57
CA SER A 238 -32.47 13.79 -22.06
C SER A 238 -31.34 14.63 -21.47
N GLY A 239 -30.65 15.36 -22.34
CA GLY A 239 -29.65 16.31 -21.88
C GLY A 239 -30.22 17.56 -21.27
N PHE A 240 -31.50 17.86 -21.57
CA PHE A 240 -32.15 19.02 -20.97
C PHE A 240 -32.31 18.87 -19.46
N LYS A 241 -32.78 17.71 -19.00
CA LYS A 241 -32.91 17.50 -17.57
C LYS A 241 -31.55 17.43 -16.88
N TYR A 242 -30.57 16.84 -17.57
CA TYR A 242 -29.20 16.86 -17.05
C TYR A 242 -28.71 18.29 -16.85
N TRP A 243 -28.95 19.16 -17.84
CA TRP A 243 -28.55 20.56 -17.69
C TRP A 243 -29.33 21.23 -16.58
N LEU A 244 -30.62 20.91 -16.45
CA LEU A 244 -31.46 21.50 -15.41
C LEU A 244 -30.93 21.18 -14.02
N LYS A 245 -30.47 19.94 -13.81
CA LYS A 245 -29.96 19.58 -12.49
C LYS A 245 -28.43 19.60 -12.44
N GLU A 246 -27.78 20.21 -13.43
CA GLU A 246 -26.36 20.55 -13.36
C GLU A 246 -26.07 21.98 -13.78
N ARG A 247 -27.10 22.83 -13.92
CA ARG A 247 -26.88 24.20 -14.35
C ARG A 247 -26.12 25.01 -13.31
N GLY A 248 -26.45 24.83 -12.03
CA GLY A 248 -25.84 25.62 -10.98
C GLY A 248 -26.50 26.99 -10.88
N THR A 249 -25.71 28.00 -10.55
CA THR A 249 -26.19 29.36 -10.41
C THR A 249 -26.10 30.10 -11.74
N SER A 250 -26.93 31.13 -11.89
CA SER A 250 -27.00 31.88 -13.13
C SER A 250 -26.07 33.09 -13.06
N LEU A 251 -26.17 33.97 -14.07
CA LEU A 251 -25.32 35.15 -14.11
C LEU A 251 -25.65 36.14 -13.00
N ASN A 252 -26.85 36.07 -12.42
CA ASN A 252 -27.22 37.00 -11.36
C ASN A 252 -26.32 36.82 -10.14
N ASP A 253 -25.83 35.61 -9.92
CA ASP A 253 -25.03 35.29 -8.76
C ASP A 253 -23.54 35.51 -8.98
N LYS A 254 -23.11 35.79 -10.21
CA LYS A 254 -21.70 36.04 -10.47
C LYS A 254 -21.43 37.30 -11.28
N ALA A 255 -22.44 38.12 -11.56
CA ALA A 255 -22.24 39.31 -12.38
C ALA A 255 -21.36 40.32 -11.63
N PRO A 256 -20.37 40.89 -12.29
CA PRO A 256 -19.53 41.91 -11.66
C PRO A 256 -20.28 43.24 -11.51
N PHE A 257 -19.69 44.13 -10.72
CA PHE A 257 -20.20 45.48 -10.51
C PHE A 257 -21.59 45.50 -9.91
N GLY A 258 -22.02 44.41 -9.28
CA GLY A 258 -23.34 44.35 -8.68
C GLY A 258 -24.47 44.45 -9.67
N CYS A 259 -24.29 43.91 -10.88
CA CYS A 259 -25.36 43.90 -11.87
C CYS A 259 -26.47 42.94 -11.44
N VAL A 260 -27.71 43.35 -11.70
CA VAL A 260 -28.88 42.52 -11.42
C VAL A 260 -29.44 42.08 -12.76
N ILE A 261 -29.35 40.79 -13.04
CA ILE A 261 -29.77 40.25 -14.33
C ILE A 261 -31.24 39.87 -14.27
N LYS A 262 -32.03 40.44 -15.17
CA LYS A 262 -33.43 40.05 -15.33
C LYS A 262 -33.67 39.64 -16.78
N THR A 263 -34.83 39.02 -17.01
CA THR A 263 -35.27 38.62 -18.33
C THR A 263 -36.54 39.36 -18.69
N ASN A 264 -37.06 39.10 -19.90
CA ASN A 264 -38.27 39.81 -20.40
C ASN A 264 -38.05 41.32 -20.34
N PRO A 265 -37.31 41.94 -21.30
CA PRO A 265 -36.24 41.26 -22.05
C PRO A 265 -34.94 41.08 -21.25
N VAL A 266 -34.02 40.22 -21.73
CA VAL A 266 -32.78 39.97 -21.01
C VAL A 266 -31.99 41.28 -20.90
N ARG A 267 -31.59 41.61 -19.68
CA ARG A 267 -30.99 42.92 -19.41
C ARG A 267 -30.14 42.82 -18.15
N ALA A 268 -29.22 43.77 -18.02
CA ALA A 268 -28.42 43.96 -16.81
C ALA A 268 -28.66 45.37 -16.31
N GLU A 269 -29.14 45.49 -15.06
CA GLU A 269 -29.56 46.78 -14.53
C GLU A 269 -28.66 47.22 -13.38
N ASN A 270 -28.49 48.54 -13.27
CA ASN A 270 -27.82 49.17 -12.14
C ASN A 270 -26.38 48.71 -11.98
N CYS A 271 -25.69 48.47 -13.10
CA CYS A 271 -24.26 48.19 -13.05
C CYS A 271 -23.50 49.47 -12.75
N ALA A 272 -22.60 49.39 -11.78
CA ALA A 272 -21.84 50.55 -11.30
C ALA A 272 -20.46 50.52 -11.96
N VAL A 273 -20.37 51.05 -13.17
CA VAL A 273 -19.11 51.12 -13.90
C VAL A 273 -19.21 52.21 -14.95
N GLY A 274 -18.12 52.95 -15.13
CA GLY A 274 -18.05 53.97 -16.16
C GLY A 274 -18.63 55.30 -15.71
N ASN A 275 -18.59 56.25 -16.66
CA ASN A 275 -19.09 57.59 -16.44
C ASN A 275 -20.11 57.92 -17.53
N ILE A 276 -21.01 58.84 -17.22
CA ILE A 276 -22.06 59.26 -18.14
C ILE A 276 -21.86 60.74 -18.45
N PRO A 277 -21.29 61.07 -19.61
CA PRO A 277 -21.16 62.49 -19.99
C PRO A 277 -22.52 63.14 -20.16
N VAL A 278 -22.62 64.40 -19.75
CA VAL A 278 -23.87 65.14 -19.76
C VAL A 278 -23.66 66.45 -20.51
N SER A 279 -24.53 66.74 -21.47
CA SER A 279 -24.55 68.01 -22.19
C SER A 279 -25.85 68.73 -21.86
N MET A 280 -25.74 69.99 -21.49
CA MET A 280 -26.83 70.73 -20.86
C MET A 280 -27.16 71.97 -21.68
N ASP A 281 -28.46 72.25 -21.84
CA ASP A 281 -28.96 73.41 -22.56
C ASP A 281 -30.00 74.11 -21.70
N ILE A 282 -29.55 75.04 -20.87
CA ILE A 282 -30.41 75.73 -19.90
C ILE A 282 -30.79 77.08 -20.46
N PRO A 283 -32.07 77.46 -20.45
CA PRO A 283 -32.47 78.78 -20.94
C PRO A 283 -32.21 79.87 -19.91
N ASP A 284 -32.52 81.11 -20.29
CA ASP A 284 -32.31 82.24 -19.40
C ASP A 284 -33.28 82.23 -18.23
N THR A 285 -34.52 81.81 -18.48
CA THR A 285 -35.59 81.87 -17.43
C THR A 285 -35.16 81.19 -16.13
N ALA A 286 -34.35 80.13 -16.21
CA ALA A 286 -34.02 79.39 -14.99
C ALA A 286 -33.11 80.20 -14.08
N PHE A 287 -32.18 80.95 -14.65
CA PHE A 287 -31.17 81.65 -13.87
C PHE A 287 -31.78 82.88 -13.18
N THR A 288 -31.05 83.37 -12.18
CA THR A 288 -31.43 84.57 -11.43
C THR A 288 -30.34 85.62 -11.52
N ARG A 289 -30.74 86.89 -11.58
CA ARG A 289 -29.81 88.00 -11.72
C ARG A 289 -29.12 88.30 -10.40
N VAL A 290 -27.91 88.86 -10.49
CA VAL A 290 -27.15 89.23 -9.29
C VAL A 290 -27.72 90.48 -8.65
N ILE A 291 -28.50 91.27 -9.39
CA ILE A 291 -29.15 92.43 -8.80
C ILE A 291 -30.23 92.01 -7.82
N ASP A 292 -30.86 90.87 -8.10
CA ASP A 292 -31.86 90.31 -7.16
C ASP A 292 -31.18 89.23 -6.31
N ALA A 293 -29.92 88.86 -6.65
CA ALA A 293 -29.26 87.88 -5.81
C ALA A 293 -28.48 88.57 -4.70
N PRO A 294 -28.47 88.01 -3.49
CA PRO A 294 -27.74 88.66 -2.39
C PRO A 294 -26.25 88.71 -2.65
N ALA A 295 -25.61 89.77 -2.15
CA ALA A 295 -24.16 89.95 -2.28
C ALA A 295 -23.51 89.47 -0.99
N VAL A 296 -22.67 88.44 -1.11
CA VAL A 296 -22.08 87.77 0.04
C VAL A 296 -20.60 88.11 0.08
N THR A 297 -20.14 88.62 1.22
CA THR A 297 -18.75 88.99 1.42
C THR A 297 -18.23 88.42 2.73
N ASN A 298 -16.96 88.71 3.01
CA ASN A 298 -16.33 88.26 4.28
C ASN A 298 -16.75 86.82 4.59
N LEU A 299 -16.49 85.88 3.68
CA LEU A 299 -16.80 84.50 4.00
C LEU A 299 -15.57 83.78 4.54
N GLU A 300 -15.62 83.40 5.81
CA GLU A 300 -14.61 82.54 6.39
C GLU A 300 -15.25 81.19 6.69
N CYS A 301 -14.43 80.15 6.68
CA CYS A 301 -14.87 78.80 6.99
C CYS A 301 -14.08 78.29 8.20
N GLN A 302 -14.84 77.86 9.21
CA GLN A 302 -14.25 77.23 10.42
C GLN A 302 -15.02 75.91 10.57
N VAL A 303 -14.42 74.86 11.12
CA VAL A 303 -15.06 73.55 11.18
C VAL A 303 -15.05 73.06 12.62
N ALA A 304 -16.23 72.68 13.11
CA ALA A 304 -16.34 72.17 14.47
C ALA A 304 -15.97 70.70 14.56
N VAL A 305 -16.71 69.84 13.86
CA VAL A 305 -16.52 68.40 13.93
C VAL A 305 -16.61 67.82 12.51
N CYS A 306 -15.76 66.84 12.22
CA CYS A 306 -15.80 66.15 10.94
C CYS A 306 -15.32 64.73 11.12
N THR A 307 -16.02 63.79 10.51
CA THR A 307 -15.66 62.37 10.50
C THR A 307 -15.76 61.86 9.08
N HIS A 308 -14.68 61.26 8.57
CA HIS A 308 -14.66 60.81 7.18
C HIS A 308 -15.33 59.43 7.07
N SER A 309 -16.64 59.43 7.29
CA SER A 309 -17.46 58.24 7.17
C SER A 309 -18.08 58.18 5.78
N SER A 310 -18.84 57.11 5.52
CA SER A 310 -19.51 56.97 4.24
C SER A 310 -20.56 58.05 4.03
N ASP A 311 -21.29 58.40 5.08
CA ASP A 311 -22.33 59.42 5.00
C ASP A 311 -21.69 60.78 5.19
N PHE A 312 -22.52 61.82 5.35
CA PHE A 312 -22.06 63.19 5.52
C PHE A 312 -21.72 63.43 6.98
N GLY A 313 -20.55 62.94 7.38
CA GLY A 313 -20.06 63.09 8.74
C GLY A 313 -19.27 64.35 9.02
N GLY A 314 -19.18 65.26 8.06
CA GLY A 314 -18.48 66.52 8.24
C GLY A 314 -19.48 67.65 8.42
N ILE A 315 -19.19 68.54 9.36
CA ILE A 315 -20.06 69.64 9.71
C ILE A 315 -19.26 70.93 9.56
N ALA A 316 -19.75 71.83 8.72
CA ALA A 316 -19.03 73.05 8.36
C ALA A 316 -19.86 74.26 8.76
N THR A 317 -19.19 75.21 9.43
CA THR A 317 -19.85 76.47 9.87
C THR A 317 -19.24 77.63 9.07
N LEU A 318 -20.07 78.38 8.35
CA LEU A 318 -19.63 79.49 7.51
C LEU A 318 -20.17 80.80 8.07
N THR A 319 -19.33 81.84 8.04
CA THR A 319 -19.70 83.16 8.49
C THR A 319 -19.53 84.13 7.32
N PHE A 320 -20.52 85.01 7.13
CA PHE A 320 -20.49 85.93 6.00
C PHE A 320 -21.36 87.12 6.35
N LYS A 321 -21.37 88.11 5.44
CA LYS A 321 -22.24 89.30 5.60
C LYS A 321 -22.99 89.55 4.28
N THR A 322 -24.33 89.55 4.30
CA THR A 322 -25.19 89.78 3.15
C THR A 322 -25.97 91.06 3.35
N ASP A 323 -26.62 91.51 2.29
CA ASP A 323 -27.47 92.70 2.36
C ASP A 323 -28.95 92.35 2.40
N LYS A 324 -29.39 91.37 1.62
CA LYS A 324 -30.77 90.92 1.61
C LYS A 324 -30.83 89.41 1.74
N PRO A 325 -31.91 88.88 2.29
CA PRO A 325 -32.06 87.43 2.38
C PRO A 325 -32.39 86.82 1.02
N GLY A 326 -32.19 85.52 0.92
CA GLY A 326 -32.51 84.82 -0.31
C GLY A 326 -31.86 83.46 -0.37
N LYS A 327 -31.60 82.98 -1.59
CA LYS A 327 -31.04 81.60 -1.75
C LYS A 327 -29.77 81.56 -2.59
N CYS A 328 -28.64 81.19 -1.98
CA CYS A 328 -27.37 81.00 -2.69
C CYS A 328 -27.23 79.57 -3.16
N ALA A 329 -26.35 79.37 -4.13
CA ALA A 329 -25.92 78.06 -4.57
C ALA A 329 -24.56 77.74 -3.97
N VAL A 330 -24.47 76.57 -3.34
CA VAL A 330 -23.21 76.15 -2.66
C VAL A 330 -22.61 74.98 -3.45
N HIS A 331 -21.29 74.97 -3.60
CA HIS A 331 -20.60 73.94 -4.35
C HIS A 331 -19.21 73.74 -3.75
N SER A 332 -18.69 72.54 -3.96
CA SER A 332 -17.32 72.21 -3.60
C SER A 332 -16.53 72.10 -4.90
N HIS A 333 -15.53 72.96 -5.07
CA HIS A 333 -14.70 72.91 -6.28
C HIS A 333 -13.65 71.82 -6.21
N SER A 334 -13.60 71.08 -5.10
CA SER A 334 -12.64 70.01 -4.88
C SER A 334 -13.37 68.71 -4.61
N ASN A 335 -12.85 67.62 -5.16
CA ASN A 335 -13.45 66.30 -4.98
C ASN A 335 -13.10 65.67 -3.64
N VAL A 336 -12.40 66.40 -2.77
CA VAL A 336 -12.06 65.86 -1.42
C VAL A 336 -13.34 65.75 -0.59
N ALA A 337 -14.29 66.68 -0.74
CA ALA A 337 -15.55 66.61 -0.03
C ALA A 337 -16.70 67.00 -0.94
N THR A 338 -17.88 66.49 -0.63
CA THR A 338 -19.08 66.80 -1.39
C THR A 338 -20.13 67.35 -0.43
N ILE A 339 -20.63 68.54 -0.71
CA ILE A 339 -21.61 69.17 0.16
C ILE A 339 -22.96 68.48 -0.07
N GLN A 340 -23.60 68.05 1.03
CA GLN A 340 -24.85 67.30 0.92
C GLN A 340 -25.92 68.08 0.17
N GLU A 341 -26.12 69.32 0.63
CA GLU A 341 -27.18 70.16 0.03
C GLU A 341 -26.56 71.02 -1.08
N ALA A 342 -27.42 71.65 -1.87
CA ALA A 342 -26.99 72.52 -2.96
C ALA A 342 -27.42 73.97 -2.79
N ALA A 343 -28.51 74.25 -2.07
CA ALA A 343 -28.87 75.63 -1.81
C ALA A 343 -29.42 75.75 -0.40
N VAL A 344 -28.88 76.74 0.32
CA VAL A 344 -29.29 76.95 1.73
C VAL A 344 -29.95 78.31 1.83
N ASP A 345 -30.71 78.51 2.93
CA ASP A 345 -31.40 79.80 3.17
C ASP A 345 -30.38 80.82 3.65
N ILE A 346 -30.34 81.97 2.99
CA ILE A 346 -29.38 83.03 3.31
C ILE A 346 -30.14 84.18 3.95
N LYS A 347 -29.78 84.49 5.21
CA LYS A 347 -30.54 85.51 5.99
C LYS A 347 -29.59 86.54 6.59
N THR A 348 -30.05 87.28 7.60
CA THR A 348 -29.24 88.40 8.17
C THR A 348 -28.22 87.91 9.21
N ASP A 349 -28.49 86.83 9.95
CA ASP A 349 -27.56 86.44 11.00
C ASP A 349 -26.15 86.20 10.46
N GLY A 350 -26.04 85.97 9.15
CA GLY A 350 -24.73 85.79 8.51
C GLY A 350 -24.01 84.51 8.89
N LYS A 351 -24.63 83.60 9.65
CA LYS A 351 -23.97 82.31 9.97
C LYS A 351 -24.83 81.13 9.46
N ILE A 352 -24.20 80.19 8.74
CA ILE A 352 -24.95 79.02 8.19
C ILE A 352 -24.19 77.71 8.48
N THR A 353 -24.87 76.56 8.38
CA THR A 353 -24.24 75.27 8.58
C THR A 353 -24.39 74.43 7.32
N LEU A 354 -23.38 73.59 7.07
CA LEU A 354 -23.35 72.74 5.89
C LEU A 354 -22.95 71.33 6.32
N HIS A 355 -23.47 70.32 5.63
CA HIS A 355 -23.07 68.93 5.84
C HIS A 355 -22.31 68.44 4.63
N PHE A 356 -21.11 67.90 4.86
CA PHE A 356 -20.26 67.42 3.79
C PHE A 356 -19.68 66.06 4.13
N SER A 357 -19.40 65.29 3.09
CA SER A 357 -18.82 63.96 3.20
C SER A 357 -17.41 63.96 2.65
N THR A 358 -16.49 63.43 3.45
CA THR A 358 -15.09 63.36 3.00
C THR A 358 -14.55 61.96 3.25
N ALA A 359 -13.34 61.69 2.77
CA ALA A 359 -12.67 60.41 2.96
C ALA A 359 -11.21 60.57 3.40
N SER A 360 -10.72 61.80 3.56
CA SER A 360 -9.34 62.04 3.94
C SER A 360 -9.29 62.60 5.36
N ALA A 361 -8.16 62.36 6.03
CA ALA A 361 -7.98 62.81 7.40
C ALA A 361 -8.00 64.33 7.50
N SER A 362 -7.34 65.02 6.57
CA SER A 362 -7.26 66.49 6.56
C SER A 362 -7.72 66.98 5.19
N PRO A 363 -9.02 67.12 4.99
CA PRO A 363 -9.52 67.56 3.68
C PRO A 363 -9.38 69.07 3.51
N ALA A 364 -9.11 69.48 2.28
CA ALA A 364 -9.13 70.89 1.91
C ALA A 364 -10.03 71.03 0.68
N PHE A 365 -11.33 71.14 0.92
CA PHE A 365 -12.27 71.56 -0.10
C PHE A 365 -12.55 73.03 0.14
N LYS A 366 -12.68 73.80 -0.94
CA LYS A 366 -13.06 75.23 -0.81
C LYS A 366 -14.56 75.35 -1.04
N VAL A 367 -15.22 76.34 -0.43
CA VAL A 367 -16.68 76.47 -0.71
C VAL A 367 -17.00 77.83 -1.31
N SER A 368 -18.00 77.86 -2.19
CA SER A 368 -18.49 79.12 -2.81
C SER A 368 -19.96 79.33 -2.46
N VAL A 369 -20.30 80.46 -1.83
CA VAL A 369 -21.70 80.75 -1.49
C VAL A 369 -22.11 81.98 -2.30
N CYS A 370 -23.12 81.81 -3.16
CA CYS A 370 -23.36 82.76 -4.26
C CYS A 370 -22.03 82.98 -4.98
N SER A 371 -21.50 84.20 -5.02
CA SER A 371 -20.24 84.45 -5.71
C SER A 371 -19.04 84.58 -4.77
N ALA A 372 -19.24 84.31 -3.48
CA ALA A 372 -18.17 84.46 -2.50
C ALA A 372 -17.18 83.29 -2.60
N LYS A 373 -16.03 83.46 -1.95
CA LYS A 373 -14.97 82.46 -1.99
C LYS A 373 -14.37 82.31 -0.60
N THR A 374 -14.06 81.06 -0.23
CA THR A 374 -13.35 80.79 1.02
C THR A 374 -12.78 79.39 0.96
N THR A 375 -11.85 79.13 1.90
CA THR A 375 -11.19 77.81 1.98
C THR A 375 -11.57 77.12 3.30
N CYS A 376 -12.07 75.89 3.22
CA CYS A 376 -12.49 75.10 4.37
C CYS A 376 -11.40 74.09 4.69
N THR A 377 -10.89 74.16 5.93
CA THR A 377 -9.83 73.21 6.38
C THR A 377 -10.34 72.50 7.64
N ALA A 378 -10.15 71.18 7.72
CA ALA A 378 -10.65 70.38 8.82
C ALA A 378 -9.71 69.21 9.10
N ALA A 379 -9.84 68.64 10.29
CA ALA A 379 -9.06 67.43 10.67
C ALA A 379 -10.07 66.33 10.98
N CYS A 380 -10.56 65.62 9.97
CA CYS A 380 -11.62 64.59 10.16
C CYS A 380 -11.11 63.34 10.88
N GLU A 381 -12.01 62.59 11.52
CA GLU A 381 -11.57 61.44 12.35
C GLU A 381 -11.99 60.08 11.77
N PRO A 382 -11.33 58.93 12.07
CA PRO A 382 -11.77 57.59 11.63
C PRO A 382 -13.17 57.21 12.14
N PRO A 383 -14.09 56.73 11.26
CA PRO A 383 -15.43 56.30 11.67
C PRO A 383 -15.43 55.09 12.63
N LYS A 384 -16.28 55.11 13.66
CA LYS A 384 -16.34 53.99 14.64
C LYS A 384 -16.87 52.70 14.00
N ASP A 385 -17.88 52.78 13.14
CA ASP A 385 -18.52 51.54 12.60
C ASP A 385 -17.64 50.89 11.53
N HIS A 386 -17.31 49.60 11.69
CA HIS A 386 -16.53 48.87 10.65
C HIS A 386 -17.36 48.69 9.37
N ILE A 387 -18.65 48.36 9.50
CA ILE A 387 -19.47 48.05 8.29
C ILE A 387 -20.79 48.83 8.33
N VAL A 388 -21.22 49.38 7.19
CA VAL A 388 -22.47 50.13 7.09
C VAL A 388 -23.27 49.60 5.91
N PRO A 389 -24.60 49.70 5.93
CA PRO A 389 -25.41 49.16 4.83
C PRO A 389 -25.65 50.13 3.68
N TYR A 390 -24.91 51.22 3.58
CA TYR A 390 -25.07 52.18 2.51
C TYR A 390 -23.71 52.50 1.90
N GLY A 391 -23.73 52.87 0.62
CA GLY A 391 -22.50 53.19 -0.09
C GLY A 391 -21.93 54.55 0.31
N ALA A 392 -20.67 54.74 -0.05
CA ALA A 392 -19.99 55.99 0.26
C ALA A 392 -20.56 57.13 -0.56
N SER A 393 -20.75 58.29 0.08
CA SER A 393 -21.26 59.47 -0.58
C SER A 393 -20.17 60.42 -1.05
N HIS A 394 -18.90 60.04 -0.87
CA HIS A 394 -17.77 60.87 -1.26
C HIS A 394 -17.11 60.30 -2.51
N ASN A 395 -16.03 60.96 -2.94
CA ASN A 395 -15.27 60.53 -4.11
C ASN A 395 -14.10 59.63 -3.74
N ASN A 396 -13.97 59.24 -2.47
CA ASN A 396 -12.91 58.36 -2.00
C ASN A 396 -11.53 58.96 -2.25
N GLN A 397 -11.32 60.15 -1.66
CA GLN A 397 -10.05 60.86 -1.70
C GLN A 397 -9.40 60.72 -0.32
N VAL A 398 -8.20 60.16 -0.29
CA VAL A 398 -7.50 59.91 0.98
C VAL A 398 -6.17 60.63 1.06
N PHE A 399 -5.79 61.38 0.03
CA PHE A 399 -4.58 62.19 0.10
C PHE A 399 -4.81 63.35 1.07
N PRO A 400 -4.03 63.47 2.14
CA PRO A 400 -4.22 64.59 3.06
C PRO A 400 -3.84 65.92 2.43
N ASP A 401 -4.32 66.99 3.07
CA ASP A 401 -4.07 68.35 2.62
C ASP A 401 -2.58 68.60 2.56
N MET A 402 -2.18 69.51 1.66
CA MET A 402 -0.79 69.95 1.63
C MET A 402 -0.34 70.51 2.97
N SER A 403 -1.28 71.00 3.77
CA SER A 403 -1.00 71.60 5.06
C SER A 403 -1.43 70.71 6.23
N GLY A 404 -1.76 69.45 5.98
CA GLY A 404 -2.14 68.56 7.05
C GLY A 404 -0.97 68.20 7.94
N THR A 405 -1.28 67.64 9.10
CA THR A 405 -0.26 67.34 10.11
C THR A 405 0.80 66.40 9.56
N ALA A 406 0.37 65.31 8.91
CA ALA A 406 1.32 64.39 8.30
C ALA A 406 2.15 65.09 7.23
N MET A 407 1.48 65.83 6.35
CA MET A 407 2.22 66.59 5.30
C MET A 407 3.04 67.69 5.96
N THR A 408 2.60 68.22 7.10
CA THR A 408 3.39 69.22 7.81
C THR A 408 4.70 68.63 8.31
N TRP A 409 4.66 67.45 8.92
CA TRP A 409 5.89 66.80 9.38
C TRP A 409 6.79 66.41 8.21
N VAL A 410 6.20 65.86 7.15
CA VAL A 410 6.98 65.50 5.98
C VAL A 410 7.69 66.72 5.41
N GLN A 411 6.95 67.82 5.26
CA GLN A 411 7.51 69.05 4.73
C GLN A 411 8.59 69.62 5.64
N ARG A 412 8.41 69.52 6.96
CA ARG A 412 9.46 69.96 7.87
C ARG A 412 10.73 69.14 7.69
N VAL A 413 10.61 67.82 7.60
CA VAL A 413 11.79 66.98 7.43
C VAL A 413 12.46 67.30 6.10
N ALA A 414 11.67 67.46 5.04
CA ALA A 414 12.22 67.78 3.73
C ALA A 414 12.90 69.14 3.74
N GLY A 415 12.32 70.12 4.42
CA GLY A 415 12.94 71.43 4.50
C GLY A 415 14.26 71.39 5.24
N GLY A 416 14.33 70.66 6.35
CA GLY A 416 15.60 70.54 7.05
C GLY A 416 16.66 69.86 6.23
N LEU A 417 16.31 68.74 5.58
CA LEU A 417 17.25 68.03 4.74
C LEU A 417 17.70 68.90 3.56
N GLY A 418 16.77 69.63 2.94
CA GLY A 418 17.13 70.50 1.85
C GLY A 418 18.00 71.65 2.28
N GLY A 419 17.75 72.21 3.47
CA GLY A 419 18.63 73.24 3.98
C GLY A 419 20.04 72.73 4.21
N LEU A 420 20.16 71.52 4.79
CA LEU A 420 21.49 70.93 4.96
C LEU A 420 22.17 70.69 3.61
N THR A 421 21.42 70.16 2.64
CA THR A 421 21.99 69.87 1.34
C THR A 421 22.43 71.15 0.62
N LEU A 422 21.61 72.20 0.69
CA LEU A 422 21.97 73.47 0.06
C LEU A 422 23.15 74.13 0.77
N ALA A 423 23.24 73.98 2.10
CA ALA A 423 24.41 74.47 2.80
C ALA A 423 25.67 73.76 2.35
N ALA A 424 25.60 72.44 2.20
CA ALA A 424 26.75 71.69 1.70
C ALA A 424 27.10 72.11 0.27
N VAL A 425 26.09 72.32 -0.57
CA VAL A 425 26.31 72.75 -1.94
C VAL A 425 26.99 74.10 -1.97
N ALA A 426 26.52 75.04 -1.15
CA ALA A 426 27.13 76.37 -1.10
C ALA A 426 28.56 76.30 -0.60
N VAL A 427 28.83 75.48 0.42
CA VAL A 427 30.19 75.35 0.94
C VAL A 427 31.13 74.79 -0.11
N LEU A 428 30.71 73.72 -0.79
CA LEU A 428 31.54 73.14 -1.84
C LEU A 428 31.73 74.11 -2.99
N ILE A 429 30.69 74.87 -3.36
CA ILE A 429 30.85 75.76 -4.54
C ILE A 429 31.78 76.92 -4.15
N LEU A 430 31.68 77.43 -2.92
CA LEU A 430 32.63 78.46 -2.51
C LEU A 430 34.05 77.91 -2.48
N VAL A 431 34.22 76.67 -2.00
CA VAL A 431 35.55 76.07 -1.94
C VAL A 431 36.13 75.92 -3.34
N THR A 432 35.32 75.40 -4.27
CA THR A 432 35.79 75.20 -5.67
C THR A 432 36.09 76.56 -6.32
N CYS A 433 35.27 77.57 -6.05
CA CYS A 433 35.54 78.89 -6.59
C CYS A 433 36.87 79.41 -6.09
N VAL A 434 37.16 79.22 -4.80
CA VAL A 434 38.43 79.66 -4.24
C VAL A 434 39.59 78.87 -4.85
N THR A 435 39.38 77.57 -5.09
CA THR A 435 40.45 76.75 -5.69
C THR A 435 40.78 77.24 -7.09
N MET A 436 39.78 77.51 -7.93
CA MET A 436 40.09 78.08 -9.23
C MET A 436 40.59 79.52 -9.12
N ARG A 437 40.30 80.21 -8.00
CA ARG A 437 40.84 81.54 -7.78
C ARG A 437 42.34 81.51 -7.55
N ARG A 438 42.85 80.43 -6.96
CA ARG A 438 44.26 80.32 -6.58
C ARG A 438 45.05 79.56 -7.64
N SER B 1 -69.29 20.26 -18.06
CA SER B 1 -68.93 19.70 -16.77
C SER B 1 -68.16 18.40 -16.94
N VAL B 2 -68.20 17.55 -15.91
CA VAL B 2 -67.40 16.32 -15.92
C VAL B 2 -67.96 15.31 -16.90
N THR B 3 -69.26 15.39 -17.21
CA THR B 3 -69.88 14.35 -18.02
C THR B 3 -69.52 14.48 -19.49
N GLU B 4 -69.62 15.72 -20.01
CA GLU B 4 -69.26 15.99 -21.42
C GLU B 4 -67.73 16.02 -21.53
N HIS B 5 -67.02 15.78 -20.42
CA HIS B 5 -65.53 15.70 -20.48
C HIS B 5 -65.14 14.22 -20.41
N PHE B 6 -65.98 13.39 -19.79
CA PHE B 6 -65.71 11.96 -19.75
C PHE B 6 -66.35 11.20 -20.90
N ASN B 7 -67.26 11.83 -21.65
CA ASN B 7 -67.90 11.14 -22.76
C ASN B 7 -66.90 10.71 -23.83
N VAL B 8 -65.68 11.25 -23.81
CA VAL B 8 -64.68 10.90 -24.82
C VAL B 8 -64.15 9.48 -24.62
N TYR B 9 -64.22 8.94 -23.40
CA TYR B 9 -63.65 7.63 -23.09
C TYR B 9 -64.57 6.45 -23.39
N LYS B 10 -65.88 6.66 -23.31
CA LYS B 10 -66.84 5.54 -23.49
C LYS B 10 -66.47 4.75 -24.76
N ALA B 11 -66.05 5.45 -25.81
CA ALA B 11 -65.67 4.81 -27.05
C ALA B 11 -64.35 4.06 -26.95
N THR B 12 -63.73 4.04 -25.78
CA THR B 12 -62.46 3.37 -25.54
C THR B 12 -62.65 2.21 -24.56
N LYS B 13 -61.60 1.40 -24.43
CA LYS B 13 -61.63 0.23 -23.58
C LYS B 13 -60.32 0.09 -22.83
N PRO B 14 -60.36 -0.37 -21.57
CA PRO B 14 -59.10 -0.70 -20.87
C PRO B 14 -58.44 -1.92 -21.49
N TYR B 15 -57.17 -2.13 -21.14
CA TYR B 15 -56.39 -3.19 -21.73
C TYR B 15 -55.56 -3.89 -20.66
N LEU B 16 -55.11 -5.10 -20.99
CA LEU B 16 -54.24 -5.89 -20.15
C LEU B 16 -52.87 -5.96 -20.80
N ALA B 17 -51.83 -5.53 -20.07
CA ALA B 17 -50.48 -5.47 -20.60
C ALA B 17 -49.54 -6.27 -19.71
N TYR B 18 -48.29 -6.37 -20.15
CA TYR B 18 -47.27 -7.14 -19.46
C TYR B 18 -46.53 -6.23 -18.49
N CYS B 19 -46.70 -6.48 -17.19
CA CYS B 19 -45.98 -5.77 -16.15
C CYS B 19 -44.88 -6.67 -15.61
N ALA B 20 -43.64 -6.16 -15.62
CA ALA B 20 -42.49 -6.98 -15.30
C ALA B 20 -42.34 -7.23 -13.80
N ASP B 21 -42.92 -6.38 -12.96
CA ASP B 21 -42.77 -6.55 -11.51
C ASP B 21 -44.08 -6.10 -10.86
N CYS B 22 -44.91 -7.06 -10.47
CA CYS B 22 -46.21 -6.77 -9.86
C CYS B 22 -46.14 -6.92 -8.35
N GLY B 23 -45.48 -5.95 -7.72
CA GLY B 23 -45.34 -5.96 -6.28
C GLY B 23 -44.28 -6.93 -5.81
N ASP B 24 -44.52 -8.22 -6.06
CA ASP B 24 -43.53 -9.25 -5.79
C ASP B 24 -42.46 -9.23 -6.87
N GLY B 25 -41.56 -10.21 -6.82
CA GLY B 25 -40.38 -10.16 -7.66
C GLY B 25 -40.56 -10.74 -9.05
N GLN B 26 -41.82 -10.93 -9.45
CA GLN B 26 -42.05 -11.61 -10.76
C GLN B 26 -43.05 -10.84 -11.60
N PHE B 27 -43.04 -11.10 -12.91
CA PHE B 27 -43.98 -10.50 -13.83
C PHE B 27 -45.34 -11.18 -13.71
N CYS B 28 -46.37 -10.51 -14.20
CA CYS B 28 -47.65 -11.12 -14.52
C CYS B 28 -48.42 -10.11 -15.37
N TYR B 29 -49.64 -10.47 -15.74
CA TYR B 29 -50.41 -9.69 -16.72
C TYR B 29 -51.46 -8.91 -15.94
N SER B 30 -51.18 -7.63 -15.66
CA SER B 30 -51.97 -6.85 -14.74
C SER B 30 -52.68 -5.70 -15.44
N PRO B 31 -53.79 -5.22 -14.89
CA PRO B 31 -54.51 -4.09 -15.48
C PRO B 31 -54.00 -2.72 -15.04
N VAL B 32 -52.84 -2.64 -14.39
CA VAL B 32 -52.28 -1.35 -13.99
C VAL B 32 -50.85 -1.22 -14.50
N ALA B 33 -50.56 -1.84 -15.63
CA ALA B 33 -49.24 -1.75 -16.23
C ALA B 33 -48.90 -0.30 -16.52
N ILE B 34 -47.90 0.23 -15.82
CA ILE B 34 -47.52 1.63 -15.98
C ILE B 34 -46.82 1.82 -17.31
N GLU B 35 -47.26 2.82 -18.07
CA GLU B 35 -46.68 3.09 -19.38
C GLU B 35 -45.63 4.19 -19.36
N LYS B 36 -45.99 5.37 -18.85
CA LYS B 36 -45.05 6.52 -18.85
C LYS B 36 -45.37 7.53 -17.73
N ILE B 37 -44.36 7.98 -17.00
CA ILE B 37 -44.55 8.99 -15.96
C ILE B 37 -44.04 10.31 -16.51
N ARG B 38 -44.86 11.36 -16.45
CA ARG B 38 -44.46 12.70 -16.93
C ARG B 38 -44.16 13.61 -15.73
N ASP B 39 -43.05 14.35 -15.76
CA ASP B 39 -42.66 15.21 -14.61
C ASP B 39 -42.27 16.61 -15.12
N GLU B 40 -43.25 17.40 -15.57
CA GLU B 40 -42.97 18.77 -16.09
C GLU B 40 -43.35 19.82 -15.05
N ALA B 41 -43.74 19.40 -13.84
CA ALA B 41 -44.19 20.36 -12.81
C ALA B 41 -43.03 20.76 -11.90
N SER B 42 -42.82 22.07 -11.71
CA SER B 42 -41.74 22.56 -10.86
C SER B 42 -42.00 22.34 -9.38
N ASP B 43 -43.24 22.05 -9.00
CA ASP B 43 -43.61 21.88 -7.60
C ASP B 43 -43.50 20.43 -7.14
N GLY B 44 -43.11 19.51 -8.02
CA GLY B 44 -42.91 18.13 -7.65
C GLY B 44 -44.03 17.18 -8.00
N MET B 45 -45.05 17.63 -8.71
CA MET B 45 -46.13 16.74 -9.12
C MET B 45 -45.67 15.87 -10.29
N ILE B 46 -46.11 14.62 -10.28
CA ILE B 46 -45.81 13.68 -11.35
C ILE B 46 -47.12 13.08 -11.85
N LYS B 47 -47.13 12.73 -13.13
CA LYS B 47 -48.30 12.16 -13.79
C LYS B 47 -48.01 10.70 -14.13
N ILE B 48 -48.93 9.81 -13.75
CA ILE B 48 -48.75 8.38 -13.95
C ILE B 48 -49.85 7.87 -14.89
N GLN B 49 -49.44 7.16 -15.93
CA GLN B 49 -50.36 6.55 -16.87
C GLN B 49 -50.46 5.05 -16.57
N VAL B 50 -51.69 4.58 -16.36
CA VAL B 50 -51.94 3.19 -15.99
C VAL B 50 -52.84 2.56 -17.04
N ALA B 51 -52.86 1.22 -17.06
CA ALA B 51 -53.66 0.50 -18.02
C ALA B 51 -55.15 0.62 -17.75
N ALA B 52 -55.54 0.59 -16.48
CA ALA B 52 -56.96 0.69 -16.13
C ALA B 52 -57.45 2.12 -16.29
N GLN B 53 -58.77 2.26 -16.41
CA GLN B 53 -59.42 3.56 -16.52
C GLN B 53 -60.18 3.84 -15.23
N ILE B 54 -59.94 5.01 -14.65
CA ILE B 54 -60.49 5.39 -13.36
C ILE B 54 -61.58 6.43 -13.58
N GLY B 55 -62.74 6.20 -12.97
CA GLY B 55 -63.87 7.10 -13.08
C GLY B 55 -64.92 6.70 -14.09
N ILE B 56 -64.82 5.51 -14.68
CA ILE B 56 -65.74 5.03 -15.69
C ILE B 56 -66.18 3.62 -15.29
N ASN B 57 -67.49 3.37 -15.39
CA ASN B 57 -68.02 2.06 -14.94
C ASN B 57 -68.08 1.08 -16.11
N LYS B 58 -68.74 -0.05 -15.90
CA LYS B 58 -68.84 -1.11 -16.91
C LYS B 58 -69.57 -0.61 -18.16
N GLY B 59 -70.66 0.12 -17.97
CA GLY B 59 -71.40 0.64 -19.12
C GLY B 59 -70.64 1.71 -19.88
N GLY B 60 -69.96 2.59 -19.15
CA GLY B 60 -69.24 3.67 -19.78
C GLY B 60 -69.50 5.02 -19.12
N THR B 61 -70.42 5.00 -18.16
CA THR B 61 -70.83 6.26 -17.48
C THR B 61 -69.80 6.69 -16.44
N HIS B 62 -69.92 7.93 -15.98
CA HIS B 62 -68.91 8.49 -15.04
C HIS B 62 -69.34 8.40 -13.57
N GLU B 63 -68.52 7.77 -12.73
CA GLU B 63 -68.73 7.76 -11.29
C GLU B 63 -67.44 8.18 -10.59
N HIS B 64 -67.57 8.65 -9.36
CA HIS B 64 -66.37 9.08 -8.57
C HIS B 64 -65.88 7.93 -7.66
N ASN B 65 -66.26 6.68 -7.93
CA ASN B 65 -65.89 5.59 -6.97
C ASN B 65 -65.71 4.23 -7.67
N LYS B 66 -65.54 4.19 -8.99
CA LYS B 66 -65.39 2.92 -9.70
C LYS B 66 -64.21 2.99 -10.65
N ILE B 67 -63.50 1.86 -10.75
CA ILE B 67 -62.38 1.70 -11.68
C ILE B 67 -62.67 0.48 -12.54
N ARG B 68 -62.64 0.66 -13.85
CA ARG B 68 -62.90 -0.42 -14.80
C ARG B 68 -61.58 -0.89 -15.39
N TYR B 69 -61.48 -2.20 -15.63
CA TYR B 69 -60.24 -2.81 -16.07
C TYR B 69 -60.56 -4.12 -16.78
N ILE B 70 -59.51 -4.87 -17.10
CA ILE B 70 -59.65 -6.14 -17.81
C ILE B 70 -59.20 -7.27 -16.90
N ALA B 71 -60.05 -8.27 -16.72
CA ALA B 71 -59.72 -9.50 -16.01
C ALA B 71 -60.16 -10.66 -16.90
N GLY B 72 -59.27 -11.08 -17.78
CA GLY B 72 -59.60 -12.10 -18.78
C GLY B 72 -60.18 -11.46 -20.05
N HIS B 73 -61.40 -11.85 -20.38
CA HIS B 73 -62.09 -11.33 -21.56
C HIS B 73 -63.09 -10.22 -21.24
N ASP B 74 -63.77 -10.31 -20.11
CA ASP B 74 -64.85 -9.39 -19.77
C ASP B 74 -64.35 -8.24 -18.91
N MET B 75 -64.89 -7.05 -19.18
CA MET B 75 -64.65 -5.89 -18.35
C MET B 75 -65.27 -6.10 -16.97
N LYS B 76 -64.60 -5.61 -15.93
CA LYS B 76 -65.12 -5.77 -14.58
C LYS B 76 -64.98 -4.49 -13.76
N GLU B 77 -65.33 -4.64 -12.48
CA GLU B 77 -65.40 -3.40 -11.67
C GLU B 77 -64.42 -3.40 -10.50
N ALA B 78 -64.14 -2.22 -10.00
CA ALA B 78 -63.24 -1.97 -8.88
C ALA B 78 -63.65 -0.68 -8.21
N ASN B 79 -63.24 -0.51 -6.96
CA ASN B 79 -63.61 0.68 -6.20
C ASN B 79 -62.42 1.63 -6.13
N ARG B 80 -62.71 2.92 -5.95
CA ARG B 80 -61.67 3.94 -6.07
C ARG B 80 -60.84 4.15 -4.80
N ASP B 81 -61.44 3.95 -3.62
CA ASP B 81 -60.74 4.25 -2.33
C ASP B 81 -59.50 3.38 -2.12
N SER B 82 -59.31 2.32 -2.92
CA SER B 82 -58.20 1.41 -2.77
C SER B 82 -57.05 1.69 -3.73
N LEU B 83 -57.18 2.69 -4.61
CA LEU B 83 -56.06 3.07 -5.44
C LEU B 83 -55.04 3.83 -4.60
N GLN B 84 -53.79 3.37 -4.65
CA GLN B 84 -52.72 3.98 -3.87
C GLN B 84 -51.44 4.00 -4.69
N VAL B 85 -50.59 5.00 -4.42
CA VAL B 85 -49.33 5.18 -5.12
C VAL B 85 -48.20 5.19 -4.10
N TYR B 86 -47.18 4.38 -4.34
CA TYR B 86 -46.10 4.17 -3.39
C TYR B 86 -44.76 4.43 -4.04
N THR B 87 -43.94 5.29 -3.42
CA THR B 87 -42.55 5.45 -3.80
C THR B 87 -41.62 5.00 -2.67
N SER B 88 -41.72 5.61 -1.51
CA SER B 88 -41.12 5.15 -0.27
C SER B 88 -42.15 5.07 0.84
N GLY B 89 -43.08 6.03 0.88
CA GLY B 89 -44.28 5.94 1.67
C GLY B 89 -45.51 6.05 0.81
N VAL B 90 -46.58 6.56 1.42
CA VAL B 90 -47.87 6.73 0.71
C VAL B 90 -47.87 8.09 0.00
N CYS B 91 -48.32 8.12 -1.26
CA CYS B 91 -48.39 9.34 -2.06
C CYS B 91 -49.79 9.94 -1.95
N ALA B 92 -49.86 11.25 -2.12
CA ALA B 92 -51.11 11.99 -2.06
C ALA B 92 -51.65 12.20 -3.46
N ILE B 93 -52.73 11.49 -3.79
CA ILE B 93 -53.33 11.59 -5.11
C ILE B 93 -54.21 12.83 -5.17
N ARG B 94 -54.00 13.66 -6.20
CA ARG B 94 -54.76 14.90 -6.37
C ARG B 94 -55.87 14.81 -7.40
N GLY B 95 -55.77 13.88 -8.35
CA GLY B 95 -56.79 13.77 -9.37
C GLY B 95 -56.57 12.59 -10.29
N THR B 96 -57.64 11.90 -10.66
CA THR B 96 -57.58 10.76 -11.54
C THR B 96 -58.58 10.95 -12.69
N MET B 97 -58.16 10.55 -13.89
CA MET B 97 -59.05 10.61 -15.05
C MET B 97 -58.62 9.54 -16.03
N GLY B 98 -59.40 8.46 -16.12
CA GLY B 98 -59.11 7.41 -17.07
C GLY B 98 -57.78 6.75 -16.79
N HIS B 99 -56.90 6.78 -17.79
CA HIS B 99 -55.59 6.14 -17.69
C HIS B 99 -54.60 6.94 -16.87
N PHE B 100 -54.92 8.17 -16.50
CA PHE B 100 -53.95 9.13 -15.98
C PHE B 100 -54.20 9.42 -14.50
N ILE B 101 -53.14 9.35 -13.71
CA ILE B 101 -53.17 9.68 -12.29
C ILE B 101 -52.07 10.68 -12.00
N VAL B 102 -52.41 11.75 -11.27
CA VAL B 102 -51.45 12.72 -10.78
C VAL B 102 -51.42 12.62 -9.25
N ALA B 103 -50.22 12.68 -8.68
CA ALA B 103 -50.08 12.50 -7.25
C ALA B 103 -48.85 13.24 -6.74
N TYR B 104 -48.84 13.48 -5.44
CA TYR B 104 -47.70 14.09 -4.76
C TYR B 104 -46.90 12.98 -4.11
N CYS B 105 -45.64 12.85 -4.50
CA CYS B 105 -44.90 11.70 -4.02
C CYS B 105 -43.62 12.12 -3.30
N PRO B 106 -43.30 11.47 -2.20
CA PRO B 106 -42.02 11.72 -1.53
C PRO B 106 -40.88 11.21 -2.39
N PRO B 107 -39.65 11.68 -2.15
CA PRO B 107 -38.52 11.16 -2.91
C PRO B 107 -38.38 9.66 -2.71
N GLY B 108 -38.13 8.95 -3.79
CA GLY B 108 -38.12 7.50 -3.73
C GLY B 108 -37.37 6.90 -4.90
N ASP B 109 -37.31 5.56 -4.94
CA ASP B 109 -36.52 4.88 -6.00
C ASP B 109 -37.46 4.08 -6.91
N GLU B 110 -38.69 3.85 -6.48
CA GLU B 110 -39.61 3.00 -7.29
C GLU B 110 -40.94 3.74 -7.42
N LEU B 111 -41.86 3.20 -8.22
CA LEU B 111 -43.21 3.81 -8.34
C LEU B 111 -44.23 2.68 -8.46
N LYS B 112 -44.95 2.38 -7.36
CA LYS B 112 -45.88 1.28 -7.40
C LYS B 112 -47.31 1.82 -7.34
N VAL B 113 -48.17 1.31 -8.24
CA VAL B 113 -49.58 1.66 -8.26
C VAL B 113 -50.39 0.38 -8.09
N GLN B 114 -51.29 0.37 -7.11
CA GLN B 114 -52.10 -0.80 -6.81
C GLN B 114 -53.53 -0.37 -6.50
N PHE B 115 -54.47 -1.28 -6.77
CA PHE B 115 -55.86 -1.12 -6.36
C PHE B 115 -56.33 -2.47 -5.82
N GLN B 116 -57.47 -2.43 -5.12
CA GLN B 116 -58.06 -3.68 -4.58
C GLN B 116 -58.96 -4.28 -5.66
N ASP B 117 -58.67 -5.51 -6.06
CA ASP B 117 -59.37 -6.16 -7.16
C ASP B 117 -60.77 -6.57 -6.72
N ALA B 118 -61.65 -6.78 -7.71
CA ALA B 118 -62.99 -7.27 -7.41
C ALA B 118 -62.95 -8.63 -6.75
N GLU B 119 -61.84 -9.36 -6.92
CA GLU B 119 -61.66 -10.68 -6.23
C GLU B 119 -60.99 -10.41 -4.89
N SER B 120 -61.16 -9.21 -4.33
CA SER B 120 -60.54 -8.85 -3.02
C SER B 120 -59.02 -9.01 -3.08
N HIS B 121 -58.45 -9.31 -4.25
CA HIS B 121 -57.01 -9.40 -4.37
C HIS B 121 -56.41 -8.00 -4.54
N THR B 122 -55.09 -7.93 -4.41
CA THR B 122 -54.35 -6.70 -4.65
C THR B 122 -53.52 -6.86 -5.91
N GLN B 123 -53.72 -5.97 -6.87
CA GLN B 123 -53.05 -6.03 -8.16
C GLN B 123 -52.22 -4.77 -8.33
N ALA B 124 -50.91 -4.94 -8.50
CA ALA B 124 -49.97 -3.83 -8.52
C ALA B 124 -49.03 -3.95 -9.71
N CYS B 125 -48.34 -2.85 -10.00
CA CYS B 125 -47.30 -2.82 -11.01
C CYS B 125 -46.19 -1.89 -10.53
N LYS B 126 -44.95 -2.38 -10.58
CA LYS B 126 -43.81 -1.67 -10.03
C LYS B 126 -42.80 -1.36 -11.13
N VAL B 127 -42.31 -0.12 -11.14
CA VAL B 127 -41.30 0.33 -12.08
C VAL B 127 -40.24 1.15 -11.33
N GLN B 128 -39.08 1.28 -11.96
CA GLN B 128 -37.97 2.06 -11.42
C GLN B 128 -38.12 3.50 -11.89
N TYR B 129 -38.00 4.46 -10.96
CA TYR B 129 -38.14 5.86 -11.31
C TYR B 129 -37.28 6.67 -10.35
N LYS B 130 -36.39 7.50 -10.89
CA LYS B 130 -35.72 8.55 -10.13
C LYS B 130 -36.67 9.70 -9.85
N HIS B 131 -37.32 9.67 -8.68
CA HIS B 131 -38.14 10.80 -8.23
C HIS B 131 -37.34 11.59 -7.21
N ALA B 132 -36.57 12.56 -7.72
CA ALA B 132 -35.78 13.47 -6.89
C ALA B 132 -36.08 14.89 -7.35
N PRO B 133 -37.22 15.45 -6.93
CA PRO B 133 -37.61 16.77 -7.43
C PRO B 133 -36.61 17.85 -7.03
N ALA B 134 -36.39 18.78 -7.95
CA ALA B 134 -35.50 19.90 -7.68
C ALA B 134 -36.13 20.85 -6.67
N PRO B 135 -35.34 21.54 -5.87
CA PRO B 135 -35.91 22.49 -4.91
C PRO B 135 -36.60 23.64 -5.62
N VAL B 136 -37.68 24.12 -5.00
CA VAL B 136 -38.37 25.32 -5.47
C VAL B 136 -37.77 26.50 -4.71
N GLY B 137 -36.93 27.28 -5.38
CA GLY B 137 -36.29 28.40 -4.72
C GLY B 137 -34.95 28.03 -4.11
N ARG B 138 -34.68 28.51 -2.90
CA ARG B 138 -33.33 28.29 -2.30
C ARG B 138 -33.38 27.51 -0.98
N GLU B 139 -34.54 26.97 -0.58
CA GLU B 139 -34.58 26.17 0.63
C GLU B 139 -35.13 24.80 0.30
N LYS B 140 -34.46 23.77 0.84
CA LYS B 140 -34.82 22.38 0.60
C LYS B 140 -35.82 21.96 1.67
N PHE B 141 -37.04 22.44 1.50
CA PHE B 141 -38.14 22.13 2.40
C PHE B 141 -38.99 21.01 1.83
N THR B 142 -39.72 20.35 2.72
CA THR B 142 -40.61 19.25 2.34
C THR B 142 -42.06 19.51 2.71
N VAL B 143 -42.32 20.39 3.67
CA VAL B 143 -43.66 20.70 4.13
C VAL B 143 -43.92 22.18 3.90
N ARG B 144 -45.06 22.48 3.30
CA ARG B 144 -45.43 23.87 3.04
C ARG B 144 -45.62 24.62 4.36
N PRO B 145 -44.92 25.72 4.59
CA PRO B 145 -45.02 26.43 5.86
C PRO B 145 -46.32 27.21 5.96
N HIS B 146 -46.56 27.75 7.16
CA HIS B 146 -47.74 28.57 7.38
C HIS B 146 -47.49 30.06 7.13
N PHE B 147 -46.23 30.46 6.91
CA PHE B 147 -45.92 31.82 6.51
C PHE B 147 -44.66 31.81 5.66
N GLY B 148 -44.53 32.81 4.81
CA GLY B 148 -43.36 32.93 3.96
C GLY B 148 -43.59 33.84 2.79
N ILE B 149 -42.98 33.51 1.65
CA ILE B 149 -43.10 34.27 0.43
C ILE B 149 -43.52 33.32 -0.69
N GLU B 150 -44.05 33.91 -1.77
CA GLU B 150 -44.57 33.15 -2.90
C GLU B 150 -43.54 33.17 -4.02
N VAL B 151 -43.25 31.99 -4.56
CA VAL B 151 -42.29 31.83 -5.65
C VAL B 151 -43.01 31.18 -6.82
N PRO B 152 -42.91 31.72 -8.04
CA PRO B 152 -43.61 31.12 -9.17
C PRO B 152 -43.11 29.72 -9.49
N CYS B 153 -44.01 28.88 -10.00
CA CYS B 153 -43.70 27.51 -10.37
C CYS B 153 -44.70 27.04 -11.40
N THR B 154 -44.50 25.82 -11.90
CA THR B 154 -45.40 25.20 -12.86
C THR B 154 -46.09 24.01 -12.21
N THR B 155 -47.37 23.83 -12.54
CA THR B 155 -48.19 22.80 -11.92
C THR B 155 -49.19 22.28 -12.94
N TYR B 156 -49.77 21.12 -12.64
CA TYR B 156 -50.83 20.54 -13.46
C TYR B 156 -52.16 21.05 -12.95
N GLN B 157 -52.95 21.67 -13.83
CA GLN B 157 -54.28 22.13 -13.44
C GLN B 157 -55.19 20.95 -13.18
N LEU B 158 -55.98 21.05 -12.10
CA LEU B 158 -56.89 19.95 -11.74
C LEU B 158 -58.24 20.15 -12.41
N THR B 159 -58.21 20.09 -13.75
CA THR B 159 -59.41 20.19 -14.56
C THR B 159 -59.40 19.09 -15.62
N THR B 160 -60.59 18.72 -16.07
CA THR B 160 -60.77 17.65 -17.04
C THR B 160 -61.01 18.17 -18.45
N ALA B 161 -60.78 19.46 -18.69
CA ALA B 161 -61.01 20.01 -20.02
C ALA B 161 -60.04 19.42 -21.03
N PRO B 162 -60.49 19.20 -22.26
CA PRO B 162 -59.59 18.65 -23.29
C PRO B 162 -58.45 19.62 -23.60
N THR B 163 -57.30 19.05 -23.93
CA THR B 163 -56.09 19.81 -24.24
C THR B 163 -55.53 19.37 -25.59
N GLU B 164 -54.49 20.09 -26.04
CA GLU B 164 -53.82 19.74 -27.28
C GLU B 164 -53.05 18.43 -27.16
N GLU B 165 -52.60 18.10 -25.95
CA GLU B 165 -51.88 16.85 -25.71
C GLU B 165 -52.83 15.69 -25.60
N GLU B 166 -52.54 14.67 -26.41
CA GLU B 166 -53.45 13.51 -26.50
C GLU B 166 -52.63 12.24 -26.67
N ILE B 167 -53.31 11.09 -26.66
CA ILE B 167 -52.66 9.80 -26.82
C ILE B 167 -53.34 9.01 -27.93
N ASP B 168 -52.55 8.22 -28.65
CA ASP B 168 -53.04 7.44 -29.79
C ASP B 168 -53.99 6.34 -29.36
N MET B 169 -55.00 6.09 -30.19
CA MET B 169 -55.96 5.02 -29.95
C MET B 169 -56.19 4.20 -31.22
N HIS B 170 -56.36 2.88 -31.04
CA HIS B 170 -56.51 2.00 -32.19
C HIS B 170 -57.30 0.76 -31.80
N THR B 171 -57.66 -0.02 -32.81
CA THR B 171 -58.46 -1.22 -32.59
C THR B 171 -57.64 -2.29 -31.87
N PRO B 172 -58.25 -3.06 -30.96
CA PRO B 172 -57.50 -4.12 -30.29
C PRO B 172 -57.09 -5.21 -31.26
N PRO B 173 -55.99 -5.89 -31.00
CA PRO B 173 -55.55 -6.99 -31.88
C PRO B 173 -56.26 -8.29 -31.54
N ASP B 174 -55.87 -9.35 -32.24
CA ASP B 174 -56.42 -10.67 -31.98
C ASP B 174 -55.96 -11.15 -30.61
N ILE B 175 -56.94 -11.68 -29.84
CA ILE B 175 -56.66 -12.13 -28.44
C ILE B 175 -56.80 -13.66 -28.39
N PRO B 176 -55.71 -14.48 -28.49
CA PRO B 176 -55.84 -15.94 -28.47
C PRO B 176 -56.24 -16.45 -27.09
N ASP B 177 -56.73 -17.70 -27.07
CA ASP B 177 -57.12 -18.35 -25.82
C ASP B 177 -57.19 -19.85 -26.06
N ILE B 178 -56.39 -20.61 -25.33
CA ILE B 178 -56.38 -22.10 -25.48
C ILE B 178 -57.66 -22.71 -24.91
N THR B 179 -58.23 -22.10 -23.86
CA THR B 179 -59.42 -22.67 -23.18
C THR B 179 -60.68 -22.55 -24.05
N LEU B 180 -60.64 -21.77 -25.14
CA LEU B 180 -61.83 -21.71 -25.98
C LEU B 180 -62.02 -22.97 -26.80
N LEU B 181 -61.14 -23.96 -26.60
CA LEU B 181 -61.15 -25.23 -27.30
C LEU B 181 -61.41 -26.38 -26.35
N SER B 182 -62.20 -27.35 -26.79
CA SER B 182 -62.38 -28.61 -26.09
C SER B 182 -62.27 -29.75 -27.10
N GLN B 183 -61.55 -30.80 -26.73
CA GLN B 183 -61.29 -31.91 -27.63
C GLN B 183 -62.49 -32.84 -27.64
N GLN B 184 -63.07 -33.04 -28.83
CA GLN B 184 -64.15 -33.99 -29.03
C GLN B 184 -63.82 -34.87 -30.23
N SER B 185 -64.35 -36.09 -30.21
CA SER B 185 -64.10 -37.05 -31.29
C SER B 185 -64.66 -36.54 -32.61
N GLY B 186 -63.77 -36.22 -33.55
CA GLY B 186 -64.19 -35.72 -34.85
C GLY B 186 -64.46 -34.24 -34.86
N ASN B 187 -65.60 -33.82 -34.33
CA ASN B 187 -65.97 -32.39 -34.30
C ASN B 187 -65.38 -31.76 -33.04
N VAL B 188 -64.19 -31.17 -33.19
CA VAL B 188 -63.56 -30.42 -32.10
C VAL B 188 -64.35 -29.15 -31.86
N LYS B 189 -64.77 -28.92 -30.63
CA LYS B 189 -65.57 -27.73 -30.34
C LYS B 189 -64.72 -26.54 -29.91
N ILE B 190 -65.09 -25.37 -30.46
CA ILE B 190 -64.45 -24.09 -30.05
C ILE B 190 -65.58 -23.29 -29.38
N THR B 191 -65.70 -23.41 -28.05
CA THR B 191 -66.73 -22.67 -27.28
C THR B 191 -66.70 -21.20 -27.72
N ALA B 192 -67.81 -20.69 -28.24
CA ALA B 192 -67.83 -19.32 -28.74
C ALA B 192 -68.11 -18.37 -27.58
N GLY B 193 -67.08 -18.06 -26.80
CA GLY B 193 -67.20 -17.10 -25.72
C GLY B 193 -66.83 -15.70 -26.16
N GLY B 194 -67.82 -14.89 -26.51
CA GLY B 194 -67.57 -13.56 -27.00
C GLY B 194 -68.38 -13.26 -28.24
N LYS B 195 -67.94 -12.23 -28.96
CA LYS B 195 -68.64 -11.81 -30.18
C LYS B 195 -68.14 -12.55 -31.41
N THR B 196 -66.85 -12.43 -31.70
CA THR B 196 -66.27 -13.01 -32.90
C THR B 196 -64.99 -13.76 -32.54
N ILE B 197 -64.86 -14.99 -33.04
CA ILE B 197 -63.73 -15.85 -32.76
C ILE B 197 -63.15 -16.34 -34.09
N ARG B 198 -61.83 -16.21 -34.24
CA ARG B 198 -61.13 -16.61 -35.45
C ARG B 198 -60.30 -17.87 -35.17
N TYR B 199 -60.28 -18.81 -36.12
CA TYR B 199 -59.51 -20.02 -35.97
C TYR B 199 -58.79 -20.32 -37.27
N ASN B 200 -57.75 -21.16 -37.18
CA ASN B 200 -57.08 -21.69 -38.36
C ASN B 200 -56.48 -23.02 -37.97
N CYS B 201 -56.94 -24.09 -38.64
CA CYS B 201 -56.58 -25.46 -38.28
C CYS B 201 -55.81 -26.09 -39.43
N THR B 202 -54.67 -26.70 -39.10
CA THR B 202 -53.87 -27.38 -40.13
C THR B 202 -54.60 -28.60 -40.67
N CYS B 203 -55.08 -29.47 -39.78
CA CYS B 203 -55.81 -30.66 -40.21
C CYS B 203 -57.23 -30.33 -40.65
N GLY B 204 -57.88 -29.39 -39.97
CA GLY B 204 -59.23 -28.99 -40.30
C GLY B 204 -59.27 -27.97 -41.42
N SER B 205 -60.49 -27.50 -41.70
CA SER B 205 -60.68 -26.51 -42.76
C SER B 205 -60.01 -25.19 -42.40
N GLY B 206 -60.20 -24.72 -41.16
CA GLY B 206 -59.61 -23.47 -40.75
C GLY B 206 -60.22 -22.29 -41.47
N ASN B 207 -59.40 -21.62 -42.29
CA ASN B 207 -59.83 -20.45 -43.09
C ASN B 207 -60.27 -19.36 -42.11
N VAL B 208 -61.42 -18.72 -42.31
CA VAL B 208 -61.86 -17.63 -41.46
C VAL B 208 -62.64 -18.19 -40.27
N GLY B 209 -62.69 -17.43 -39.18
CA GLY B 209 -63.34 -17.88 -37.98
C GLY B 209 -64.80 -17.55 -37.84
N THR B 210 -65.28 -16.56 -38.61
CA THR B 210 -66.64 -16.06 -38.51
C THR B 210 -67.05 -15.85 -37.05
N THR B 211 -68.28 -16.21 -36.70
CA THR B 211 -68.77 -16.07 -35.34
C THR B 211 -69.53 -17.34 -34.96
N SER B 212 -70.15 -17.32 -33.79
CA SER B 212 -70.98 -18.42 -33.27
C SER B 212 -70.18 -19.69 -33.05
N SER B 213 -70.81 -20.70 -32.46
CA SER B 213 -70.15 -21.97 -32.19
C SER B 213 -70.21 -22.87 -33.42
N ASP B 214 -69.09 -23.56 -33.69
CA ASP B 214 -68.98 -24.44 -34.83
C ASP B 214 -68.35 -25.75 -34.41
N LYS B 215 -68.66 -26.81 -35.16
CA LYS B 215 -68.19 -28.17 -34.87
C LYS B 215 -67.26 -28.58 -36.01
N THR B 216 -65.97 -28.29 -35.87
CA THR B 216 -65.02 -28.53 -36.94
C THR B 216 -64.56 -29.98 -36.93
N ILE B 217 -64.74 -30.66 -38.06
CA ILE B 217 -64.31 -32.04 -38.24
C ILE B 217 -62.79 -32.05 -38.44
N ASN B 218 -62.10 -32.72 -37.51
CA ASN B 218 -60.64 -32.89 -37.58
C ASN B 218 -60.20 -33.82 -36.47
N SER B 219 -59.13 -34.57 -36.73
CA SER B 219 -58.51 -35.41 -35.71
C SER B 219 -57.33 -34.74 -35.03
N CYS B 220 -57.04 -33.49 -35.38
CA CYS B 220 -55.93 -32.78 -34.76
C CYS B 220 -56.18 -32.47 -33.28
N LYS B 221 -57.43 -32.51 -32.85
CA LYS B 221 -57.81 -32.34 -31.45
C LYS B 221 -57.38 -30.93 -31.01
N ILE B 222 -56.88 -30.76 -29.79
CA ILE B 222 -56.39 -29.46 -29.37
C ILE B 222 -55.17 -29.05 -30.17
N ALA B 223 -54.28 -30.00 -30.46
CA ALA B 223 -53.08 -29.69 -31.23
C ALA B 223 -53.44 -29.27 -32.64
N GLN B 224 -52.56 -28.48 -33.25
CA GLN B 224 -52.76 -27.94 -34.60
C GLN B 224 -54.01 -27.09 -34.70
N CYS B 225 -54.48 -26.56 -33.56
CA CYS B 225 -55.70 -25.77 -33.51
C CYS B 225 -55.63 -24.79 -32.35
N HIS B 226 -56.08 -23.57 -32.60
CA HIS B 226 -56.23 -22.55 -31.57
C HIS B 226 -57.02 -21.38 -32.15
N ALA B 227 -57.64 -20.60 -31.26
CA ALA B 227 -58.58 -19.57 -31.66
C ALA B 227 -58.26 -18.25 -30.98
N ALA B 228 -58.70 -17.15 -31.61
CA ALA B 228 -58.45 -15.81 -31.09
C ALA B 228 -59.70 -14.95 -31.27
N VAL B 229 -59.98 -14.10 -30.28
CA VAL B 229 -61.12 -13.20 -30.36
C VAL B 229 -60.74 -11.98 -31.18
N THR B 230 -61.62 -11.57 -32.09
CA THR B 230 -61.39 -10.41 -32.94
C THR B 230 -62.67 -9.61 -33.07
N ASN B 231 -62.57 -8.48 -33.78
CA ASN B 231 -63.65 -7.50 -33.91
C ASN B 231 -64.13 -7.03 -32.53
N HIS B 232 -63.23 -6.38 -31.81
CA HIS B 232 -63.62 -5.67 -30.60
C HIS B 232 -64.21 -4.31 -30.97
N ASP B 233 -65.44 -4.08 -30.51
CA ASP B 233 -66.16 -2.86 -30.92
C ASP B 233 -65.53 -1.61 -30.33
N LYS B 234 -64.91 -1.71 -29.16
CA LYS B 234 -64.24 -0.58 -28.53
C LYS B 234 -62.80 -0.50 -29.04
N TRP B 235 -62.00 0.35 -28.40
CA TRP B 235 -60.66 0.67 -28.86
C TRP B 235 -59.64 0.51 -27.73
N GLN B 236 -58.39 0.30 -28.14
CA GLN B 236 -57.26 0.12 -27.24
C GLN B 236 -56.30 1.29 -27.38
N TYR B 237 -55.53 1.55 -26.32
CA TYR B 237 -54.40 2.44 -26.44
C TYR B 237 -53.23 1.69 -27.05
N THR B 238 -52.50 2.35 -27.96
CA THR B 238 -51.37 1.72 -28.64
C THR B 238 -50.20 1.63 -27.68
N SER B 239 -50.34 0.77 -26.68
CA SER B 239 -49.28 0.56 -25.71
C SER B 239 -48.13 -0.22 -26.32
N SER B 240 -46.93 0.01 -25.79
CA SER B 240 -45.75 -0.69 -26.28
C SER B 240 -45.74 -2.17 -25.92
N PHE B 241 -46.60 -2.59 -24.99
CA PHE B 241 -46.65 -3.97 -24.54
C PHE B 241 -47.80 -4.76 -25.17
N VAL B 242 -48.44 -4.21 -26.19
CA VAL B 242 -49.53 -4.88 -26.88
C VAL B 242 -49.24 -4.88 -28.37
N PRO B 243 -49.38 -6.00 -29.08
CA PRO B 243 -49.09 -6.01 -30.52
C PRO B 243 -50.05 -5.12 -31.30
N ARG B 244 -49.54 -4.57 -32.40
CA ARG B 244 -50.36 -3.75 -33.28
C ARG B 244 -51.27 -4.64 -34.11
N ALA B 245 -52.52 -4.20 -34.28
CA ALA B 245 -53.46 -4.96 -35.09
C ALA B 245 -53.10 -4.90 -36.58
N ASP B 246 -52.67 -3.73 -37.05
CA ASP B 246 -52.46 -3.49 -38.46
C ASP B 246 -51.66 -2.21 -38.68
N GLN B 247 -51.05 -2.13 -39.86
CA GLN B 247 -50.32 -0.93 -40.28
C GLN B 247 -51.22 0.11 -40.94
N LEU B 248 -52.29 0.49 -40.25
CA LEU B 248 -53.17 1.54 -40.72
C LEU B 248 -53.06 2.72 -39.77
N SER B 249 -53.62 3.85 -40.20
CA SER B 249 -53.67 5.01 -39.32
C SER B 249 -54.56 4.70 -38.11
N ARG B 250 -54.21 5.33 -36.99
CA ARG B 250 -54.98 5.19 -35.75
C ARG B 250 -56.47 5.45 -35.97
N LYS B 251 -57.28 4.97 -35.02
CA LYS B 251 -58.73 5.11 -35.15
C LYS B 251 -59.32 6.17 -34.22
N GLY B 252 -59.20 5.98 -32.90
CA GLY B 252 -59.77 6.89 -31.93
C GLY B 252 -58.75 7.94 -31.52
N LYS B 253 -59.14 8.85 -30.63
CA LYS B 253 -58.24 9.96 -30.23
C LYS B 253 -58.62 10.44 -28.83
N VAL B 254 -57.71 10.35 -27.87
CA VAL B 254 -58.04 10.71 -26.50
C VAL B 254 -57.02 11.71 -25.97
N HIS B 255 -57.50 12.80 -25.35
CA HIS B 255 -56.63 13.85 -24.85
C HIS B 255 -56.00 13.47 -23.51
N VAL B 256 -54.95 14.19 -23.15
CA VAL B 256 -54.27 14.04 -21.87
C VAL B 256 -54.73 15.17 -20.95
N PRO B 257 -55.44 14.89 -19.87
CA PRO B 257 -55.91 15.96 -18.98
C PRO B 257 -54.78 16.53 -18.13
N PHE B 258 -55.15 17.43 -17.22
CA PHE B 258 -54.25 18.10 -16.30
C PHE B 258 -53.13 18.80 -17.06
N PRO B 259 -53.42 19.86 -17.81
CA PRO B 259 -52.37 20.57 -18.53
C PRO B 259 -51.47 21.35 -17.59
N LEU B 260 -50.24 21.58 -18.04
CA LEU B 260 -49.31 22.40 -17.29
C LEU B 260 -49.72 23.86 -17.35
N THR B 261 -49.86 24.49 -16.19
CA THR B 261 -50.29 25.87 -16.10
C THR B 261 -49.37 26.64 -15.16
N ASN B 262 -49.30 27.96 -15.39
CA ASN B 262 -48.46 28.83 -14.55
C ASN B 262 -49.10 28.93 -13.16
N SER B 263 -48.26 28.93 -12.12
CA SER B 263 -48.74 29.00 -10.75
C SER B 263 -47.61 29.49 -9.83
N THR B 264 -47.90 29.55 -8.53
CA THR B 264 -46.89 29.98 -7.52
C THR B 264 -47.03 29.07 -6.30
N CYS B 265 -45.93 28.82 -5.57
CA CYS B 265 -45.99 27.98 -4.34
C CYS B 265 -45.39 28.74 -3.16
N ARG B 266 -46.03 28.64 -1.98
CA ARG B 266 -45.45 29.28 -0.77
C ARG B 266 -44.10 28.60 -0.46
N VAL B 267 -43.08 29.39 -0.15
CA VAL B 267 -41.76 28.82 0.23
C VAL B 267 -41.38 29.33 1.63
N PRO B 268 -40.63 28.59 2.49
CA PRO B 268 -40.20 29.12 3.79
C PRO B 268 -39.14 30.21 3.62
N VAL B 269 -39.07 31.08 4.62
CA VAL B 269 -38.09 32.15 4.68
C VAL B 269 -37.17 31.89 5.85
N ALA B 270 -35.88 31.85 5.58
CA ALA B 270 -34.90 31.55 6.62
C ALA B 270 -34.77 32.72 7.59
N ARG B 271 -34.35 32.40 8.81
CA ARG B 271 -34.12 33.42 9.82
C ARG B 271 -32.94 34.31 9.43
N ALA B 272 -33.02 35.56 9.85
CA ALA B 272 -31.95 36.51 9.56
C ALA B 272 -30.69 36.09 10.31
N PRO B 273 -29.56 35.92 9.62
CA PRO B 273 -28.34 35.50 10.31
C PRO B 273 -27.84 36.56 11.26
N GLY B 274 -27.17 36.11 12.31
CA GLY B 274 -26.55 37.00 13.27
C GLY B 274 -25.18 37.46 12.82
N VAL B 275 -25.07 38.78 12.61
CA VAL B 275 -23.82 39.35 12.02
C VAL B 275 -23.02 40.15 13.05
N THR B 276 -21.77 39.76 13.27
CA THR B 276 -20.83 40.56 14.12
C THR B 276 -19.87 41.23 13.14
N TYR B 277 -19.69 42.54 13.26
CA TYR B 277 -18.88 43.30 12.32
C TYR B 277 -17.44 43.36 12.79
N GLY B 278 -16.55 42.74 12.02
CA GLY B 278 -15.12 42.89 12.22
C GLY B 278 -14.55 43.88 11.21
N LYS B 279 -13.29 44.20 11.42
CA LYS B 279 -12.66 45.26 10.64
C LYS B 279 -12.52 44.76 9.21
N ARG B 280 -13.53 45.07 8.40
CA ARG B 280 -13.57 44.61 7.00
C ARG B 280 -13.57 43.09 6.97
N GLU B 281 -14.29 42.53 7.95
CA GLU B 281 -14.54 41.11 8.11
C GLU B 281 -16.06 41.01 8.24
N LEU B 282 -16.64 39.87 7.85
CA LEU B 282 -18.06 39.66 8.07
C LEU B 282 -18.31 38.23 8.51
N THR B 283 -18.78 38.07 9.74
CA THR B 283 -19.02 36.79 10.38
C THR B 283 -20.50 36.62 10.67
N VAL B 284 -21.04 35.46 10.25
CA VAL B 284 -22.52 35.25 10.34
C VAL B 284 -22.85 33.93 11.04
N LYS B 285 -23.89 33.94 11.88
CA LYS B 285 -24.41 32.72 12.47
C LYS B 285 -25.50 32.20 11.55
N LEU B 286 -25.38 30.95 11.14
CA LEU B 286 -26.35 30.35 10.23
C LEU B 286 -27.09 29.24 10.97
N HIS B 287 -28.41 29.37 11.02
CA HIS B 287 -29.31 28.44 11.72
C HIS B 287 -30.39 27.99 10.75
N PRO B 288 -30.10 26.98 9.93
CA PRO B 288 -31.09 26.47 9.00
C PRO B 288 -31.91 25.32 9.58
N ASP B 289 -33.21 25.34 9.30
CA ASP B 289 -34.08 24.21 9.59
C ASP B 289 -33.89 23.09 8.55
N HIS B 290 -33.32 23.42 7.41
CA HIS B 290 -33.17 22.49 6.30
C HIS B 290 -32.03 22.99 5.42
N PRO B 291 -31.52 22.15 4.48
CA PRO B 291 -30.46 22.62 3.58
C PRO B 291 -30.78 23.96 2.93
N THR B 292 -29.99 24.98 3.27
CA THR B 292 -30.22 26.35 2.84
C THR B 292 -29.01 26.84 2.06
N LEU B 293 -29.28 27.57 0.97
CA LEU B 293 -28.22 28.05 0.10
C LEU B 293 -27.75 29.43 0.56
N LEU B 294 -26.45 29.56 0.79
CA LEU B 294 -25.82 30.83 1.13
C LEU B 294 -25.01 31.30 -0.07
N THR B 295 -25.23 32.53 -0.49
CA THR B 295 -24.56 33.07 -1.67
C THR B 295 -24.14 34.52 -1.44
N TYR B 296 -22.91 34.83 -1.82
CA TYR B 296 -22.43 36.19 -1.84
C TYR B 296 -21.41 36.38 -2.96
N ARG B 297 -21.24 37.64 -3.35
CA ARG B 297 -20.32 38.04 -4.40
C ARG B 297 -19.86 39.46 -4.12
N SER B 298 -18.69 39.81 -4.67
CA SER B 298 -18.17 41.16 -4.51
C SER B 298 -18.83 42.11 -5.50
N LEU B 299 -19.00 43.36 -5.09
CA LEU B 299 -19.63 44.39 -5.90
C LEU B 299 -18.63 45.18 -6.75
N GLY B 300 -17.38 44.75 -6.77
CA GLY B 300 -16.33 45.45 -7.50
C GLY B 300 -16.07 44.87 -8.88
N ALA B 301 -14.89 45.22 -9.41
CA ALA B 301 -14.54 44.81 -10.77
C ALA B 301 -14.38 43.32 -10.88
N ASP B 302 -13.78 42.67 -9.89
CA ASP B 302 -13.49 41.24 -9.95
C ASP B 302 -14.26 40.55 -8.85
N PRO B 303 -15.44 39.99 -9.14
CA PRO B 303 -16.20 39.32 -8.08
C PRO B 303 -15.58 37.96 -7.74
N ARG B 304 -15.86 37.52 -6.52
CA ARG B 304 -15.44 36.19 -6.04
C ARG B 304 -16.68 35.50 -5.48
N PRO B 305 -17.50 34.92 -6.36
CA PRO B 305 -18.74 34.29 -5.91
C PRO B 305 -18.49 33.05 -5.07
N TYR B 306 -19.48 32.70 -4.25
CA TYR B 306 -19.40 31.61 -3.31
C TYR B 306 -20.58 30.67 -3.50
N GLU B 307 -20.42 29.43 -3.03
CA GLU B 307 -21.51 28.47 -2.95
C GLU B 307 -21.26 27.53 -1.79
N GLU B 308 -22.30 27.27 -1.01
CA GLU B 308 -22.32 26.20 -0.02
C GLU B 308 -23.74 26.00 0.44
N TRP B 309 -24.16 24.75 0.53
CA TRP B 309 -25.46 24.39 1.06
C TRP B 309 -25.29 24.12 2.56
N ILE B 310 -26.06 24.84 3.37
CA ILE B 310 -25.93 24.80 4.82
C ILE B 310 -27.03 23.92 5.38
N ASP B 311 -26.63 22.88 6.11
CA ASP B 311 -27.57 21.94 6.72
C ASP B 311 -27.58 21.98 8.24
N ARG B 312 -26.49 22.39 8.88
CA ARG B 312 -26.45 22.55 10.33
C ARG B 312 -26.09 23.98 10.66
N TYR B 313 -25.86 24.22 11.95
CA TYR B 313 -25.23 25.47 12.39
C TYR B 313 -23.77 25.51 11.96
N VAL B 314 -23.39 26.56 11.24
CA VAL B 314 -22.00 26.81 10.87
C VAL B 314 -21.68 28.28 11.10
N GLU B 315 -20.38 28.58 11.07
CA GLU B 315 -19.84 29.94 11.09
C GLU B 315 -19.08 30.17 9.78
N ARG B 316 -19.53 31.16 9.02
CA ARG B 316 -18.87 31.55 7.78
C ARG B 316 -18.28 32.95 7.93
N THR B 317 -17.17 33.18 7.25
CA THR B 317 -16.49 34.45 7.28
C THR B 317 -16.49 35.07 5.89
N ILE B 318 -16.92 36.32 5.81
CA ILE B 318 -17.09 37.02 4.54
C ILE B 318 -16.20 38.25 4.51
N PRO B 319 -15.25 38.34 3.58
CA PRO B 319 -14.45 39.56 3.45
C PRO B 319 -15.27 40.68 2.80
N VAL B 320 -15.25 41.85 3.42
CA VAL B 320 -15.95 43.03 2.91
C VAL B 320 -14.92 44.11 2.62
N THR B 321 -14.98 44.68 1.42
CA THR B 321 -14.03 45.68 0.96
C THR B 321 -14.74 46.99 0.69
N GLU B 322 -14.00 47.95 0.13
CA GLU B 322 -14.56 49.27 -0.15
C GLU B 322 -15.71 49.21 -1.14
N ASP B 323 -15.57 48.38 -2.18
CA ASP B 323 -16.64 48.22 -3.21
C ASP B 323 -17.84 47.54 -2.56
N GLY B 324 -17.62 46.72 -1.53
CA GLY B 324 -18.68 46.08 -0.78
C GLY B 324 -19.07 44.74 -1.37
N ILE B 325 -20.01 44.10 -0.69
CA ILE B 325 -20.55 42.81 -1.09
C ILE B 325 -22.06 42.92 -1.13
N GLU B 326 -22.70 41.85 -1.61
CA GLU B 326 -24.12 41.63 -1.39
C GLU B 326 -24.32 40.13 -1.18
N TYR B 327 -24.78 39.78 0.01
CA TYR B 327 -24.98 38.38 0.36
C TYR B 327 -26.47 38.12 0.48
N ARG B 328 -26.86 36.95 -0.04
CA ARG B 328 -28.26 36.48 0.04
C ARG B 328 -28.23 35.11 0.71
N TRP B 329 -29.19 34.84 1.59
CA TRP B 329 -29.26 33.60 2.38
C TRP B 329 -30.70 33.10 2.35
N GLY B 330 -30.91 31.91 1.79
CA GLY B 330 -32.26 31.39 1.67
C GLY B 330 -33.09 32.21 0.70
N ASN B 331 -34.38 32.32 1.01
CA ASN B 331 -35.32 33.10 0.22
C ASN B 331 -35.38 34.56 0.64
N ASN B 332 -34.54 34.97 1.60
CA ASN B 332 -34.53 36.34 2.04
C ASN B 332 -34.05 37.27 0.92
N PRO B 333 -34.51 38.52 0.90
CA PRO B 333 -34.03 39.47 -0.11
C PRO B 333 -32.55 39.75 0.08
N PRO B 334 -31.84 40.11 -0.99
CA PRO B 334 -30.39 40.36 -0.87
C PRO B 334 -30.09 41.53 0.06
N VAL B 335 -28.95 41.43 0.74
CA VAL B 335 -28.49 42.46 1.66
C VAL B 335 -27.11 42.94 1.19
N ARG B 336 -26.98 44.24 1.03
CA ARG B 336 -25.74 44.86 0.56
C ARG B 336 -25.05 45.58 1.71
N LEU B 337 -23.76 45.32 1.88
CA LEU B 337 -22.95 45.93 2.93
C LEU B 337 -21.67 46.49 2.33
N TRP B 338 -21.22 47.62 2.86
CA TRP B 338 -19.99 48.26 2.45
C TRP B 338 -19.08 48.47 3.66
N ALA B 339 -17.78 48.47 3.41
CA ALA B 339 -16.78 48.62 4.46
C ALA B 339 -16.30 50.06 4.50
N GLN B 340 -16.23 50.60 5.73
CA GLN B 340 -15.79 52.00 5.91
C GLN B 340 -14.27 52.04 6.12
N LEU B 341 -13.73 53.25 6.21
CA LEU B 341 -12.29 53.45 6.38
C LEU B 341 -11.94 53.48 7.87
N THR B 342 -11.89 52.28 8.46
CA THR B 342 -11.57 52.12 9.87
C THR B 342 -10.16 51.60 10.05
N THR B 343 -9.56 51.89 11.21
CA THR B 343 -8.16 51.46 11.52
C THR B 343 -7.84 51.83 12.97
N GLU B 344 -6.73 51.30 13.51
CA GLU B 344 -6.36 51.57 14.93
C GLU B 344 -5.40 52.76 15.01
N GLY B 345 -5.02 53.35 13.87
CA GLY B 345 -4.04 54.45 13.87
C GLY B 345 -4.63 55.79 14.28
N LYS B 346 -3.76 56.71 14.73
CA LYS B 346 -4.19 58.06 15.14
C LYS B 346 -3.99 59.00 13.94
N PRO B 347 -4.96 59.84 13.51
CA PRO B 347 -4.79 60.61 12.27
C PRO B 347 -3.82 61.80 12.39
N HIS B 348 -3.95 62.63 13.42
CA HIS B 348 -3.15 63.84 13.56
C HIS B 348 -2.40 63.84 14.88
N GLY B 349 -1.74 62.73 15.19
CA GLY B 349 -0.89 62.67 16.35
C GLY B 349 0.59 62.74 15.99
N TRP B 350 1.38 61.89 16.64
CA TRP B 350 2.80 61.77 16.36
C TRP B 350 3.00 61.13 14.99
N PRO B 351 4.20 61.25 14.40
CA PRO B 351 4.42 60.66 13.07
C PRO B 351 4.18 59.16 13.00
N HIS B 352 4.55 58.39 14.02
CA HIS B 352 4.44 56.94 13.93
C HIS B 352 2.97 56.50 14.01
N GLU B 353 2.17 57.26 14.76
CA GLU B 353 0.71 56.96 14.82
C GLU B 353 0.11 57.22 13.45
N ILE B 354 0.64 58.22 12.72
CA ILE B 354 0.19 58.49 11.36
C ILE B 354 0.62 57.37 10.43
N ILE B 355 1.83 56.84 10.64
CA ILE B 355 2.27 55.66 9.90
C ILE B 355 1.27 54.52 10.08
N LEU B 356 0.88 54.28 11.34
CA LEU B 356 -0.09 53.18 11.64
C LEU B 356 -1.44 53.47 11.00
N TYR B 357 -1.87 54.74 11.01
CA TYR B 357 -3.17 55.09 10.44
C TYR B 357 -3.21 54.78 8.95
N TYR B 358 -2.19 55.23 8.21
CA TYR B 358 -2.12 54.96 6.79
C TYR B 358 -1.64 53.55 6.47
N TYR B 359 -1.29 52.75 7.48
CA TYR B 359 -1.00 51.35 7.25
C TYR B 359 -2.22 50.47 7.46
N GLY B 360 -3.07 50.80 8.45
CA GLY B 360 -4.27 50.02 8.68
C GLY B 360 -5.20 50.04 7.48
N LEU B 361 -5.22 51.14 6.75
CA LEU B 361 -5.88 51.23 5.45
C LEU B 361 -4.81 51.46 4.39
N TYR B 362 -4.86 50.63 3.33
CA TYR B 362 -3.88 50.55 2.25
C TYR B 362 -2.51 50.11 2.75
N PRO B 363 -2.35 48.87 3.24
CA PRO B 363 -1.05 48.46 3.80
C PRO B 363 0.14 48.53 2.85
N ALA B 364 0.07 47.82 1.74
CA ALA B 364 1.25 47.63 0.89
C ALA B 364 1.73 48.95 0.32
N ALA B 365 0.80 49.83 -0.07
CA ALA B 365 1.17 51.11 -0.64
C ALA B 365 1.96 51.95 0.36
N THR B 366 1.51 52.00 1.62
CA THR B 366 2.24 52.80 2.60
C THR B 366 3.55 52.13 3.00
N ILE B 367 3.62 50.79 2.96
CA ILE B 367 4.89 50.12 3.17
C ILE B 367 5.90 50.55 2.11
N ALA B 368 5.47 50.54 0.84
CA ALA B 368 6.34 50.97 -0.24
C ALA B 368 6.72 52.44 -0.09
N ALA B 369 5.76 53.29 0.30
CA ALA B 369 6.05 54.70 0.44
C ALA B 369 7.05 54.97 1.56
N VAL B 370 6.89 54.31 2.70
CA VAL B 370 7.81 54.49 3.82
C VAL B 370 9.19 53.95 3.46
N SER B 371 9.25 52.80 2.78
CA SER B 371 10.54 52.26 2.38
C SER B 371 11.25 53.20 1.42
N ALA B 372 10.52 53.75 0.44
CA ALA B 372 11.12 54.68 -0.51
C ALA B 372 11.56 55.96 0.18
N ALA B 373 10.77 56.45 1.14
CA ALA B 373 11.16 57.66 1.87
C ALA B 373 12.41 57.42 2.69
N GLY B 374 12.50 56.27 3.36
CA GLY B 374 13.70 55.95 4.11
C GLY B 374 14.91 55.82 3.22
N LEU B 375 14.75 55.19 2.05
CA LEU B 375 15.84 55.08 1.10
C LEU B 375 16.28 56.47 0.61
N ALA B 376 15.32 57.35 0.33
CA ALA B 376 15.65 58.70 -0.12
C ALA B 376 16.39 59.48 0.97
N VAL B 377 15.95 59.34 2.23
CA VAL B 377 16.61 60.02 3.33
C VAL B 377 18.04 59.50 3.49
N VAL B 378 18.22 58.18 3.42
CA VAL B 378 19.56 57.61 3.54
C VAL B 378 20.45 58.08 2.40
N LEU B 379 19.92 58.10 1.18
CA LEU B 379 20.71 58.58 0.04
C LEU B 379 21.09 60.04 0.21
N SER B 380 20.15 60.85 0.69
CA SER B 380 20.42 62.29 0.91
C SER B 380 21.53 62.46 1.96
N LEU B 381 21.44 61.73 3.07
CA LEU B 381 22.44 61.83 4.12
C LEU B 381 23.81 61.37 3.63
N LEU B 382 23.85 60.25 2.89
CA LEU B 382 25.12 59.74 2.38
C LEU B 382 25.74 60.72 1.37
N ALA B 383 24.93 61.26 0.47
CA ALA B 383 25.45 62.21 -0.51
C ALA B 383 25.98 63.47 0.17
N SER B 384 25.25 64.00 1.15
CA SER B 384 25.71 65.18 1.86
C SER B 384 27.01 64.91 2.59
N CYS B 385 27.08 63.79 3.33
CA CYS B 385 28.29 63.47 4.07
C CYS B 385 29.48 63.25 3.15
N TYR B 386 29.27 62.53 2.05
CA TYR B 386 30.38 62.25 1.14
C TYR B 386 30.91 63.51 0.47
N MET B 387 29.99 64.38 -0.02
CA MET B 387 30.46 65.57 -0.71
C MET B 387 31.08 66.56 0.28
N PHE B 388 30.59 66.59 1.52
CA PHE B 388 31.24 67.34 2.58
C PHE B 388 32.65 66.85 2.84
N ALA B 389 32.83 65.52 2.91
CA ALA B 389 34.16 64.97 3.13
C ALA B 389 35.07 65.25 1.95
N THR B 390 34.51 65.29 0.74
CA THR B 390 35.27 65.72 -0.42
C THR B 390 35.76 67.15 -0.24
N ALA B 391 34.89 68.04 0.24
CA ALA B 391 35.31 69.41 0.51
C ALA B 391 36.42 69.46 1.55
N ARG B 392 36.29 68.67 2.62
CA ARG B 392 37.32 68.67 3.65
C ARG B 392 38.66 68.18 3.11
N ARG B 393 38.66 67.06 2.37
CA ARG B 393 39.88 66.56 1.78
C ARG B 393 40.50 67.60 0.87
N LYS B 394 39.68 68.13 -0.04
CA LYS B 394 40.19 69.11 -1.05
C LYS B 394 40.84 70.28 -0.30
N CYS B 395 40.34 70.61 0.89
CA CYS B 395 40.87 71.77 1.67
C CYS B 395 42.10 71.39 2.49
N LEU B 396 42.27 70.11 2.85
CA LEU B 396 43.37 69.74 3.74
C LEU B 396 44.51 68.97 3.10
N THR B 397 44.47 68.75 1.80
CA THR B 397 45.49 67.86 1.19
C THR B 397 46.81 68.56 1.03
N PRO B 398 46.96 69.76 0.40
CA PRO B 398 48.30 70.35 0.18
C PRO B 398 49.16 70.51 1.44
N TYR B 399 48.55 70.83 2.58
CA TYR B 399 49.33 71.08 3.82
C TYR B 399 50.09 69.82 4.23
N ALA B 400 49.41 68.66 4.17
CA ALA B 400 50.06 67.37 4.52
C ALA B 400 51.19 67.05 3.53
N LEU B 401 51.00 67.37 2.24
CA LEU B 401 52.01 67.04 1.21
C LEU B 401 53.34 67.74 1.51
N THR B 402 53.30 68.99 2.01
CA THR B 402 54.54 69.75 2.27
C THR B 402 55.41 68.95 3.24
N PRO B 403 56.75 68.82 3.00
CA PRO B 403 57.59 67.99 3.86
C PRO B 403 57.57 68.55 5.29
N GLY B 404 57.67 69.87 5.45
CA GLY B 404 57.52 70.48 6.78
C GLY B 404 56.48 71.59 6.74
N ALA B 405 55.39 71.42 7.47
CA ALA B 405 54.32 72.46 7.51
C ALA B 405 53.49 72.31 8.78
N VAL B 406 52.81 73.38 9.19
CA VAL B 406 51.90 73.28 10.37
C VAL B 406 50.49 73.66 9.86
N VAL B 407 49.49 72.80 10.12
CA VAL B 407 48.09 73.12 9.71
C VAL B 407 47.65 74.35 10.51
N PRO B 408 47.37 75.54 9.91
CA PRO B 408 47.01 76.72 10.73
C PRO B 408 45.82 76.40 11.62
N VAL B 409 45.84 76.96 12.83
CA VAL B 409 44.88 76.58 13.86
C VAL B 409 43.45 76.90 13.41
N THR B 410 43.28 77.97 12.63
CA THR B 410 41.95 78.32 12.15
C THR B 410 41.38 77.23 11.26
N LEU B 411 42.13 76.82 10.24
CA LEU B 411 41.67 75.71 9.41
C LEU B 411 41.78 74.38 10.13
N GLY B 412 42.66 74.29 11.12
CA GLY B 412 42.76 73.08 11.91
C GLY B 412 41.48 72.79 12.68
N VAL B 413 40.85 73.82 13.23
CA VAL B 413 39.59 73.62 13.95
C VAL B 413 38.41 73.69 12.98
N LEU B 414 38.55 74.45 11.89
CA LEU B 414 37.43 74.61 10.97
C LEU B 414 37.08 73.31 10.27
N CYS B 415 38.08 72.44 10.09
CA CYS B 415 37.91 71.21 9.34
C CYS B 415 38.45 69.98 10.06
N CYS B 416 38.70 70.08 11.36
CA CYS B 416 39.10 68.93 12.17
C CYS B 416 40.36 68.26 11.62
N ALA B 417 41.46 69.01 11.64
CA ALA B 417 42.72 68.50 11.13
C ALA B 417 43.12 67.24 11.90
N PRO B 418 43.75 66.26 11.21
CA PRO B 418 44.04 64.98 11.88
C PRO B 418 44.93 65.11 13.10
N ARG B 419 45.87 66.07 13.09
CA ARG B 419 46.76 66.24 14.23
C ARG B 419 46.37 67.48 15.04
N ARG C 111 79.98 68.56 -5.76
CA ARG C 111 79.75 67.13 -5.89
C ARG C 111 79.11 66.54 -4.65
N MET C 112 78.85 67.39 -3.65
CA MET C 112 78.14 66.94 -2.45
C MET C 112 76.68 66.60 -2.75
N CYS C 113 76.05 67.35 -3.67
CA CYS C 113 74.66 67.08 -4.01
C CYS C 113 74.47 65.66 -4.51
N MET C 114 75.48 65.09 -5.18
CA MET C 114 75.34 63.73 -5.69
C MET C 114 75.24 62.69 -4.58
N LYS C 115 76.12 62.80 -3.57
CA LYS C 115 76.12 61.86 -2.42
C LYS C 115 74.82 62.07 -1.62
N ILE C 116 74.36 63.31 -1.53
CA ILE C 116 73.09 63.60 -0.86
C ILE C 116 71.95 62.92 -1.61
N GLU C 117 72.03 62.92 -2.94
CA GLU C 117 71.06 62.20 -3.76
C GLU C 117 71.14 60.70 -3.53
N ASN C 118 72.35 60.19 -3.26
CA ASN C 118 72.51 58.72 -3.16
C ASN C 118 71.55 58.18 -2.10
N ASP C 119 71.66 58.67 -0.87
CA ASP C 119 70.81 58.16 0.22
C ASP C 119 69.33 58.49 0.01
N CYS C 120 69.03 59.73 -0.43
CA CYS C 120 67.62 60.18 -0.59
C CYS C 120 66.91 59.37 -1.67
N ILE C 121 67.56 59.15 -2.82
CA ILE C 121 66.82 58.51 -3.94
C ILE C 121 66.73 57.01 -3.76
N PHE C 122 65.52 56.45 -3.77
CA PHE C 122 65.31 54.99 -3.79
C PHE C 122 64.58 54.82 -5.11
N GLU C 123 65.02 53.97 -6.02
CA GLU C 123 64.45 53.86 -7.38
C GLU C 123 63.09 53.18 -7.47
N VAL C 124 62.33 53.50 -8.52
CA VAL C 124 61.03 52.79 -8.74
C VAL C 124 61.27 51.92 -9.95
N LYS C 125 61.04 50.62 -9.83
CA LYS C 125 61.32 49.68 -10.94
C LYS C 125 60.02 49.00 -11.32
N LEU C 126 59.62 49.10 -12.58
CA LEU C 126 58.43 48.30 -12.98
C LEU C 126 58.89 47.34 -14.05
N ASP C 127 58.61 46.05 -13.87
CA ASP C 127 59.09 45.06 -14.86
C ASP C 127 60.57 45.26 -15.07
N GLY C 128 61.32 45.48 -14.00
CA GLY C 128 62.78 45.52 -14.12
C GLY C 128 63.29 46.75 -14.83
N LYS C 129 62.43 47.71 -15.16
CA LYS C 129 62.97 48.96 -15.75
C LYS C 129 62.78 50.09 -14.72
N VAL C 130 63.86 50.77 -14.32
CA VAL C 130 63.65 51.89 -13.39
C VAL C 130 62.71 52.81 -14.14
N THR C 131 61.59 53.13 -13.52
CA THR C 131 60.59 53.98 -14.20
C THR C 131 60.82 55.41 -13.72
N GLY C 132 60.94 55.60 -12.41
CA GLY C 132 61.13 56.93 -11.82
C GLY C 132 61.87 56.74 -10.51
N TYR C 133 61.90 57.76 -9.67
CA TYR C 133 62.58 57.68 -8.36
C TYR C 133 61.71 58.25 -7.25
N ALA C 134 62.10 58.00 -6.00
CA ALA C 134 61.37 58.54 -4.82
C ALA C 134 62.38 59.26 -3.95
N CYS C 135 61.97 60.25 -3.16
CA CYS C 135 63.00 60.85 -2.30
C CYS C 135 62.55 60.96 -0.86
N LEU C 136 63.48 60.69 0.08
CA LEU C 136 63.15 60.88 1.50
C LEU C 136 63.36 62.37 1.82
N VAL C 137 62.30 63.18 1.70
CA VAL C 137 62.41 64.65 1.94
C VAL C 137 61.60 64.98 3.20
N GLY C 138 62.22 65.67 4.17
CA GLY C 138 61.52 65.96 5.44
C GLY C 138 61.29 64.69 6.23
N ASP C 139 60.14 64.04 6.02
CA ASP C 139 59.83 62.75 6.70
C ASP C 139 58.82 62.02 5.82
N LYS C 140 58.83 62.31 4.51
CA LYS C 140 57.90 61.65 3.55
C LYS C 140 58.71 61.13 2.35
N VAL C 141 58.06 60.38 1.45
CA VAL C 141 58.76 59.92 0.21
C VAL C 141 58.14 60.65 -0.99
N MET C 142 58.93 61.46 -1.70
CA MET C 142 58.38 62.27 -2.82
C MET C 142 58.33 61.39 -4.08
N LYS C 143 57.24 60.63 -4.21
CA LYS C 143 57.06 59.74 -5.38
C LYS C 143 56.03 60.40 -6.31
N PRO C 144 56.30 60.66 -7.61
CA PRO C 144 55.27 61.24 -8.48
C PRO C 144 54.16 60.25 -8.79
N ALA C 145 52.94 60.77 -8.91
CA ALA C 145 51.79 59.91 -9.06
C ALA C 145 51.80 59.16 -10.40
N HIS C 146 52.33 59.79 -11.45
CA HIS C 146 52.29 59.17 -12.77
C HIS C 146 53.15 57.92 -12.85
N VAL C 147 54.15 57.81 -11.95
CA VAL C 147 55.09 56.66 -11.98
C VAL C 147 54.37 55.40 -11.51
N LYS C 148 54.31 54.38 -12.38
CA LYS C 148 53.69 53.11 -12.01
C LYS C 148 54.80 52.14 -11.67
N GLY C 149 54.74 51.52 -10.50
CA GLY C 149 55.78 50.56 -10.15
C GLY C 149 55.94 50.40 -8.66
N VAL C 150 57.05 49.74 -8.30
CA VAL C 150 57.33 49.22 -6.97
C VAL C 150 58.65 49.80 -6.46
N ILE C 151 58.60 50.39 -5.26
CA ILE C 151 59.86 50.90 -4.63
C ILE C 151 60.69 49.67 -4.28
N ASP C 152 62.01 49.76 -4.41
CA ASP C 152 62.88 48.59 -4.26
C ASP C 152 62.98 48.14 -2.80
N ASN C 153 63.17 49.08 -1.89
CA ASN C 153 63.26 48.76 -0.47
C ASN C 153 61.88 48.37 0.04
N PRO C 154 61.70 47.18 0.60
CA PRO C 154 60.36 46.78 1.07
C PRO C 154 59.78 47.73 2.10
N ASP C 155 60.59 48.25 3.02
CA ASP C 155 60.06 49.05 4.13
C ASP C 155 59.22 50.22 3.64
N LEU C 156 59.56 50.77 2.47
CA LEU C 156 58.75 51.81 1.88
C LEU C 156 57.62 51.25 1.02
N ALA C 157 57.69 49.96 0.67
CA ALA C 157 56.65 49.38 -0.15
C ALA C 157 55.47 48.90 0.69
N LYS C 158 55.73 48.55 1.96
CA LYS C 158 54.65 47.99 2.83
C LYS C 158 53.78 49.09 3.43
N LEU C 159 54.05 50.36 3.09
CA LEU C 159 53.28 51.47 3.66
C LEU C 159 52.04 51.78 2.83
N THR C 160 51.12 52.51 3.44
CA THR C 160 49.96 53.04 2.72
C THR C 160 50.29 54.41 2.13
N TYR C 161 49.99 54.59 0.85
CA TYR C 161 50.37 55.78 0.11
C TYR C 161 49.11 56.57 -0.22
N LYS C 162 49.19 57.90 -0.06
CA LYS C 162 48.03 58.79 -0.39
C LYS C 162 47.93 58.94 -1.91
N LYS C 163 46.79 59.41 -2.41
CA LYS C 163 46.60 59.59 -3.87
C LYS C 163 46.32 61.07 -4.18
N SER C 164 47.03 61.64 -5.16
CA SER C 164 46.80 63.05 -5.57
C SER C 164 47.05 63.19 -7.07
N SER C 165 46.02 63.55 -7.85
CA SER C 165 46.18 63.67 -9.29
C SER C 165 46.44 65.09 -9.76
N LYS C 166 45.68 66.05 -9.24
CA LYS C 166 45.86 67.48 -9.62
C LYS C 166 47.28 67.91 -9.24
N TYR C 167 47.76 67.44 -8.08
CA TYR C 167 49.09 67.79 -7.61
C TYR C 167 50.15 66.82 -8.10
N ASP C 168 49.75 65.62 -8.54
CA ASP C 168 50.71 64.63 -9.07
C ASP C 168 51.80 64.29 -8.06
N LEU C 169 51.40 63.71 -6.93
CA LEU C 169 52.35 63.31 -5.90
C LEU C 169 51.83 62.08 -5.18
N GLU C 170 52.74 61.35 -4.54
CA GLU C 170 52.38 60.25 -3.66
C GLU C 170 53.39 60.19 -2.53
N CYS C 171 52.90 60.22 -1.29
CA CYS C 171 53.76 60.27 -0.12
C CYS C 171 53.21 59.38 0.97
N ALA C 172 54.13 58.89 1.81
CA ALA C 172 53.79 58.04 2.94
C ALA C 172 54.85 58.24 4.00
N GLN C 173 54.43 58.14 5.26
CA GLN C 173 55.35 58.35 6.38
C GLN C 173 56.47 57.32 6.39
N ILE C 174 57.71 57.80 6.27
CA ILE C 174 58.86 56.90 6.27
C ILE C 174 59.12 56.38 7.67
N PRO C 175 59.52 55.13 7.83
CA PRO C 175 59.76 54.58 9.17
C PRO C 175 60.86 55.30 9.94
N VAL C 176 60.82 55.12 11.25
CA VAL C 176 61.78 55.82 12.17
C VAL C 176 63.22 55.55 11.77
N HIS C 177 63.51 54.43 11.08
CA HIS C 177 64.92 54.22 10.64
C HIS C 177 65.27 55.04 9.38
N MET C 178 64.29 55.61 8.66
CA MET C 178 64.58 56.30 7.37
C MET C 178 64.84 57.80 7.53
N LYS C 179 64.59 58.39 8.69
CA LYS C 179 64.72 59.88 8.84
C LYS C 179 66.20 60.27 8.77
N SER C 180 67.07 59.51 9.45
CA SER C 180 68.51 59.76 9.47
C SER C 180 69.07 59.60 8.07
N ASP C 181 68.40 58.84 7.23
CA ASP C 181 68.82 58.61 5.85
C ASP C 181 68.28 59.64 4.88
N ALA C 182 67.38 60.51 5.34
CA ALA C 182 66.68 61.46 4.43
C ALA C 182 67.48 62.74 4.14
N SER C 183 67.24 63.35 2.97
CA SER C 183 67.89 64.64 2.61
C SER C 183 67.14 65.81 3.27
N LYS C 184 67.76 66.99 3.33
CA LYS C 184 67.13 68.15 4.02
C LYS C 184 66.32 69.00 3.04
N TYR C 185 65.30 69.73 3.52
CA TYR C 185 64.45 70.62 2.72
C TYR C 185 64.67 72.09 3.09
N THR C 186 64.15 72.97 2.23
CA THR C 186 64.26 74.43 2.47
C THR C 186 63.25 75.15 1.57
N HIS C 187 62.95 76.40 1.89
CA HIS C 187 62.05 77.23 1.09
C HIS C 187 62.69 78.48 0.49
N GLU C 188 64.03 78.55 0.52
CA GLU C 188 64.69 79.71 -0.13
C GLU C 188 64.71 79.52 -1.65
N LYS C 189 64.00 80.37 -2.40
CA LYS C 189 64.09 80.34 -3.86
C LYS C 189 64.59 81.71 -4.29
N PRO C 190 65.84 82.05 -3.93
CA PRO C 190 66.38 83.32 -4.38
C PRO C 190 66.76 83.23 -5.85
N GLU C 191 66.85 84.38 -6.47
CA GLU C 191 67.08 84.44 -7.90
C GLU C 191 68.52 84.03 -8.19
N GLY C 192 68.69 82.91 -8.88
CA GLY C 192 70.03 82.49 -9.26
C GLY C 192 70.14 81.06 -9.75
N HIS C 193 71.15 80.36 -9.25
CA HIS C 193 71.60 79.08 -9.78
C HIS C 193 71.48 77.97 -8.73
N TYR C 194 70.92 76.83 -9.14
CA TYR C 194 70.84 75.66 -8.27
C TYR C 194 71.51 74.49 -8.97
N ASN C 195 71.39 73.31 -8.36
CA ASN C 195 72.12 72.13 -8.79
C ASN C 195 71.16 71.02 -9.18
N TRP C 196 71.64 70.10 -10.02
CA TRP C 196 70.84 68.97 -10.47
C TRP C 196 71.76 67.78 -10.72
N HIS C 197 71.15 66.60 -10.84
CA HIS C 197 71.90 65.37 -11.09
C HIS C 197 72.58 65.41 -12.45
N HIS C 198 71.86 65.82 -13.49
CA HIS C 198 72.38 65.80 -14.86
C HIS C 198 73.05 67.11 -15.26
N GLY C 199 73.06 68.11 -14.39
CA GLY C 199 73.61 69.42 -14.72
C GLY C 199 73.18 70.48 -13.73
N ALA C 200 72.73 71.61 -14.26
CA ALA C 200 72.34 72.76 -13.45
C ALA C 200 70.96 73.28 -13.85
N VAL C 201 70.27 73.83 -12.84
CA VAL C 201 68.92 74.41 -13.06
C VAL C 201 69.02 75.93 -12.92
N GLN C 202 68.55 76.68 -13.92
CA GLN C 202 68.59 78.12 -13.92
C GLN C 202 67.24 78.60 -13.42
N TYR C 203 67.23 79.42 -12.36
CA TYR C 203 65.99 79.91 -11.80
C TYR C 203 65.83 81.39 -12.11
N SER C 204 64.76 81.71 -12.83
CA SER C 204 64.43 83.11 -13.14
C SER C 204 62.95 83.19 -13.50
N GLY C 205 62.25 84.13 -12.88
CA GLY C 205 60.84 84.29 -13.14
C GLY C 205 60.00 83.08 -12.74
N GLY C 206 60.34 82.46 -11.61
CA GLY C 206 59.56 81.34 -11.10
C GLY C 206 59.58 80.10 -11.96
N ARG C 207 60.60 79.92 -12.80
CA ARG C 207 60.64 78.79 -13.74
C ARG C 207 61.99 78.12 -13.67
N PHE C 208 61.98 76.79 -13.57
CA PHE C 208 63.19 75.96 -13.63
C PHE C 208 63.44 75.63 -15.10
N THR C 209 64.66 75.88 -15.58
CA THR C 209 64.99 75.63 -16.97
C THR C 209 66.30 74.87 -17.09
N ILE C 210 66.38 73.93 -18.05
CA ILE C 210 67.61 73.09 -18.24
C ILE C 210 68.03 73.20 -19.71
N PRO C 211 69.32 73.07 -20.08
CA PRO C 211 69.69 73.01 -21.50
C PRO C 211 69.09 71.74 -22.11
N THR C 212 68.58 71.83 -23.35
CA THR C 212 67.91 70.65 -24.01
C THR C 212 68.95 69.54 -24.24
N GLY C 213 68.53 68.27 -24.15
CA GLY C 213 69.49 67.18 -24.28
C GLY C 213 69.98 66.62 -22.96
N ALA C 214 69.56 67.22 -21.84
CA ALA C 214 69.95 66.69 -20.53
C ALA C 214 68.90 65.75 -19.97
N GLY C 215 67.72 65.67 -20.58
CA GLY C 215 66.65 64.82 -20.12
C GLY C 215 66.04 63.95 -21.22
N LYS C 216 66.00 62.65 -20.98
CA LYS C 216 65.24 61.69 -21.73
C LYS C 216 63.98 61.34 -20.95
N PRO C 217 63.00 60.68 -21.58
CA PRO C 217 61.88 60.12 -20.81
C PRO C 217 62.34 59.25 -19.67
N GLY C 218 61.46 59.03 -18.70
CA GLY C 218 61.88 58.51 -17.41
C GLY C 218 62.65 59.57 -16.64
N ASP C 219 63.42 59.13 -15.66
CA ASP C 219 64.31 60.03 -14.93
C ASP C 219 63.52 61.12 -14.21
N SER C 220 62.33 60.77 -13.74
CA SER C 220 61.49 61.68 -12.96
C SER C 220 61.54 61.29 -11.48
N GLY C 221 61.54 62.30 -10.62
CA GLY C 221 61.63 62.08 -9.19
C GLY C 221 62.94 62.52 -8.57
N ARG C 222 63.88 62.92 -9.43
CA ARG C 222 65.19 63.43 -8.95
C ARG C 222 64.98 64.83 -8.34
N PRO C 223 65.52 65.14 -7.13
CA PRO C 223 65.31 66.45 -6.50
C PRO C 223 66.22 67.51 -7.12
N ILE C 224 65.97 68.76 -6.74
CA ILE C 224 66.81 69.88 -7.13
C ILE C 224 67.40 70.46 -5.85
N PHE C 225 68.71 70.68 -5.86
CA PHE C 225 69.44 71.10 -4.67
C PHE C 225 70.00 72.49 -4.84
N ASP C 226 70.04 73.24 -3.74
CA ASP C 226 70.68 74.54 -3.71
C ASP C 226 72.17 74.36 -3.44
N ASN C 227 72.86 75.45 -3.12
CA ASN C 227 74.30 75.42 -2.94
C ASN C 227 74.74 74.41 -1.89
N LYS C 228 74.17 74.48 -0.69
CA LYS C 228 74.65 73.69 0.44
C LYS C 228 73.75 72.52 0.81
N GLY C 229 73.03 71.94 -0.16
CA GLY C 229 72.46 70.63 -0.01
C GLY C 229 70.98 70.55 0.33
N ARG C 230 70.33 71.67 0.65
CA ARG C 230 68.94 71.64 1.03
C ARG C 230 68.04 71.51 -0.19
N VAL C 231 67.14 70.52 -0.14
CA VAL C 231 66.22 70.22 -1.27
C VAL C 231 65.29 71.40 -1.49
N VAL C 232 64.95 71.66 -2.74
CA VAL C 232 64.13 72.80 -3.12
C VAL C 232 63.02 72.40 -4.11
N ALA C 233 63.15 71.26 -4.78
CA ALA C 233 62.21 70.91 -5.83
C ALA C 233 62.25 69.42 -6.11
N ILE C 234 61.18 68.94 -6.76
CA ILE C 234 61.07 67.56 -7.24
C ILE C 234 60.56 67.59 -8.67
N VAL C 235 61.41 67.19 -9.61
CA VAL C 235 61.08 67.30 -11.03
C VAL C 235 60.05 66.26 -11.42
N LEU C 236 59.06 66.69 -12.22
CA LEU C 236 58.03 65.80 -12.75
C LEU C 236 58.12 65.64 -14.26
N GLY C 237 58.37 66.72 -14.99
CA GLY C 237 58.49 66.67 -16.42
C GLY C 237 59.15 67.93 -16.95
N GLY C 238 58.79 68.33 -18.16
CA GLY C 238 59.33 69.55 -18.71
C GLY C 238 58.83 69.78 -20.12
N ALA C 239 58.89 71.04 -20.54
CA ALA C 239 58.48 71.45 -21.87
C ALA C 239 59.70 71.95 -22.63
N ASN C 240 59.88 71.44 -23.85
CA ASN C 240 61.00 71.82 -24.69
C ASN C 240 60.85 73.30 -25.05
N GLU C 241 61.92 74.09 -24.83
CA GLU C 241 61.84 75.55 -25.08
C GLU C 241 63.15 76.06 -25.67
N GLY C 242 63.33 75.93 -26.99
CA GLY C 242 64.54 76.37 -27.66
C GLY C 242 65.76 75.59 -27.20
N ALA C 243 66.80 76.31 -26.81
CA ALA C 243 67.97 75.67 -26.21
C ALA C 243 67.80 75.52 -24.70
N ARG C 244 66.77 76.12 -24.13
CA ARG C 244 66.61 76.24 -22.69
C ARG C 244 65.26 75.67 -22.26
N THR C 245 65.18 74.35 -22.13
CA THR C 245 63.93 73.68 -21.85
C THR C 245 63.50 73.89 -20.40
N ALA C 246 62.20 74.04 -20.20
CA ALA C 246 61.67 74.34 -18.88
C ALA C 246 61.44 73.06 -18.08
N LEU C 247 60.91 73.20 -16.85
CA LEU C 247 60.75 72.01 -15.99
C LEU C 247 59.42 72.05 -15.22
N SER C 248 58.51 71.10 -15.47
CA SER C 248 57.29 71.02 -14.63
C SER C 248 57.81 70.56 -13.26
N VAL C 249 57.31 71.15 -12.17
CA VAL C 249 57.94 70.80 -10.86
C VAL C 249 57.01 71.02 -9.68
N VAL C 250 57.22 70.29 -8.58
CA VAL C 250 56.47 70.48 -7.35
C VAL C 250 57.23 71.49 -6.49
N THR C 251 56.56 72.59 -6.12
CA THR C 251 57.16 73.69 -5.39
C THR C 251 56.36 73.94 -4.12
N TRP C 252 57.02 74.40 -3.06
CA TRP C 252 56.39 74.46 -1.74
C TRP C 252 56.76 75.70 -0.93
N THR C 253 55.86 76.11 -0.03
CA THR C 253 56.10 77.33 0.81
C THR C 253 56.02 76.95 2.29
N LYS C 254 55.39 77.80 3.11
CA LYS C 254 55.26 77.52 4.57
C LYS C 254 54.12 76.51 4.75
N ASP C 255 53.02 76.65 3.99
CA ASP C 255 51.89 75.75 4.18
C ASP C 255 51.49 75.09 2.88
N MET C 256 51.87 75.70 1.76
CA MET C 256 51.28 75.38 0.47
C MET C 256 52.32 74.68 -0.41
N VAL C 257 51.83 73.71 -1.18
CA VAL C 257 52.59 73.13 -2.26
C VAL C 257 51.93 73.50 -3.57
N THR C 258 52.76 73.95 -4.53
CA THR C 258 52.25 74.42 -5.84
C THR C 258 52.96 73.70 -6.99
N ARG C 259 52.19 73.18 -7.95
CA ARG C 259 52.69 72.49 -9.13
C ARG C 259 52.63 73.46 -10.29
N TYR C 260 53.79 73.82 -10.81
CA TYR C 260 53.87 74.76 -11.93
C TYR C 260 54.26 73.98 -13.18
N THR C 261 53.31 73.81 -14.08
CA THR C 261 53.50 73.03 -15.30
C THR C 261 53.53 73.98 -16.50
N PRO C 262 54.68 74.25 -17.18
CA PRO C 262 54.68 75.07 -18.40
C PRO C 262 53.76 74.53 -19.52
N GLU C 263 53.41 75.38 -20.49
CA GLU C 263 52.49 74.97 -21.58
C GLU C 263 53.17 73.96 -22.51
N GLY C 264 52.39 73.09 -23.15
CA GLY C 264 52.96 72.07 -24.06
C GLY C 264 53.99 71.20 -23.36
N THR C 265 53.70 70.79 -22.12
CA THR C 265 54.70 70.02 -21.33
C THR C 265 54.56 68.51 -21.54
N GLU C 266 55.68 67.82 -21.72
CA GLU C 266 55.65 66.36 -21.77
C GLU C 266 56.07 65.87 -20.40
N GLU C 267 55.60 64.66 -20.02
CA GLU C 267 56.00 64.05 -18.73
C GLU C 267 57.16 63.08 -18.97
N TRP C 268 58.37 63.43 -18.53
CA TRP C 268 59.54 62.58 -18.69
C TRP C 268 60.18 62.35 -17.33
N TYR D 1 7.79 -35.56 -43.67
CA TYR D 1 8.81 -34.53 -43.80
C TYR D 1 9.06 -33.86 -42.46
N GLU D 2 10.33 -33.69 -42.11
CA GLU D 2 10.71 -33.14 -40.84
C GLU D 2 10.83 -31.62 -40.95
N HIS D 3 10.08 -30.89 -40.12
CA HIS D 3 10.07 -29.44 -40.13
C HIS D 3 9.56 -28.94 -38.78
N THR D 4 10.22 -27.91 -38.24
CA THR D 4 9.84 -27.29 -36.98
C THR D 4 9.58 -25.81 -37.17
N ALA D 5 8.57 -25.30 -36.48
CA ALA D 5 8.21 -23.88 -36.53
C ALA D 5 7.79 -23.41 -35.15
N THR D 6 7.88 -22.10 -34.94
CA THR D 6 7.51 -21.45 -33.69
C THR D 6 6.41 -20.44 -33.96
N ILE D 7 5.33 -20.51 -33.19
CA ILE D 7 4.18 -19.65 -33.41
C ILE D 7 3.88 -18.82 -32.16
N PRO D 8 3.34 -17.61 -32.31
CA PRO D 8 2.94 -16.85 -31.13
C PRO D 8 1.73 -17.47 -30.45
N ASN D 9 1.62 -17.23 -29.15
CA ASN D 9 0.49 -17.71 -28.36
C ASN D 9 -0.62 -16.65 -28.33
N VAL D 10 -1.15 -16.36 -29.51
CA VAL D 10 -2.18 -15.34 -29.68
C VAL D 10 -3.37 -15.97 -30.39
N VAL D 11 -4.57 -15.78 -29.81
CA VAL D 11 -5.82 -16.36 -30.41
C VAL D 11 -6.32 -15.42 -31.51
N GLY D 12 -6.82 -15.98 -32.62
CA GLY D 12 -7.35 -15.16 -33.72
C GLY D 12 -6.24 -14.71 -34.68
N PHE D 13 -5.02 -15.19 -34.47
CA PHE D 13 -3.91 -14.85 -35.40
C PHE D 13 -3.48 -16.12 -36.15
N PRO D 14 -3.47 -16.12 -37.50
CA PRO D 14 -3.01 -17.28 -38.26
C PRO D 14 -1.53 -17.16 -38.67
N TYR D 15 -0.66 -17.97 -38.06
CA TYR D 15 0.78 -17.98 -38.45
C TYR D 15 0.89 -18.65 -39.83
N LYS D 16 1.79 -18.16 -40.68
CA LYS D 16 2.00 -18.79 -42.02
C LYS D 16 3.35 -19.51 -42.04
N ALA D 17 3.35 -20.83 -41.81
CA ALA D 17 4.60 -21.57 -41.87
C ALA D 17 4.83 -22.04 -43.30
N HIS D 18 6.01 -21.78 -43.83
CA HIS D 18 6.35 -22.13 -45.21
C HIS D 18 7.30 -23.31 -45.21
N ILE D 19 6.99 -24.33 -45.99
CA ILE D 19 7.86 -25.47 -46.20
C ILE D 19 8.48 -25.33 -47.59
N GLU D 20 9.81 -25.19 -47.63
CA GLU D 20 10.60 -25.34 -48.85
C GLU D 20 11.05 -26.79 -48.96
N ARG D 21 10.20 -27.64 -49.52
CA ARG D 21 10.61 -29.01 -49.79
C ARG D 21 11.44 -29.03 -51.07
N ASN D 22 12.49 -29.85 -51.07
CA ASN D 22 13.47 -29.83 -52.14
C ASN D 22 12.85 -30.18 -53.49
N GLY D 23 12.36 -31.43 -53.62
CA GLY D 23 11.91 -31.92 -54.92
C GLY D 23 10.51 -31.53 -55.32
N PHE D 24 9.81 -30.77 -54.48
CA PHE D 24 8.42 -30.40 -54.71
C PHE D 24 8.27 -28.88 -54.72
N SER D 25 7.08 -28.48 -55.17
CA SER D 25 6.75 -27.03 -55.21
C SER D 25 6.52 -26.53 -53.78
N PRO D 26 6.96 -25.31 -53.40
CA PRO D 26 6.80 -24.81 -52.03
C PRO D 26 5.34 -24.80 -51.59
N MET D 27 5.14 -25.04 -50.29
CA MET D 27 3.81 -25.04 -49.70
C MET D 27 3.80 -24.14 -48.47
N THR D 28 2.72 -23.36 -48.34
CA THR D 28 2.54 -22.43 -47.23
C THR D 28 1.38 -22.90 -46.39
N LEU D 29 1.60 -22.93 -45.06
CA LEU D 29 0.57 -23.55 -44.17
C LEU D 29 -0.07 -22.57 -43.20
N GLN D 30 -1.35 -22.82 -42.89
CA GLN D 30 -2.12 -21.94 -41.97
C GLN D 30 -2.12 -22.50 -40.54
N LEU D 31 -1.39 -21.84 -39.63
CA LEU D 31 -1.42 -22.28 -38.21
C LEU D 31 -2.30 -21.31 -37.43
N GLU D 32 -3.53 -21.73 -37.09
CA GLU D 32 -4.49 -20.78 -36.44
C GLU D 32 -4.82 -21.22 -35.01
N VAL D 33 -4.55 -20.35 -34.03
CA VAL D 33 -4.90 -20.64 -32.61
C VAL D 33 -6.36 -20.23 -32.38
N LEU D 34 -7.24 -21.20 -32.14
CA LEU D 34 -8.65 -20.91 -31.88
C LEU D 34 -8.93 -20.66 -30.41
N GLY D 35 -8.12 -21.20 -29.52
CA GLY D 35 -8.36 -21.01 -28.10
C GLY D 35 -7.49 -21.90 -27.23
N THR D 36 -6.97 -21.35 -26.14
CA THR D 36 -6.11 -22.07 -25.23
C THR D 36 -6.78 -22.21 -23.87
N SER D 37 -6.15 -22.98 -22.99
CA SER D 37 -6.63 -23.16 -21.62
C SER D 37 -5.45 -23.56 -20.75
N LEU D 38 -5.16 -22.73 -19.75
CA LEU D 38 -4.10 -23.01 -18.78
C LEU D 38 -4.79 -23.61 -17.55
N GLU D 39 -4.53 -24.89 -17.28
CA GLU D 39 -5.31 -25.67 -16.33
C GLU D 39 -4.48 -26.03 -15.11
N PRO D 40 -4.63 -25.33 -13.99
CA PRO D 40 -3.81 -25.63 -12.81
C PRO D 40 -4.33 -26.84 -12.04
N THR D 41 -3.45 -27.42 -11.24
CA THR D 41 -3.81 -28.56 -10.38
C THR D 41 -4.19 -28.04 -9.00
N LEU D 42 -5.35 -28.46 -8.51
CA LEU D 42 -5.92 -27.93 -7.27
C LEU D 42 -5.87 -28.97 -6.18
N ASN D 43 -5.30 -28.60 -5.03
CA ASN D 43 -5.30 -29.42 -3.83
C ASN D 43 -6.22 -28.76 -2.81
N LEU D 44 -7.36 -29.39 -2.53
CA LEU D 44 -8.34 -28.82 -1.63
C LEU D 44 -7.79 -28.84 -0.21
N GLU D 45 -7.84 -27.67 0.45
CA GLU D 45 -7.36 -27.58 1.84
C GLU D 45 -8.52 -27.73 2.83
N TYR D 46 -9.53 -26.87 2.72
CA TYR D 46 -10.70 -26.96 3.59
C TYR D 46 -11.87 -26.26 2.92
N ILE D 47 -13.04 -26.37 3.54
CA ILE D 47 -14.27 -25.75 3.05
C ILE D 47 -14.77 -24.77 4.09
N THR D 48 -15.01 -23.54 3.68
CA THR D 48 -15.44 -22.47 4.57
C THR D 48 -16.82 -21.98 4.17
N CYS D 49 -17.68 -21.76 5.17
CA CYS D 49 -19.04 -21.30 4.93
C CYS D 49 -19.55 -20.63 6.20
N GLU D 50 -20.79 -20.17 6.14
CA GLU D 50 -21.45 -19.65 7.33
C GLU D 50 -21.65 -20.77 8.35
N TYR D 51 -21.60 -20.41 9.62
CA TYR D 51 -21.82 -21.37 10.70
C TYR D 51 -23.27 -21.33 11.15
N LYS D 52 -23.60 -22.18 12.13
CA LYS D 52 -24.93 -22.20 12.72
C LYS D 52 -24.77 -22.39 14.23
N THR D 53 -25.16 -21.40 15.00
CA THR D 53 -25.13 -21.49 16.46
C THR D 53 -26.41 -22.15 16.93
N VAL D 54 -26.29 -23.36 17.47
CA VAL D 54 -27.44 -24.12 17.94
C VAL D 54 -27.56 -23.91 19.44
N VAL D 55 -28.65 -23.27 19.85
CA VAL D 55 -28.93 -22.99 21.25
C VAL D 55 -30.21 -23.71 21.63
N PRO D 56 -30.11 -24.89 22.24
CA PRO D 56 -31.32 -25.62 22.65
C PRO D 56 -32.00 -24.93 23.82
N SER D 57 -33.21 -25.40 24.11
CA SER D 57 -33.96 -24.85 25.24
C SER D 57 -33.21 -25.13 26.54
N PRO D 58 -33.08 -24.16 27.43
CA PRO D 58 -32.32 -24.39 28.66
C PRO D 58 -33.11 -25.25 29.64
N TYR D 59 -32.41 -26.15 30.32
CA TYR D 59 -33.00 -26.94 31.39
C TYR D 59 -32.99 -26.05 32.64
N ILE D 60 -34.17 -25.89 33.25
CA ILE D 60 -34.31 -25.10 34.46
C ILE D 60 -34.65 -26.06 35.59
N LYS D 61 -33.72 -26.22 36.52
CA LYS D 61 -33.83 -27.21 37.59
C LYS D 61 -34.54 -26.56 38.77
N CYS D 62 -35.84 -26.79 38.89
CA CYS D 62 -36.64 -26.08 39.88
C CYS D 62 -36.41 -26.66 41.26
N CYS D 63 -35.81 -25.85 42.15
CA CYS D 63 -35.42 -26.26 43.50
C CYS D 63 -34.55 -27.51 43.46
N GLY D 64 -33.42 -27.40 42.78
CA GLY D 64 -32.48 -28.50 42.60
C GLY D 64 -31.19 -27.99 42.02
N THR D 65 -30.31 -28.94 41.63
CA THR D 65 -28.98 -28.55 41.10
C THR D 65 -28.39 -29.62 40.17
N SER D 66 -27.81 -29.21 39.04
CA SER D 66 -27.13 -30.10 38.11
C SER D 66 -25.70 -29.63 37.92
N GLU D 67 -24.91 -30.47 37.23
CA GLU D 67 -23.50 -30.11 36.93
C GLU D 67 -23.34 -30.10 35.40
N CYS D 68 -22.38 -29.30 34.90
CA CYS D 68 -22.14 -29.22 33.43
C CYS D 68 -21.53 -30.54 32.96
N ARG D 69 -21.88 -30.97 31.74
CA ARG D 69 -21.31 -32.21 31.16
C ARG D 69 -20.49 -31.85 29.92
N SER D 70 -19.24 -32.33 29.85
CA SER D 70 -18.39 -32.07 28.66
C SER D 70 -18.98 -32.82 27.45
N MET D 71 -18.90 -32.21 26.27
CA MET D 71 -19.44 -32.85 25.04
C MET D 71 -18.41 -32.73 23.93
N GLU D 72 -18.26 -33.78 23.10
CA GLU D 72 -17.32 -33.72 21.95
C GLU D 72 -17.96 -32.87 20.84
N ARG D 73 -18.19 -31.58 21.10
CA ARG D 73 -18.87 -30.71 20.11
C ARG D 73 -17.94 -29.51 19.78
N PRO D 74 -17.77 -29.15 18.49
CA PRO D 74 -16.96 -27.97 18.13
C PRO D 74 -17.43 -26.68 18.83
N ASP D 75 -16.48 -25.89 19.37
CA ASP D 75 -16.80 -24.64 20.05
C ASP D 75 -17.91 -24.82 21.08
N TYR D 76 -17.78 -25.83 21.93
CA TYR D 76 -18.81 -26.14 22.91
C TYR D 76 -18.66 -25.29 24.15
N GLN D 77 -19.78 -24.77 24.65
CA GLN D 77 -19.83 -24.01 25.89
C GLN D 77 -20.94 -24.55 26.77
N CYS D 78 -20.68 -24.66 28.08
CA CYS D 78 -21.70 -25.17 29.04
C CYS D 78 -21.54 -24.44 30.38
N GLN D 79 -22.42 -23.49 30.67
CA GLN D 79 -22.31 -22.70 31.93
C GLN D 79 -23.55 -22.91 32.80
N VAL D 80 -23.35 -23.23 34.08
CA VAL D 80 -24.50 -23.41 35.02
C VAL D 80 -24.65 -22.10 35.81
N TYR D 81 -25.90 -21.68 36.07
CA TYR D 81 -26.15 -20.43 36.77
C TYR D 81 -27.08 -20.71 37.95
N THR D 82 -26.64 -20.27 39.12
CA THR D 82 -27.43 -20.54 40.35
C THR D 82 -28.27 -19.32 40.70
N GLY D 83 -29.27 -19.50 41.53
CA GLY D 83 -30.11 -18.43 42.04
C GLY D 83 -31.12 -17.85 41.07
N VAL D 84 -31.46 -18.57 39.99
CA VAL D 84 -32.35 -18.03 38.98
C VAL D 84 -33.82 -18.13 39.43
N TYR D 85 -34.58 -17.07 39.13
CA TYR D 85 -36.01 -16.99 39.39
C TYR D 85 -36.70 -16.55 38.11
N PRO D 86 -36.88 -17.45 37.16
CA PRO D 86 -37.55 -17.09 35.91
C PRO D 86 -39.05 -16.86 36.09
N PHE D 87 -39.63 -16.19 35.11
CA PHE D 87 -41.06 -15.94 35.02
C PHE D 87 -41.59 -16.38 33.67
N MET D 88 -42.84 -16.84 33.67
CA MET D 88 -43.62 -17.07 32.45
C MET D 88 -44.80 -16.12 32.40
N TRP D 89 -45.66 -16.29 31.39
CA TRP D 89 -46.83 -15.45 31.24
C TRP D 89 -47.82 -15.67 32.39
N GLY D 90 -48.03 -16.92 32.79
CA GLY D 90 -48.95 -17.20 33.88
C GLY D 90 -48.37 -16.91 35.25
N GLY D 91 -47.05 -16.81 35.35
CA GLY D 91 -46.42 -16.54 36.61
C GLY D 91 -45.04 -17.15 36.69
N ALA D 92 -44.61 -17.40 37.93
CA ALA D 92 -43.27 -17.87 38.21
C ALA D 92 -43.11 -19.35 37.84
N TYR D 93 -42.06 -19.65 37.06
CA TYR D 93 -41.83 -21.03 36.66
C TYR D 93 -41.41 -21.92 37.82
N CYS D 94 -40.32 -21.57 38.51
CA CYS D 94 -39.83 -22.46 39.59
C CYS D 94 -40.56 -22.21 40.92
N PHE D 95 -40.16 -22.89 42.00
CA PHE D 95 -40.88 -22.80 43.29
C PHE D 95 -40.11 -21.94 44.30
N CYS D 96 -38.84 -22.29 44.57
CA CYS D 96 -38.00 -21.55 45.54
C CYS D 96 -37.51 -20.25 44.90
N ASP D 97 -37.38 -19.19 45.70
CA ASP D 97 -36.94 -17.87 45.17
C ASP D 97 -35.48 -17.93 44.66
N THR D 98 -34.57 -18.55 45.40
CA THR D 98 -33.13 -18.51 44.99
C THR D 98 -32.52 -19.91 44.82
N GLU D 99 -33.20 -20.97 45.24
CA GLU D 99 -32.55 -22.30 45.17
C GLU D 99 -32.81 -22.94 43.80
N ASN D 100 -32.26 -22.39 42.72
CA ASN D 100 -32.57 -22.93 41.36
C ASN D 100 -31.36 -22.77 40.43
N THR D 101 -31.22 -23.67 39.44
CA THR D 101 -30.15 -23.58 38.46
C THR D 101 -30.72 -23.68 37.06
N GLN D 102 -30.07 -22.99 36.12
CA GLN D 102 -30.41 -23.08 34.70
C GLN D 102 -29.17 -23.51 33.94
N LEU D 103 -29.33 -24.46 33.02
CA LEU D 103 -28.21 -25.02 32.28
C LEU D 103 -28.18 -24.38 30.90
N SER D 104 -27.13 -23.61 30.63
CA SER D 104 -26.97 -22.97 29.33
C SER D 104 -25.96 -23.74 28.49
N GLU D 105 -26.39 -24.14 27.29
CA GLU D 105 -25.56 -24.95 26.41
C GLU D 105 -25.68 -24.41 24.99
N ALA D 106 -24.52 -24.24 24.34
CA ALA D 106 -24.49 -23.70 22.99
C ALA D 106 -23.24 -24.23 22.29
N TYR D 107 -23.32 -24.30 20.96
CA TYR D 107 -22.22 -24.84 20.17
C TYR D 107 -22.38 -24.39 18.72
N VAL D 108 -21.30 -24.60 17.95
CA VAL D 108 -21.24 -24.23 16.54
C VAL D 108 -21.32 -25.48 15.70
N ASP D 109 -22.15 -25.44 14.66
CA ASP D 109 -22.31 -26.58 13.75
C ASP D 109 -22.26 -26.06 12.32
N ARG D 110 -21.87 -26.95 11.41
CA ARG D 110 -21.90 -26.63 9.99
C ARG D 110 -23.31 -26.26 9.56
N SER D 111 -23.44 -25.17 8.83
CA SER D 111 -24.75 -24.70 8.40
C SER D 111 -25.39 -25.70 7.45
N ASP D 112 -26.72 -25.61 7.36
CA ASP D 112 -27.47 -26.55 6.53
C ASP D 112 -27.18 -26.41 5.05
N VAL D 113 -26.55 -25.32 4.64
CA VAL D 113 -26.31 -25.06 3.22
C VAL D 113 -24.83 -24.84 2.93
N CYS D 114 -23.95 -25.31 3.80
CA CYS D 114 -22.55 -25.49 3.39
C CYS D 114 -22.47 -26.46 2.22
N LYS D 115 -23.36 -27.44 2.19
CA LYS D 115 -23.55 -28.29 1.03
C LYS D 115 -23.90 -27.48 -0.21
N HIS D 116 -24.53 -26.32 -0.06
CA HIS D 116 -24.86 -25.44 -1.18
C HIS D 116 -23.93 -24.24 -1.25
N ASP D 117 -23.86 -23.44 -0.19
CA ASP D 117 -23.16 -22.16 -0.19
C ASP D 117 -21.87 -22.31 0.61
N HIS D 118 -20.74 -22.38 -0.11
CA HIS D 118 -19.44 -22.56 0.54
C HIS D 118 -18.36 -22.04 -0.40
N ALA D 119 -17.19 -21.78 0.19
CA ALA D 119 -16.00 -21.38 -0.55
C ALA D 119 -14.88 -22.37 -0.27
N ALA D 120 -14.15 -22.73 -1.32
CA ALA D 120 -13.11 -23.75 -1.25
C ALA D 120 -11.73 -23.09 -1.35
N ALA D 121 -10.83 -23.50 -0.46
CA ALA D 121 -9.45 -23.04 -0.48
C ALA D 121 -8.59 -24.08 -1.18
N TYR D 122 -7.81 -23.65 -2.17
CA TYR D 122 -7.04 -24.54 -3.01
C TYR D 122 -5.57 -24.13 -3.01
N LYS D 123 -4.73 -25.05 -3.48
CA LYS D 123 -3.35 -24.75 -3.86
C LYS D 123 -3.17 -25.09 -5.32
N ALA D 124 -2.63 -24.14 -6.09
CA ALA D 124 -2.47 -24.28 -7.53
C ALA D 124 -1.00 -24.45 -7.87
N HIS D 125 -0.69 -25.48 -8.65
CA HIS D 125 0.68 -25.73 -9.08
C HIS D 125 0.64 -26.61 -10.32
N THR D 126 1.72 -26.57 -11.11
CA THR D 126 1.83 -27.43 -12.33
C THR D 126 0.63 -27.18 -13.25
N ALA D 127 0.47 -25.95 -13.74
CA ALA D 127 -0.60 -25.65 -14.68
C ALA D 127 -0.33 -26.35 -16.01
N ALA D 128 -1.36 -27.03 -16.52
CA ALA D 128 -1.24 -27.80 -17.76
C ALA D 128 -1.98 -27.06 -18.87
N MET D 129 -1.28 -26.79 -19.97
CA MET D 129 -1.82 -25.99 -21.06
C MET D 129 -2.35 -26.89 -22.18
N LYS D 130 -3.54 -26.56 -22.65
CA LYS D 130 -4.15 -27.26 -23.78
C LYS D 130 -4.74 -26.21 -24.71
N ALA D 131 -4.49 -26.36 -26.01
CA ALA D 131 -4.86 -25.36 -26.99
C ALA D 131 -5.59 -25.99 -28.18
N THR D 132 -6.43 -25.18 -28.83
CA THR D 132 -7.18 -25.60 -30.01
C THR D 132 -6.54 -24.98 -31.23
N ILE D 133 -6.17 -25.81 -32.20
CA ILE D 133 -5.44 -25.37 -33.39
C ILE D 133 -6.18 -25.83 -34.64
N ARG D 134 -6.31 -24.91 -35.61
CA ARG D 134 -6.79 -25.24 -36.95
C ARG D 134 -5.62 -25.40 -37.91
N ILE D 135 -5.62 -26.51 -38.64
CA ILE D 135 -4.66 -26.76 -39.71
C ILE D 135 -5.42 -26.76 -41.02
N SER D 136 -5.06 -25.85 -41.92
CA SER D 136 -5.65 -25.82 -43.25
C SER D 136 -4.55 -25.55 -44.26
N TYR D 137 -4.14 -26.60 -44.98
CA TYR D 137 -3.08 -26.50 -45.95
C TYR D 137 -3.50 -27.24 -47.21
N GLY D 138 -3.04 -26.76 -48.36
CA GLY D 138 -3.39 -27.41 -49.61
C GLY D 138 -4.88 -27.41 -49.83
N ASN D 139 -5.49 -28.60 -49.71
CA ASN D 139 -6.90 -28.79 -49.98
C ASN D 139 -7.71 -29.15 -48.75
N LEU D 140 -7.01 -29.40 -47.63
CA LEU D 140 -7.67 -29.84 -46.37
C LEU D 140 -7.89 -28.64 -45.46
N ASN D 141 -8.80 -28.76 -44.48
CA ASN D 141 -9.09 -27.67 -43.54
C ASN D 141 -9.65 -28.31 -42.26
N GLN D 142 -8.74 -28.58 -41.32
CA GLN D 142 -9.14 -29.34 -40.11
C GLN D 142 -8.78 -28.62 -38.81
N THR D 143 -9.47 -28.93 -37.73
CA THR D 143 -9.29 -28.38 -36.38
C THR D 143 -9.13 -29.52 -35.39
N THR D 144 -8.08 -29.47 -34.57
CA THR D 144 -7.85 -30.47 -33.52
C THR D 144 -7.37 -29.78 -32.25
N THR D 145 -7.47 -30.49 -31.14
CA THR D 145 -7.04 -30.01 -29.84
C THR D 145 -5.93 -30.91 -29.31
N ALA D 146 -4.89 -30.31 -28.73
CA ALA D 146 -3.76 -31.06 -28.20
C ALA D 146 -3.20 -30.36 -26.98
N PHE D 147 -2.64 -31.17 -26.07
CA PHE D 147 -1.92 -30.62 -24.93
C PHE D 147 -0.61 -30.03 -25.39
N VAL D 148 -0.30 -28.83 -24.88
CA VAL D 148 0.87 -28.08 -25.36
C VAL D 148 2.07 -28.59 -24.58
N ASN D 149 2.69 -29.64 -25.10
CA ASN D 149 3.93 -30.18 -24.57
C ASN D 149 4.58 -31.05 -25.64
N GLY D 150 5.86 -31.32 -25.46
CA GLY D 150 6.59 -32.14 -26.41
C GLY D 150 6.33 -33.62 -26.23
N GLU D 151 5.13 -33.97 -25.78
CA GLU D 151 4.79 -35.37 -25.52
C GLU D 151 3.38 -35.71 -25.97
N HIS D 152 2.80 -34.93 -26.88
CA HIS D 152 1.47 -35.23 -27.42
C HIS D 152 1.48 -35.04 -28.93
N THR D 153 1.00 -36.04 -29.66
CA THR D 153 0.90 -35.98 -31.12
C THR D 153 -0.52 -36.31 -31.54
N VAL D 154 -1.07 -35.46 -32.41
CA VAL D 154 -2.46 -35.64 -32.90
C VAL D 154 -2.41 -35.75 -34.43
N THR D 155 -3.24 -36.64 -34.99
CA THR D 155 -3.25 -36.90 -36.46
C THR D 155 -4.16 -35.89 -37.17
N VAL D 156 -3.63 -35.21 -38.19
CA VAL D 156 -4.38 -34.25 -38.98
C VAL D 156 -4.20 -34.62 -40.45
N GLY D 157 -5.18 -35.31 -41.02
CA GLY D 157 -5.13 -35.67 -42.42
C GLY D 157 -3.91 -36.48 -42.80
N GLY D 158 -3.51 -37.42 -41.96
CA GLY D 158 -2.32 -38.20 -42.18
C GLY D 158 -1.03 -37.60 -41.66
N SER D 159 -1.10 -36.44 -41.00
CA SER D 159 0.08 -35.74 -40.53
C SER D 159 0.23 -35.88 -39.01
N ARG D 160 1.50 -35.96 -38.59
CA ARG D 160 1.82 -36.08 -37.14
C ARG D 160 2.23 -34.70 -36.63
N PHE D 161 1.41 -34.10 -35.79
CA PHE D 161 1.65 -32.77 -35.26
C PHE D 161 1.84 -32.85 -33.75
N THR D 162 2.91 -32.19 -33.28
CA THR D 162 3.25 -32.14 -31.83
C THR D 162 3.61 -30.70 -31.48
N PHE D 163 2.82 -30.07 -30.59
CA PHE D 163 3.09 -28.67 -30.16
C PHE D 163 3.96 -28.71 -28.90
N GLY D 164 5.23 -28.36 -29.02
CA GLY D 164 6.19 -28.46 -27.88
C GLY D 164 5.93 -27.44 -26.80
N PRO D 165 6.50 -27.61 -25.58
CA PRO D 165 5.92 -27.08 -24.34
C PRO D 165 5.87 -25.55 -24.32
N ILE D 166 5.00 -24.98 -23.48
CA ILE D 166 4.85 -23.49 -23.46
C ILE D 166 6.19 -22.81 -23.16
N SER D 167 6.58 -21.85 -24.00
CA SER D 167 7.84 -21.11 -23.84
C SER D 167 8.09 -20.67 -22.41
N THR D 168 7.03 -20.28 -21.71
CA THR D 168 7.20 -19.74 -20.33
C THR D 168 6.32 -20.49 -19.32
N ALA D 169 6.73 -20.50 -18.06
CA ALA D 169 5.99 -21.16 -16.99
C ALA D 169 5.10 -20.20 -16.23
N TRP D 170 4.83 -19.01 -16.78
CA TRP D 170 4.02 -18.02 -16.09
C TRP D 170 2.59 -18.50 -15.92
N THR D 171 2.02 -18.23 -14.75
CA THR D 171 0.65 -18.55 -14.45
C THR D 171 0.01 -17.37 -13.73
N PRO D 172 -1.28 -17.13 -13.92
CA PRO D 172 -1.94 -16.03 -13.20
C PRO D 172 -2.33 -16.38 -11.78
N PHE D 173 -2.50 -17.66 -11.47
CA PHE D 173 -2.88 -18.08 -10.13
C PHE D 173 -1.66 -18.09 -9.21
N ASP D 174 -1.88 -17.73 -7.95
CA ASP D 174 -0.84 -17.79 -6.94
C ASP D 174 -0.82 -19.18 -6.30
N ASN D 175 -0.05 -19.33 -5.23
CA ASN D 175 -0.03 -20.60 -4.50
C ASN D 175 -1.39 -20.92 -3.90
N LYS D 176 -2.04 -19.94 -3.28
CA LYS D 176 -3.28 -20.15 -2.56
C LYS D 176 -4.44 -19.56 -3.35
N ILE D 177 -5.47 -20.39 -3.57
CA ILE D 177 -6.60 -20.03 -4.42
C ILE D 177 -7.88 -20.28 -3.65
N VAL D 178 -8.78 -19.29 -3.67
CA VAL D 178 -10.10 -19.41 -3.06
C VAL D 178 -11.14 -19.24 -4.16
N VAL D 179 -12.03 -20.22 -4.28
CA VAL D 179 -13.02 -20.27 -5.35
C VAL D 179 -14.40 -20.20 -4.72
N TYR D 180 -15.21 -19.26 -5.19
CA TYR D 180 -16.61 -19.14 -4.77
C TYR D 180 -17.46 -19.05 -6.05
N LYS D 181 -18.20 -20.12 -6.32
CA LYS D 181 -19.05 -20.21 -7.51
C LYS D 181 -18.20 -20.02 -8.76
N ASN D 182 -18.34 -18.92 -9.49
CA ASN D 182 -17.62 -18.70 -10.73
C ASN D 182 -16.48 -17.69 -10.59
N ASP D 183 -16.10 -17.33 -9.37
CA ASP D 183 -15.05 -16.36 -9.12
C ASP D 183 -13.86 -17.02 -8.44
N VAL D 184 -12.66 -16.58 -8.82
CA VAL D 184 -11.41 -17.08 -8.25
C VAL D 184 -10.63 -15.90 -7.68
N TYR D 185 -10.17 -16.03 -6.44
CA TYR D 185 -9.47 -14.97 -5.74
C TYR D 185 -8.09 -15.42 -5.34
N ASN D 186 -7.10 -14.56 -5.55
CA ASN D 186 -5.74 -14.80 -5.09
C ASN D 186 -5.64 -14.34 -3.64
N GLN D 187 -5.96 -15.23 -2.70
CA GLN D 187 -6.06 -14.86 -1.29
C GLN D 187 -5.20 -15.77 -0.43
N ASP D 188 -4.54 -15.17 0.56
CA ASP D 188 -3.78 -15.92 1.57
C ASP D 188 -4.74 -16.35 2.68
N PHE D 189 -5.45 -17.44 2.42
CA PHE D 189 -6.36 -17.96 3.42
C PHE D 189 -5.58 -18.51 4.60
N PRO D 190 -6.12 -18.43 5.81
CA PRO D 190 -5.37 -18.87 6.98
C PRO D 190 -5.15 -20.38 6.95
N PRO D 191 -4.03 -20.85 7.50
CA PRO D 191 -3.79 -22.30 7.53
C PRO D 191 -4.87 -23.03 8.30
N TYR D 192 -5.07 -24.29 7.94
CA TYR D 192 -6.08 -25.11 8.60
C TYR D 192 -5.80 -25.23 10.09
N GLY D 193 -6.85 -25.08 10.89
CA GLY D 193 -6.71 -25.16 12.33
C GLY D 193 -6.15 -23.93 13.00
N SER D 194 -5.98 -22.84 12.24
CA SER D 194 -5.44 -21.58 12.81
C SER D 194 -6.31 -20.40 12.37
N GLY D 195 -7.63 -20.59 12.31
CA GLY D 195 -8.53 -19.52 11.92
C GLY D 195 -8.87 -18.58 13.06
N GLN D 196 -9.17 -17.33 12.69
CA GLN D 196 -9.59 -16.31 13.64
C GLN D 196 -11.07 -16.02 13.48
N PRO D 197 -11.77 -15.72 14.58
CA PRO D 197 -13.19 -15.36 14.45
C PRO D 197 -13.35 -14.05 13.69
N GLY D 198 -14.44 -13.96 12.93
CA GLY D 198 -14.76 -12.75 12.20
C GLY D 198 -14.04 -12.58 10.88
N ARG D 199 -13.18 -13.52 10.49
CA ARG D 199 -12.47 -13.45 9.23
C ARG D 199 -12.72 -14.74 8.44
N PHE D 200 -12.28 -14.72 7.18
CA PHE D 200 -12.41 -15.91 6.35
C PHE D 200 -11.65 -17.07 6.97
N GLY D 201 -12.30 -18.22 7.08
CA GLY D 201 -11.72 -19.36 7.75
C GLY D 201 -11.97 -19.44 9.23
N ASP D 202 -12.97 -18.71 9.75
CA ASP D 202 -13.30 -18.81 11.17
C ASP D 202 -13.76 -20.22 11.52
N ILE D 203 -14.53 -20.85 10.65
CA ILE D 203 -14.85 -22.27 10.74
C ILE D 203 -14.31 -22.95 9.49
N GLN D 204 -13.73 -24.13 9.66
CA GLN D 204 -13.09 -24.84 8.57
C GLN D 204 -13.49 -26.31 8.60
N SER D 205 -13.73 -26.87 7.42
CA SER D 205 -14.05 -28.28 7.26
C SER D 205 -13.26 -28.82 6.08
N ARG D 206 -12.64 -29.99 6.28
CA ARG D 206 -11.74 -30.54 5.26
C ARG D 206 -12.50 -30.89 3.98
N THR D 207 -13.69 -31.46 4.11
CA THR D 207 -14.45 -31.94 2.96
C THR D 207 -15.93 -31.64 3.21
N VAL D 208 -16.72 -31.64 2.15
CA VAL D 208 -18.16 -31.47 2.30
C VAL D 208 -18.77 -32.67 3.04
N GLU D 209 -18.10 -33.83 2.91
CA GLU D 209 -18.57 -35.05 3.60
C GLU D 209 -17.78 -35.22 4.91
N SER D 210 -17.06 -34.16 5.34
CA SER D 210 -16.29 -34.24 6.58
C SER D 210 -17.19 -34.33 7.80
N LYS D 211 -16.77 -35.15 8.75
CA LYS D 211 -17.43 -35.25 10.06
C LYS D 211 -16.78 -34.35 11.09
N ASP D 212 -15.48 -34.11 10.97
CA ASP D 212 -14.76 -33.20 11.85
C ASP D 212 -14.90 -31.77 11.33
N LEU D 213 -15.22 -30.85 12.24
CA LEU D 213 -15.38 -29.45 11.92
C LEU D 213 -14.61 -28.61 12.94
N TYR D 214 -13.76 -27.71 12.46
CA TYR D 214 -13.05 -26.79 13.32
C TYR D 214 -13.78 -25.47 13.37
N ALA D 215 -14.03 -24.96 14.58
CA ALA D 215 -14.76 -23.72 14.76
C ALA D 215 -14.07 -22.89 15.83
N ASN D 216 -13.77 -21.64 15.50
CA ASN D 216 -13.19 -20.67 16.43
C ASN D 216 -13.96 -19.37 16.24
N THR D 217 -15.06 -19.21 16.98
CA THR D 217 -15.92 -18.04 16.85
C THR D 217 -16.04 -17.25 18.15
N ALA D 218 -15.22 -17.58 19.16
CA ALA D 218 -15.19 -16.84 20.42
C ALA D 218 -16.57 -16.77 21.07
N LEU D 219 -17.25 -17.91 21.15
CA LEU D 219 -18.58 -17.94 21.74
C LEU D 219 -18.51 -17.68 23.25
N LYS D 220 -19.45 -16.87 23.74
CA LYS D 220 -19.45 -16.48 25.17
C LYS D 220 -20.84 -16.68 25.78
N LEU D 221 -20.90 -17.08 27.05
CA LEU D 221 -22.15 -17.26 27.77
C LEU D 221 -22.21 -16.34 28.98
N SER D 222 -23.41 -15.85 29.28
CA SER D 222 -23.55 -14.86 30.38
C SER D 222 -24.84 -15.10 31.15
N ARG D 223 -24.88 -14.67 32.41
CA ARG D 223 -26.07 -14.78 33.25
C ARG D 223 -27.31 -14.35 32.49
N PRO D 224 -28.39 -15.10 32.60
CA PRO D 224 -29.70 -14.57 32.19
C PRO D 224 -30.14 -13.45 33.13
N SER D 225 -30.96 -12.55 32.61
CA SER D 225 -31.53 -11.53 33.46
C SER D 225 -32.56 -12.15 34.40
N SER D 226 -32.88 -11.39 35.46
CA SER D 226 -33.84 -11.88 36.48
C SER D 226 -35.24 -12.03 35.87
N GLY D 227 -35.88 -13.17 36.10
CA GLY D 227 -37.22 -13.40 35.61
C GLY D 227 -37.35 -13.50 34.10
N THR D 228 -36.36 -14.07 33.43
CA THR D 228 -36.42 -14.24 31.98
C THR D 228 -35.68 -15.51 31.59
N VAL D 229 -36.22 -16.23 30.62
CA VAL D 229 -35.61 -17.45 30.10
C VAL D 229 -35.23 -17.16 28.65
N HIS D 230 -33.96 -16.79 28.44
CA HIS D 230 -33.54 -16.42 27.09
C HIS D 230 -32.17 -16.93 26.68
N VAL D 231 -31.40 -17.57 27.57
CA VAL D 231 -30.06 -18.07 27.27
C VAL D 231 -29.24 -16.98 26.59
N PRO D 232 -28.81 -15.95 27.32
CA PRO D 232 -27.98 -14.92 26.69
C PRO D 232 -26.65 -15.50 26.23
N TYR D 233 -26.19 -15.02 25.08
CA TYR D 233 -24.88 -15.38 24.56
C TYR D 233 -24.47 -14.30 23.58
N THR D 234 -23.16 -14.02 23.55
CA THR D 234 -22.59 -13.04 22.60
C THR D 234 -21.54 -13.79 21.79
N GLN D 235 -21.61 -13.72 20.46
CA GLN D 235 -20.71 -14.48 19.61
C GLN D 235 -20.26 -13.64 18.42
N THR D 236 -19.04 -13.90 17.96
CA THR D 236 -18.51 -13.19 16.80
C THR D 236 -19.32 -13.54 15.55
N PRO D 237 -19.66 -12.55 14.72
CA PRO D 237 -20.38 -12.83 13.48
C PRO D 237 -19.55 -13.66 12.52
N SER D 238 -20.24 -14.29 11.56
CA SER D 238 -19.58 -15.16 10.60
C SER D 238 -18.57 -14.41 9.76
N GLY D 239 -17.37 -14.98 9.64
CA GLY D 239 -16.37 -14.42 8.75
C GLY D 239 -16.64 -14.69 7.29
N PHE D 240 -17.48 -15.68 6.99
CA PHE D 240 -17.84 -15.96 5.60
C PHE D 240 -18.63 -14.81 4.98
N LYS D 241 -19.64 -14.30 5.69
CA LYS D 241 -20.41 -13.18 5.16
C LYS D 241 -19.55 -11.92 5.09
N TYR D 242 -18.67 -11.72 6.07
CA TYR D 242 -17.72 -10.62 6.00
C TYR D 242 -16.86 -10.71 4.75
N TRP D 243 -16.35 -11.90 4.45
CA TRP D 243 -15.57 -12.07 3.22
C TRP D 243 -16.43 -11.83 1.98
N LEU D 244 -17.67 -12.30 2.01
CA LEU D 244 -18.57 -12.14 0.87
C LEU D 244 -18.81 -10.66 0.58
N LYS D 245 -18.96 -9.83 1.60
CA LYS D 245 -19.18 -8.41 1.35
C LYS D 245 -17.92 -7.57 1.52
N GLU D 246 -16.76 -8.22 1.58
CA GLU D 246 -15.47 -7.54 1.46
C GLU D 246 -14.53 -8.22 0.47
N ARG D 247 -15.03 -9.16 -0.35
CA ARG D 247 -14.17 -9.86 -1.29
C ARG D 247 -13.65 -8.93 -2.38
N GLY D 248 -14.51 -8.03 -2.89
CA GLY D 248 -14.12 -7.19 -3.99
C GLY D 248 -14.22 -7.92 -5.32
N THR D 249 -13.31 -7.60 -6.24
CA THR D 249 -13.29 -8.22 -7.55
C THR D 249 -12.39 -9.46 -7.53
N SER D 250 -12.66 -10.37 -8.48
CA SER D 250 -11.95 -11.64 -8.55
C SER D 250 -10.75 -11.53 -9.48
N LEU D 251 -10.11 -12.66 -9.76
CA LEU D 251 -8.95 -12.66 -10.64
C LEU D 251 -9.30 -12.32 -12.08
N ASN D 252 -10.57 -12.47 -12.47
CA ASN D 252 -10.97 -12.15 -13.84
C ASN D 252 -10.77 -10.67 -14.14
N ASP D 253 -10.89 -9.82 -13.13
CA ASP D 253 -10.79 -8.38 -13.30
C ASP D 253 -9.37 -7.85 -13.17
N LYS D 254 -8.42 -8.69 -12.76
CA LYS D 254 -7.03 -8.26 -12.63
C LYS D 254 -6.02 -9.18 -13.29
N ALA D 255 -6.46 -10.21 -14.01
CA ALA D 255 -5.53 -11.14 -14.62
C ALA D 255 -4.72 -10.46 -15.72
N PRO D 256 -3.40 -10.66 -15.75
CA PRO D 256 -2.59 -10.07 -16.82
C PRO D 256 -2.79 -10.81 -18.14
N PHE D 257 -2.28 -10.20 -19.21
CA PHE D 257 -2.29 -10.77 -20.55
C PHE D 257 -3.71 -11.03 -21.06
N GLY D 258 -4.71 -10.39 -20.48
CA GLY D 258 -6.08 -10.59 -20.91
C GLY D 258 -6.60 -12.00 -20.68
N CYS D 259 -6.16 -12.65 -19.61
CA CYS D 259 -6.68 -13.98 -19.28
C CYS D 259 -8.12 -13.89 -18.83
N VAL D 260 -8.92 -14.87 -19.23
CA VAL D 260 -10.31 -14.98 -18.82
C VAL D 260 -10.41 -16.17 -17.87
N ILE D 261 -10.70 -15.90 -16.61
CA ILE D 261 -10.73 -16.93 -15.58
C ILE D 261 -12.13 -17.52 -15.50
N LYS D 262 -12.23 -18.83 -15.67
CA LYS D 262 -13.48 -19.55 -15.46
C LYS D 262 -13.25 -20.66 -14.45
N THR D 263 -14.35 -21.22 -13.97
CA THR D 263 -14.35 -22.35 -13.04
C THR D 263 -15.00 -23.55 -13.70
N ASN D 264 -15.06 -24.67 -12.96
CA ASN D 264 -15.62 -25.94 -13.51
C ASN D 264 -14.89 -26.31 -14.81
N PRO D 265 -13.66 -26.87 -14.78
CA PRO D 265 -12.72 -26.67 -13.66
C PRO D 265 -12.00 -25.31 -13.71
N VAL D 266 -11.36 -24.90 -12.61
CA VAL D 266 -10.69 -23.61 -12.55
C VAL D 266 -9.60 -23.56 -13.62
N ARG D 267 -9.62 -22.51 -14.44
CA ARG D 267 -8.75 -22.44 -15.61
C ARG D 267 -8.57 -20.99 -16.02
N ALA D 268 -7.50 -20.74 -16.76
CA ALA D 268 -7.24 -19.45 -17.39
C ALA D 268 -7.13 -19.66 -18.89
N GLU D 269 -7.98 -18.99 -19.66
CA GLU D 269 -8.08 -19.24 -21.09
C GLU D 269 -7.62 -18.03 -21.90
N ASN D 270 -7.05 -18.31 -23.07
CA ASN D 270 -6.70 -17.30 -24.07
C ASN D 270 -5.72 -16.25 -23.52
N CYS D 271 -4.79 -16.69 -22.68
CA CYS D 271 -3.71 -15.82 -22.24
C CYS D 271 -2.73 -15.62 -23.39
N ALA D 272 -2.38 -14.37 -23.66
CA ALA D 272 -1.50 -14.00 -24.78
C ALA D 272 -0.10 -13.78 -24.24
N VAL D 273 0.66 -14.86 -24.11
CA VAL D 273 2.04 -14.80 -23.61
C VAL D 273 2.77 -16.05 -24.07
N GLY D 274 4.03 -15.88 -24.46
CA GLY D 274 4.87 -17.00 -24.83
C GLY D 274 4.70 -17.42 -26.28
N ASN D 275 5.45 -18.45 -26.64
CA ASN D 275 5.44 -19.03 -27.97
C ASN D 275 5.15 -20.51 -27.88
N ILE D 276 4.60 -21.06 -28.96
CA ILE D 276 4.23 -22.47 -29.03
C ILE D 276 5.07 -23.13 -30.12
N PRO D 277 6.13 -23.85 -29.77
CA PRO D 277 6.91 -24.57 -30.78
C PRO D 277 6.07 -25.63 -31.47
N VAL D 278 6.29 -25.80 -32.77
CA VAL D 278 5.51 -26.73 -33.59
C VAL D 278 6.47 -27.64 -34.33
N SER D 279 6.22 -28.95 -34.24
CA SER D 279 6.96 -29.95 -35.00
C SER D 279 6.00 -30.64 -35.96
N MET D 280 6.40 -30.73 -37.22
CA MET D 280 5.51 -31.07 -38.31
C MET D 280 6.02 -32.32 -39.04
N ASP D 281 5.09 -33.20 -39.39
CA ASP D 281 5.38 -34.44 -40.11
C ASP D 281 4.41 -34.55 -41.29
N ILE D 282 4.81 -34.00 -42.42
CA ILE D 282 3.95 -33.92 -43.61
C ILE D 282 4.35 -35.04 -44.57
N PRO D 283 3.40 -35.83 -45.09
CA PRO D 283 3.75 -36.88 -46.04
C PRO D 283 3.95 -36.31 -47.44
N ASP D 284 4.30 -37.21 -48.38
CA ASP D 284 4.53 -36.79 -49.76
C ASP D 284 3.24 -36.38 -50.46
N THR D 285 2.15 -37.08 -50.15
CA THR D 285 0.86 -36.85 -50.87
C THR D 285 0.45 -35.37 -50.85
N ALA D 286 0.77 -34.63 -49.78
CA ALA D 286 0.29 -33.26 -49.68
C ALA D 286 0.99 -32.35 -50.68
N PHE D 287 2.27 -32.58 -50.92
CA PHE D 287 3.06 -31.69 -51.76
C PHE D 287 2.72 -31.89 -53.24
N THR D 288 3.12 -30.91 -54.05
CA THR D 288 2.93 -30.94 -55.49
C THR D 288 4.28 -30.80 -56.20
N ARG D 289 4.42 -31.49 -57.32
CA ARG D 289 5.66 -31.50 -58.07
C ARG D 289 5.82 -30.22 -58.87
N VAL D 290 7.09 -29.85 -59.14
CA VAL D 290 7.38 -28.66 -59.92
C VAL D 290 7.10 -28.89 -61.40
N ILE D 291 7.03 -30.14 -61.83
CA ILE D 291 6.68 -30.43 -63.21
C ILE D 291 5.22 -30.07 -63.49
N ASP D 292 4.38 -30.22 -62.45
CA ASP D 292 2.96 -29.83 -62.57
C ASP D 292 2.81 -28.44 -61.95
N ALA D 293 3.85 -27.92 -61.29
CA ALA D 293 3.72 -26.57 -60.74
C ALA D 293 4.18 -25.54 -61.77
N PRO D 294 3.51 -24.40 -61.87
CA PRO D 294 3.92 -23.39 -62.86
C PRO D 294 5.29 -22.84 -62.55
N ALA D 295 6.02 -22.47 -63.60
CA ALA D 295 7.35 -21.88 -63.49
C ALA D 295 7.20 -20.37 -63.60
N VAL D 296 7.58 -19.67 -62.54
CA VAL D 296 7.37 -18.23 -62.44
C VAL D 296 8.72 -17.54 -62.53
N THR D 297 8.84 -16.59 -63.45
CA THR D 297 10.07 -15.85 -63.66
C THR D 297 9.77 -14.36 -63.73
N ASN D 298 10.83 -13.57 -63.93
CA ASN D 298 10.69 -12.09 -64.06
C ASN D 298 9.69 -11.57 -63.03
N LEU D 299 9.93 -11.82 -61.74
CA LEU D 299 9.02 -11.26 -60.74
C LEU D 299 9.58 -9.94 -60.21
N GLU D 300 8.89 -8.84 -60.50
CA GLU D 300 9.20 -7.57 -59.88
C GLU D 300 8.04 -7.20 -58.96
N CYS D 301 8.36 -6.42 -57.94
CA CYS D 301 7.36 -5.93 -56.99
C CYS D 301 7.37 -4.41 -57.01
N GLN D 302 6.16 -3.87 -57.24
CA GLN D 302 5.94 -2.40 -57.20
C GLN D 302 4.75 -2.22 -56.25
N VAL D 303 4.65 -1.12 -55.52
CA VAL D 303 3.61 -0.95 -54.52
C VAL D 303 2.86 0.35 -54.77
N ALA D 304 1.53 0.25 -54.85
CA ALA D 304 0.70 1.42 -55.10
C ALA D 304 0.45 2.19 -53.81
N VAL D 305 -0.21 1.56 -52.84
CA VAL D 305 -0.60 2.21 -51.59
C VAL D 305 -0.32 1.27 -50.43
N CYS D 306 0.15 1.83 -49.32
CA CYS D 306 0.38 1.05 -48.12
C CYS D 306 0.19 1.94 -46.91
N THR D 307 -0.51 1.42 -45.90
CA THR D 307 -0.72 2.09 -44.62
C THR D 307 -0.41 1.11 -43.51
N HIS D 308 0.47 1.49 -42.58
CA HIS D 308 0.88 0.57 -41.52
C HIS D 308 -0.14 0.61 -40.38
N SER D 309 -1.33 0.10 -40.67
CA SER D 309 -2.41 0.00 -39.71
C SER D 309 -2.39 -1.39 -39.07
N SER D 310 -3.32 -1.61 -38.14
CA SER D 310 -3.42 -2.92 -37.49
C SER D 310 -3.83 -4.00 -38.48
N ASP D 311 -4.74 -3.69 -39.38
CA ASP D 311 -5.20 -4.64 -40.38
C ASP D 311 -4.23 -4.64 -41.56
N PHE D 312 -4.63 -5.31 -42.66
CA PHE D 312 -3.79 -5.42 -43.84
C PHE D 312 -4.01 -4.18 -44.72
N GLY D 313 -3.37 -3.09 -44.32
CA GLY D 313 -3.44 -1.83 -45.03
C GLY D 313 -2.44 -1.64 -46.13
N GLY D 314 -1.64 -2.65 -46.44
CA GLY D 314 -0.67 -2.58 -47.52
C GLY D 314 -1.16 -3.35 -48.73
N ILE D 315 -0.97 -2.77 -49.91
CA ILE D 315 -1.43 -3.35 -51.16
C ILE D 315 -0.23 -3.49 -52.08
N ALA D 316 0.02 -4.72 -52.52
CA ALA D 316 1.21 -5.05 -53.29
C ALA D 316 0.81 -5.59 -54.65
N THR D 317 1.45 -5.04 -55.71
CA THR D 317 1.18 -5.49 -57.09
C THR D 317 2.44 -6.19 -57.62
N LEU D 318 2.30 -7.45 -58.05
CA LEU D 318 3.41 -8.25 -58.53
C LEU D 318 3.22 -8.55 -60.01
N THR D 319 4.31 -8.50 -60.76
CA THR D 319 4.31 -8.81 -62.19
C THR D 319 5.27 -9.96 -62.43
N PHE D 320 4.85 -10.94 -63.24
CA PHE D 320 5.66 -12.11 -63.49
C PHE D 320 5.21 -12.71 -64.81
N LYS D 321 5.93 -13.77 -65.22
CA LYS D 321 5.58 -14.52 -66.46
C LYS D 321 5.56 -16.03 -66.13
N THR D 322 4.43 -16.71 -66.35
CA THR D 322 4.25 -18.12 -66.11
C THR D 322 3.98 -18.82 -67.43
N ASP D 323 4.02 -20.15 -67.41
CA ASP D 323 3.71 -20.95 -68.59
C ASP D 323 2.33 -21.58 -68.53
N LYS D 324 1.92 -22.07 -67.37
CA LYS D 324 0.60 -22.63 -67.18
C LYS D 324 -0.06 -22.04 -65.94
N PRO D 325 -1.38 -22.00 -65.91
CA PRO D 325 -2.08 -21.51 -64.71
C PRO D 325 -2.03 -22.52 -63.59
N GLY D 326 -2.30 -22.04 -62.38
CA GLY D 326 -2.32 -22.93 -61.24
C GLY D 326 -2.26 -22.16 -59.94
N LYS D 327 -1.72 -22.81 -58.89
CA LYS D 327 -1.71 -22.16 -57.55
C LYS D 327 -0.31 -22.14 -56.92
N CYS D 328 0.27 -20.94 -56.72
CA CYS D 328 1.54 -20.76 -56.04
C CYS D 328 1.32 -20.56 -54.55
N ALA D 329 2.39 -20.79 -53.79
CA ALA D 329 2.44 -20.46 -52.38
C ALA D 329 3.23 -19.16 -52.19
N VAL D 330 2.61 -18.22 -51.47
CA VAL D 330 3.25 -16.88 -51.25
C VAL D 330 3.64 -16.77 -49.78
N HIS D 331 4.81 -16.20 -49.50
CA HIS D 331 5.32 -16.07 -48.15
C HIS D 331 6.16 -14.80 -48.06
N SER D 332 6.25 -14.28 -46.85
CA SER D 332 7.13 -13.17 -46.55
C SER D 332 8.28 -13.73 -45.70
N HIS D 333 9.50 -13.65 -46.22
CA HIS D 333 10.67 -14.13 -45.48
C HIS D 333 11.13 -13.15 -44.41
N SER D 334 10.44 -12.01 -44.29
CA SER D 334 10.77 -10.96 -43.35
C SER D 334 9.57 -10.68 -42.45
N ASN D 335 9.84 -10.45 -41.16
CA ASN D 335 8.72 -10.20 -40.19
C ASN D 335 8.17 -8.79 -40.38
N VAL D 336 8.83 -7.96 -41.20
CA VAL D 336 8.38 -6.55 -41.38
C VAL D 336 6.90 -6.54 -41.80
N ALA D 337 6.52 -7.45 -42.71
CA ALA D 337 5.14 -7.52 -43.18
C ALA D 337 4.69 -8.98 -43.24
N THR D 338 3.38 -9.17 -43.13
CA THR D 338 2.79 -10.49 -43.20
C THR D 338 1.72 -10.48 -44.28
N ILE D 339 1.86 -11.37 -45.26
CA ILE D 339 0.91 -11.43 -46.36
C ILE D 339 -0.38 -12.07 -45.85
N GLN D 340 -1.53 -11.42 -46.13
CA GLN D 340 -2.84 -11.95 -45.67
C GLN D 340 -3.13 -13.31 -46.31
N GLU D 341 -2.96 -13.42 -47.64
CA GLU D 341 -3.31 -14.69 -48.33
C GLU D 341 -2.07 -15.59 -48.44
N ALA D 342 -2.26 -16.91 -48.37
CA ALA D 342 -1.14 -17.82 -48.54
C ALA D 342 -1.02 -18.42 -49.93
N ALA D 343 -2.13 -18.54 -50.67
CA ALA D 343 -2.04 -19.00 -52.05
C ALA D 343 -3.02 -18.23 -52.92
N VAL D 344 -2.49 -17.74 -54.03
CA VAL D 344 -3.32 -16.91 -54.94
C VAL D 344 -3.41 -17.65 -56.29
N ASP D 345 -4.42 -17.27 -57.09
CA ASP D 345 -4.63 -17.88 -58.43
C ASP D 345 -3.58 -17.33 -59.39
N ILE D 346 -2.86 -18.23 -60.05
CA ILE D 346 -1.81 -17.85 -60.98
C ILE D 346 -2.29 -18.14 -62.39
N LYS D 347 -2.37 -17.09 -63.21
CA LYS D 347 -2.95 -17.23 -64.57
C LYS D 347 -2.01 -16.63 -65.62
N THR D 348 -2.53 -16.34 -66.83
CA THR D 348 -1.67 -15.85 -67.94
C THR D 348 -1.39 -14.34 -67.88
N ASP D 349 -2.32 -13.53 -67.34
CA ASP D 349 -2.10 -12.10 -67.38
C ASP D 349 -0.79 -11.70 -66.71
N GLY D 350 -0.26 -12.58 -65.86
CA GLY D 350 1.05 -12.33 -65.21
C GLY D 350 1.04 -11.23 -64.15
N LYS D 351 -0.14 -10.72 -63.75
CA LYS D 351 -0.14 -9.72 -62.64
C LYS D 351 -1.05 -10.18 -61.50
N ILE D 352 -0.59 -10.09 -60.25
CA ILE D 352 -1.40 -10.52 -59.08
C ILE D 352 -1.34 -9.44 -57.98
N THR D 353 -2.41 -9.30 -57.20
CA THR D 353 -2.44 -8.36 -56.08
C THR D 353 -2.36 -9.12 -54.76
N LEU D 354 -1.71 -8.51 -53.77
CA LEU D 354 -1.54 -9.12 -52.46
C LEU D 354 -1.88 -8.09 -51.40
N HIS D 355 -2.42 -8.55 -50.27
CA HIS D 355 -2.68 -7.69 -49.11
C HIS D 355 -1.73 -8.05 -47.99
N PHE D 356 -1.01 -7.06 -47.47
CA PHE D 356 -0.04 -7.30 -46.41
C PHE D 356 -0.20 -6.25 -45.31
N SER D 357 0.18 -6.65 -44.10
CA SER D 357 0.13 -5.79 -42.92
C SER D 357 1.54 -5.49 -42.46
N THR D 358 1.80 -4.20 -42.26
CA THR D 358 3.14 -3.81 -41.76
C THR D 358 2.97 -2.83 -40.59
N ALA D 359 4.08 -2.48 -39.96
CA ALA D 359 4.10 -1.53 -38.85
C ALA D 359 5.20 -0.50 -38.98
N SER D 360 6.00 -0.54 -40.05
CA SER D 360 7.10 0.39 -40.24
C SER D 360 6.78 1.34 -41.40
N ALA D 361 7.37 2.53 -41.35
CA ALA D 361 7.14 3.53 -42.38
C ALA D 361 7.65 3.08 -43.74
N SER D 362 8.82 2.45 -43.79
CA SER D 362 9.43 1.98 -45.04
C SER D 362 9.78 0.51 -44.87
N PRO D 363 8.81 -0.39 -45.08
CA PRO D 363 9.08 -1.81 -44.91
C PRO D 363 9.81 -2.39 -46.11
N ALA D 364 10.68 -3.36 -45.82
CA ALA D 364 11.32 -4.14 -46.86
C ALA D 364 11.12 -5.62 -46.53
N PHE D 365 10.01 -6.18 -47.01
CA PHE D 365 9.75 -7.63 -46.84
C PHE D 365 10.01 -8.30 -48.19
N LYS D 366 10.35 -9.60 -48.19
CA LYS D 366 10.67 -10.31 -49.46
C LYS D 366 9.55 -11.30 -49.79
N VAL D 367 9.06 -11.29 -51.03
CA VAL D 367 7.91 -12.18 -51.40
C VAL D 367 8.38 -13.25 -52.39
N SER D 368 8.05 -14.52 -52.12
CA SER D 368 8.39 -15.62 -53.06
C SER D 368 7.09 -16.22 -53.63
N VAL D 369 6.94 -16.21 -54.95
CA VAL D 369 5.74 -16.79 -55.58
C VAL D 369 6.16 -18.06 -56.31
N CYS D 370 5.60 -19.21 -55.89
CA CYS D 370 6.19 -20.51 -56.21
C CYS D 370 7.67 -20.45 -55.85
N SER D 371 8.58 -20.64 -56.81
CA SER D 371 10.01 -20.60 -56.52
C SER D 371 10.67 -19.29 -56.90
N ALA D 372 9.90 -18.28 -57.32
CA ALA D 372 10.47 -17.02 -57.77
C ALA D 372 10.91 -16.18 -56.57
N LYS D 373 11.67 -15.13 -56.86
CA LYS D 373 12.22 -14.26 -55.83
C LYS D 373 12.11 -12.80 -56.28
N THR D 374 11.77 -11.92 -55.33
CA THR D 374 11.77 -10.49 -55.60
C THR D 374 11.75 -9.74 -54.28
N THR D 375 12.06 -8.43 -54.37
CA THR D 375 12.10 -7.57 -53.17
C THR D 375 11.00 -6.50 -53.27
N CYS D 376 10.15 -6.40 -52.24
CA CYS D 376 9.06 -5.45 -52.18
C CYS D 376 9.48 -4.28 -51.30
N THR D 377 9.44 -3.07 -51.89
CA THR D 377 9.80 -1.84 -51.14
C THR D 377 8.60 -0.88 -51.20
N ALA D 378 8.26 -0.26 -50.08
CA ALA D 378 7.10 0.62 -49.99
C ALA D 378 7.35 1.72 -48.97
N ALA D 379 6.55 2.79 -49.11
CA ALA D 379 6.48 3.87 -48.14
C ALA D 379 5.09 3.82 -47.52
N CYS D 380 4.97 3.23 -46.33
CA CYS D 380 3.64 3.07 -45.71
C CYS D 380 3.26 4.35 -44.97
N GLU D 381 1.97 4.57 -44.72
CA GLU D 381 1.55 5.88 -44.15
C GLU D 381 0.96 5.78 -42.74
N PRO D 382 1.06 6.81 -41.86
CA PRO D 382 0.38 6.79 -40.57
C PRO D 382 -1.13 6.77 -40.77
N PRO D 383 -1.83 5.88 -40.07
CA PRO D 383 -3.22 5.56 -40.44
C PRO D 383 -4.25 6.53 -39.88
N LYS D 384 -5.54 6.17 -39.98
CA LYS D 384 -6.59 7.16 -39.60
C LYS D 384 -7.11 7.06 -38.16
N ASP D 385 -7.37 5.85 -37.65
CA ASP D 385 -8.04 5.74 -36.32
C ASP D 385 -7.07 5.66 -35.13
N HIS D 386 -7.24 6.52 -34.12
CA HIS D 386 -6.46 6.41 -32.89
C HIS D 386 -6.72 5.08 -32.19
N ILE D 387 -7.93 4.52 -32.36
CA ILE D 387 -8.35 3.32 -31.67
C ILE D 387 -9.11 2.43 -32.64
N VAL D 388 -8.82 1.12 -32.61
CA VAL D 388 -9.55 0.14 -33.40
C VAL D 388 -9.94 -1.02 -32.48
N PRO D 389 -11.03 -1.72 -32.77
CA PRO D 389 -11.48 -2.82 -31.89
C PRO D 389 -10.86 -4.18 -32.21
N TYR D 390 -9.80 -4.24 -32.99
CA TYR D 390 -9.15 -5.50 -33.33
C TYR D 390 -7.65 -5.38 -33.12
N GLY D 391 -7.01 -6.52 -32.83
CA GLY D 391 -5.59 -6.53 -32.58
C GLY D 391 -4.78 -6.40 -33.85
N ALA D 392 -3.49 -6.08 -33.66
CA ALA D 392 -2.59 -5.93 -34.79
C ALA D 392 -2.32 -7.26 -35.47
N SER D 393 -2.31 -7.26 -36.80
CA SER D 393 -2.05 -8.45 -37.59
C SER D 393 -0.59 -8.57 -38.01
N HIS D 394 0.26 -7.65 -37.59
CA HIS D 394 1.67 -7.65 -37.95
C HIS D 394 2.52 -8.08 -36.76
N ASN D 395 3.83 -8.08 -36.96
CA ASN D 395 4.79 -8.44 -35.92
C ASN D 395 5.29 -7.24 -35.14
N ASN D 396 4.75 -6.04 -35.40
CA ASN D 396 5.13 -4.81 -34.71
C ASN D 396 6.61 -4.49 -34.92
N GLN D 397 6.98 -4.34 -36.19
CA GLN D 397 8.33 -3.96 -36.60
C GLN D 397 8.27 -2.50 -37.05
N VAL D 398 9.07 -1.65 -36.41
CA VAL D 398 9.04 -0.21 -36.69
C VAL D 398 10.40 0.30 -37.16
N PHE D 399 11.40 -0.57 -37.26
CA PHE D 399 12.69 -0.16 -37.83
C PHE D 399 12.53 0.07 -39.32
N PRO D 400 12.81 1.26 -39.83
CA PRO D 400 12.69 1.50 -41.27
C PRO D 400 13.74 0.74 -42.06
N ASP D 401 13.47 0.63 -43.35
CA ASP D 401 14.36 -0.07 -44.28
C ASP D 401 15.74 0.57 -44.25
N MET D 402 16.77 -0.23 -44.54
CA MET D 402 18.11 0.32 -44.70
C MET D 402 18.15 1.39 -45.77
N SER D 403 17.22 1.36 -46.72
CA SER D 403 17.16 2.31 -47.82
C SER D 403 16.01 3.30 -47.68
N GLY D 404 15.37 3.37 -46.51
CA GLY D 404 14.29 4.32 -46.32
C GLY D 404 14.79 5.74 -46.26
N THR D 405 13.85 6.68 -46.39
CA THR D 405 14.21 8.10 -46.48
C THR D 405 14.96 8.56 -45.24
N ALA D 406 14.47 8.19 -44.06
CA ALA D 406 15.17 8.54 -42.82
C ALA D 406 16.55 7.91 -42.78
N MET D 407 16.62 6.62 -43.09
CA MET D 407 17.94 5.93 -43.12
C MET D 407 18.77 6.46 -44.29
N THR D 408 18.12 6.95 -45.36
CA THR D 408 18.87 7.56 -46.45
C THR D 408 19.56 8.84 -46.00
N TRP D 409 18.85 9.70 -45.27
CA TRP D 409 19.47 10.93 -44.76
C TRP D 409 20.54 10.63 -43.72
N VAL D 410 20.26 9.69 -42.82
CA VAL D 410 21.26 9.31 -41.82
C VAL D 410 22.53 8.81 -42.50
N GLN D 411 22.38 7.92 -43.49
CA GLN D 411 23.50 7.37 -44.22
C GLN D 411 24.26 8.45 -44.99
N ARG D 412 23.55 9.42 -45.56
CA ARG D 412 24.22 10.52 -46.23
C ARG D 412 25.07 11.34 -45.26
N VAL D 413 24.52 11.66 -44.08
CA VAL D 413 25.28 12.43 -43.11
C VAL D 413 26.49 11.64 -42.64
N ALA D 414 26.30 10.35 -42.38
CA ALA D 414 27.41 9.50 -41.94
C ALA D 414 28.47 9.39 -43.02
N GLY D 415 28.06 9.28 -44.29
CA GLY D 415 29.03 9.21 -45.36
C GLY D 415 29.84 10.49 -45.49
N GLY D 416 29.18 11.63 -45.38
CA GLY D 416 29.91 12.90 -45.45
C GLY D 416 30.90 13.05 -44.29
N LEU D 417 30.44 12.73 -43.08
CA LEU D 417 31.32 12.83 -41.92
C LEU D 417 32.48 11.85 -42.02
N GLY D 418 32.22 10.63 -42.49
CA GLY D 418 33.28 9.65 -42.67
C GLY D 418 34.26 10.05 -43.75
N GLY D 419 33.78 10.65 -44.83
CA GLY D 419 34.68 11.15 -45.84
C GLY D 419 35.59 12.24 -45.31
N LEU D 420 35.02 13.17 -44.53
CA LEU D 420 35.86 14.20 -43.91
C LEU D 420 36.87 13.60 -42.95
N THR D 421 36.43 12.63 -42.14
CA THR D 421 37.33 12.01 -41.17
C THR D 421 38.45 11.24 -41.87
N LEU D 422 38.13 10.49 -42.93
CA LEU D 422 39.15 9.76 -43.66
C LEU D 422 40.09 10.70 -44.40
N ALA D 423 39.58 11.83 -44.90
CA ALA D 423 40.46 12.82 -45.50
C ALA D 423 41.44 13.37 -44.48
N ALA D 424 40.96 13.68 -43.28
CA ALA D 424 41.85 14.14 -42.22
C ALA D 424 42.87 13.07 -41.84
N VAL D 425 42.42 11.82 -41.76
CA VAL D 425 43.33 10.71 -41.43
C VAL D 425 44.41 10.58 -42.49
N ALA D 426 44.03 10.65 -43.77
CA ALA D 426 45.00 10.54 -44.84
C ALA D 426 45.99 11.71 -44.83
N VAL D 427 45.50 12.92 -44.56
CA VAL D 427 46.38 14.08 -44.52
C VAL D 427 47.39 13.94 -43.39
N LEU D 428 46.91 13.57 -42.19
CA LEU D 428 47.82 13.39 -41.06
C LEU D 428 48.79 12.25 -41.31
N ILE D 429 48.31 11.16 -41.91
CA ILE D 429 49.18 9.98 -42.19
C ILE D 429 50.30 10.42 -43.15
N LEU D 430 49.94 11.13 -44.22
CA LEU D 430 50.96 11.59 -45.17
C LEU D 430 51.94 12.55 -44.50
N VAL D 431 51.43 13.44 -43.65
CA VAL D 431 52.31 14.39 -42.96
C VAL D 431 53.29 13.65 -42.07
N THR D 432 52.79 12.68 -41.29
CA THR D 432 53.68 11.90 -40.37
C THR D 432 54.68 11.09 -41.19
N CYS D 433 54.26 10.52 -42.31
CA CYS D 433 55.19 9.77 -43.15
C CYS D 433 56.31 10.69 -43.64
N VAL D 434 55.95 11.90 -44.06
CA VAL D 434 56.96 12.86 -44.53
C VAL D 434 57.89 13.26 -43.38
N THR D 435 57.34 13.41 -42.17
CA THR D 435 58.17 13.78 -41.03
C THR D 435 59.20 12.71 -40.71
N MET D 436 58.78 11.44 -40.70
CA MET D 436 59.78 10.38 -40.51
C MET D 436 60.67 10.23 -41.74
N ARG D 437 60.23 10.72 -42.90
CA ARG D 437 61.09 10.70 -44.08
C ARG D 437 62.25 11.67 -43.95
N ARG D 438 62.04 12.78 -43.23
CA ARG D 438 63.03 13.84 -43.12
C ARG D 438 63.85 13.69 -41.83
N SER E 1 -49.81 -33.75 -2.47
CA SER E 1 -50.24 -32.36 -2.55
C SER E 1 -49.99 -31.63 -1.22
N VAL E 2 -50.75 -30.56 -1.00
CA VAL E 2 -50.53 -29.72 0.18
C VAL E 2 -50.96 -30.45 1.46
N THR E 3 -51.91 -31.38 1.34
CA THR E 3 -52.47 -31.98 2.55
C THR E 3 -51.53 -32.98 3.19
N GLU E 4 -50.96 -33.87 2.35
CA GLU E 4 -49.98 -34.87 2.85
C GLU E 4 -48.64 -34.17 3.09
N HIS E 5 -48.58 -32.85 2.88
CA HIS E 5 -47.34 -32.09 3.18
C HIS E 5 -47.57 -31.32 4.48
N PHE E 6 -48.83 -30.99 4.79
CA PHE E 6 -49.15 -30.32 6.04
C PHE E 6 -49.49 -31.29 7.16
N ASN E 7 -49.72 -32.57 6.84
CA ASN E 7 -50.07 -33.54 7.89
C ASN E 7 -48.95 -33.70 8.91
N VAL E 8 -47.74 -33.23 8.61
CA VAL E 8 -46.62 -33.37 9.55
C VAL E 8 -46.77 -32.44 10.75
N TYR E 9 -47.52 -31.35 10.62
CA TYR E 9 -47.64 -30.36 11.70
C TYR E 9 -48.72 -30.65 12.72
N LYS E 10 -49.77 -31.37 12.32
CA LYS E 10 -50.92 -31.62 13.24
C LYS E 10 -50.38 -32.13 14.57
N ALA E 11 -49.35 -32.98 14.54
CA ALA E 11 -48.76 -33.53 15.74
C ALA E 11 -47.96 -32.50 16.54
N THR E 12 -47.93 -31.25 16.08
CA THR E 12 -47.20 -30.18 16.73
C THR E 12 -48.17 -29.11 17.23
N LYS E 13 -47.64 -28.18 18.01
CA LYS E 13 -48.43 -27.12 18.62
C LYS E 13 -47.68 -25.81 18.58
N PRO E 14 -48.38 -24.70 18.35
CA PRO E 14 -47.74 -23.38 18.49
C PRO E 14 -47.38 -23.10 19.94
N TYR E 15 -46.53 -22.08 20.12
CA TYR E 15 -46.01 -21.77 21.45
C TYR E 15 -46.00 -20.26 21.66
N LEU E 16 -45.93 -19.88 22.93
CA LEU E 16 -45.82 -18.47 23.34
C LEU E 16 -44.43 -18.24 23.90
N ALA E 17 -43.71 -17.28 23.34
CA ALA E 17 -42.34 -17.00 23.73
C ALA E 17 -42.20 -15.54 24.13
N TYR E 18 -41.01 -15.20 24.61
CA TYR E 18 -40.70 -13.87 25.09
C TYR E 18 -40.14 -13.03 23.94
N CYS E 19 -40.89 -12.02 23.52
CA CYS E 19 -40.46 -11.08 22.49
C CYS E 19 -40.07 -9.77 23.17
N ALA E 20 -38.84 -9.32 22.93
CA ALA E 20 -38.30 -8.18 23.64
C ALA E 20 -38.88 -6.85 23.17
N ASP E 21 -39.40 -6.78 21.95
CA ASP E 21 -39.92 -5.53 21.41
C ASP E 21 -41.11 -5.85 20.52
N CYS E 22 -42.31 -5.66 21.05
CA CYS E 22 -43.54 -5.97 20.32
C CYS E 22 -44.15 -4.70 19.74
N GLY E 23 -43.50 -4.19 18.69
CA GLY E 23 -43.96 -2.99 18.01
C GLY E 23 -43.62 -1.74 18.79
N ASP E 24 -44.19 -1.61 19.99
CA ASP E 24 -43.84 -0.52 20.90
C ASP E 24 -42.50 -0.81 21.55
N GLY E 25 -42.11 0.03 22.51
CA GLY E 25 -40.76 -0.02 23.04
C GLY E 25 -40.56 -1.00 24.17
N GLN E 26 -41.53 -1.90 24.36
CA GLN E 26 -41.45 -2.81 25.53
C GLN E 26 -41.67 -4.25 25.13
N PHE E 27 -41.23 -5.19 25.99
CA PHE E 27 -41.43 -6.60 25.77
C PHE E 27 -42.87 -6.97 26.11
N CYS E 28 -43.29 -8.13 25.61
CA CYS E 28 -44.46 -8.85 26.11
C CYS E 28 -44.40 -10.25 25.53
N TYR E 29 -45.41 -11.06 25.86
CA TYR E 29 -45.37 -12.48 25.53
C TYR E 29 -46.28 -12.72 24.33
N SER E 30 -45.69 -12.77 23.14
CA SER E 30 -46.45 -12.74 21.90
C SER E 30 -46.34 -14.05 21.14
N PRO E 31 -47.33 -14.37 20.30
CA PRO E 31 -47.27 -15.60 19.51
C PRO E 31 -46.53 -15.46 18.18
N VAL E 32 -45.80 -14.38 17.96
CA VAL E 32 -45.02 -14.22 16.74
C VAL E 32 -43.56 -13.92 17.06
N ALA E 33 -43.10 -14.43 18.20
CA ALA E 33 -41.70 -14.24 18.59
C ALA E 33 -40.77 -14.79 17.53
N ILE E 34 -40.02 -13.91 16.88
CA ILE E 34 -39.13 -14.31 15.79
C ILE E 34 -37.94 -15.05 16.37
N GLU E 35 -37.63 -16.21 15.81
CA GLU E 35 -36.52 -17.03 16.29
C GLU E 35 -35.25 -16.84 15.47
N LYS E 36 -35.33 -17.04 14.15
CA LYS E 36 -34.12 -16.94 13.30
C LYS E 36 -34.48 -16.58 11.85
N ILE E 37 -33.76 -15.64 11.24
CA ILE E 37 -33.98 -15.28 9.84
C ILE E 37 -32.83 -15.89 9.05
N ARG E 38 -33.17 -16.67 8.01
CA ARG E 38 -32.20 -17.38 7.21
C ARG E 38 -32.04 -16.69 5.86
N ASP E 39 -30.80 -16.61 5.36
CA ASP E 39 -30.58 -15.84 4.11
C ASP E 39 -29.51 -16.53 3.26
N GLU E 40 -29.87 -17.59 2.55
CA GLU E 40 -28.88 -18.22 1.63
C GLU E 40 -29.24 -17.88 0.18
N ALA E 41 -30.23 -16.99 -0.02
CA ALA E 41 -30.66 -16.64 -1.40
C ALA E 41 -29.82 -15.49 -1.98
N SER E 42 -29.48 -15.57 -3.27
CA SER E 42 -28.73 -14.52 -3.95
C SER E 42 -29.63 -13.43 -4.51
N ASP E 43 -30.93 -13.68 -4.62
CA ASP E 43 -31.87 -12.72 -5.18
C ASP E 43 -32.49 -11.80 -4.14
N GLY E 44 -32.15 -11.97 -2.87
CA GLY E 44 -32.62 -11.10 -1.81
C GLY E 44 -33.76 -11.63 -0.99
N MET E 45 -34.18 -12.88 -1.18
CA MET E 45 -35.24 -13.45 -0.37
C MET E 45 -34.70 -13.83 1.01
N ILE E 46 -35.53 -13.61 2.02
CA ILE E 46 -35.19 -13.96 3.39
C ILE E 46 -36.30 -14.83 3.97
N LYS E 47 -35.92 -15.72 4.88
CA LYS E 47 -36.84 -16.64 5.52
C LYS E 47 -37.00 -16.26 6.98
N ILE E 48 -38.24 -16.14 7.45
CA ILE E 48 -38.54 -15.70 8.79
C ILE E 48 -39.26 -16.83 9.53
N GLN E 49 -38.75 -17.18 10.71
CA GLN E 49 -39.37 -18.19 11.56
C GLN E 49 -40.13 -17.49 12.69
N VAL E 50 -41.41 -17.80 12.82
CA VAL E 50 -42.27 -17.17 13.80
C VAL E 50 -42.83 -18.24 14.74
N ALA E 51 -43.33 -17.80 15.89
CA ALA E 51 -43.88 -18.72 16.88
C ALA E 51 -45.20 -19.33 16.41
N ALA E 52 -46.05 -18.53 15.78
CA ALA E 52 -47.34 -19.03 15.33
C ALA E 52 -47.17 -19.92 14.09
N GLN E 53 -48.18 -20.75 13.83
CA GLN E 53 -48.21 -21.63 12.67
C GLN E 53 -49.26 -21.12 11.70
N ILE E 54 -48.87 -20.94 10.44
CA ILE E 54 -49.72 -20.35 9.41
C ILE E 54 -50.18 -21.45 8.47
N GLY E 55 -51.47 -21.50 8.20
CA GLY E 55 -52.03 -22.49 7.31
C GLY E 55 -52.67 -23.69 7.99
N ILE E 56 -52.78 -23.67 9.31
CA ILE E 56 -53.33 -24.78 10.09
C ILE E 56 -54.36 -24.22 11.05
N ASN E 57 -55.50 -24.90 11.17
CA ASN E 57 -56.60 -24.40 11.98
C ASN E 57 -56.51 -24.94 13.41
N LYS E 58 -57.60 -24.76 14.16
CA LYS E 58 -57.66 -25.24 15.54
C LYS E 58 -57.59 -26.76 15.61
N GLY E 59 -58.32 -27.45 14.72
CA GLY E 59 -58.29 -28.90 14.72
C GLY E 59 -56.96 -29.47 14.27
N GLY E 60 -56.36 -28.85 13.25
CA GLY E 60 -55.10 -29.34 12.72
C GLY E 60 -55.10 -29.42 11.21
N THR E 61 -56.27 -29.15 10.62
CA THR E 61 -56.40 -29.29 9.15
C THR E 61 -55.82 -28.08 8.43
N HIS E 62 -55.66 -28.20 7.12
CA HIS E 62 -54.99 -27.13 6.32
C HIS E 62 -55.98 -26.18 5.64
N GLU E 63 -55.84 -24.88 5.90
CA GLU E 63 -56.61 -23.86 5.19
C GLU E 63 -55.66 -22.80 4.67
N HIS E 64 -56.10 -22.05 3.65
CA HIS E 64 -55.25 -20.96 3.08
C HIS E 64 -55.62 -19.61 3.71
N ASN E 65 -56.29 -19.58 4.87
CA ASN E 65 -56.75 -18.27 5.41
C ASN E 65 -56.82 -18.25 6.94
N LYS E 66 -56.16 -19.17 7.63
CA LYS E 66 -56.20 -19.21 9.09
C LYS E 66 -54.81 -19.36 9.67
N ILE E 67 -54.57 -18.67 10.78
CA ILE E 67 -53.32 -18.75 11.53
C ILE E 67 -53.67 -19.16 12.96
N ARG E 68 -53.05 -20.23 13.44
CA ARG E 68 -53.26 -20.72 14.79
C ARG E 68 -52.09 -20.34 15.68
N TYR E 69 -52.39 -20.01 16.93
CA TYR E 69 -51.39 -19.50 17.85
C TYR E 69 -51.85 -19.77 19.28
N ILE E 70 -51.13 -19.22 20.24
CA ILE E 70 -51.41 -19.40 21.65
C ILE E 70 -51.80 -18.06 22.26
N ALA E 71 -52.96 -18.03 22.92
CA ALA E 71 -53.41 -16.87 23.68
C ALA E 71 -53.84 -17.40 25.06
N GLY E 72 -52.89 -17.47 25.97
CA GLY E 72 -53.13 -18.07 27.28
C GLY E 72 -52.89 -19.58 27.25
N HIS E 73 -53.92 -20.36 27.58
CA HIS E 73 -53.83 -21.81 27.58
C HIS E 73 -54.39 -22.46 26.33
N ASP E 74 -55.46 -21.90 25.77
CA ASP E 74 -56.16 -22.54 24.66
C ASP E 74 -55.68 -22.00 23.32
N MET E 75 -55.59 -22.90 22.34
CA MET E 75 -55.30 -22.52 20.97
C MET E 75 -56.45 -21.70 20.40
N LYS E 76 -56.13 -20.71 19.59
CA LYS E 76 -57.16 -19.86 19.00
C LYS E 76 -56.91 -19.60 17.52
N GLU E 77 -57.77 -18.74 16.97
CA GLU E 77 -57.72 -18.57 15.51
C GLU E 77 -57.36 -17.14 15.09
N ALA E 78 -56.90 -17.01 13.86
CA ALA E 78 -56.51 -15.76 13.24
C ALA E 78 -56.65 -15.90 11.73
N ASN E 79 -56.75 -14.76 11.05
CA ASN E 79 -56.94 -14.78 9.62
C ASN E 79 -55.63 -14.43 8.92
N ARG E 80 -55.46 -14.88 7.68
CA ARG E 80 -54.16 -14.78 7.01
C ARG E 80 -53.92 -13.43 6.33
N ASP E 81 -54.97 -12.76 5.86
CA ASP E 81 -54.78 -11.49 5.07
C ASP E 81 -54.14 -10.37 5.91
N SER E 82 -54.05 -10.54 7.23
CA SER E 82 -53.51 -9.52 8.12
C SER E 82 -52.05 -9.78 8.50
N LEU E 83 -51.45 -10.86 8.03
CA LEU E 83 -50.03 -11.06 8.27
C LEU E 83 -49.23 -10.13 7.34
N GLN E 84 -48.33 -9.36 7.95
CA GLN E 84 -47.53 -8.40 7.20
C GLN E 84 -46.11 -8.38 7.77
N VAL E 85 -45.15 -8.07 6.90
CA VAL E 85 -43.74 -8.02 7.26
C VAL E 85 -43.19 -6.64 6.92
N TYR E 86 -42.54 -6.01 7.89
CA TYR E 86 -42.09 -4.63 7.76
C TYR E 86 -40.60 -4.53 8.04
N THR E 87 -39.86 -3.91 7.12
CA THR E 87 -38.48 -3.53 7.36
C THR E 87 -38.31 -2.01 7.35
N SER E 88 -38.65 -1.38 6.24
CA SER E 88 -38.81 0.06 6.13
C SER E 88 -40.14 0.42 5.52
N GLY E 89 -40.60 -0.36 4.54
CA GLY E 89 -41.95 -0.34 4.06
C GLY E 89 -42.60 -1.70 4.21
N VAL E 90 -43.56 -1.95 3.32
CA VAL E 90 -44.29 -3.25 3.32
C VAL E 90 -43.52 -4.27 2.49
N CYS E 91 -43.37 -5.49 3.00
CA CYS E 91 -42.67 -6.57 2.32
C CYS E 91 -43.67 -7.43 1.55
N ALA E 92 -43.18 -8.05 0.48
CA ALA E 92 -43.99 -8.91 -0.37
C ALA E 92 -43.80 -10.35 0.05
N ILE E 93 -44.84 -10.94 0.66
CA ILE E 93 -44.77 -12.32 1.12
C ILE E 93 -45.04 -13.25 -0.05
N ARG E 94 -44.15 -14.23 -0.24
CA ARG E 94 -44.26 -15.18 -1.34
C ARG E 94 -44.82 -16.53 -0.93
N GLY E 95 -44.70 -16.90 0.34
CA GLY E 95 -45.18 -18.19 0.78
C GLY E 95 -45.04 -18.39 2.28
N THR E 96 -46.05 -19.00 2.88
CA THR E 96 -46.06 -19.27 4.32
C THR E 96 -46.36 -20.73 4.56
N MET E 97 -45.68 -21.33 5.54
CA MET E 97 -45.93 -22.71 5.92
C MET E 97 -45.57 -22.89 7.38
N GLY E 98 -46.58 -22.98 8.23
CA GLY E 98 -46.33 -23.22 9.66
C GLY E 98 -45.56 -22.08 10.28
N HIS E 99 -44.41 -22.40 10.86
CA HIS E 99 -43.58 -21.42 11.56
C HIS E 99 -42.78 -20.54 10.61
N PHE E 100 -42.76 -20.85 9.32
CA PHE E 100 -41.81 -20.25 8.38
C PHE E 100 -42.51 -19.35 7.38
N ILE E 101 -41.97 -18.15 7.22
CA ILE E 101 -42.44 -17.17 6.24
C ILE E 101 -41.27 -16.71 5.39
N VAL E 102 -41.47 -16.69 4.08
CA VAL E 102 -40.50 -16.13 3.15
C VAL E 102 -41.12 -14.90 2.50
N ALA E 103 -40.33 -13.85 2.34
CA ALA E 103 -40.86 -12.59 1.83
C ALA E 103 -39.76 -11.82 1.14
N TYR E 104 -40.18 -10.87 0.29
CA TYR E 104 -39.29 -9.96 -0.40
C TYR E 104 -39.27 -8.65 0.37
N CYS E 105 -38.10 -8.24 0.85
CA CYS E 105 -38.09 -7.09 1.72
C CYS E 105 -37.15 -6.02 1.20
N PRO E 106 -37.56 -4.75 1.27
CA PRO E 106 -36.67 -3.66 0.91
C PRO E 106 -35.55 -3.54 1.94
N PRO E 107 -34.44 -2.88 1.59
CA PRO E 107 -33.37 -2.71 2.58
C PRO E 107 -33.89 -1.95 3.79
N GLY E 108 -33.49 -2.42 4.97
CA GLY E 108 -34.03 -1.87 6.19
C GLY E 108 -33.16 -2.18 7.39
N ASP E 109 -33.57 -1.71 8.56
CA ASP E 109 -32.73 -1.89 9.77
C ASP E 109 -33.43 -2.82 10.77
N GLU E 110 -34.74 -3.05 10.59
CA GLU E 110 -35.48 -3.87 11.58
C GLU E 110 -36.31 -4.91 10.81
N LEU E 111 -36.92 -5.85 11.52
CA LEU E 111 -37.80 -6.85 10.87
C LEU E 111 -39.02 -7.08 11.76
N LYS E 112 -40.17 -6.51 11.38
CA LYS E 112 -41.35 -6.65 12.22
C LYS E 112 -42.37 -7.53 11.52
N VAL E 113 -42.92 -8.50 12.26
CA VAL E 113 -43.96 -9.38 11.77
C VAL E 113 -45.17 -9.24 12.68
N GLN E 114 -46.33 -8.93 12.08
CA GLN E 114 -47.56 -8.73 12.83
C GLN E 114 -48.73 -9.37 12.11
N PHE E 115 -49.73 -9.76 12.90
CA PHE E 115 -51.01 -10.23 12.36
C PHE E 115 -52.10 -9.59 13.21
N GLN E 116 -53.34 -9.64 12.67
CA GLN E 116 -54.51 -9.11 13.41
C GLN E 116 -55.04 -10.21 14.32
N ASP E 117 -55.09 -9.95 15.62
CA ASP E 117 -55.47 -10.94 16.60
C ASP E 117 -56.98 -11.19 16.54
N ALA E 118 -57.39 -12.35 17.07
CA ALA E 118 -58.81 -12.65 17.16
C ALA E 118 -59.54 -11.64 18.03
N GLU E 119 -58.80 -10.94 18.90
CA GLU E 119 -59.41 -9.86 19.73
C GLU E 119 -59.29 -8.55 18.95
N SER E 120 -59.22 -8.63 17.62
CA SER E 120 -59.09 -7.41 16.77
C SER E 120 -57.86 -6.59 17.16
N HIS E 121 -57.01 -7.11 18.07
CA HIS E 121 -55.78 -6.42 18.40
C HIS E 121 -54.71 -6.71 17.36
N THR E 122 -53.63 -5.95 17.43
CA THR E 122 -52.46 -6.18 16.58
C THR E 122 -51.32 -6.67 17.45
N GLN E 123 -50.78 -7.83 17.11
CA GLN E 123 -49.70 -8.47 17.88
C GLN E 123 -48.48 -8.60 16.98
N ALA E 124 -47.38 -7.98 17.40
CA ALA E 124 -46.18 -7.89 16.58
C ALA E 124 -44.96 -8.30 17.40
N CYS E 125 -43.86 -8.53 16.68
CA CYS E 125 -42.55 -8.79 17.30
C CYS E 125 -41.49 -8.14 16.42
N LYS E 126 -40.60 -7.37 17.05
CA LYS E 126 -39.61 -6.59 16.33
C LYS E 126 -38.20 -7.03 16.73
N VAL E 127 -37.34 -7.21 15.73
CA VAL E 127 -35.95 -7.57 15.94
C VAL E 127 -35.07 -6.71 15.03
N GLN E 128 -33.79 -6.63 15.40
CA GLN E 128 -32.78 -5.91 14.61
C GLN E 128 -32.20 -6.85 13.56
N TYR E 129 -32.14 -6.39 12.31
CA TYR E 129 -31.60 -7.23 11.24
C TYR E 129 -30.96 -6.30 10.20
N LYS E 130 -29.70 -6.55 9.88
CA LYS E 130 -29.06 -5.95 8.70
C LYS E 130 -29.56 -6.64 7.43
N HIS E 131 -30.58 -6.07 6.80
CA HIS E 131 -31.06 -6.53 5.49
C HIS E 131 -30.49 -5.59 4.44
N ALA E 132 -29.29 -5.91 3.94
CA ALA E 132 -28.63 -5.16 2.88
C ALA E 132 -28.18 -6.17 1.83
N PRO E 133 -29.10 -6.63 0.98
CA PRO E 133 -28.76 -7.69 0.01
C PRO E 133 -27.68 -7.23 -0.97
N ALA E 134 -26.79 -8.15 -1.29
CA ALA E 134 -25.74 -7.85 -2.26
C ALA E 134 -26.34 -7.74 -3.66
N PRO E 135 -25.74 -6.93 -4.53
CA PRO E 135 -26.26 -6.80 -5.90
C PRO E 135 -26.14 -8.12 -6.66
N VAL E 136 -27.11 -8.36 -7.52
CA VAL E 136 -27.08 -9.50 -8.43
C VAL E 136 -26.46 -9.01 -9.73
N GLY E 137 -25.20 -9.36 -9.96
CA GLY E 137 -24.51 -8.90 -11.16
C GLY E 137 -23.76 -7.60 -10.95
N ARG E 138 -23.86 -6.67 -11.90
CA ARG E 138 -23.04 -5.43 -11.80
C ARG E 138 -23.90 -4.15 -11.78
N GLU E 139 -25.23 -4.27 -11.66
CA GLU E 139 -26.05 -3.07 -11.56
C GLU E 139 -26.88 -3.13 -10.28
N LYS E 140 -26.89 -2.01 -9.56
CA LYS E 140 -27.60 -1.90 -8.29
C LYS E 140 -29.03 -1.45 -8.59
N PHE E 141 -29.82 -2.39 -9.09
CA PHE E 141 -31.21 -2.16 -9.41
C PHE E 141 -32.11 -2.65 -8.28
N THR E 142 -33.33 -2.11 -8.26
CA THR E 142 -34.31 -2.50 -7.26
C THR E 142 -35.58 -3.06 -7.87
N VAL E 143 -35.86 -2.75 -9.12
CA VAL E 143 -37.08 -3.20 -9.80
C VAL E 143 -36.66 -4.02 -11.01
N ARG E 144 -37.26 -5.20 -11.16
CA ARG E 144 -36.96 -6.06 -12.28
C ARG E 144 -37.38 -5.39 -13.59
N PRO E 145 -36.48 -5.23 -14.55
CA PRO E 145 -36.83 -4.53 -15.78
C PRO E 145 -37.67 -5.41 -16.70
N HIS E 146 -38.16 -4.78 -17.78
CA HIS E 146 -38.94 -5.51 -18.77
C HIS E 146 -38.09 -6.08 -19.89
N PHE E 147 -36.81 -5.74 -19.94
CA PHE E 147 -35.89 -6.36 -20.89
C PHE E 147 -34.50 -6.36 -20.29
N GLY E 148 -33.68 -7.31 -20.74
CA GLY E 148 -32.31 -7.38 -20.25
C GLY E 148 -31.69 -8.74 -20.53
N ILE E 149 -30.85 -9.19 -19.60
CA ILE E 149 -30.18 -10.47 -19.69
C ILE E 149 -30.42 -11.24 -18.40
N GLU E 150 -30.22 -12.55 -18.47
CA GLU E 150 -30.47 -13.44 -17.34
C GLU E 150 -29.15 -13.79 -16.66
N VAL E 151 -29.11 -13.65 -15.35
CA VAL E 151 -27.93 -13.94 -14.54
C VAL E 151 -28.30 -15.01 -13.52
N PRO E 152 -27.53 -16.08 -13.39
CA PRO E 152 -27.88 -17.14 -12.43
C PRO E 152 -27.84 -16.63 -10.99
N CYS E 153 -28.69 -17.22 -10.16
CA CYS E 153 -28.77 -16.87 -8.74
C CYS E 153 -29.40 -18.03 -7.98
N THR E 154 -29.45 -17.90 -6.66
CA THR E 154 -30.05 -18.90 -5.80
C THR E 154 -31.33 -18.35 -5.17
N THR E 155 -32.33 -19.21 -5.06
CA THR E 155 -33.64 -18.79 -4.57
C THR E 155 -34.26 -19.94 -3.78
N TYR E 156 -35.29 -19.61 -3.00
CA TYR E 156 -36.06 -20.60 -2.25
C TYR E 156 -37.20 -21.08 -3.14
N GLN E 157 -37.28 -22.38 -3.36
CA GLN E 157 -38.38 -22.94 -4.14
C GLN E 157 -39.68 -22.81 -3.38
N LEU E 158 -40.75 -22.41 -4.08
CA LEU E 158 -42.05 -22.22 -3.45
C LEU E 158 -42.85 -23.52 -3.49
N THR E 159 -42.31 -24.53 -2.79
CA THR E 159 -42.95 -25.83 -2.66
C THR E 159 -42.92 -26.26 -1.20
N THR E 160 -43.87 -27.11 -0.83
CA THR E 160 -44.01 -27.59 0.53
C THR E 160 -43.47 -29.00 0.73
N ALA E 161 -42.70 -29.50 -0.25
CA ALA E 161 -42.16 -30.85 -0.13
C ALA E 161 -41.16 -30.94 1.02
N PRO E 162 -41.12 -32.05 1.74
CA PRO E 162 -40.15 -32.20 2.83
C PRO E 162 -38.71 -32.17 2.32
N THR E 163 -37.82 -31.63 3.13
CA THR E 163 -36.40 -31.50 2.79
C THR E 163 -35.55 -32.12 3.90
N GLU E 164 -34.23 -32.17 3.65
CA GLU E 164 -33.29 -32.67 4.64
C GLU E 164 -33.17 -31.71 5.82
N GLU E 165 -33.38 -30.41 5.56
CA GLU E 165 -33.31 -29.40 6.64
C GLU E 165 -34.50 -29.61 7.56
N GLU E 166 -34.25 -29.87 8.85
CA GLU E 166 -35.36 -30.14 9.80
C GLU E 166 -35.12 -29.38 11.11
N ILE E 167 -36.18 -29.01 11.81
CA ILE E 167 -36.05 -28.32 13.14
C ILE E 167 -36.38 -29.32 14.24
N ASP E 168 -35.85 -29.09 15.45
CA ASP E 168 -36.10 -29.97 16.59
C ASP E 168 -37.48 -29.75 17.21
N MET E 169 -38.07 -30.83 17.68
CA MET E 169 -39.37 -30.78 18.35
C MET E 169 -39.33 -31.60 19.63
N HIS E 170 -40.03 -31.11 20.65
CA HIS E 170 -40.01 -31.77 21.96
C HIS E 170 -41.29 -31.45 22.74
N THR E 171 -41.47 -32.16 23.84
CA THR E 171 -42.67 -31.99 24.66
C THR E 171 -42.65 -30.63 25.35
N PRO E 172 -43.80 -29.99 25.50
CA PRO E 172 -43.83 -28.69 26.20
C PRO E 172 -43.50 -28.86 27.67
N PRO E 173 -42.92 -27.84 28.29
CA PRO E 173 -42.60 -27.93 29.72
C PRO E 173 -43.81 -27.58 30.58
N ASP E 174 -43.58 -27.56 31.90
CA ASP E 174 -44.62 -27.18 32.84
C ASP E 174 -44.98 -25.72 32.66
N ILE E 175 -46.29 -25.45 32.60
CA ILE E 175 -46.78 -24.06 32.36
C ILE E 175 -47.48 -23.55 33.65
N PRO E 176 -46.82 -22.79 34.57
CA PRO E 176 -47.47 -22.34 35.80
C PRO E 176 -48.54 -21.29 35.52
N ASP E 177 -49.42 -21.10 36.51
CA ASP E 177 -50.48 -20.11 36.43
C ASP E 177 -51.00 -19.82 37.83
N ILE E 178 -50.91 -18.55 38.25
CA ILE E 178 -51.36 -18.16 39.62
C ILE E 178 -52.89 -18.18 39.68
N THR E 179 -53.56 -17.87 38.57
CA THR E 179 -55.05 -17.76 38.57
C THR E 179 -55.72 -19.13 38.69
N LEU E 180 -54.97 -20.23 38.55
CA LEU E 180 -55.59 -21.53 38.73
C LEU E 180 -55.88 -21.83 40.19
N LEU E 181 -55.59 -20.88 41.08
CA LEU E 181 -55.77 -21.00 42.52
C LEU E 181 -56.79 -19.99 43.01
N SER E 182 -57.63 -20.42 43.96
CA SER E 182 -58.52 -19.52 44.68
C SER E 182 -58.44 -19.86 46.16
N GLN E 183 -58.36 -18.83 47.00
CA GLN E 183 -58.18 -19.01 48.43
C GLN E 183 -59.53 -19.33 49.08
N GLN E 184 -59.61 -20.50 49.72
CA GLN E 184 -60.77 -20.88 50.50
C GLN E 184 -60.34 -21.35 51.88
N SER E 185 -61.24 -21.19 52.85
CA SER E 185 -60.94 -21.56 54.23
C SER E 185 -60.68 -23.06 54.34
N GLY E 186 -59.45 -23.44 54.64
CA GLY E 186 -59.10 -24.84 54.78
C GLY E 186 -58.78 -25.51 53.46
N ASN E 187 -59.80 -25.83 52.66
CA ASN E 187 -59.60 -26.49 51.38
C ASN E 187 -59.38 -25.43 50.31
N VAL E 188 -58.11 -25.12 50.04
CA VAL E 188 -57.74 -24.20 48.96
C VAL E 188 -58.04 -24.87 47.63
N LYS E 189 -58.82 -24.21 46.79
CA LYS E 189 -59.17 -24.81 45.50
C LYS E 189 -58.20 -24.43 44.38
N ILE E 190 -57.86 -25.46 43.59
CA ILE E 190 -57.03 -25.25 42.37
C ILE E 190 -57.95 -25.60 41.18
N THR E 191 -58.63 -24.58 40.65
CA THR E 191 -59.55 -24.79 39.49
C THR E 191 -58.80 -25.60 38.43
N ALA E 192 -59.35 -26.77 38.07
CA ALA E 192 -58.66 -27.64 37.13
C ALA E 192 -59.01 -27.22 35.70
N GLY E 193 -58.35 -26.17 35.21
CA GLY E 193 -58.55 -25.74 33.83
C GLY E 193 -57.54 -26.36 32.90
N GLY E 194 -57.94 -27.43 32.23
CA GLY E 194 -57.05 -28.14 31.34
C GLY E 194 -57.12 -29.63 31.56
N LYS E 195 -56.09 -30.33 31.08
CA LYS E 195 -56.04 -31.78 31.19
C LYS E 195 -55.39 -32.23 32.50
N THR E 196 -54.14 -31.82 32.73
CA THR E 196 -53.38 -32.26 33.88
C THR E 196 -52.72 -31.05 34.54
N ILE E 197 -52.86 -30.94 35.87
CA ILE E 197 -52.33 -29.82 36.64
C ILE E 197 -51.49 -30.39 37.78
N ARG E 198 -50.27 -29.87 37.93
CA ARG E 198 -49.34 -30.30 38.97
C ARG E 198 -49.22 -29.21 40.04
N TYR E 199 -49.16 -29.63 41.30
CA TYR E 199 -49.01 -28.69 42.40
C TYR E 199 -47.98 -29.23 43.39
N ASN E 200 -47.46 -28.32 44.22
CA ASN E 200 -46.61 -28.71 45.34
C ASN E 200 -46.75 -27.63 46.40
N CYS E 201 -47.25 -28.02 47.57
CA CYS E 201 -47.59 -27.08 48.64
C CYS E 201 -46.71 -27.35 49.85
N THR E 202 -46.11 -26.29 50.39
CA THR E 202 -45.27 -26.43 51.58
C THR E 202 -46.11 -26.82 52.79
N CYS E 203 -47.19 -26.08 53.04
CA CYS E 203 -48.05 -26.40 54.18
C CYS E 203 -48.95 -27.59 53.90
N GLY E 204 -49.43 -27.72 52.66
CA GLY E 204 -50.29 -28.82 52.28
C GLY E 204 -49.50 -30.08 51.93
N SER E 205 -50.24 -31.08 51.48
CA SER E 205 -49.61 -32.34 51.10
C SER E 205 -48.72 -32.17 49.88
N GLY E 206 -49.20 -31.47 48.86
CA GLY E 206 -48.42 -31.27 47.66
C GLY E 206 -48.21 -32.57 46.89
N ASN E 207 -46.95 -33.01 46.82
CA ASN E 207 -46.57 -34.25 46.14
C ASN E 207 -46.93 -34.10 44.66
N VAL E 208 -47.59 -35.08 44.04
CA VAL E 208 -47.90 -35.02 42.62
C VAL E 208 -49.24 -34.31 42.44
N GLY E 209 -49.44 -33.75 41.24
CA GLY E 209 -50.64 -32.98 40.97
C GLY E 209 -51.80 -33.77 40.40
N THR E 210 -51.53 -34.96 39.84
CA THR E 210 -52.54 -35.77 39.16
C THR E 210 -53.39 -34.92 38.22
N THR E 211 -54.70 -35.16 38.18
CA THR E 211 -55.61 -34.40 37.35
C THR E 211 -56.87 -34.07 38.15
N SER E 212 -57.85 -33.49 37.48
CA SER E 212 -59.15 -33.14 38.05
C SER E 212 -59.03 -32.11 39.18
N SER E 213 -60.17 -31.63 39.67
CA SER E 213 -60.18 -30.64 40.74
C SER E 213 -60.06 -31.30 42.10
N ASP E 214 -59.27 -30.70 42.98
CA ASP E 214 -59.04 -31.23 44.31
C ASP E 214 -59.16 -30.11 45.33
N LYS E 215 -59.48 -30.50 46.57
CA LYS E 215 -59.70 -29.56 47.67
C LYS E 215 -58.62 -29.82 48.71
N THR E 216 -57.48 -29.13 48.58
CA THR E 216 -56.34 -29.39 49.44
C THR E 216 -56.47 -28.64 50.76
N ILE E 217 -56.42 -29.39 51.86
CA ILE E 217 -56.49 -28.82 53.20
C ILE E 217 -55.15 -28.18 53.53
N ASN E 218 -55.17 -26.86 53.76
CA ASN E 218 -53.99 -26.11 54.15
C ASN E 218 -54.40 -24.67 54.49
N SER E 219 -53.67 -24.06 55.41
CA SER E 219 -53.87 -22.66 55.75
C SER E 219 -52.90 -21.74 55.00
N CYS E 220 -52.07 -22.29 54.12
CA CYS E 220 -51.12 -21.46 53.37
C CYS E 220 -51.82 -20.55 52.36
N LYS E 221 -53.06 -20.86 52.00
CA LYS E 221 -53.88 -20.02 51.14
C LYS E 221 -53.18 -19.95 49.77
N ILE E 222 -53.19 -18.79 49.11
CA ILE E 222 -52.48 -18.65 47.85
C ILE E 222 -50.98 -18.78 48.05
N ALA E 223 -50.46 -18.22 49.14
CA ALA E 223 -49.04 -18.29 49.42
C ALA E 223 -48.62 -19.74 49.68
N GLN E 224 -47.33 -20.02 49.41
CA GLN E 224 -46.76 -21.36 49.57
C GLN E 224 -47.48 -22.38 48.69
N CYS E 225 -48.13 -21.92 47.63
CA CYS E 225 -48.89 -22.80 46.74
C CYS E 225 -48.94 -22.19 45.36
N HIS E 226 -48.77 -23.04 44.34
CA HIS E 226 -48.95 -22.67 42.95
C HIS E 226 -48.96 -23.93 42.10
N ALA E 227 -49.54 -23.85 40.91
CA ALA E 227 -49.80 -25.00 40.08
C ALA E 227 -49.33 -24.76 38.65
N ALA E 228 -49.05 -25.85 37.94
CA ALA E 228 -48.56 -25.78 36.57
C ALA E 228 -49.22 -26.87 35.73
N VAL E 229 -49.54 -26.54 34.49
CA VAL E 229 -50.15 -27.51 33.57
C VAL E 229 -49.05 -28.38 32.96
N THR E 230 -49.28 -29.69 32.92
CA THR E 230 -48.32 -30.62 32.36
C THR E 230 -49.05 -31.68 31.54
N ASN E 231 -48.27 -32.56 30.91
CA ASN E 231 -48.77 -33.57 29.97
C ASN E 231 -49.56 -32.91 28.83
N HIS E 232 -48.86 -32.10 28.05
CA HIS E 232 -49.42 -31.61 26.80
C HIS E 232 -49.27 -32.67 25.73
N ASP E 233 -50.40 -33.05 25.12
CA ASP E 233 -50.40 -34.15 24.16
C ASP E 233 -49.65 -33.80 22.89
N LYS E 234 -49.64 -32.52 22.51
CA LYS E 234 -48.92 -32.08 21.33
C LYS E 234 -47.48 -31.74 21.70
N TRP E 235 -46.76 -31.12 20.77
CA TRP E 235 -45.32 -30.89 20.91
C TRP E 235 -44.98 -29.42 20.66
N GLN E 236 -43.85 -29.01 21.22
CA GLN E 236 -43.32 -27.66 21.10
C GLN E 236 -42.04 -27.68 20.30
N TYR E 237 -41.73 -26.54 19.68
CA TYR E 237 -40.40 -26.34 19.12
C TYR E 237 -39.45 -25.94 20.23
N THR E 238 -38.23 -26.50 20.20
CA THR E 238 -37.23 -26.23 21.24
C THR E 238 -36.66 -24.83 21.03
N SER E 239 -37.50 -23.83 21.27
CA SER E 239 -37.08 -22.45 21.13
C SER E 239 -36.15 -22.05 22.27
N SER E 240 -35.27 -21.09 21.99
CA SER E 240 -34.34 -20.61 23.00
C SER E 240 -35.02 -19.82 24.10
N PHE E 241 -36.26 -19.40 23.90
CA PHE E 241 -36.99 -18.60 24.87
C PHE E 241 -37.98 -19.41 25.69
N VAL E 242 -37.92 -20.74 25.61
CA VAL E 242 -38.80 -21.61 26.37
C VAL E 242 -37.95 -22.62 27.12
N PRO E 243 -38.18 -22.86 28.41
CA PRO E 243 -37.37 -23.82 29.16
C PRO E 243 -37.53 -25.23 28.62
N ARG E 244 -36.47 -26.02 28.74
CA ARG E 244 -36.50 -27.43 28.35
C ARG E 244 -37.26 -28.24 29.38
N ALA E 245 -38.08 -29.18 28.90
CA ALA E 245 -38.81 -30.05 29.82
C ALA E 245 -37.89 -31.03 30.52
N ASP E 246 -36.92 -31.57 29.79
CA ASP E 246 -36.08 -32.65 30.31
C ASP E 246 -34.86 -32.84 29.42
N GLN E 247 -33.83 -33.47 29.99
CA GLN E 247 -32.61 -33.83 29.26
C GLN E 247 -32.74 -35.17 28.56
N LEU E 248 -33.78 -35.32 27.74
CA LEU E 248 -33.95 -36.52 26.93
C LEU E 248 -33.80 -36.13 25.47
N SER E 249 -33.70 -37.14 24.61
CA SER E 249 -33.67 -36.89 23.19
C SER E 249 -35.01 -36.30 22.74
N ARG E 250 -34.95 -35.45 21.71
CA ARG E 250 -36.14 -34.85 21.13
C ARG E 250 -37.20 -35.89 20.79
N LYS E 251 -38.44 -35.41 20.64
CA LYS E 251 -39.55 -36.31 20.37
C LYS E 251 -40.04 -36.26 18.92
N GLY E 252 -40.54 -35.11 18.47
CA GLY E 252 -41.08 -34.96 17.14
C GLY E 252 -40.01 -34.48 16.18
N LYS E 253 -40.37 -34.30 14.90
CA LYS E 253 -39.37 -33.90 13.88
C LYS E 253 -40.09 -33.17 12.74
N VAL E 254 -39.73 -31.91 12.49
CA VAL E 254 -40.43 -31.14 11.46
C VAL E 254 -39.42 -30.54 10.49
N HIS E 255 -39.69 -30.68 9.19
CA HIS E 255 -38.77 -30.20 8.17
C HIS E 255 -38.92 -28.70 7.95
N VAL E 256 -37.91 -28.12 7.30
CA VAL E 256 -37.94 -26.71 6.91
C VAL E 256 -38.27 -26.64 5.42
N PRO E 257 -39.41 -26.06 5.04
CA PRO E 257 -39.78 -25.98 3.63
C PRO E 257 -38.96 -24.92 2.90
N PHE E 258 -39.31 -24.73 1.62
CA PHE E 258 -38.67 -23.76 0.73
C PHE E 258 -37.17 -24.00 0.64
N PRO E 259 -36.74 -25.11 0.04
CA PRO E 259 -35.30 -25.37 -0.07
C PRO E 259 -34.64 -24.43 -1.06
N LEU E 260 -33.34 -24.23 -0.87
CA LEU E 260 -32.57 -23.42 -1.81
C LEU E 260 -32.35 -24.20 -3.11
N THR E 261 -32.71 -23.57 -4.23
CA THR E 261 -32.53 -24.20 -5.57
C THR E 261 -31.96 -23.15 -6.54
N ASN E 262 -31.39 -23.59 -7.66
CA ASN E 262 -30.80 -22.65 -8.66
C ASN E 262 -31.91 -21.92 -9.42
N SER E 263 -31.66 -20.69 -9.85
CA SER E 263 -32.67 -19.89 -10.60
C SER E 263 -31.98 -18.83 -11.47
N THR E 264 -32.69 -18.25 -12.44
CA THR E 264 -32.11 -17.16 -13.27
C THR E 264 -32.92 -15.88 -13.08
N CYS E 265 -32.26 -14.76 -12.81
CA CYS E 265 -32.97 -13.48 -12.56
C CYS E 265 -32.73 -12.50 -13.72
N ARG E 266 -33.76 -11.75 -14.13
CA ARG E 266 -33.59 -10.75 -15.22
C ARG E 266 -32.90 -9.51 -14.63
N VAL E 267 -31.75 -9.12 -15.20
CA VAL E 267 -31.03 -7.96 -14.68
C VAL E 267 -31.00 -6.90 -15.76
N PRO E 268 -31.00 -5.61 -15.41
CA PRO E 268 -30.96 -4.57 -16.43
C PRO E 268 -29.61 -4.51 -17.13
N VAL E 269 -29.65 -4.00 -18.36
CA VAL E 269 -28.45 -3.81 -19.18
C VAL E 269 -28.24 -2.32 -19.37
N ALA E 270 -27.05 -1.84 -19.03
CA ALA E 270 -26.77 -0.42 -19.13
C ALA E 270 -26.63 0.00 -20.58
N ARG E 271 -26.89 1.28 -20.83
CA ARG E 271 -26.71 1.84 -22.16
C ARG E 271 -25.26 1.85 -22.58
N ALA E 272 -25.03 1.70 -23.88
CA ALA E 272 -23.68 1.71 -24.40
C ALA E 272 -23.07 3.09 -24.22
N PRO E 273 -21.91 3.21 -23.58
CA PRO E 273 -21.31 4.52 -23.37
C PRO E 273 -20.89 5.16 -24.68
N GLY E 274 -20.91 6.49 -24.69
CA GLY E 274 -20.46 7.25 -25.83
C GLY E 274 -18.96 7.46 -25.83
N VAL E 275 -18.30 6.89 -26.84
CA VAL E 275 -16.81 6.90 -26.87
C VAL E 275 -16.25 7.83 -27.94
N THR E 276 -15.43 8.81 -27.54
CA THR E 276 -14.71 9.67 -28.49
C THR E 276 -13.26 9.18 -28.48
N TYR E 277 -12.68 8.91 -29.64
CA TYR E 277 -11.35 8.34 -29.73
C TYR E 277 -10.31 9.45 -29.79
N GLY E 278 -9.46 9.54 -28.76
CA GLY E 278 -8.29 10.38 -28.77
C GLY E 278 -7.05 9.55 -29.07
N LYS E 279 -5.95 10.26 -29.26
CA LYS E 279 -4.73 9.62 -29.72
C LYS E 279 -4.22 8.75 -28.58
N ARG E 280 -4.62 7.47 -28.60
CA ARG E 280 -4.26 6.53 -27.55
C ARG E 280 -4.80 7.04 -26.22
N GLU E 281 -6.00 7.61 -26.30
CA GLU E 281 -6.80 8.10 -25.18
C GLU E 281 -8.16 7.43 -25.37
N LEU E 282 -8.90 7.22 -24.29
CA LEU E 282 -10.26 6.72 -24.42
C LEU E 282 -11.17 7.43 -23.43
N THR E 283 -12.12 8.20 -23.96
CA THR E 283 -13.04 9.02 -23.17
C THR E 283 -14.46 8.51 -23.39
N VAL E 284 -15.16 8.30 -22.26
CA VAL E 284 -16.52 7.68 -22.33
C VAL E 284 -17.56 8.51 -21.57
N LYS E 285 -18.77 8.61 -22.12
CA LYS E 285 -19.89 9.23 -21.44
C LYS E 285 -20.62 8.12 -20.70
N LEU E 286 -20.82 8.28 -19.41
CA LEU E 286 -21.48 7.28 -18.59
C LEU E 286 -22.80 7.86 -18.10
N HIS E 287 -23.89 7.15 -18.41
CA HIS E 287 -25.26 7.56 -18.08
C HIS E 287 -25.93 6.39 -17.37
N PRO E 288 -25.72 6.26 -16.07
CA PRO E 288 -26.38 5.18 -15.32
C PRO E 288 -27.72 5.60 -14.72
N ASP E 289 -28.68 4.69 -14.79
CA ASP E 289 -29.94 4.86 -14.07
C ASP E 289 -29.78 4.53 -12.59
N HIS E 290 -28.71 3.82 -12.24
CA HIS E 290 -28.47 3.37 -10.88
C HIS E 290 -26.99 3.11 -10.72
N PRO E 291 -26.49 2.92 -9.48
CA PRO E 291 -25.06 2.61 -9.31
C PRO E 291 -24.58 1.47 -10.19
N THR E 292 -23.69 1.80 -11.12
CA THR E 292 -23.22 0.87 -12.14
C THR E 292 -21.70 0.73 -12.02
N LEU E 293 -21.22 -0.50 -12.16
CA LEU E 293 -19.80 -0.80 -12.00
C LEU E 293 -19.09 -0.68 -13.35
N LEU E 294 -18.04 0.15 -13.38
CA LEU E 294 -17.19 0.29 -14.56
C LEU E 294 -15.86 -0.37 -14.28
N THR E 295 -15.42 -1.25 -15.18
CA THR E 295 -14.20 -2.00 -14.98
C THR E 295 -13.41 -2.09 -16.27
N TYR E 296 -12.11 -1.86 -16.19
CA TYR E 296 -11.19 -2.10 -17.30
C TYR E 296 -9.82 -2.50 -16.78
N ARG E 297 -9.07 -3.15 -17.65
CA ARG E 297 -7.72 -3.62 -17.36
C ARG E 297 -6.93 -3.65 -18.66
N SER E 298 -5.61 -3.59 -18.53
CA SER E 298 -4.75 -3.66 -19.70
C SER E 298 -4.55 -5.11 -20.14
N LEU E 299 -4.41 -5.30 -21.45
CA LEU E 299 -4.24 -6.63 -22.03
C LEU E 299 -2.77 -7.04 -22.16
N GLY E 300 -1.85 -6.25 -21.60
CA GLY E 300 -0.44 -6.51 -21.71
C GLY E 300 0.13 -7.25 -20.52
N ALA E 301 1.46 -7.16 -20.39
CA ALA E 301 2.16 -7.90 -19.34
C ALA E 301 1.80 -7.39 -17.95
N ASP E 302 1.67 -6.07 -17.79
CA ASP E 302 1.42 -5.48 -16.48
C ASP E 302 0.06 -4.78 -16.52
N PRO E 303 -1.00 -5.44 -16.08
CA PRO E 303 -2.31 -4.77 -16.10
C PRO E 303 -2.42 -3.72 -15.01
N ARG E 304 -3.30 -2.75 -15.25
CA ARG E 304 -3.64 -1.71 -14.28
C ARG E 304 -5.16 -1.69 -14.12
N PRO E 305 -5.70 -2.59 -13.30
CA PRO E 305 -7.15 -2.68 -13.15
C PRO E 305 -7.73 -1.46 -12.45
N TYR E 306 -9.02 -1.23 -12.69
CA TYR E 306 -9.73 -0.07 -12.18
C TYR E 306 -10.98 -0.51 -11.45
N GLU E 307 -11.48 0.37 -10.58
CA GLU E 307 -12.78 0.19 -9.94
C GLU E 307 -13.38 1.55 -9.65
N GLU E 308 -14.67 1.69 -9.95
CA GLU E 308 -15.46 2.83 -9.51
C GLU E 308 -16.92 2.51 -9.75
N TRP E 309 -17.76 2.80 -8.76
CA TRP E 309 -19.20 2.67 -8.90
C TRP E 309 -19.75 4.00 -9.37
N ILE E 310 -20.48 3.98 -10.48
CA ILE E 310 -20.96 5.19 -11.13
C ILE E 310 -22.43 5.37 -10.79
N ASP E 311 -22.77 6.50 -10.19
CA ASP E 311 -24.14 6.81 -9.80
C ASP E 311 -24.75 7.97 -10.56
N ARG E 312 -23.94 8.90 -11.07
CA ARG E 312 -24.44 9.99 -11.89
C ARG E 312 -23.74 9.95 -13.25
N TYR E 313 -23.98 10.99 -14.05
CA TYR E 313 -23.18 11.23 -15.24
C TYR E 313 -21.77 11.64 -14.86
N VAL E 314 -20.77 10.92 -15.37
CA VAL E 314 -19.37 11.28 -15.21
C VAL E 314 -18.65 11.11 -16.54
N GLU E 315 -17.44 11.67 -16.60
CA GLU E 315 -16.51 11.49 -17.70
C GLU E 315 -15.25 10.80 -17.18
N ARG E 316 -14.96 9.63 -17.73
CA ARG E 316 -13.77 8.87 -17.37
C ARG E 316 -12.83 8.81 -18.56
N THR E 317 -11.53 8.78 -18.28
CA THR E 317 -10.51 8.73 -19.31
C THR E 317 -9.73 7.43 -19.17
N ILE E 318 -9.61 6.71 -20.27
CA ILE E 318 -8.98 5.38 -20.30
C ILE E 318 -7.78 5.41 -21.21
N PRO E 319 -6.57 5.15 -20.71
CA PRO E 319 -5.40 5.04 -21.59
C PRO E 319 -5.42 3.73 -22.36
N VAL E 320 -5.23 3.81 -23.68
CA VAL E 320 -5.18 2.64 -24.55
C VAL E 320 -3.80 2.58 -25.20
N THR E 321 -3.17 1.41 -25.12
CA THR E 321 -1.82 1.22 -25.63
C THR E 321 -1.84 0.17 -26.75
N GLU E 322 -0.64 -0.21 -27.20
CA GLU E 322 -0.51 -1.17 -28.29
C GLU E 322 -1.11 -2.52 -27.92
N ASP E 323 -0.87 -2.97 -26.68
CA ASP E 323 -1.42 -4.28 -26.21
C ASP E 323 -2.93 -4.17 -26.10
N GLY E 324 -3.46 -2.97 -25.85
CA GLY E 324 -4.88 -2.72 -25.82
C GLY E 324 -5.46 -2.92 -24.43
N ILE E 325 -6.76 -2.66 -24.33
CA ILE E 325 -7.52 -2.80 -23.10
C ILE E 325 -8.73 -3.67 -23.40
N GLU E 326 -9.46 -4.00 -22.34
CA GLU E 326 -10.82 -4.50 -22.45
C GLU E 326 -11.63 -3.93 -21.29
N TYR E 327 -12.62 -3.11 -21.61
CA TYR E 327 -13.44 -2.46 -20.60
C TYR E 327 -14.84 -3.06 -20.65
N ARG E 328 -15.38 -3.27 -19.45
CA ARG E 328 -16.75 -3.77 -19.29
C ARG E 328 -17.50 -2.76 -18.41
N TRP E 329 -18.76 -2.49 -18.73
CA TRP E 329 -19.58 -1.48 -18.06
C TRP E 329 -20.96 -2.09 -17.82
N GLY E 330 -21.34 -2.22 -16.55
CA GLY E 330 -22.61 -2.84 -16.24
C GLY E 330 -22.63 -4.31 -16.59
N ASN E 331 -23.79 -4.78 -17.03
CA ASN E 331 -23.98 -6.17 -17.46
C ASN E 331 -23.68 -6.37 -18.94
N ASN E 332 -23.20 -5.33 -19.62
CA ASN E 332 -22.87 -5.45 -21.03
C ASN E 332 -21.67 -6.39 -21.22
N PRO E 333 -21.60 -7.07 -22.36
CA PRO E 333 -20.45 -7.94 -22.63
C PRO E 333 -19.18 -7.11 -22.75
N PRO E 334 -18.02 -7.70 -22.45
CA PRO E 334 -16.77 -6.94 -22.50
C PRO E 334 -16.47 -6.46 -23.91
N VAL E 335 -15.81 -5.31 -24.00
CA VAL E 335 -15.42 -4.68 -25.26
C VAL E 335 -13.91 -4.51 -25.25
N ARG E 336 -13.25 -5.01 -26.28
CA ARG E 336 -11.80 -4.94 -26.42
C ARG E 336 -11.42 -3.93 -27.49
N LEU E 337 -10.50 -3.03 -27.16
CA LEU E 337 -10.02 -2.01 -28.08
C LEU E 337 -8.50 -2.00 -28.09
N TRP E 338 -7.92 -1.74 -29.26
CA TRP E 338 -6.49 -1.63 -29.45
C TRP E 338 -6.14 -0.30 -30.08
N ALA E 339 -4.94 0.19 -29.77
CA ALA E 339 -4.48 1.48 -30.26
C ALA E 339 -3.56 1.27 -31.46
N GLN E 340 -3.81 2.08 -32.50
CA GLN E 340 -3.00 1.97 -33.73
C GLN E 340 -1.79 2.89 -33.64
N LEU E 341 -0.94 2.85 -34.65
CA LEU E 341 0.27 3.67 -34.72
C LEU E 341 -0.03 5.00 -35.39
N THR E 342 -0.65 5.89 -34.64
CA THR E 342 -1.02 7.22 -35.13
C THR E 342 -0.09 8.28 -34.55
N THR E 343 0.05 9.40 -35.28
CA THR E 343 0.95 10.51 -34.85
C THR E 343 0.76 11.69 -35.81
N GLU E 344 1.29 12.88 -35.46
CA GLU E 344 1.14 14.08 -36.31
C GLU E 344 2.34 14.24 -37.25
N GLY E 345 3.33 13.34 -37.18
CA GLY E 345 4.55 13.47 -37.99
C GLY E 345 4.37 13.03 -39.42
N LYS E 346 5.25 13.52 -40.31
CA LYS E 346 5.22 13.14 -41.74
C LYS E 346 6.21 11.98 -41.94
N PRO E 347 5.88 10.85 -42.62
CA PRO E 347 6.81 9.71 -42.66
C PRO E 347 8.00 9.88 -43.60
N HIS E 348 7.78 10.34 -44.83
CA HIS E 348 8.83 10.45 -45.83
C HIS E 348 8.94 11.88 -46.35
N GLY E 349 8.96 12.84 -45.46
CA GLY E 349 9.19 14.22 -45.82
C GLY E 349 10.59 14.69 -45.50
N TRP E 350 10.68 15.90 -44.97
CA TRP E 350 11.95 16.46 -44.52
C TRP E 350 12.44 15.72 -43.28
N PRO E 351 13.73 15.85 -42.94
CA PRO E 351 14.24 15.14 -41.75
C PRO E 351 13.51 15.46 -40.46
N HIS E 352 13.14 16.72 -40.23
CA HIS E 352 12.55 17.09 -38.95
C HIS E 352 11.14 16.53 -38.81
N GLU E 353 10.43 16.44 -39.95
CA GLU E 353 9.08 15.83 -39.95
C GLU E 353 9.24 14.36 -39.56
N ILE E 354 10.32 13.72 -40.02
CA ILE E 354 10.57 12.33 -39.66
C ILE E 354 10.92 12.22 -38.18
N ILE E 355 11.65 13.20 -37.65
CA ILE E 355 11.89 13.26 -36.21
C ILE E 355 10.56 13.27 -35.46
N LEU E 356 9.63 14.13 -35.92
CA LEU E 356 8.30 14.26 -35.26
C LEU E 356 7.55 12.92 -35.38
N TYR E 357 7.62 12.28 -36.55
CA TYR E 357 6.89 11.03 -36.77
C TYR E 357 7.35 9.96 -35.79
N TYR E 358 8.67 9.76 -35.68
CA TYR E 358 9.20 8.78 -34.75
C TYR E 358 9.22 9.27 -33.31
N TYR E 359 8.83 10.52 -33.06
CA TYR E 359 8.64 10.97 -31.69
C TYR E 359 7.21 10.80 -31.20
N GLY E 360 6.23 11.01 -32.08
CA GLY E 360 4.84 10.82 -31.69
C GLY E 360 4.54 9.40 -31.26
N LEU E 361 5.22 8.44 -31.88
CA LEU E 361 5.23 7.06 -31.42
C LEU E 361 6.64 6.71 -30.95
N TYR E 362 6.73 6.15 -29.74
CA TYR E 362 7.95 5.84 -29.00
C TYR E 362 8.75 7.10 -28.67
N PRO E 363 8.23 8.00 -27.80
CA PRO E 363 8.94 9.25 -27.54
C PRO E 363 10.34 9.11 -26.98
N ALA E 364 10.48 8.46 -25.82
CA ALA E 364 11.75 8.47 -25.09
C ALA E 364 12.86 7.82 -25.88
N ALA E 365 12.54 6.74 -26.60
CA ALA E 365 13.56 6.03 -27.38
C ALA E 365 14.12 6.94 -28.48
N THR E 366 13.26 7.67 -29.18
CA THR E 366 13.76 8.53 -30.24
C THR E 366 14.47 9.76 -29.66
N ILE E 367 14.06 10.23 -28.48
CA ILE E 367 14.79 11.30 -27.82
C ILE E 367 16.22 10.85 -27.53
N ALA E 368 16.36 9.64 -26.97
CA ALA E 368 17.69 9.10 -26.71
C ALA E 368 18.48 8.91 -27.99
N ALA E 369 17.82 8.42 -29.05
CA ALA E 369 18.52 8.19 -30.31
C ALA E 369 19.02 9.49 -30.92
N VAL E 370 18.18 10.53 -30.92
CA VAL E 370 18.58 11.82 -31.49
C VAL E 370 19.68 12.45 -30.65
N SER E 371 19.58 12.35 -29.32
CA SER E 371 20.64 12.90 -28.46
C SER E 371 21.96 12.19 -28.72
N ALA E 372 21.94 10.86 -28.83
CA ALA E 372 23.16 10.12 -29.09
C ALA E 372 23.72 10.44 -30.47
N ALA E 373 22.85 10.60 -31.48
CA ALA E 373 23.31 10.95 -32.81
C ALA E 373 23.95 12.34 -32.83
N GLY E 374 23.34 13.30 -32.13
CA GLY E 374 23.93 14.63 -32.04
C GLY E 374 25.27 14.61 -31.32
N LEU E 375 25.36 13.83 -30.24
CA LEU E 375 26.63 13.69 -29.54
C LEU E 375 27.69 13.07 -30.44
N ALA E 376 27.32 12.04 -31.21
CA ALA E 376 28.27 11.41 -32.12
C ALA E 376 28.73 12.37 -33.20
N VAL E 377 27.81 13.16 -33.75
CA VAL E 377 28.18 14.14 -34.78
C VAL E 377 29.11 15.19 -34.20
N VAL E 378 28.82 15.67 -32.99
CA VAL E 378 29.67 16.67 -32.36
C VAL E 378 31.06 16.09 -32.08
N LEU E 379 31.12 14.85 -31.60
CA LEU E 379 32.41 14.21 -31.36
C LEU E 379 33.19 14.04 -32.65
N SER E 380 32.51 13.64 -33.72
CA SER E 380 33.18 13.45 -35.03
C SER E 380 33.74 14.79 -35.52
N LEU E 381 32.95 15.86 -35.42
CA LEU E 381 33.42 17.17 -35.88
C LEU E 381 34.59 17.67 -35.04
N LEU E 382 34.52 17.49 -33.72
CA LEU E 382 35.60 17.94 -32.85
C LEU E 382 36.88 17.15 -33.11
N ALA E 383 36.76 15.82 -33.27
CA ALA E 383 37.94 15.00 -33.56
C ALA E 383 38.57 15.39 -34.89
N SER E 384 37.75 15.57 -35.93
CA SER E 384 38.27 15.96 -37.23
C SER E 384 38.97 17.31 -37.15
N CYS E 385 38.33 18.31 -36.52
CA CYS E 385 38.94 19.63 -36.44
C CYS E 385 40.23 19.61 -35.63
N TYR E 386 40.23 18.89 -34.50
CA TYR E 386 41.43 18.86 -33.67
C TYR E 386 42.59 18.16 -34.37
N MET E 387 42.35 17.03 -35.01
CA MET E 387 43.44 16.32 -35.65
C MET E 387 43.93 17.06 -36.89
N PHE E 388 43.02 17.76 -37.57
CA PHE E 388 43.41 18.67 -38.64
C PHE E 388 44.32 19.79 -38.13
N ALA E 389 43.95 20.39 -36.99
CA ALA E 389 44.78 21.45 -36.43
C ALA E 389 46.13 20.91 -35.98
N THR E 390 46.15 19.66 -35.51
CA THR E 390 47.43 19.01 -35.22
C THR E 390 48.29 18.90 -36.47
N ALA E 391 47.68 18.52 -37.59
CA ALA E 391 48.42 18.47 -38.85
C ALA E 391 48.96 19.85 -39.23
N ARG E 392 48.12 20.88 -39.09
CA ARG E 392 48.57 22.24 -39.43
C ARG E 392 49.74 22.68 -38.55
N ARG E 393 49.63 22.49 -37.24
CA ARG E 393 50.72 22.83 -36.33
C ARG E 393 51.99 22.10 -36.71
N LYS E 394 51.85 20.77 -36.84
CA LYS E 394 53.04 19.92 -37.15
C LYS E 394 53.71 20.44 -38.41
N CYS E 395 52.92 21.00 -39.34
CA CYS E 395 53.49 21.47 -40.64
C CYS E 395 54.05 22.89 -40.54
N LEU E 396 53.58 23.70 -39.57
CA LEU E 396 54.02 25.10 -39.53
C LEU E 396 54.94 25.46 -38.39
N THR E 397 55.23 24.54 -37.48
CA THR E 397 56.12 24.86 -36.36
C THR E 397 57.53 25.23 -36.82
N PRO E 398 58.22 24.43 -37.65
CA PRO E 398 59.65 24.70 -37.90
C PRO E 398 59.95 26.05 -38.53
N TYR E 399 59.09 26.54 -39.43
CA TYR E 399 59.41 27.80 -40.11
C TYR E 399 59.43 28.98 -39.15
N ALA E 400 58.45 29.06 -38.25
CA ALA E 400 58.52 30.11 -37.24
C ALA E 400 59.45 29.72 -36.10
N LEU E 401 60.00 28.50 -36.13
CA LEU E 401 61.18 28.22 -35.32
C LEU E 401 62.48 28.58 -36.04
N THR E 402 62.44 28.73 -37.36
CA THR E 402 63.65 28.96 -38.14
C THR E 402 64.12 30.41 -37.96
N PRO E 403 65.39 30.63 -37.60
CA PRO E 403 65.80 31.95 -37.07
C PRO E 403 65.35 33.12 -37.92
N GLY E 404 65.75 33.16 -39.19
CA GLY E 404 65.19 34.14 -40.08
C GLY E 404 64.46 33.44 -41.19
N ALA E 405 63.13 33.53 -41.21
CA ALA E 405 62.35 32.78 -42.16
C ALA E 405 60.97 33.39 -42.28
N VAL E 406 60.50 33.48 -43.52
CA VAL E 406 59.11 33.78 -43.83
C VAL E 406 58.54 32.57 -44.54
N VAL E 407 57.33 32.16 -44.15
CA VAL E 407 56.75 30.92 -44.67
C VAL E 407 56.62 31.03 -46.19
N PRO E 408 57.00 30.00 -46.95
CA PRO E 408 56.78 30.04 -48.39
C PRO E 408 55.32 30.23 -48.72
N VAL E 409 55.05 30.98 -49.79
CA VAL E 409 53.69 31.40 -50.08
C VAL E 409 52.79 30.21 -50.35
N THR E 410 53.34 29.13 -50.93
CA THR E 410 52.55 27.95 -51.20
C THR E 410 52.03 27.33 -49.90
N LEU E 411 52.92 27.07 -48.95
CA LEU E 411 52.47 26.55 -47.66
C LEU E 411 51.80 27.64 -46.83
N GLY E 412 52.10 28.91 -47.11
CA GLY E 412 51.41 30.00 -46.42
C GLY E 412 49.93 30.01 -46.72
N VAL E 413 49.56 29.77 -47.98
CA VAL E 413 48.14 29.73 -48.33
C VAL E 413 47.55 28.35 -48.10
N LEU E 414 48.38 27.30 -48.20
CA LEU E 414 47.84 25.90 -48.09
C LEU E 414 47.41 25.63 -46.65
N CYS E 415 47.98 26.34 -45.68
CA CYS E 415 47.70 26.09 -44.27
C CYS E 415 47.42 27.36 -43.48
N CYS E 416 47.14 28.48 -44.15
CA CYS E 416 46.73 29.72 -43.49
C CYS E 416 47.78 30.17 -42.46
N ALA E 417 48.96 30.51 -42.97
CA ALA E 417 50.03 30.95 -42.09
C ALA E 417 49.62 32.19 -41.31
N PRO E 418 50.06 32.31 -40.05
CA PRO E 418 49.57 33.43 -39.22
C PRO E 418 49.88 34.80 -39.79
N ARG E 419 51.00 34.95 -40.47
CA ARG E 419 51.36 36.25 -41.04
C ARG E 419 51.15 36.25 -42.56
N ARG F 111 89.94 34.24 -30.79
CA ARG F 111 89.27 34.73 -29.59
C ARG F 111 88.08 35.63 -29.93
N MET F 112 87.85 35.84 -31.22
CA MET F 112 86.68 36.60 -31.65
C MET F 112 85.38 35.86 -31.37
N CYS F 113 85.39 34.53 -31.49
CA CYS F 113 84.19 33.75 -31.22
C CYS F 113 83.66 33.99 -29.82
N MET F 114 84.56 34.23 -28.85
CA MET F 114 84.12 34.45 -27.48
C MET F 114 83.30 35.73 -27.32
N LYS F 115 83.79 36.84 -27.92
CA LYS F 115 83.08 38.15 -27.84
C LYS F 115 81.77 38.03 -28.62
N ILE F 116 81.77 37.28 -29.71
CA ILE F 116 80.54 37.03 -30.47
C ILE F 116 79.55 36.27 -29.61
N GLU F 117 80.04 35.33 -28.82
CA GLU F 117 79.21 34.61 -27.86
C GLU F 117 78.67 35.55 -26.79
N ASN F 118 79.47 36.48 -26.30
CA ASN F 118 78.97 37.28 -25.16
C ASN F 118 77.66 37.98 -25.52
N ASP F 119 77.64 38.76 -26.59
CA ASP F 119 76.43 39.57 -26.90
C ASP F 119 75.23 38.67 -27.17
N CYS F 120 75.41 37.63 -28.00
CA CYS F 120 74.27 36.76 -28.39
C CYS F 120 73.78 35.89 -27.22
N ILE F 121 74.68 35.26 -26.48
CA ILE F 121 74.19 34.28 -25.46
C ILE F 121 73.43 34.98 -24.34
N PHE F 122 72.27 34.44 -23.98
CA PHE F 122 71.50 34.94 -22.82
C PHE F 122 71.26 33.70 -21.97
N GLU F 123 71.55 33.77 -20.68
CA GLU F 123 71.47 32.55 -19.85
C GLU F 123 70.04 32.27 -19.42
N VAL F 124 69.76 31.02 -19.07
CA VAL F 124 68.41 30.66 -18.54
C VAL F 124 68.61 30.30 -17.08
N LYS F 125 67.83 30.90 -16.18
CA LYS F 125 68.05 30.67 -14.74
C LYS F 125 66.82 30.04 -14.12
N LEU F 126 67.00 28.90 -13.44
CA LEU F 126 65.89 28.25 -12.71
C LEU F 126 66.53 27.65 -11.46
N ASP F 127 65.78 27.53 -10.37
CA ASP F 127 66.35 27.05 -9.09
C ASP F 127 67.36 28.09 -8.63
N GLY F 128 67.22 29.33 -9.13
CA GLY F 128 68.19 30.38 -8.80
C GLY F 128 69.58 30.01 -9.28
N LYS F 129 69.65 29.22 -10.36
CA LYS F 129 70.96 28.87 -10.96
C LYS F 129 70.81 28.95 -12.48
N VAL F 130 71.87 29.31 -13.20
CA VAL F 130 71.74 29.28 -14.67
C VAL F 130 71.78 27.80 -15.04
N THR F 131 70.64 27.29 -15.53
CA THR F 131 70.57 25.84 -15.83
C THR F 131 70.93 25.63 -17.29
N GLY F 132 70.92 26.71 -18.07
CA GLY F 132 71.17 26.57 -19.51
C GLY F 132 71.53 27.90 -20.15
N TYR F 133 72.00 27.85 -21.39
CA TYR F 133 72.32 29.10 -22.12
C TYR F 133 71.44 29.10 -23.37
N ALA F 134 71.21 30.26 -23.98
CA ALA F 134 70.44 30.30 -25.24
C ALA F 134 70.99 31.40 -26.15
N CYS F 135 70.88 31.28 -27.47
CA CYS F 135 71.49 32.33 -28.33
C CYS F 135 70.50 32.89 -29.31
N LEU F 136 70.47 34.22 -29.49
CA LEU F 136 69.52 34.90 -30.42
C LEU F 136 69.98 34.75 -31.87
N VAL F 137 70.24 33.52 -32.34
CA VAL F 137 70.78 33.31 -33.72
C VAL F 137 69.73 33.80 -34.73
N GLY F 138 70.16 34.50 -35.79
CA GLY F 138 69.20 35.07 -36.76
C GLY F 138 68.28 36.06 -36.08
N ASP F 139 66.95 35.92 -36.27
CA ASP F 139 66.02 36.81 -35.53
C ASP F 139 65.17 36.03 -34.52
N LYS F 140 65.66 34.86 -34.08
CA LYS F 140 64.92 34.03 -33.07
C LYS F 140 65.89 33.52 -32.01
N VAL F 141 65.51 33.59 -30.72
CA VAL F 141 66.38 33.09 -29.62
C VAL F 141 66.44 31.56 -29.67
N MET F 142 67.64 30.97 -29.70
CA MET F 142 67.79 29.49 -29.78
C MET F 142 67.82 28.94 -28.36
N LYS F 143 66.64 28.58 -27.83
CA LYS F 143 66.54 28.04 -26.45
C LYS F 143 66.20 26.55 -26.55
N PRO F 144 66.94 25.60 -25.96
CA PRO F 144 66.53 24.19 -26.01
C PRO F 144 65.30 23.93 -25.16
N ALA F 145 64.45 23.01 -25.64
CA ALA F 145 63.18 22.77 -24.98
C ALA F 145 63.36 22.15 -23.60
N HIS F 146 64.38 21.32 -23.42
CA HIS F 146 64.55 20.63 -22.15
C HIS F 146 64.89 21.58 -21.01
N VAL F 147 65.43 22.75 -21.34
CA VAL F 147 65.86 23.74 -20.30
C VAL F 147 64.62 24.36 -19.65
N LYS F 148 64.48 24.19 -18.33
CA LYS F 148 63.36 24.78 -17.61
C LYS F 148 63.89 26.02 -16.91
N GLY F 149 63.24 27.16 -17.12
CA GLY F 149 63.69 28.36 -16.45
C GLY F 149 63.30 29.63 -17.19
N VAL F 150 63.92 30.72 -16.74
CA VAL F 150 63.55 32.10 -17.10
C VAL F 150 64.75 32.80 -17.71
N ILE F 151 64.52 33.42 -18.88
CA ILE F 151 65.57 34.24 -19.55
C ILE F 151 65.78 35.47 -18.68
N ASP F 152 67.03 35.92 -18.53
CA ASP F 152 67.32 37.00 -17.58
C ASP F 152 66.79 38.34 -18.08
N ASN F 153 66.98 38.65 -19.34
CA ASN F 153 66.50 39.89 -19.92
C ASN F 153 64.97 39.81 -20.05
N PRO F 154 64.22 40.73 -19.47
CA PRO F 154 62.75 40.64 -19.57
C PRO F 154 62.25 40.66 -21.01
N ASP F 155 62.85 41.48 -21.88
CA ASP F 155 62.32 41.66 -23.22
C ASP F 155 62.16 40.33 -23.95
N LEU F 156 63.04 39.37 -23.67
CA LEU F 156 62.88 38.04 -24.25
C LEU F 156 61.97 37.15 -23.41
N ALA F 157 61.68 37.54 -22.17
CA ALA F 157 60.81 36.74 -21.32
C ALA F 157 59.34 37.03 -21.57
N LYS F 158 59.03 38.26 -22.01
CA LYS F 158 57.62 38.68 -22.19
C LYS F 158 57.06 38.19 -23.54
N LEU F 159 57.84 37.43 -24.30
CA LEU F 159 57.38 36.96 -25.61
C LEU F 159 56.67 35.62 -25.50
N THR F 160 55.94 35.28 -26.56
CA THR F 160 55.35 33.95 -26.67
C THR F 160 56.31 33.01 -27.39
N TYR F 161 56.52 31.84 -26.80
CA TYR F 161 57.52 30.89 -27.28
C TYR F 161 56.81 29.67 -27.85
N LYS F 162 57.27 29.19 -29.01
CA LYS F 162 56.70 27.96 -29.60
C LYS F 162 57.49 26.77 -29.05
N LYS F 163 56.81 25.66 -28.74
CA LYS F 163 57.52 24.51 -28.11
C LYS F 163 57.55 23.31 -29.07
N SER F 164 58.73 22.71 -29.27
CA SER F 164 58.84 21.49 -30.12
C SER F 164 59.60 20.42 -29.34
N SER F 165 59.04 19.21 -29.24
CA SER F 165 59.69 18.17 -28.46
C SER F 165 60.57 17.25 -29.29
N LYS F 166 60.09 16.82 -30.47
CA LYS F 166 60.88 15.92 -31.36
C LYS F 166 62.13 16.65 -31.83
N TYR F 167 62.04 17.97 -32.02
CA TYR F 167 63.17 18.76 -32.44
C TYR F 167 63.91 19.39 -31.26
N ASP F 168 63.27 19.45 -30.08
CA ASP F 168 63.93 19.97 -28.87
C ASP F 168 64.44 21.40 -29.08
N LEU F 169 63.52 22.33 -29.33
CA LEU F 169 63.89 23.73 -29.51
C LEU F 169 62.75 24.61 -29.01
N GLU F 170 63.08 25.86 -28.71
CA GLU F 170 62.09 26.88 -28.40
C GLU F 170 62.59 28.22 -28.92
N CYS F 171 61.77 28.89 -29.71
CA CYS F 171 62.18 30.13 -30.36
C CYS F 171 61.02 31.11 -30.35
N ALA F 172 61.38 32.39 -30.36
CA ALA F 172 60.42 33.49 -30.38
C ALA F 172 61.08 34.67 -31.06
N GLN F 173 60.26 35.46 -31.77
CA GLN F 173 60.79 36.61 -32.50
C GLN F 173 61.40 37.64 -31.56
N ILE F 174 62.69 37.91 -31.73
CA ILE F 174 63.39 38.88 -30.89
C ILE F 174 62.97 40.29 -31.28
N PRO F 175 62.83 41.20 -30.33
CA PRO F 175 62.41 42.57 -30.66
C PRO F 175 63.39 43.29 -31.56
N VAL F 176 62.86 44.35 -32.21
CA VAL F 176 63.66 45.13 -33.20
C VAL F 176 64.95 45.65 -32.59
N HIS F 177 64.96 45.91 -31.29
CA HIS F 177 66.15 46.53 -30.71
C HIS F 177 67.21 45.53 -30.31
N MET F 178 67.14 44.31 -30.85
CA MET F 178 68.08 43.23 -30.42
C MET F 178 68.65 42.45 -31.61
N LYS F 179 68.19 42.73 -32.84
CA LYS F 179 68.78 42.06 -34.04
C LYS F 179 70.22 42.53 -34.20
N SER F 180 70.49 43.81 -33.97
CA SER F 180 71.83 44.38 -34.02
C SER F 180 72.72 43.68 -33.00
N ASP F 181 72.13 43.11 -31.97
CA ASP F 181 72.86 42.42 -30.93
C ASP F 181 73.07 40.93 -31.23
N ALA F 182 72.44 40.43 -32.30
CA ALA F 182 72.45 38.97 -32.59
C ALA F 182 73.70 38.52 -33.36
N SER F 183 74.08 37.24 -33.20
CA SER F 183 75.24 36.67 -33.94
C SER F 183 74.78 36.25 -35.34
N LYS F 184 75.73 35.99 -36.24
CA LYS F 184 75.38 35.64 -37.65
C LYS F 184 75.28 34.13 -37.84
N TYR F 185 74.50 33.65 -38.81
CA TYR F 185 74.32 32.23 -39.14
C TYR F 185 74.94 31.90 -40.51
N THR F 186 75.06 30.59 -40.75
CA THR F 186 75.60 30.11 -42.05
C THR F 186 75.27 28.63 -42.21
N HIS F 187 75.34 28.12 -43.43
CA HIS F 187 75.11 26.70 -43.71
C HIS F 187 76.32 25.97 -44.29
N GLU F 188 77.50 26.56 -44.21
CA GLU F 188 78.71 25.85 -44.68
C GLU F 188 79.14 24.82 -43.63
N LYS F 189 79.06 23.52 -43.94
CA LYS F 189 79.60 22.49 -43.05
C LYS F 189 80.67 21.74 -43.83
N PRO F 190 81.77 22.43 -44.19
CA PRO F 190 82.86 21.74 -44.87
C PRO F 190 83.61 20.87 -43.88
N GLU F 191 84.31 19.90 -44.43
CA GLU F 191 85.00 18.92 -43.61
C GLU F 191 86.21 19.58 -42.95
N GLY F 192 86.17 19.70 -41.63
CA GLY F 192 87.32 20.24 -40.92
C GLY F 192 87.06 20.63 -39.47
N HIS F 193 87.53 21.82 -39.10
CA HIS F 193 87.64 22.26 -37.72
C HIS F 193 86.80 23.50 -37.48
N TYR F 194 86.04 23.49 -36.39
CA TYR F 194 85.28 24.66 -35.96
C TYR F 194 85.66 25.03 -34.54
N ASN F 195 84.94 25.98 -33.98
CA ASN F 195 85.30 26.59 -32.71
C ASN F 195 84.18 26.38 -31.69
N TRP F 196 84.54 26.43 -30.41
CA TRP F 196 83.59 26.27 -29.32
C TRP F 196 84.05 27.09 -28.12
N HIS F 197 83.11 27.29 -27.18
CA HIS F 197 83.43 28.05 -25.97
C HIS F 197 84.48 27.36 -25.12
N HIS F 198 84.33 26.05 -24.91
CA HIS F 198 85.21 25.28 -24.03
C HIS F 198 86.39 24.67 -24.76
N GLY F 199 86.48 24.83 -26.08
CA GLY F 199 87.54 24.21 -26.86
C GLY F 199 87.22 24.24 -28.35
N ALA F 200 87.40 23.08 -28.98
CA ALA F 200 87.21 22.94 -30.43
C ALA F 200 86.31 21.75 -30.75
N VAL F 201 85.58 21.91 -31.86
CA VAL F 201 84.67 20.83 -32.35
C VAL F 201 85.27 20.25 -33.62
N GLN F 202 85.44 18.93 -33.68
CA GLN F 202 85.99 18.24 -34.84
C GLN F 202 84.81 17.74 -35.66
N TYR F 203 84.77 18.12 -36.93
CA TYR F 203 83.66 17.72 -37.80
C TYR F 203 84.15 16.70 -38.82
N SER F 204 83.57 15.51 -38.77
CA SER F 204 83.88 14.45 -39.72
C SER F 204 82.73 13.46 -39.75
N GLY F 205 82.24 13.14 -40.94
CA GLY F 205 81.14 12.20 -41.06
C GLY F 205 79.85 12.69 -40.43
N GLY F 206 79.57 13.99 -40.56
CA GLY F 206 78.33 14.54 -40.05
C GLY F 206 78.16 14.51 -38.55
N ARG F 207 79.26 14.45 -37.80
CA ARG F 207 79.20 14.33 -36.34
C ARG F 207 80.13 15.34 -35.69
N PHE F 208 79.61 16.05 -34.70
CA PHE F 208 80.40 16.96 -33.87
C PHE F 208 80.96 16.17 -32.70
N THR F 209 82.27 16.25 -32.49
CA THR F 209 82.92 15.51 -31.43
C THR F 209 83.84 16.40 -30.60
N ILE F 210 83.89 16.18 -29.28
CA ILE F 210 84.72 17.02 -28.37
C ILE F 210 85.60 16.09 -27.55
N PRO F 211 86.82 16.48 -27.08
CA PRO F 211 87.58 15.63 -26.16
C PRO F 211 86.79 15.52 -24.84
N THR F 212 86.76 14.33 -24.23
CA THR F 212 85.97 14.11 -22.99
C THR F 212 86.54 14.96 -21.85
N GLY F 213 85.70 15.43 -20.91
CA GLY F 213 86.20 16.30 -19.87
C GLY F 213 86.01 17.77 -20.14
N ALA F 214 85.50 18.12 -21.33
CA ALA F 214 85.23 19.52 -21.64
C ALA F 214 83.79 19.90 -21.34
N GLY F 215 82.92 18.93 -21.05
CA GLY F 215 81.53 19.19 -20.75
C GLY F 215 81.04 18.50 -19.48
N LYS F 216 80.47 19.31 -18.59
CA LYS F 216 79.69 18.85 -17.44
C LYS F 216 78.21 19.01 -17.77
N PRO F 217 77.32 18.40 -16.97
CA PRO F 217 75.89 18.71 -17.11
C PRO F 217 75.61 20.21 -17.03
N GLY F 218 74.46 20.61 -17.54
CA GLY F 218 74.22 22.01 -17.83
C GLY F 218 75.02 22.42 -19.05
N ASP F 219 75.23 23.73 -19.19
CA ASP F 219 76.10 24.24 -20.26
C ASP F 219 75.56 23.88 -21.64
N SER F 220 74.24 23.84 -21.77
CA SER F 220 73.59 23.58 -23.05
C SER F 220 73.01 24.88 -23.60
N GLY F 221 73.09 25.03 -24.91
CA GLY F 221 72.64 26.24 -25.58
C GLY F 221 73.74 27.11 -26.15
N ARG F 222 74.98 26.71 -25.86
CA ARG F 222 76.16 27.43 -26.42
C ARG F 222 76.29 27.12 -27.91
N PRO F 223 76.48 28.10 -28.83
CA PRO F 223 76.56 27.83 -30.25
C PRO F 223 77.93 27.29 -30.63
N ILE F 224 78.04 26.85 -31.89
CA ILE F 224 79.30 26.42 -32.46
C ILE F 224 79.62 27.36 -33.62
N PHE F 225 80.84 27.86 -33.65
CA PHE F 225 81.24 28.88 -34.61
C PHE F 225 82.30 28.33 -35.56
N ASP F 226 82.24 28.81 -36.80
CA ASP F 226 83.26 28.50 -37.79
C ASP F 226 84.41 29.49 -37.64
N ASN F 227 85.31 29.51 -38.63
CA ASN F 227 86.51 30.34 -38.56
C ASN F 227 86.19 31.81 -38.33
N LYS F 228 85.33 32.39 -39.15
CA LYS F 228 85.11 33.83 -39.14
C LYS F 228 83.78 34.25 -38.52
N GLY F 229 83.25 33.47 -37.56
CA GLY F 229 82.23 33.96 -36.65
C GLY F 229 80.80 33.56 -36.97
N ARG F 230 80.54 32.94 -38.11
CA ARG F 230 79.16 32.58 -38.47
C ARG F 230 78.73 31.33 -37.74
N VAL F 231 77.57 31.43 -37.08
CA VAL F 231 77.02 30.31 -36.26
C VAL F 231 76.70 29.13 -37.18
N VAL F 232 76.90 27.92 -36.68
CA VAL F 232 76.70 26.71 -37.45
C VAL F 232 75.91 25.65 -36.69
N ALA F 233 75.83 25.78 -35.35
CA ALA F 233 75.21 24.72 -34.57
C ALA F 233 74.82 25.25 -33.19
N ILE F 234 73.91 24.51 -32.54
CA ILE F 234 73.47 24.77 -31.17
C ILE F 234 73.50 23.46 -30.40
N VAL F 235 74.39 23.36 -29.43
CA VAL F 235 74.62 22.10 -28.71
C VAL F 235 73.45 21.82 -27.77
N LEU F 236 73.00 20.57 -27.75
CA LEU F 236 71.96 20.11 -26.83
C LEU F 236 72.45 19.13 -25.80
N GLY F 237 73.30 18.18 -26.21
CA GLY F 237 73.85 17.20 -25.30
C GLY F 237 75.04 16.51 -25.93
N GLY F 238 75.26 15.26 -25.57
CA GLY F 238 76.35 14.51 -26.16
C GLY F 238 76.44 13.12 -25.56
N ALA F 239 77.08 12.24 -26.32
CA ALA F 239 77.30 10.85 -25.90
C ALA F 239 78.79 10.62 -25.71
N ASN F 240 79.16 10.06 -24.56
CA ASN F 240 80.56 9.78 -24.25
C ASN F 240 81.06 8.73 -25.23
N GLU F 241 82.21 9.01 -25.87
CA GLU F 241 82.74 8.08 -26.91
C GLU F 241 84.27 8.01 -26.82
N GLY F 242 84.80 7.17 -25.92
CA GLY F 242 86.23 7.05 -25.74
C GLY F 242 86.88 8.32 -25.25
N ALA F 243 87.92 8.76 -25.95
CA ALA F 243 88.53 10.05 -25.67
C ALA F 243 87.84 11.16 -26.46
N ARG F 244 86.95 10.80 -27.38
CA ARG F 244 86.40 11.74 -28.34
C ARG F 244 84.88 11.71 -28.30
N THR F 245 84.30 12.41 -27.33
CA THR F 245 82.87 12.34 -27.10
C THR F 245 82.10 13.11 -28.17
N ALA F 246 80.95 12.58 -28.56
CA ALA F 246 80.17 13.16 -29.63
C ALA F 246 79.25 14.26 -29.11
N LEU F 247 78.45 14.85 -29.99
CA LEU F 247 77.59 16.00 -29.57
C LEU F 247 76.20 15.93 -30.21
N SER F 248 75.15 15.76 -29.40
CA SER F 248 73.78 15.86 -29.97
C SER F 248 73.62 17.33 -30.36
N VAL F 249 73.04 17.63 -31.53
CA VAL F 249 73.06 19.06 -31.95
C VAL F 249 71.93 19.38 -32.93
N VAL F 250 71.50 20.65 -32.97
CA VAL F 250 70.52 21.12 -33.94
C VAL F 250 71.27 21.63 -35.16
N THR F 251 70.96 21.05 -36.32
CA THR F 251 71.65 21.34 -37.58
C THR F 251 70.62 21.77 -38.63
N TRP F 252 71.03 22.65 -39.55
CA TRP F 252 70.08 23.30 -40.44
C TRP F 252 70.58 23.46 -41.87
N THR F 253 69.65 23.52 -42.84
CA THR F 253 70.02 23.66 -44.27
C THR F 253 69.35 24.89 -44.86
N LYS F 254 68.83 24.80 -46.10
CA LYS F 254 68.14 25.96 -46.73
C LYS F 254 66.72 26.05 -46.17
N ASP F 255 66.06 24.90 -45.95
CA ASP F 255 64.68 24.94 -45.47
C ASP F 255 64.52 24.11 -44.20
N MET F 256 65.42 23.17 -44.00
CA MET F 256 65.21 22.10 -43.05
C MET F 256 66.14 22.27 -41.85
N VAL F 257 65.62 21.95 -40.68
CA VAL F 257 66.44 21.77 -39.49
C VAL F 257 66.40 20.32 -39.08
N THR F 258 67.60 19.79 -38.78
CA THR F 258 67.74 18.35 -38.44
C THR F 258 68.48 18.17 -37.10
N ARG F 259 67.93 17.36 -36.21
CA ARG F 259 68.49 17.06 -34.90
C ARG F 259 69.16 15.70 -34.99
N TYR F 260 70.48 15.68 -34.83
CA TYR F 260 71.24 14.45 -34.91
C TYR F 260 71.71 14.08 -33.52
N THR F 261 71.10 13.05 -32.96
CA THR F 261 71.39 12.61 -31.59
C THR F 261 72.13 11.28 -31.63
N PRO F 262 73.43 11.26 -31.32
CA PRO F 262 74.16 9.99 -31.29
C PRO F 262 73.59 9.02 -30.27
N GLU F 263 73.77 7.73 -30.52
CA GLU F 263 73.19 6.68 -29.63
C GLU F 263 73.77 6.78 -28.21
N GLY F 264 73.01 6.33 -27.20
CA GLY F 264 73.48 6.39 -25.80
C GLY F 264 73.81 7.81 -25.39
N THR F 265 72.98 8.78 -25.78
CA THR F 265 73.31 10.20 -25.51
C THR F 265 72.71 10.70 -24.19
N GLU F 266 73.50 11.41 -23.39
CA GLU F 266 72.97 12.07 -22.21
C GLU F 266 72.72 13.52 -22.57
N GLU F 267 71.76 14.16 -21.88
CA GLU F 267 71.49 15.60 -22.13
C GLU F 267 72.20 16.45 -21.08
N TRP F 268 73.26 17.16 -21.49
CA TRP F 268 74.03 18.00 -20.58
C TRP F 268 74.09 19.41 -21.13
N TYR G 1 3.48 6.65 70.90
CA TYR G 1 4.78 6.70 70.23
C TYR G 1 4.72 7.62 69.03
N GLU G 2 5.74 8.48 68.89
CA GLU G 2 5.77 9.46 67.82
C GLU G 2 6.48 8.87 66.60
N HIS G 3 5.79 8.86 65.47
CA HIS G 3 6.34 8.30 64.23
C HIS G 3 5.57 8.88 63.05
N THR G 4 6.30 9.26 62.00
CA THR G 4 5.73 9.81 60.78
C THR G 4 6.14 8.98 59.58
N ALA G 5 5.22 8.80 58.64
CA ALA G 5 5.47 8.04 57.43
C ALA G 5 4.76 8.72 56.26
N THR G 6 5.24 8.44 55.05
CA THR G 6 4.68 8.98 53.81
C THR G 6 4.24 7.82 52.93
N ILE G 7 3.01 7.88 52.44
CA ILE G 7 2.44 6.78 51.65
C ILE G 7 2.03 7.29 50.28
N PRO G 8 2.08 6.46 49.24
CA PRO G 8 1.57 6.88 47.93
C PRO G 8 0.05 6.99 47.94
N ASN G 9 -0.46 7.87 47.07
CA ASN G 9 -1.90 8.05 46.91
C ASN G 9 -2.44 7.12 45.84
N VAL G 10 -2.32 5.82 46.11
CA VAL G 10 -2.74 4.77 45.18
C VAL G 10 -3.72 3.85 45.89
N VAL G 11 -4.88 3.64 45.28
CA VAL G 11 -5.94 2.78 45.88
C VAL G 11 -5.68 1.32 45.49
N GLY G 12 -5.78 0.40 46.45
CA GLY G 12 -5.56 -1.03 46.15
C GLY G 12 -4.09 -1.40 46.17
N PHE G 13 -3.22 -0.45 46.55
CA PHE G 13 -1.77 -0.75 46.66
C PHE G 13 -1.41 -0.86 48.15
N PRO G 14 -0.87 -2.02 48.59
CA PRO G 14 -0.47 -2.18 49.99
C PRO G 14 0.80 -1.38 50.32
N TYR G 15 0.77 -0.61 51.41
CA TYR G 15 2.01 0.10 51.86
C TYR G 15 2.34 -0.45 53.25
N LYS G 16 3.62 -0.50 53.61
CA LYS G 16 4.02 -1.07 54.89
C LYS G 16 4.96 -0.11 55.61
N ALA G 17 4.56 0.33 56.80
CA ALA G 17 5.36 1.20 57.63
C ALA G 17 5.92 0.39 58.79
N HIS G 18 7.22 0.51 59.02
CA HIS G 18 7.90 -0.25 60.05
C HIS G 18 8.27 0.69 61.19
N ILE G 19 7.91 0.29 62.42
CA ILE G 19 8.31 1.00 63.62
C ILE G 19 9.42 0.21 64.29
N GLU G 20 10.61 0.81 64.39
CA GLU G 20 11.69 0.34 65.25
C GLU G 20 11.58 1.02 66.60
N ARG G 21 10.76 0.48 67.48
CA ARG G 21 10.68 0.98 68.84
C ARG G 21 11.86 0.42 69.62
N ASN G 22 12.45 1.27 70.48
CA ASN G 22 13.70 0.94 71.14
C ASN G 22 13.56 -0.28 72.05
N GLY G 23 12.74 -0.18 73.09
CA GLY G 23 12.68 -1.23 74.10
C GLY G 23 11.80 -2.40 73.76
N PHE G 24 11.17 -2.40 72.59
CA PHE G 24 10.22 -3.43 72.19
C PHE G 24 10.67 -4.08 70.90
N SER G 25 9.99 -5.20 70.59
CA SER G 25 10.27 -5.94 69.35
C SER G 25 9.71 -5.13 68.16
N PRO G 26 10.40 -5.07 67.00
CA PRO G 26 9.92 -4.29 65.85
C PRO G 26 8.52 -4.70 65.42
N MET G 27 7.76 -3.72 64.93
CA MET G 27 6.41 -3.95 64.44
C MET G 27 6.26 -3.34 63.04
N THR G 28 5.60 -4.09 62.16
CA THR G 28 5.37 -3.67 60.78
C THR G 28 3.88 -3.45 60.57
N LEU G 29 3.51 -2.27 60.05
CA LEU G 29 2.07 -1.92 59.91
C LEU G 29 1.72 -1.85 58.43
N GLN G 30 0.55 -2.36 58.05
CA GLN G 30 0.13 -2.26 56.63
C GLN G 30 -0.88 -1.12 56.50
N LEU G 31 -0.54 -0.10 55.71
CA LEU G 31 -1.49 1.01 55.46
C LEU G 31 -1.93 0.92 54.00
N GLU G 32 -3.22 0.72 53.75
CA GLU G 32 -3.72 0.56 52.36
C GLU G 32 -4.87 1.53 52.13
N VAL G 33 -4.84 2.27 51.00
CA VAL G 33 -5.94 3.23 50.68
C VAL G 33 -7.08 2.46 50.03
N LEU G 34 -8.25 2.43 50.67
CA LEU G 34 -9.42 1.79 50.08
C LEU G 34 -10.14 2.68 49.08
N GLY G 35 -10.01 3.99 49.21
CA GLY G 35 -10.69 4.90 48.29
C GLY G 35 -10.62 6.35 48.74
N THR G 36 -10.39 7.25 47.79
CA THR G 36 -10.29 8.68 48.06
C THR G 36 -11.44 9.41 47.40
N SER G 37 -11.53 10.71 47.70
CA SER G 37 -12.53 11.57 47.10
C SER G 37 -12.04 13.02 47.16
N LEU G 38 -11.85 13.63 45.99
CA LEU G 38 -11.45 15.03 45.89
C LEU G 38 -12.72 15.84 45.68
N GLU G 39 -13.09 16.66 46.67
CA GLU G 39 -14.41 17.27 46.73
C GLU G 39 -14.32 18.79 46.55
N PRO G 40 -14.61 19.30 45.36
CA PRO G 40 -14.49 20.75 45.13
C PRO G 40 -15.69 21.52 45.70
N THR G 41 -15.47 22.81 45.92
CA THR G 41 -16.52 23.70 46.40
C THR G 41 -17.18 24.38 45.20
N LEU G 42 -18.50 24.31 45.13
CA LEU G 42 -19.26 24.78 43.98
C LEU G 42 -20.04 26.04 44.32
N ASN G 43 -19.86 27.07 43.51
CA ASN G 43 -20.64 28.31 43.59
C ASN G 43 -21.56 28.37 42.38
N LEU G 44 -22.86 28.23 42.62
CA LEU G 44 -23.82 28.20 41.52
C LEU G 44 -23.92 29.58 40.89
N GLU G 45 -23.78 29.64 39.57
CA GLU G 45 -23.88 30.92 38.86
C GLU G 45 -25.29 31.15 38.31
N TYR G 46 -25.77 30.22 37.48
CA TYR G 46 -27.13 30.32 36.96
C TYR G 46 -27.60 28.92 36.53
N ILE G 47 -28.86 28.84 36.13
CA ILE G 47 -29.49 27.60 35.69
C ILE G 47 -29.94 27.78 34.25
N THR G 48 -29.51 26.87 33.37
CA THR G 48 -29.83 26.95 31.95
C THR G 48 -30.65 25.74 31.54
N CYS G 49 -31.68 25.99 30.73
CA CYS G 49 -32.56 24.93 30.25
C CYS G 49 -33.22 25.40 28.96
N GLU G 50 -34.08 24.54 28.42
CA GLU G 50 -34.89 24.92 27.28
C GLU G 50 -35.88 26.01 27.69
N TYR G 51 -36.20 26.89 26.74
CA TYR G 51 -37.16 27.95 26.99
C TYR G 51 -38.54 27.54 26.50
N LYS G 52 -39.51 28.43 26.69
CA LYS G 52 -40.87 28.22 26.21
C LYS G 52 -41.38 29.52 25.64
N THR G 53 -41.65 29.55 24.34
CA THR G 53 -42.22 30.72 23.68
C THR G 53 -43.73 30.66 23.82
N VAL G 54 -44.29 31.59 24.59
CA VAL G 54 -45.71 31.65 24.84
C VAL G 54 -46.33 32.66 23.88
N VAL G 55 -47.16 32.17 22.96
CA VAL G 55 -47.83 33.01 21.98
C VAL G 55 -49.33 32.90 22.21
N PRO G 56 -49.93 33.86 22.91
CA PRO G 56 -51.37 33.82 23.16
C PRO G 56 -52.15 34.10 21.88
N SER G 57 -53.45 33.88 21.95
CA SER G 57 -54.31 34.16 20.80
C SER G 57 -54.28 35.66 20.51
N PRO G 58 -54.16 36.06 19.24
CA PRO G 58 -54.08 37.48 18.92
C PRO G 58 -55.44 38.14 19.04
N TYR G 59 -55.45 39.36 19.57
CA TYR G 59 -56.66 40.17 19.60
C TYR G 59 -56.81 40.81 18.22
N ILE G 60 -57.97 40.61 17.61
CA ILE G 60 -58.26 41.17 16.30
C ILE G 60 -59.34 42.23 16.49
N LYS G 61 -58.98 43.49 16.29
CA LYS G 61 -59.86 44.63 16.58
C LYS G 61 -60.67 44.93 15.32
N CYS G 62 -61.90 44.43 15.27
CA CYS G 62 -62.69 44.51 14.05
C CYS G 62 -63.25 45.92 13.87
N CYS G 63 -62.78 46.61 12.83
CA CYS G 63 -63.12 48.00 12.54
C CYS G 63 -62.84 48.88 13.75
N GLY G 64 -61.58 48.90 14.17
CA GLY G 64 -61.15 49.66 15.32
C GLY G 64 -59.64 49.69 15.38
N THR G 65 -59.09 50.20 16.50
CA THR G 65 -57.62 50.33 16.63
C THR G 65 -57.17 50.32 18.10
N SER G 66 -56.09 49.60 18.41
CA SER G 66 -55.50 49.57 19.75
C SER G 66 -54.04 49.99 19.66
N GLU G 67 -53.42 50.18 20.82
CA GLU G 67 -51.97 50.52 20.88
C GLU G 67 -51.26 49.41 21.64
N CYS G 68 -50.00 49.14 21.30
CA CYS G 68 -49.22 48.09 21.99
C CYS G 68 -49.01 48.49 23.44
N ARG G 69 -49.15 47.55 24.38
CA ARG G 69 -48.92 47.84 25.82
C ARG G 69 -47.63 47.14 26.26
N SER G 70 -46.60 47.91 26.61
CA SER G 70 -45.32 47.30 27.07
C SER G 70 -45.54 46.61 28.41
N MET G 71 -44.91 45.45 28.62
CA MET G 71 -45.03 44.81 29.95
C MET G 71 -43.65 44.39 30.49
N GLU G 72 -43.59 43.88 31.73
CA GLU G 72 -42.28 43.49 32.33
C GLU G 72 -42.08 41.98 32.20
N ARG G 73 -41.97 41.46 30.98
CA ARG G 73 -41.79 40.00 30.76
C ARG G 73 -40.51 39.77 29.93
N PRO G 74 -39.67 38.77 30.26
CA PRO G 74 -38.45 38.47 29.50
C PRO G 74 -38.60 38.42 27.97
N ASP G 75 -37.70 39.08 27.22
CA ASP G 75 -37.76 38.98 25.75
C ASP G 75 -39.16 39.25 25.23
N TYR G 76 -39.75 40.36 25.68
CA TYR G 76 -41.12 40.70 25.29
C TYR G 76 -41.15 41.42 23.95
N GLN G 77 -42.11 41.03 23.11
CA GLN G 77 -42.34 41.68 21.82
C GLN G 77 -43.83 41.98 21.67
N CYS G 78 -44.15 43.16 21.13
CA CYS G 78 -45.57 43.55 20.92
C CYS G 78 -45.68 44.36 19.64
N GLN G 79 -46.32 43.79 18.60
CA GLN G 79 -46.42 44.48 17.29
C GLN G 79 -47.87 44.69 16.89
N VAL G 80 -48.24 45.91 16.48
CA VAL G 80 -49.63 46.18 15.99
C VAL G 80 -49.59 46.22 14.46
N TYR G 81 -50.52 45.51 13.80
CA TYR G 81 -50.53 45.46 12.35
C TYR G 81 -51.87 45.99 11.85
N THR G 82 -51.80 46.97 10.94
CA THR G 82 -53.03 47.64 10.45
C THR G 82 -53.38 47.16 9.04
N GLY G 83 -54.66 47.16 8.69
CA GLY G 83 -55.15 46.72 7.40
C GLY G 83 -55.41 45.24 7.26
N VAL G 84 -55.56 44.50 8.36
CA VAL G 84 -55.72 43.06 8.28
C VAL G 84 -57.15 42.68 7.93
N TYR G 85 -57.28 41.66 7.07
CA TYR G 85 -58.57 41.09 6.65
C TYR G 85 -58.48 39.58 6.84
N PRO G 86 -58.61 39.10 8.06
CA PRO G 86 -58.55 37.65 8.29
C PRO G 86 -59.79 36.93 7.79
N PHE G 87 -59.65 35.61 7.63
CA PHE G 87 -60.73 34.71 7.24
C PHE G 87 -60.83 33.56 8.23
N MET G 88 -62.05 33.08 8.44
CA MET G 88 -62.33 31.83 9.14
C MET G 88 -62.94 30.82 8.18
N TRP G 89 -63.33 29.66 8.72
CA TRP G 89 -63.96 28.63 7.90
C TRP G 89 -65.31 29.09 7.36
N GLY G 90 -66.12 29.74 8.19
CA GLY G 90 -67.42 30.21 7.75
C GLY G 90 -67.35 31.46 6.90
N GLY G 91 -66.24 32.19 6.95
CA GLY G 91 -66.10 33.39 6.16
C GLY G 91 -65.19 34.39 6.84
N ALA G 92 -65.40 35.66 6.49
CA ALA G 92 -64.55 36.74 6.96
C ALA G 92 -64.82 37.09 8.42
N TYR G 93 -63.76 37.15 9.22
CA TYR G 93 -63.92 37.47 10.64
C TYR G 93 -64.35 38.91 10.86
N CYS G 94 -63.55 39.88 10.40
CA CYS G 94 -63.87 41.30 10.69
C CYS G 94 -64.94 41.86 9.73
N PHE G 95 -65.26 43.15 9.85
CA PHE G 95 -66.36 43.73 9.04
C PHE G 95 -65.85 44.60 7.89
N CYS G 96 -64.86 45.47 8.12
CA CYS G 96 -64.46 46.39 7.07
C CYS G 96 -63.42 45.71 6.18
N ASP G 97 -63.03 46.39 5.11
CA ASP G 97 -62.02 45.81 4.17
C ASP G 97 -60.66 45.80 4.85
N THR G 98 -60.20 46.95 5.36
CA THR G 98 -58.83 47.04 5.94
C THR G 98 -58.77 48.07 7.09
N GLU G 99 -59.88 48.30 7.80
CA GLU G 99 -59.82 49.20 8.98
C GLU G 99 -59.49 48.37 10.23
N ASN G 100 -59.42 47.05 10.08
CA ASN G 100 -59.18 46.13 11.23
C ASN G 100 -57.69 46.09 11.61
N THR G 101 -57.38 45.78 12.87
CA THR G 101 -55.97 45.65 13.32
C THR G 101 -55.79 44.31 14.06
N GLN G 102 -54.54 43.87 14.28
CA GLN G 102 -54.32 42.64 15.03
C GLN G 102 -53.14 42.86 15.96
N LEU G 103 -53.27 42.42 17.21
CA LEU G 103 -52.25 42.63 18.22
C LEU G 103 -51.45 41.35 18.38
N SER G 104 -50.17 41.39 18.02
CA SER G 104 -49.29 40.24 18.16
C SER G 104 -48.42 40.40 19.40
N GLU G 105 -48.46 39.41 20.27
CA GLU G 105 -47.73 39.45 21.52
C GLU G 105 -47.07 38.10 21.77
N ALA G 106 -45.78 38.13 22.11
CA ALA G 106 -45.03 36.91 22.34
C ALA G 106 -43.90 37.21 23.33
N TYR G 107 -43.48 36.17 24.05
CA TYR G 107 -42.47 36.33 25.08
C TYR G 107 -41.86 34.97 25.41
N VAL G 108 -40.73 35.01 26.13
CA VAL G 108 -40.00 33.82 26.54
C VAL G 108 -40.21 33.59 28.02
N ASP G 109 -40.49 32.35 28.40
CA ASP G 109 -40.70 31.98 29.79
C ASP G 109 -39.92 30.72 30.09
N ARG G 110 -39.57 30.55 31.36
CA ARG G 110 -38.93 29.32 31.81
C ARG G 110 -39.81 28.12 31.50
N SER G 111 -39.21 27.08 30.92
CA SER G 111 -39.99 25.90 30.55
C SER G 111 -40.53 25.21 31.79
N ASP G 112 -41.58 24.41 31.58
CA ASP G 112 -42.25 23.74 32.67
C ASP G 112 -41.37 22.69 33.35
N VAL G 113 -40.27 22.30 32.72
CA VAL G 113 -39.44 21.23 33.25
C VAL G 113 -37.98 21.69 33.43
N CYS G 114 -37.76 23.01 33.51
CA CYS G 114 -36.50 23.47 34.09
C CYS G 114 -36.33 22.97 35.50
N LYS G 115 -37.44 22.85 36.23
CA LYS G 115 -37.47 22.18 37.51
C LYS G 115 -36.98 20.73 37.41
N HIS G 116 -37.14 20.09 36.25
CA HIS G 116 -36.65 18.75 36.02
C HIS G 116 -35.39 18.71 35.17
N ASP G 117 -35.44 19.27 33.96
CA ASP G 117 -34.37 19.16 32.97
C ASP G 117 -33.65 20.51 32.88
N HIS G 118 -32.45 20.56 33.47
CA HIS G 118 -31.67 21.79 33.48
C HIS G 118 -30.20 21.46 33.68
N ALA G 119 -29.34 22.41 33.33
CA ALA G 119 -27.91 22.30 33.54
C ALA G 119 -27.44 23.46 34.40
N ALA G 120 -26.55 23.17 35.34
CA ALA G 120 -26.09 24.15 36.32
C ALA G 120 -24.65 24.54 36.02
N ALA G 121 -24.38 25.84 36.04
CA ALA G 121 -23.03 26.37 35.87
C ALA G 121 -22.43 26.66 37.24
N TYR G 122 -21.24 26.14 37.47
CA TYR G 122 -20.59 26.23 38.78
C TYR G 122 -19.20 26.84 38.65
N LYS G 123 -18.66 27.25 39.78
CA LYS G 123 -17.23 27.56 39.92
C LYS G 123 -16.64 26.65 40.98
N ALA G 124 -15.53 25.99 40.64
CA ALA G 124 -14.89 25.02 41.51
C ALA G 124 -13.58 25.58 42.04
N HIS G 125 -13.41 25.52 43.35
CA HIS G 125 -12.18 25.98 43.99
C HIS G 125 -12.07 25.34 45.36
N THR G 126 -10.85 25.30 45.89
CA THR G 126 -10.60 24.72 47.25
C THR G 126 -11.15 23.29 47.33
N ALA G 127 -10.64 22.37 46.50
CA ALA G 127 -11.07 20.98 46.57
C ALA G 127 -10.59 20.35 47.88
N ALA G 128 -11.51 19.68 48.57
CA ALA G 128 -11.23 19.07 49.86
C ALA G 128 -11.14 17.56 49.69
N MET G 129 -10.03 16.98 50.12
CA MET G 129 -9.76 15.56 49.92
C MET G 129 -10.10 14.75 51.16
N LYS G 130 -10.81 13.65 50.95
CA LYS G 130 -11.16 12.72 52.03
C LYS G 130 -10.89 11.31 51.53
N ALA G 131 -10.24 10.49 52.34
CA ALA G 131 -9.80 9.17 51.93
C ALA G 131 -10.19 8.12 52.96
N THR G 132 -10.35 6.89 52.49
CA THR G 132 -10.68 5.74 53.33
C THR G 132 -9.42 4.90 53.52
N ILE G 133 -9.05 4.64 54.76
CA ILE G 133 -7.82 3.94 55.10
C ILE G 133 -8.12 2.77 56.02
N ARG G 134 -7.51 1.62 55.72
CA ARG G 134 -7.53 0.46 56.60
C ARG G 134 -6.23 0.39 57.39
N ILE G 135 -6.36 0.23 58.70
CA ILE G 135 -5.23 0.00 59.60
C ILE G 135 -5.36 -1.41 60.15
N SER G 136 -4.38 -2.26 59.88
CA SER G 136 -4.34 -3.60 60.44
C SER G 136 -2.92 -3.90 60.90
N TYR G 137 -2.70 -3.86 62.20
CA TYR G 137 -1.39 -4.09 62.78
C TYR G 137 -1.54 -5.00 63.98
N GLY G 138 -0.52 -5.83 64.21
CA GLY G 138 -0.58 -6.73 65.35
C GLY G 138 -1.76 -7.67 65.25
N ASN G 139 -2.75 -7.46 66.11
CA ASN G 139 -3.91 -8.33 66.21
C ASN G 139 -5.21 -7.66 65.77
N LEU G 140 -5.15 -6.35 65.51
CA LEU G 140 -6.35 -5.55 65.15
C LEU G 140 -6.44 -5.41 63.62
N ASN G 141 -7.63 -5.09 63.11
CA ASN G 141 -7.82 -4.91 61.66
C ASN G 141 -9.03 -3.98 61.49
N GLN G 142 -8.72 -2.68 61.37
CA GLN G 142 -9.82 -1.68 61.35
C GLN G 142 -9.74 -0.76 60.13
N THR G 143 -10.87 -0.17 59.74
CA THR G 143 -11.03 0.76 58.63
C THR G 143 -11.71 2.04 59.11
N THR G 144 -11.12 3.19 58.80
CA THR G 144 -11.70 4.48 59.15
C THR G 144 -11.52 5.45 57.99
N THR G 145 -12.31 6.52 58.03
CA THR G 145 -12.27 7.58 57.00
C THR G 145 -11.88 8.90 57.67
N ALA G 146 -11.00 9.64 57.02
CA ALA G 146 -10.54 10.92 57.56
C ALA G 146 -10.27 11.90 56.43
N PHE G 147 -10.47 13.19 56.73
CA PHE G 147 -10.09 14.24 55.79
C PHE G 147 -8.57 14.35 55.71
N VAL G 148 -8.06 14.45 54.49
CA VAL G 148 -6.61 14.41 54.25
C VAL G 148 -6.09 15.82 54.47
N ASN G 149 -5.77 16.13 55.73
CA ASN G 149 -5.13 17.38 56.08
C ASN G 149 -4.50 17.21 57.46
N GLY G 150 -3.58 18.13 57.78
CA GLY G 150 -2.91 18.07 59.07
C GLY G 150 -3.75 18.63 60.20
N GLU G 151 -5.07 18.49 60.10
CA GLU G 151 -5.99 19.02 61.10
C GLU G 151 -7.12 18.07 61.41
N HIS G 152 -6.97 16.77 61.13
CA HIS G 152 -7.99 15.79 61.46
C HIS G 152 -7.32 14.56 62.07
N THR G 153 -7.82 14.12 63.22
CA THR G 153 -7.33 12.92 63.89
C THR G 153 -8.48 11.98 64.18
N VAL G 154 -8.28 10.71 63.82
CA VAL G 154 -9.34 9.67 64.02
C VAL G 154 -8.74 8.57 64.91
N THR G 155 -9.56 8.03 65.81
CA THR G 155 -9.11 6.99 66.77
C THR G 155 -9.22 5.60 66.14
N VAL G 156 -8.13 4.83 66.17
CA VAL G 156 -8.09 3.47 65.63
C VAL G 156 -7.50 2.58 66.71
N GLY G 157 -8.37 1.89 67.45
CA GLY G 157 -7.91 0.96 68.48
C GLY G 157 -7.04 1.60 69.53
N GLY G 158 -7.39 2.81 69.97
CA GLY G 158 -6.59 3.54 70.92
C GLY G 158 -5.49 4.39 70.33
N SER G 159 -5.37 4.43 69.00
CA SER G 159 -4.30 5.16 68.33
C SER G 159 -4.80 6.45 67.71
N ARG G 160 -3.93 7.47 67.75
CA ARG G 160 -4.27 8.78 67.17
C ARG G 160 -3.59 8.89 65.80
N PHE G 161 -4.38 8.79 64.73
CA PHE G 161 -3.84 8.86 63.34
C PHE G 161 -4.33 10.14 62.68
N THR G 162 -3.39 10.85 62.03
CA THR G 162 -3.70 12.12 61.31
C THR G 162 -3.02 12.02 59.95
N PHE G 163 -3.73 12.34 58.86
CA PHE G 163 -3.14 12.20 57.50
C PHE G 163 -2.82 13.60 56.99
N GLY G 164 -1.55 13.87 56.66
CA GLY G 164 -1.12 15.23 56.26
C GLY G 164 -1.73 15.70 54.95
N PRO G 165 -1.78 17.03 54.68
CA PRO G 165 -2.46 17.56 53.50
C PRO G 165 -1.89 17.04 52.18
N ILE G 166 -2.75 16.80 51.18
CA ILE G 166 -2.31 16.21 49.89
C ILE G 166 -1.04 16.90 49.37
N SER G 167 0.02 16.12 49.10
CA SER G 167 1.28 16.61 48.58
C SER G 167 1.11 17.68 47.52
N THR G 168 0.08 17.52 46.68
CA THR G 168 -0.11 18.47 45.54
C THR G 168 -1.51 19.07 45.54
N ALA G 169 -1.65 20.27 44.96
CA ALA G 169 -2.93 20.95 44.88
C ALA G 169 -3.63 20.72 43.55
N TRP G 170 -3.19 19.72 42.78
CA TRP G 170 -3.76 19.47 41.47
C TRP G 170 -5.22 19.03 41.58
N THR G 171 -6.05 19.53 40.67
CA THR G 171 -7.46 19.17 40.59
C THR G 171 -7.83 18.96 39.14
N PRO G 172 -8.74 18.04 38.84
CA PRO G 172 -9.17 17.85 37.45
C PRO G 172 -10.17 18.89 36.97
N PHE G 173 -10.91 19.51 37.87
CA PHE G 173 -11.91 20.50 37.49
C PHE G 173 -11.24 21.85 37.22
N ASP G 174 -11.78 22.57 36.24
CA ASP G 174 -11.32 23.91 35.93
C ASP G 174 -12.08 24.92 36.80
N ASN G 175 -11.89 26.21 36.49
CA ASN G 175 -12.63 27.25 37.21
C ASN G 175 -14.13 27.13 36.97
N LYS G 176 -14.54 26.90 35.73
CA LYS G 176 -15.95 26.90 35.36
C LYS G 176 -16.40 25.46 35.09
N ILE G 177 -17.49 25.07 35.76
CA ILE G 177 -17.98 23.70 35.73
C ILE G 177 -19.46 23.71 35.36
N VAL G 178 -19.84 22.87 34.40
CA VAL G 178 -21.22 22.70 34.00
C VAL G 178 -21.62 21.26 34.26
N VAL G 179 -22.69 21.06 35.03
CA VAL G 179 -23.12 19.75 35.46
C VAL G 179 -24.51 19.48 34.89
N TYR G 180 -24.66 18.35 34.20
CA TYR G 180 -25.94 17.90 33.69
C TYR G 180 -26.14 16.45 34.12
N LYS G 181 -27.05 16.25 35.07
CA LYS G 181 -27.35 14.92 35.63
C LYS G 181 -26.08 14.34 36.23
N ASN G 182 -25.50 13.29 35.64
CA ASN G 182 -24.33 12.63 36.18
C ASN G 182 -23.05 12.95 35.42
N ASP G 183 -23.07 13.96 34.55
CA ASP G 183 -21.91 14.33 33.76
C ASP G 183 -21.42 15.72 34.14
N VAL G 184 -20.10 15.89 34.13
CA VAL G 184 -19.45 17.16 34.45
C VAL G 184 -18.58 17.55 33.27
N TYR G 185 -18.71 18.80 32.83
CA TYR G 185 -18.00 19.31 31.66
C TYR G 185 -17.16 20.51 32.06
N ASN G 186 -15.91 20.54 31.57
CA ASN G 186 -15.04 21.70 31.75
C ASN G 186 -15.35 22.68 30.63
N GLN G 187 -16.31 23.58 30.86
CA GLN G 187 -16.80 24.47 29.82
C GLN G 187 -16.74 25.92 30.29
N ASP G 188 -16.35 26.81 29.37
CA ASP G 188 -16.38 28.25 29.60
C ASP G 188 -17.77 28.76 29.27
N PHE G 189 -18.69 28.60 30.22
CA PHE G 189 -20.04 29.09 30.02
C PHE G 189 -20.04 30.61 30.02
N PRO G 190 -20.93 31.24 29.25
CA PRO G 190 -20.92 32.69 29.14
C PRO G 190 -21.28 33.33 30.46
N PRO G 191 -20.73 34.51 30.75
CA PRO G 191 -21.09 35.21 32.00
C PRO G 191 -22.58 35.50 32.08
N TYR G 192 -23.07 35.60 33.31
CA TYR G 192 -24.48 35.88 33.52
C TYR G 192 -24.87 37.22 32.91
N GLY G 193 -26.00 37.23 32.21
CA GLY G 193 -26.48 38.44 31.58
C GLY G 193 -25.79 38.80 30.28
N SER G 194 -24.96 37.89 29.77
CA SER G 194 -24.25 38.15 28.48
C SER G 194 -24.37 36.93 27.56
N GLY G 195 -25.53 36.27 27.57
CA GLY G 195 -25.73 35.09 26.74
C GLY G 195 -26.11 35.46 25.31
N GLN G 196 -25.76 34.56 24.38
CA GLN G 196 -26.09 34.69 22.98
C GLN G 196 -27.17 33.69 22.59
N PRO G 197 -28.07 34.06 21.68
CA PRO G 197 -29.08 33.09 21.24
C PRO G 197 -28.43 31.93 20.48
N GLY G 198 -29.02 30.75 20.63
CA GLY G 198 -28.56 29.58 19.93
C GLY G 198 -27.38 28.87 20.56
N ARG G 199 -26.86 29.37 21.67
CA ARG G 199 -25.74 28.74 22.36
C ARG G 199 -26.13 28.47 23.81
N PHE G 200 -25.27 27.73 24.51
CA PHE G 200 -25.50 27.46 25.92
C PHE G 200 -25.53 28.77 26.70
N GLY G 201 -26.55 28.93 27.53
CA GLY G 201 -26.75 30.17 28.24
C GLY G 201 -27.56 31.21 27.52
N ASP G 202 -28.33 30.83 26.49
CA ASP G 202 -29.20 31.79 25.81
C ASP G 202 -30.25 32.34 26.77
N ILE G 203 -30.80 31.50 27.63
CA ILE G 203 -31.63 31.94 28.74
C ILE G 203 -30.96 31.50 30.03
N GLN G 204 -30.97 32.38 31.04
CA GLN G 204 -30.27 32.13 32.29
C GLN G 204 -31.18 32.49 33.45
N SER G 205 -31.14 31.65 34.50
CA SER G 205 -31.87 31.89 35.73
C SER G 205 -30.96 31.60 36.91
N ARG G 206 -30.94 32.51 37.89
CA ARG G 206 -30.01 32.38 39.00
C ARG G 206 -30.27 31.14 39.83
N THR G 207 -31.54 30.83 40.08
CA THR G 207 -31.92 29.73 40.96
C THR G 207 -33.15 29.06 40.36
N VAL G 208 -33.40 27.81 40.78
CA VAL G 208 -34.62 27.12 40.36
C VAL G 208 -35.86 27.82 40.91
N GLU G 209 -35.68 28.50 42.06
CA GLU G 209 -36.82 29.25 42.67
C GLU G 209 -36.71 30.72 42.26
N SER G 210 -35.87 31.04 41.27
CA SER G 210 -35.72 32.42 40.82
C SER G 210 -37.00 32.92 40.15
N LYS G 211 -37.31 34.18 40.41
CA LYS G 211 -38.41 34.88 39.74
C LYS G 211 -37.93 35.68 38.54
N ASP G 212 -36.69 36.18 38.60
CA ASP G 212 -36.09 36.89 37.48
C ASP G 212 -35.46 35.89 36.51
N LEU G 213 -35.74 36.08 35.23
CA LEU G 213 -35.22 35.23 34.17
C LEU G 213 -34.66 36.11 33.05
N TYR G 214 -33.42 35.83 32.66
CA TYR G 214 -32.80 36.53 31.54
C TYR G 214 -32.95 35.69 30.28
N ALA G 215 -33.43 36.31 29.21
CA ALA G 215 -33.66 35.62 27.96
C ALA G 215 -33.17 36.49 26.81
N ASN G 216 -32.32 35.92 25.96
CA ASN G 216 -31.84 36.58 24.74
C ASN G 216 -31.92 35.55 23.61
N THR G 217 -33.08 35.50 22.95
CA THR G 217 -33.31 34.52 21.90
C THR G 217 -33.62 35.17 20.56
N ALA G 218 -33.45 36.49 20.44
CA ALA G 218 -33.62 37.21 19.17
C ALA G 218 -35.02 36.97 18.58
N LEU G 219 -36.05 37.10 19.41
CA LEU G 219 -37.41 36.88 18.96
C LEU G 219 -37.84 37.97 17.98
N LYS G 220 -38.51 37.56 16.89
CA LYS G 220 -38.91 38.53 15.85
C LYS G 220 -40.39 38.35 15.51
N LEU G 221 -41.09 39.43 15.19
CA LEU G 221 -42.49 39.42 14.80
C LEU G 221 -42.66 39.98 13.39
N SER G 222 -43.61 39.40 12.65
CA SER G 222 -43.77 39.82 11.24
C SER G 222 -45.26 39.83 10.86
N ARG G 223 -45.61 40.62 9.85
CA ARG G 223 -46.97 40.70 9.34
C ARG G 223 -47.58 39.31 9.18
N PRO G 224 -48.82 39.10 9.60
CA PRO G 224 -49.56 37.92 9.17
C PRO G 224 -49.87 38.00 7.68
N SER G 225 -50.02 36.84 7.06
CA SER G 225 -50.44 36.82 5.68
C SER G 225 -51.91 37.25 5.58
N SER G 226 -52.30 37.60 4.35
CA SER G 226 -53.69 38.08 4.12
C SER G 226 -54.69 36.95 4.34
N GLY G 227 -55.74 37.21 5.10
CA GLY G 227 -56.78 36.22 5.36
C GLY G 227 -56.34 35.03 6.18
N THR G 228 -55.46 35.22 7.15
CA THR G 228 -55.02 34.15 8.02
C THR G 228 -54.71 34.70 9.40
N VAL G 229 -55.07 33.94 10.43
CA VAL G 229 -54.81 34.31 11.82
C VAL G 229 -53.81 33.29 12.36
N HIS G 230 -52.53 33.63 12.35
CA HIS G 230 -51.51 32.68 12.76
C HIS G 230 -50.39 33.27 13.60
N VAL G 231 -50.33 34.57 13.82
CA VAL G 231 -49.27 35.23 14.59
C VAL G 231 -47.90 34.74 14.13
N PRO G 232 -47.44 35.13 12.94
CA PRO G 232 -46.11 34.69 12.50
C PRO G 232 -45.03 35.25 13.41
N TYR G 233 -44.02 34.42 13.66
CA TYR G 233 -42.85 34.83 14.43
C TYR G 233 -41.72 33.89 14.07
N THR G 234 -40.50 34.43 14.08
CA THR G 234 -39.27 33.69 13.84
C THR G 234 -38.31 33.87 15.00
N GLN G 235 -37.88 32.75 15.57
CA GLN G 235 -37.08 32.84 16.77
C GLN G 235 -35.92 31.85 16.73
N THR G 236 -34.82 32.22 17.36
CA THR G 236 -33.67 31.35 17.43
C THR G 236 -33.99 30.08 18.24
N PRO G 237 -33.58 28.91 17.76
CA PRO G 237 -33.82 27.68 18.54
C PRO G 237 -33.06 27.67 19.84
N SER G 238 -33.50 26.82 20.76
CA SER G 238 -32.91 26.74 22.08
C SER G 238 -31.44 26.34 22.02
N GLY G 239 -30.60 27.07 22.74
CA GLY G 239 -29.21 26.70 22.86
C GLY G 239 -28.96 25.53 23.79
N PHE G 240 -29.94 25.23 24.66
CA PHE G 240 -29.81 24.09 25.55
C PHE G 240 -29.80 22.78 24.78
N LYS G 241 -30.74 22.61 23.83
CA LYS G 241 -30.75 21.39 23.03
C LYS G 241 -29.53 21.31 22.13
N TYR G 242 -29.10 22.45 21.59
CA TYR G 242 -27.87 22.48 20.82
C TYR G 242 -26.69 21.99 21.66
N TRP G 243 -26.58 22.46 22.90
CA TRP G 243 -25.51 21.99 23.77
C TRP G 243 -25.67 20.50 24.08
N LEU G 244 -26.91 20.05 24.28
CA LEU G 244 -27.16 18.65 24.59
C LEU G 244 -26.69 17.73 23.45
N LYS G 245 -26.90 18.16 22.20
CA LYS G 245 -26.47 17.31 21.09
C LYS G 245 -25.16 17.79 20.48
N GLU G 246 -24.44 18.67 21.17
CA GLU G 246 -23.05 19.01 20.85
C GLU G 246 -22.13 18.97 22.05
N ARG G 247 -22.59 18.43 23.20
CA ARG G 247 -21.76 18.41 24.40
C ARG G 247 -20.54 17.49 24.23
N GLY G 248 -20.74 16.34 23.60
CA GLY G 248 -19.67 15.36 23.50
C GLY G 248 -19.51 14.57 24.78
N THR G 249 -18.28 14.21 25.10
CA THR G 249 -17.98 13.44 26.30
C THR G 249 -17.70 14.37 27.47
N SER G 250 -17.91 13.85 28.68
CA SER G 250 -17.75 14.63 29.89
C SER G 250 -16.33 14.50 30.44
N LEU G 251 -16.12 15.02 31.65
CA LEU G 251 -14.80 14.95 32.27
C LEU G 251 -14.41 13.53 32.65
N ASN G 252 -15.38 12.63 32.79
CA ASN G 252 -15.07 11.25 33.17
C ASN G 252 -14.23 10.57 32.09
N ASP G 253 -14.40 10.98 30.84
CA ASP G 253 -13.72 10.35 29.71
C ASP G 253 -12.38 11.01 29.40
N LYS G 254 -12.04 12.13 30.05
CA LYS G 254 -10.76 12.78 29.81
C LYS G 254 -10.00 13.14 31.08
N ALA G 255 -10.48 12.73 32.25
CA ALA G 255 -9.81 13.10 33.49
C ALA G 255 -8.45 12.42 33.59
N PRO G 256 -7.39 13.15 33.96
CA PRO G 256 -6.07 12.53 34.12
C PRO G 256 -6.02 11.69 35.39
N PHE G 257 -4.95 10.90 35.48
CA PHE G 257 -4.65 10.05 36.65
C PHE G 257 -5.75 9.03 36.93
N GLY G 258 -6.57 8.72 35.94
CA GLY G 258 -7.64 7.75 36.14
C GLY G 258 -8.69 8.19 37.13
N CYS G 259 -8.98 9.48 37.21
CA CYS G 259 -10.03 9.96 38.09
C CYS G 259 -11.40 9.52 37.58
N VAL G 260 -12.28 9.18 38.50
CA VAL G 260 -13.66 8.80 38.19
C VAL G 260 -14.55 9.92 38.70
N ILE G 261 -15.18 10.64 37.79
CA ILE G 261 -15.98 11.80 38.13
C ILE G 261 -17.41 11.36 38.39
N LYS G 262 -17.93 11.67 39.58
CA LYS G 262 -19.33 11.45 39.90
C LYS G 262 -19.95 12.76 40.37
N THR G 263 -21.28 12.77 40.44
CA THR G 263 -22.05 13.90 40.93
C THR G 263 -22.80 13.50 42.19
N ASN G 264 -23.54 14.45 42.76
CA ASN G 264 -24.28 14.21 44.04
C ASN G 264 -23.31 13.72 45.11
N PRO G 265 -22.49 14.59 45.75
CA PRO G 265 -22.05 15.86 45.15
C PRO G 265 -20.93 15.69 44.12
N VAL G 266 -20.65 16.72 43.32
CA VAL G 266 -19.63 16.63 42.28
C VAL G 266 -18.28 16.36 42.94
N ARG G 267 -17.59 15.33 42.47
CA ARG G 267 -16.38 14.85 43.12
C ARG G 267 -15.53 14.09 42.12
N ALA G 268 -14.24 13.98 42.45
CA ALA G 268 -13.30 13.15 41.70
C ALA G 268 -12.70 12.14 42.66
N GLU G 269 -12.86 10.85 42.35
CA GLU G 269 -12.49 9.79 43.28
C GLU G 269 -11.35 8.95 42.73
N ASN G 270 -10.50 8.46 43.64
CA ASN G 270 -9.46 7.49 43.34
C ASN G 270 -8.45 8.03 42.33
N CYS G 271 -8.15 9.32 42.41
CA CYS G 271 -7.08 9.89 41.60
C CYS G 271 -5.74 9.45 42.15
N ALA G 272 -4.87 8.95 41.27
CA ALA G 272 -3.56 8.41 41.66
C ALA G 272 -2.50 9.48 41.40
N VAL G 273 -2.33 10.37 42.36
CA VAL G 273 -1.32 11.44 42.26
C VAL G 273 -1.00 11.93 43.66
N GLY G 274 0.27 12.22 43.89
CA GLY G 274 0.70 12.77 45.15
C GLY G 274 0.96 11.74 46.22
N ASN G 275 1.35 12.24 47.39
CA ASN G 275 1.64 11.41 48.55
C ASN G 275 0.80 11.88 49.73
N ILE G 276 0.55 10.96 50.66
CA ILE G 276 -0.26 11.25 51.84
C ILE G 276 0.62 11.08 53.07
N PRO G 277 1.11 12.17 53.66
CA PRO G 277 1.88 12.05 54.90
C PRO G 277 1.05 11.49 56.03
N VAL G 278 1.67 10.67 56.87
CA VAL G 278 0.99 9.97 57.95
C VAL G 278 1.74 10.24 59.25
N SER G 279 1.00 10.67 60.28
CA SER G 279 1.53 10.84 61.62
C SER G 279 0.85 9.85 62.55
N MET G 280 1.64 9.12 63.33
CA MET G 280 1.18 7.94 64.04
C MET G 280 1.42 8.10 65.53
N ASP G 281 0.44 7.68 66.33
CA ASP G 281 0.51 7.74 67.79
C ASP G 281 0.10 6.37 68.35
N ILE G 282 1.08 5.49 68.50
CA ILE G 282 0.84 4.11 68.92
C ILE G 282 1.13 3.98 70.42
N PRO G 283 0.24 3.39 71.20
CA PRO G 283 0.51 3.22 72.63
C PRO G 283 1.43 2.04 72.89
N ASP G 284 1.75 1.82 74.17
CA ASP G 284 2.63 0.74 74.56
C ASP G 284 1.97 -0.63 74.37
N THR G 285 0.67 -0.71 74.65
CA THR G 285 -0.05 -2.01 74.62
C THR G 285 0.15 -2.75 73.30
N ALA G 286 0.29 -2.03 72.19
CA ALA G 286 0.35 -2.71 70.89
C ALA G 286 1.67 -3.46 70.72
N PHE G 287 2.76 -2.90 71.24
CA PHE G 287 4.08 -3.46 71.02
C PHE G 287 4.30 -4.71 71.88
N THR G 288 5.31 -5.49 71.52
CA THR G 288 5.70 -6.68 72.25
C THR G 288 7.16 -6.58 72.68
N ARG G 289 7.45 -7.11 73.86
CA ARG G 289 8.79 -7.05 74.44
C ARG G 289 9.72 -8.06 73.77
N VAL G 290 11.01 -7.74 73.78
CA VAL G 290 12.00 -8.64 73.20
C VAL G 290 12.26 -9.83 74.10
N ILE G 291 11.90 -9.73 75.38
CA ILE G 291 12.02 -10.88 76.27
C ILE G 291 11.04 -11.98 75.90
N ASP G 292 9.88 -11.56 75.39
CA ASP G 292 8.88 -12.53 74.90
C ASP G 292 9.02 -12.65 73.38
N ALA G 293 9.85 -11.79 72.76
CA ALA G 293 10.02 -11.95 71.32
C ALA G 293 11.21 -12.87 71.03
N PRO G 294 11.10 -13.73 70.01
CA PRO G 294 12.20 -14.65 69.72
C PRO G 294 13.46 -13.90 69.29
N ALA G 295 14.60 -14.47 69.62
CA ALA G 295 15.91 -13.93 69.25
C ALA G 295 16.39 -14.64 68.00
N VAL G 296 16.56 -13.88 66.92
CA VAL G 296 16.88 -14.45 65.61
C VAL G 296 18.32 -14.07 65.28
N THR G 297 19.13 -15.08 64.95
CA THR G 297 20.53 -14.87 64.61
C THR G 297 20.86 -15.63 63.32
N ASN G 298 22.13 -15.52 62.93
CA ASN G 298 22.68 -16.11 61.70
C ASN G 298 21.66 -16.13 60.57
N LEU G 299 21.17 -14.96 60.18
CA LEU G 299 20.23 -14.88 59.08
C LEU G 299 21.00 -14.66 57.77
N GLU G 300 20.86 -15.65 56.88
CA GLU G 300 21.48 -15.57 55.54
C GLU G 300 20.35 -15.66 54.50
N CYS G 301 20.40 -14.85 53.44
CA CYS G 301 19.39 -14.81 52.41
C CYS G 301 19.96 -15.40 51.13
N GLN G 302 19.25 -16.40 50.60
CA GLN G 302 19.58 -17.02 49.30
C GLN G 302 18.28 -16.95 48.50
N VAL G 303 18.34 -16.87 47.17
CA VAL G 303 17.13 -16.69 46.37
C VAL G 303 17.09 -17.76 45.28
N ALA G 304 15.96 -18.47 45.22
CA ALA G 304 15.79 -19.53 44.22
C ALA G 304 15.37 -18.95 42.88
N VAL G 305 14.20 -18.31 42.83
CA VAL G 305 13.65 -17.81 41.59
C VAL G 305 13.08 -16.41 41.84
N CYS G 306 13.26 -15.51 40.87
CA CYS G 306 12.67 -14.18 40.96
C CYS G 306 12.38 -13.67 39.56
N THR G 307 11.22 -13.06 39.39
CA THR G 307 10.80 -12.43 38.14
C THR G 307 10.25 -11.05 38.46
N HIS G 308 10.79 -10.03 37.80
CA HIS G 308 10.37 -8.66 38.10
C HIS G 308 9.09 -8.32 37.34
N SER G 309 8.01 -8.97 37.75
CA SER G 309 6.69 -8.75 37.19
C SER G 309 5.94 -7.74 38.05
N SER G 310 4.71 -7.42 37.62
CA SER G 310 3.89 -6.49 38.39
C SER G 310 3.52 -7.06 39.76
N ASP G 311 3.22 -8.35 39.82
CA ASP G 311 2.86 -9.00 41.06
C ASP G 311 4.13 -9.42 41.80
N PHE G 312 3.97 -10.21 42.87
CA PHE G 312 5.09 -10.66 43.69
C PHE G 312 5.71 -11.90 43.05
N GLY G 313 6.51 -11.66 42.01
CA GLY G 313 7.19 -12.71 41.29
C GLY G 313 8.54 -13.11 41.82
N GLY G 314 8.96 -12.56 42.96
CA GLY G 314 10.21 -12.92 43.59
C GLY G 314 9.97 -13.82 44.79
N ILE G 315 10.81 -14.84 44.92
CA ILE G 315 10.69 -15.83 45.97
C ILE G 315 12.00 -15.86 46.73
N ALA G 316 11.93 -15.62 48.05
CA ALA G 316 13.11 -15.47 48.89
C ALA G 316 13.09 -16.53 49.97
N THR G 317 14.23 -17.21 50.13
CA THR G 317 14.38 -18.26 51.18
C THR G 317 15.37 -17.75 52.23
N LEU G 318 14.95 -17.68 53.49
CA LEU G 318 15.77 -17.19 54.58
C LEU G 318 16.07 -18.32 55.55
N THR G 319 17.30 -18.35 56.05
CA THR G 319 17.74 -19.33 57.04
C THR G 319 18.21 -18.59 58.29
N PHE G 320 17.80 -19.08 59.45
CA PHE G 320 18.14 -18.41 60.71
C PHE G 320 18.05 -19.44 61.82
N LYS G 321 18.42 -19.00 63.03
CA LYS G 321 18.31 -19.85 64.24
C LYS G 321 17.62 -19.05 65.36
N THR G 322 16.49 -19.56 65.88
CA THR G 322 15.71 -18.93 66.93
C THR G 322 15.74 -19.84 68.16
N ASP G 323 15.26 -19.30 69.28
CA ASP G 323 15.16 -20.08 70.51
C ASP G 323 13.73 -20.51 70.82
N LYS G 324 12.76 -19.64 70.57
CA LYS G 324 11.35 -19.98 70.77
C LYS G 324 10.55 -19.59 69.55
N PRO G 325 9.43 -20.26 69.30
CA PRO G 325 8.58 -19.88 68.18
C PRO G 325 7.80 -18.62 68.48
N GLY G 326 7.29 -18.00 67.42
CA GLY G 326 6.49 -16.80 67.59
C GLY G 326 6.32 -16.05 66.29
N LYS G 327 6.14 -14.73 66.39
CA LYS G 327 5.87 -13.93 65.15
C LYS G 327 6.82 -12.72 65.02
N CYS G 328 7.67 -12.72 64.00
CA CYS G 328 8.55 -11.59 63.68
C CYS G 328 7.86 -10.64 62.72
N ALA G 329 8.38 -9.41 62.69
CA ALA G 329 8.00 -8.42 61.69
C ALA G 329 9.08 -8.35 60.62
N VAL G 330 8.64 -8.46 59.35
CA VAL G 330 9.60 -8.46 58.21
C VAL G 330 9.40 -7.16 57.43
N HIS G 331 10.49 -6.56 56.97
CA HIS G 331 10.44 -5.30 56.24
C HIS G 331 11.59 -5.26 55.25
N SER G 332 11.40 -4.47 54.20
CA SER G 332 12.44 -4.19 53.24
C SER G 332 12.87 -2.74 53.45
N HIS G 333 14.14 -2.54 53.82
CA HIS G 333 14.64 -1.18 54.03
C HIS G 333 14.99 -0.49 52.72
N SER G 334 14.79 -1.18 51.59
CA SER G 334 15.10 -0.66 50.26
C SER G 334 13.85 -0.70 49.40
N ASN G 335 13.66 0.34 48.58
CA ASN G 335 12.45 0.43 47.72
C ASN G 335 12.57 -0.53 46.53
N VAL G 336 13.75 -1.12 46.35
CA VAL G 336 13.97 -2.02 45.17
C VAL G 336 12.89 -3.11 45.16
N ALA G 337 12.59 -3.68 46.33
CA ALA G 337 11.58 -4.72 46.43
C ALA G 337 10.68 -4.48 47.64
N THR G 338 9.46 -4.99 47.56
CA THR G 338 8.49 -4.86 48.63
C THR G 338 8.01 -6.25 49.01
N ILE G 339 8.16 -6.61 50.29
CA ILE G 339 7.77 -7.92 50.75
C ILE G 339 6.25 -7.96 50.85
N GLN G 340 5.64 -8.99 50.24
CA GLN G 340 4.18 -9.08 50.21
C GLN G 340 3.57 -9.08 51.60
N GLU G 341 4.10 -9.98 52.43
CA GLU G 341 3.56 -10.13 53.80
C GLU G 341 4.35 -9.26 54.76
N ALA G 342 3.84 -9.09 55.97
CA ALA G 342 4.50 -8.29 56.99
C ALA G 342 4.90 -9.08 58.22
N ALA G 343 4.21 -10.19 58.54
CA ALA G 343 4.66 -11.03 59.63
C ALA G 343 4.44 -12.49 59.28
N VAL G 344 5.51 -13.25 59.50
CA VAL G 344 5.48 -14.70 59.18
C VAL G 344 5.55 -15.50 60.47
N ASP G 345 5.29 -16.80 60.39
CA ASP G 345 5.33 -17.68 61.59
C ASP G 345 6.75 -18.21 61.77
N ILE G 346 7.35 -17.91 62.93
CA ILE G 346 8.74 -18.37 63.24
C ILE G 346 8.67 -19.76 63.84
N LYS G 347 9.38 -20.74 63.25
CA LYS G 347 9.31 -22.14 63.74
C LYS G 347 10.74 -22.68 63.93
N THR G 348 10.89 -23.73 64.74
CA THR G 348 12.24 -24.27 65.07
C THR G 348 13.04 -24.65 63.81
N ASP G 349 12.35 -24.99 62.72
CA ASP G 349 13.04 -25.37 61.45
C ASP G 349 14.06 -24.29 61.09
N GLY G 350 13.73 -23.02 61.34
CA GLY G 350 14.68 -21.92 61.09
C GLY G 350 14.69 -21.47 59.63
N LYS G 351 13.85 -22.08 58.79
CA LYS G 351 13.82 -21.72 57.35
C LYS G 351 12.44 -21.15 57.00
N ILE G 352 12.41 -19.97 56.39
CA ILE G 352 11.10 -19.32 56.05
C ILE G 352 11.13 -18.84 54.60
N THR G 353 9.96 -18.78 53.95
CA THR G 353 9.86 -18.29 52.58
C THR G 353 9.13 -16.95 52.57
N LEU G 354 9.53 -16.08 51.64
CA LEU G 354 8.94 -14.75 51.52
C LEU G 354 8.62 -14.49 50.05
N HIS G 355 7.56 -13.73 49.80
CA HIS G 355 7.21 -13.30 48.44
C HIS G 355 7.44 -11.80 48.32
N PHE G 356 8.22 -11.40 47.32
CA PHE G 356 8.54 -9.98 47.12
C PHE G 356 8.38 -9.61 45.66
N SER G 357 8.08 -8.33 45.43
CA SER G 357 7.90 -7.77 44.11
C SER G 357 9.03 -6.79 43.81
N THR G 358 9.65 -6.97 42.66
CA THR G 358 10.73 -6.05 42.27
C THR G 358 10.51 -5.60 40.83
N ALA G 359 11.33 -4.67 40.37
CA ALA G 359 11.27 -4.15 39.00
C ALA G 359 12.65 -4.06 38.35
N SER G 360 13.70 -4.46 39.04
CA SER G 360 15.06 -4.39 38.51
C SER G 360 15.59 -5.79 38.25
N ALA G 361 16.52 -5.88 37.29
CA ALA G 361 17.10 -7.17 36.93
C ALA G 361 17.87 -7.79 38.08
N SER G 362 18.65 -6.99 38.81
CA SER G 362 19.47 -7.47 39.93
C SER G 362 19.14 -6.61 41.15
N PRO G 363 18.08 -6.94 41.86
CA PRO G 363 17.69 -6.14 43.03
C PRO G 363 18.56 -6.46 44.24
N ALA G 364 18.82 -5.44 45.04
CA ALA G 364 19.48 -5.62 46.34
C ALA G 364 18.62 -4.92 47.39
N PHE G 365 17.69 -5.67 47.98
CA PHE G 365 16.85 -5.12 49.08
C PHE G 365 17.29 -5.78 50.40
N LYS G 366 17.70 -4.98 51.38
CA LYS G 366 18.09 -5.53 52.71
C LYS G 366 16.83 -6.02 53.44
N VAL G 367 16.92 -7.16 54.14
CA VAL G 367 15.73 -7.60 54.91
C VAL G 367 16.06 -7.81 56.39
N SER G 368 15.07 -7.60 57.25
CA SER G 368 15.21 -7.82 58.68
C SER G 368 14.07 -8.69 59.18
N VAL G 369 14.38 -9.65 60.06
CA VAL G 369 13.39 -10.53 60.68
C VAL G 369 13.55 -10.41 62.19
N CYS G 370 12.50 -9.95 62.87
CA CYS G 370 12.62 -9.41 64.23
C CYS G 370 13.77 -8.40 64.22
N SER G 371 14.83 -8.60 64.99
CA SER G 371 15.93 -7.63 65.02
C SER G 371 17.14 -8.07 64.19
N ALA G 372 17.02 -9.17 63.44
CA ALA G 372 18.14 -9.69 62.67
C ALA G 372 18.37 -8.85 61.41
N LYS G 373 19.52 -9.07 60.78
CA LYS G 373 19.91 -8.31 59.60
C LYS G 373 20.54 -9.26 58.58
N THR G 374 20.21 -9.04 57.31
CA THR G 374 20.84 -9.77 56.22
C THR G 374 20.61 -9.04 54.91
N THR G 375 21.39 -9.43 53.89
CA THR G 375 21.28 -8.81 52.55
C THR G 375 20.79 -9.85 51.54
N CYS G 376 19.73 -9.54 50.80
CA CYS G 376 19.14 -10.41 49.81
C CYS G 376 19.59 -9.94 48.43
N THR G 377 20.23 -10.86 47.69
CA THR G 377 20.71 -10.56 46.32
C THR G 377 20.09 -11.58 45.36
N ALA G 378 19.59 -11.12 44.21
CA ALA G 378 18.91 -11.99 43.25
C ALA G 378 19.15 -11.48 41.83
N ALA G 379 18.92 -12.38 40.89
CA ALA G 379 18.89 -12.08 39.46
C ALA G 379 17.47 -12.32 38.99
N CYS G 380 16.68 -11.24 38.93
CA CYS G 380 15.25 -11.37 38.54
C CYS G 380 15.15 -11.40 37.02
N GLU G 381 14.10 -12.01 36.49
CA GLU G 381 14.06 -12.20 35.03
C GLU G 381 12.91 -11.45 34.31
N PRO G 382 13.00 -11.14 32.99
CA PRO G 382 11.92 -10.48 32.27
C PRO G 382 10.71 -11.41 32.16
N PRO G 383 9.46 -10.96 32.47
CA PRO G 383 8.27 -11.81 32.30
C PRO G 383 7.76 -11.95 30.85
N LYS G 384 7.19 -13.11 30.50
CA LYS G 384 6.70 -13.36 29.12
C LYS G 384 5.49 -12.46 28.78
N ASP G 385 4.54 -12.29 29.71
CA ASP G 385 3.29 -11.53 29.41
C ASP G 385 3.60 -10.04 29.18
N HIS G 386 2.93 -9.41 28.22
CA HIS G 386 3.16 -7.97 27.92
C HIS G 386 2.12 -7.10 28.62
N ILE G 387 0.90 -7.63 28.81
CA ILE G 387 -0.19 -6.87 29.43
C ILE G 387 -0.77 -7.69 30.58
N VAL G 388 -1.03 -7.03 31.70
CA VAL G 388 -1.71 -7.65 32.83
C VAL G 388 -2.83 -6.71 33.30
N PRO G 389 -3.91 -7.24 33.89
CA PRO G 389 -5.02 -6.38 34.31
C PRO G 389 -4.90 -5.80 35.70
N TYR G 390 -3.72 -5.84 36.32
CA TYR G 390 -3.51 -5.29 37.65
C TYR G 390 -2.29 -4.40 37.66
N GLY G 391 -2.29 -3.42 38.56
CA GLY G 391 -1.19 -2.49 38.67
C GLY G 391 0.04 -3.09 39.32
N ALA G 392 1.16 -2.40 39.13
CA ALA G 392 2.42 -2.87 39.70
C ALA G 392 2.41 -2.75 41.22
N SER G 393 2.92 -3.78 41.90
CA SER G 393 3.00 -3.80 43.35
C SER G 393 4.35 -3.33 43.88
N HIS G 394 5.26 -2.90 43.00
CA HIS G 394 6.58 -2.45 43.39
C HIS G 394 6.68 -0.94 43.27
N ASN G 395 7.86 -0.40 43.57
CA ASN G 395 8.12 1.03 43.49
C ASN G 395 8.70 1.45 42.14
N ASN G 396 8.80 0.52 41.18
CA ASN G 396 9.31 0.78 39.84
C ASN G 396 10.76 1.27 39.90
N GLN G 397 11.62 0.43 40.46
CA GLN G 397 13.06 0.67 40.54
C GLN G 397 13.73 -0.25 39.52
N VAL G 398 14.47 0.34 38.58
CA VAL G 398 15.11 -0.41 37.51
C VAL G 398 16.62 -0.26 37.51
N PHE G 399 17.18 0.50 38.44
CA PHE G 399 18.63 0.58 38.57
C PHE G 399 19.16 -0.74 39.11
N PRO G 400 20.03 -1.43 38.38
CA PRO G 400 20.58 -2.69 38.89
C PRO G 400 21.49 -2.47 40.09
N ASP G 401 21.72 -3.57 40.81
CA ASP G 401 22.56 -3.56 42.01
C ASP G 401 23.96 -3.06 41.64
N MET G 402 24.63 -2.46 42.62
CA MET G 402 26.03 -2.08 42.43
C MET G 402 26.88 -3.29 42.06
N SER G 403 26.45 -4.49 42.45
CA SER G 403 27.18 -5.72 42.18
C SER G 403 26.53 -6.58 41.10
N GLY G 404 25.57 -6.03 40.35
CA GLY G 404 24.93 -6.79 39.30
C GLY G 404 25.87 -7.02 38.13
N THR G 405 25.48 -7.95 37.25
CA THR G 405 26.35 -8.36 36.15
C THR G 405 26.68 -7.19 35.24
N ALA G 406 25.67 -6.40 34.88
CA ALA G 406 25.91 -5.21 34.07
C ALA G 406 26.83 -4.23 34.78
N MET G 407 26.50 -3.95 36.05
CA MET G 407 27.38 -3.04 36.85
C MET G 407 28.73 -3.71 37.10
N THR G 408 28.78 -5.04 37.13
CA THR G 408 30.07 -5.73 37.28
C THR G 408 30.95 -5.49 36.05
N TRP G 409 30.40 -5.62 34.84
CA TRP G 409 31.17 -5.36 33.64
C TRP G 409 31.56 -3.89 33.53
N VAL G 410 30.63 -2.99 33.83
CA VAL G 410 30.95 -1.57 33.80
C VAL G 410 32.09 -1.25 34.76
N GLN G 411 32.01 -1.76 35.98
CA GLN G 411 33.04 -1.52 36.98
C GLN G 411 34.38 -2.13 36.57
N ARG G 412 34.36 -3.31 35.93
CA ARG G 412 35.60 -3.88 35.42
C ARG G 412 36.24 -2.99 34.37
N VAL G 413 35.44 -2.49 33.42
CA VAL G 413 35.98 -1.63 32.37
C VAL G 413 36.53 -0.36 32.99
N ALA G 414 35.79 0.23 33.93
CA ALA G 414 36.24 1.45 34.59
C ALA G 414 37.51 1.22 35.39
N GLY G 415 37.62 0.07 36.07
CA GLY G 415 38.82 -0.24 36.81
C GLY G 415 40.03 -0.38 35.91
N GLY G 416 39.87 -1.07 34.77
CA GLY G 416 40.99 -1.19 33.84
C GLY G 416 41.42 0.13 33.27
N LEU G 417 40.45 0.96 32.85
CA LEU G 417 40.77 2.27 32.31
C LEU G 417 41.43 3.16 33.37
N GLY G 418 40.93 3.10 34.61
CA GLY G 418 41.52 3.88 35.68
C GLY G 418 42.92 3.42 36.03
N GLY G 419 43.15 2.10 36.01
CA GLY G 419 44.50 1.61 36.23
C GLY G 419 45.47 2.09 35.16
N LEU G 420 45.03 2.05 33.89
CA LEU G 420 45.88 2.57 32.81
C LEU G 420 46.14 4.07 33.00
N THR G 421 45.10 4.82 33.34
CA THR G 421 45.25 6.27 33.51
C THR G 421 46.17 6.59 34.68
N LEU G 422 46.03 5.88 35.80
CA LEU G 422 46.90 6.12 36.94
C LEU G 422 48.33 5.69 36.67
N ALA G 423 48.51 4.62 35.88
CA ALA G 423 49.86 4.24 35.47
C ALA G 423 50.50 5.34 34.63
N ALA G 424 49.75 5.90 33.68
CA ALA G 424 50.26 7.00 32.88
C ALA G 424 50.58 8.22 33.75
N VAL G 425 49.69 8.52 34.71
CA VAL G 425 49.92 9.65 35.61
C VAL G 425 51.18 9.44 36.43
N ALA G 426 51.38 8.23 36.95
CA ALA G 426 52.58 7.95 37.73
C ALA G 426 53.84 8.05 36.88
N VAL G 427 53.77 7.54 35.64
CA VAL G 427 54.95 7.60 34.77
C VAL G 427 55.30 9.05 34.45
N LEU G 428 54.30 9.86 34.10
CA LEU G 428 54.57 11.27 33.81
C LEU G 428 55.06 12.01 35.04
N ILE G 429 54.47 11.70 36.20
CA ILE G 429 54.87 12.37 37.47
C ILE G 429 56.35 12.05 37.75
N LEU G 430 56.73 10.77 37.63
CA LEU G 430 58.12 10.40 37.87
C LEU G 430 59.04 11.06 36.87
N VAL G 431 58.62 11.13 35.60
CA VAL G 431 59.45 11.77 34.58
C VAL G 431 59.66 13.24 34.90
N THR G 432 58.58 13.93 35.25
CA THR G 432 58.67 15.39 35.57
C THR G 432 59.53 15.59 36.82
N CYS G 433 59.39 14.71 37.82
CA CYS G 433 60.23 14.82 39.00
C CYS G 433 61.69 14.68 38.65
N VAL G 434 62.02 13.72 37.77
CA VAL G 434 63.40 13.54 37.35
C VAL G 434 63.89 14.75 36.56
N THR G 435 63.02 15.34 35.74
CA THR G 435 63.42 16.51 34.96
C THR G 435 63.75 17.70 35.87
N MET G 436 62.92 17.96 36.88
CA MET G 436 63.30 19.01 37.83
C MET G 436 64.47 18.59 38.71
N ARG G 437 64.73 17.28 38.82
CA ARG G 437 65.91 16.82 39.56
C ARG G 437 67.19 17.16 38.83
N ARG G 438 67.16 17.19 37.50
CA ARG G 438 68.35 17.40 36.68
C ARG G 438 68.48 18.87 36.28
N SER H 1 -60.17 7.46 39.39
CA SER H 1 -59.96 6.67 38.18
C SER H 1 -59.99 7.58 36.94
N VAL H 2 -60.30 6.98 35.79
CA VAL H 2 -60.25 7.71 34.53
C VAL H 2 -61.38 8.73 34.44
N THR H 3 -62.49 8.49 35.15
CA THR H 3 -63.66 9.34 34.97
C THR H 3 -63.49 10.69 35.66
N GLU H 4 -63.03 10.64 36.92
CA GLU H 4 -62.79 11.89 37.68
C GLU H 4 -61.49 12.52 37.18
N HIS H 5 -60.85 11.92 36.17
CA HIS H 5 -59.64 12.54 35.56
C HIS H 5 -60.04 13.15 34.22
N PHE H 6 -61.09 12.62 33.58
CA PHE H 6 -61.58 13.19 32.35
C PHE H 6 -62.68 14.22 32.57
N ASN H 7 -63.23 14.32 33.78
CA ASN H 7 -64.30 15.30 34.03
C ASN H 7 -63.82 16.73 33.84
N VAL H 8 -62.51 16.95 33.78
CA VAL H 8 -61.98 18.31 33.62
C VAL H 8 -62.23 18.85 32.20
N TYR H 9 -62.38 17.97 31.21
CA TYR H 9 -62.53 18.39 29.82
C TYR H 9 -63.94 18.73 29.39
N LYS H 10 -64.94 18.12 30.03
CA LYS H 10 -66.36 18.33 29.60
C LYS H 10 -66.62 19.82 29.46
N ALA H 11 -66.06 20.63 30.37
CA ALA H 11 -66.24 22.08 30.33
C ALA H 11 -65.48 22.74 29.19
N THR H 12 -64.80 21.96 28.36
CA THR H 12 -64.03 22.47 27.23
C THR H 12 -64.64 21.96 25.93
N LYS H 13 -64.15 22.52 24.82
CA LYS H 13 -64.64 22.22 23.49
C LYS H 13 -63.48 22.10 22.50
N PRO H 14 -63.56 21.17 21.55
CA PRO H 14 -62.58 21.13 20.46
C PRO H 14 -62.72 22.35 19.56
N TYR H 15 -61.70 22.57 18.75
CA TYR H 15 -61.67 23.76 17.90
C TYR H 15 -61.16 23.40 16.51
N LEU H 16 -61.44 24.28 15.56
CA LEU H 16 -60.98 24.16 14.18
C LEU H 16 -59.94 25.24 13.93
N ALA H 17 -58.75 24.83 13.50
CA ALA H 17 -57.64 25.74 13.29
C ALA H 17 -57.12 25.62 11.86
N TYR H 18 -56.18 26.48 11.52
CA TYR H 18 -55.59 26.54 10.19
C TYR H 18 -54.37 25.64 10.14
N CYS H 19 -54.45 24.57 9.37
CA CYS H 19 -53.32 23.66 9.15
C CYS H 19 -52.77 23.93 7.75
N ALA H 20 -51.47 24.21 7.68
CA ALA H 20 -50.86 24.64 6.43
C ALA H 20 -50.64 23.51 5.44
N ASP H 21 -50.59 22.26 5.91
CA ASP H 21 -50.34 21.13 5.03
C ASP H 21 -51.11 19.93 5.56
N CYS H 22 -52.26 19.65 4.94
CA CYS H 22 -53.13 18.56 5.36
C CYS H 22 -52.93 17.33 4.47
N GLY H 23 -51.79 16.68 4.66
CA GLY H 23 -51.45 15.49 3.90
C GLY H 23 -50.99 15.82 2.50
N ASP H 24 -51.88 16.42 1.71
CA ASP H 24 -51.53 16.91 0.39
C ASP H 24 -50.76 18.23 0.52
N GLY H 25 -50.49 18.87 -0.61
CA GLY H 25 -49.58 20.00 -0.62
C GLY H 25 -50.22 21.33 -0.31
N GLN H 26 -51.45 21.29 0.21
CA GLN H 26 -52.18 22.57 0.41
C GLN H 26 -52.76 22.66 1.81
N PHE H 27 -53.08 23.88 2.25
CA PHE H 27 -53.70 24.11 3.54
C PHE H 27 -55.18 23.76 3.47
N CYS H 28 -55.78 23.57 4.63
CA CYS H 28 -57.24 23.61 4.80
C CYS H 28 -57.50 23.68 6.30
N TYR H 29 -58.78 23.70 6.67
CA TYR H 29 -59.17 23.97 8.05
C TYR H 29 -59.55 22.65 8.69
N SER H 30 -58.62 22.05 9.44
CA SER H 30 -58.76 20.68 9.90
C SER H 30 -58.88 20.61 11.42
N PRO H 31 -59.50 19.56 11.95
CA PRO H 31 -59.62 19.40 13.40
C PRO H 31 -58.43 18.71 14.06
N VAL H 32 -57.31 18.54 13.36
CA VAL H 32 -56.12 17.93 13.95
C VAL H 32 -54.91 18.84 13.76
N ALA H 33 -55.16 20.15 13.71
CA ALA H 33 -54.06 21.10 13.57
C ALA H 33 -53.09 20.96 14.72
N ILE H 34 -51.87 20.52 14.41
CA ILE H 34 -50.85 20.28 15.44
C ILE H 34 -50.35 21.62 15.96
N GLU H 35 -50.31 21.76 17.28
CA GLU H 35 -49.89 22.99 17.92
C GLU H 35 -48.43 22.96 18.36
N LYS H 36 -48.09 21.98 19.21
CA LYS H 36 -46.70 21.86 19.74
C LYS H 36 -46.33 20.38 19.91
N ILE H 37 -45.07 20.01 19.68
CA ILE H 37 -44.62 18.60 19.93
C ILE H 37 -43.51 18.68 20.98
N ARG H 38 -43.59 17.88 22.05
CA ARG H 38 -42.60 17.98 23.16
C ARG H 38 -41.76 16.71 23.25
N ASP H 39 -40.43 16.86 23.41
CA ASP H 39 -39.53 15.69 23.54
C ASP H 39 -38.64 15.88 24.77
N GLU H 40 -39.21 15.74 25.97
CA GLU H 40 -38.42 15.88 27.22
C GLU H 40 -37.98 14.47 27.65
N ALA H 41 -38.34 13.45 26.88
CA ALA H 41 -38.03 12.05 27.26
C ALA H 41 -36.68 11.60 26.68
N SER H 42 -35.85 10.94 27.50
CA SER H 42 -34.56 10.42 27.05
C SER H 42 -34.69 9.13 26.26
N ASP H 43 -35.83 8.46 26.32
CA ASP H 43 -36.03 7.19 25.63
C ASP H 43 -36.62 7.35 24.23
N GLY H 44 -36.87 8.58 23.80
CA GLY H 44 -37.35 8.83 22.46
C GLY H 44 -38.83 9.08 22.32
N MET H 45 -39.57 9.16 23.42
CA MET H 45 -41.00 9.44 23.34
C MET H 45 -41.22 10.92 23.06
N ILE H 46 -42.23 11.21 22.24
CA ILE H 46 -42.61 12.57 21.91
C ILE H 46 -44.10 12.75 22.19
N LYS H 47 -44.47 13.97 22.56
CA LYS H 47 -45.85 14.32 22.89
C LYS H 47 -46.38 15.24 21.80
N ILE H 48 -47.57 14.91 21.28
CA ILE H 48 -48.18 15.65 20.18
C ILE H 48 -49.50 16.25 20.67
N GLN H 49 -49.66 17.55 20.45
CA GLN H 49 -50.89 18.25 20.80
C GLN H 49 -51.70 18.48 19.53
N VAL H 50 -52.94 18.03 19.53
CA VAL H 50 -53.81 18.12 18.36
C VAL H 50 -55.05 18.93 18.73
N ALA H 51 -55.74 19.43 17.69
CA ALA H 51 -56.93 20.24 17.90
C ALA H 51 -58.09 19.41 18.45
N ALA H 52 -58.26 18.19 17.94
CA ALA H 52 -59.36 17.35 18.39
C ALA H 52 -59.07 16.78 19.79
N GLN H 53 -60.14 16.36 20.46
CA GLN H 53 -60.06 15.75 21.78
C GLN H 53 -60.37 14.26 21.66
N ILE H 54 -59.48 13.43 22.20
CA ILE H 54 -59.57 11.98 22.07
C ILE H 54 -60.00 11.40 23.41
N GLY H 55 -61.02 10.53 23.37
CA GLY H 55 -61.53 9.90 24.57
C GLY H 55 -62.78 10.53 25.16
N ILE H 56 -63.37 11.50 24.47
CA ILE H 56 -64.55 12.21 24.95
C ILE H 56 -65.58 12.21 23.82
N ASN H 57 -66.84 11.95 24.16
CA ASN H 57 -67.89 11.84 23.16
C ASN H 57 -68.58 13.19 22.93
N LYS H 58 -69.71 13.14 22.22
CA LYS H 58 -70.48 14.36 21.94
C LYS H 58 -71.02 14.98 23.22
N GLY H 59 -71.47 14.14 24.16
CA GLY H 59 -72.07 14.66 25.41
C GLY H 59 -71.07 14.85 26.55
N GLY H 60 -69.76 14.72 26.27
CA GLY H 60 -68.73 14.96 27.29
C GLY H 60 -68.44 13.75 28.17
N THR H 61 -69.11 12.62 27.94
CA THR H 61 -68.84 11.37 28.70
C THR H 61 -67.55 10.71 28.16
N HIS H 62 -66.91 9.85 28.94
CA HIS H 62 -65.60 9.27 28.51
C HIS H 62 -65.76 7.90 27.85
N GLU H 63 -65.09 7.67 26.71
CA GLU H 63 -65.07 6.37 26.07
C GLU H 63 -63.66 6.08 25.57
N HIS H 64 -63.34 4.79 25.38
CA HIS H 64 -62.01 4.43 24.84
C HIS H 64 -62.09 4.13 23.33
N ASN H 65 -63.00 4.79 22.61
CA ASN H 65 -63.17 4.47 21.16
C ASN H 65 -63.78 5.63 20.37
N LYS H 66 -63.84 6.83 20.93
CA LYS H 66 -64.46 7.94 20.23
C LYS H 66 -63.57 9.18 20.29
N ILE H 67 -63.54 9.92 19.19
CA ILE H 67 -62.82 11.18 19.09
C ILE H 67 -63.80 12.26 18.67
N ARG H 68 -63.88 13.34 19.44
CA ARG H 68 -64.78 14.44 19.15
C ARG H 68 -63.99 15.61 18.58
N TYR H 69 -64.60 16.32 17.63
CA TYR H 69 -63.92 17.37 16.90
C TYR H 69 -64.96 18.33 16.35
N ILE H 70 -64.51 19.25 15.51
CA ILE H 70 -65.37 20.28 14.92
C ILE H 70 -65.43 20.07 13.41
N ALA H 71 -66.63 19.96 12.88
CA ALA H 71 -66.87 19.92 11.43
C ALA H 71 -67.96 20.94 11.14
N GLY H 72 -67.55 22.18 10.90
CA GLY H 72 -68.48 23.28 10.73
C GLY H 72 -68.84 23.93 12.06
N HIS H 73 -70.13 23.92 12.40
CA HIS H 73 -70.62 24.49 13.65
C HIS H 73 -70.85 23.45 14.73
N ASP H 74 -71.31 22.27 14.37
CA ASP H 74 -71.72 21.26 15.35
C ASP H 74 -70.58 20.28 15.63
N MET H 75 -70.47 19.89 16.90
CA MET H 75 -69.56 18.83 17.30
C MET H 75 -70.00 17.50 16.70
N LYS H 76 -69.03 16.68 16.31
CA LYS H 76 -69.35 15.40 15.72
C LYS H 76 -68.47 14.27 16.27
N GLU H 77 -68.65 13.10 15.67
CA GLU H 77 -67.97 11.93 16.26
C GLU H 77 -66.97 11.28 15.31
N ALA H 78 -66.05 10.52 15.87
CA ALA H 78 -65.01 9.80 15.17
C ALA H 78 -64.60 8.61 16.01
N ASN H 79 -63.98 7.62 15.37
CA ASN H 79 -63.59 6.40 16.07
C ASN H 79 -62.09 6.43 16.32
N ARG H 80 -61.65 5.70 17.35
CA ARG H 80 -60.26 5.82 17.81
C ARG H 80 -59.28 4.95 17.03
N ASP H 81 -59.71 3.79 16.52
CA ASP H 81 -58.78 2.83 15.86
C ASP H 81 -58.15 3.41 14.59
N SER H 82 -58.63 4.55 14.09
CA SER H 82 -58.13 5.16 12.88
C SER H 82 -57.15 6.30 13.13
N LEU H 83 -56.89 6.64 14.38
CA LEU H 83 -55.85 7.62 14.66
C LEU H 83 -54.48 7.00 14.45
N GLN H 84 -53.66 7.66 13.63
CA GLN H 84 -52.33 7.15 13.32
C GLN H 84 -51.35 8.32 13.24
N VAL H 85 -50.08 8.03 13.56
CA VAL H 85 -49.02 9.03 13.57
C VAL H 85 -47.91 8.56 12.64
N TYR H 86 -47.49 9.43 11.73
CA TYR H 86 -46.54 9.07 10.67
C TYR H 86 -45.36 10.03 10.68
N THR H 87 -44.15 9.48 10.74
CA THR H 87 -42.93 10.25 10.52
C THR H 87 -42.21 9.78 9.26
N SER H 88 -41.83 8.51 9.21
CA SER H 88 -41.37 7.85 8.00
C SER H 88 -42.12 6.54 7.79
N GLY H 89 -42.41 5.83 8.87
CA GLY H 89 -43.36 4.75 8.88
C GLY H 89 -44.48 5.01 9.86
N VAL H 90 -45.03 3.90 10.37
CA VAL H 90 -46.15 3.99 11.36
C VAL H 90 -45.57 4.10 12.77
N CYS H 91 -46.10 5.01 13.57
CA CYS H 91 -45.67 5.22 14.95
C CYS H 91 -46.53 4.42 15.90
N ALA H 92 -45.95 4.06 17.04
CA ALA H 92 -46.62 3.28 18.07
C ALA H 92 -47.18 4.21 19.12
N ILE H 93 -48.50 4.37 19.16
CA ILE H 93 -49.15 5.25 20.12
C ILE H 93 -49.28 4.52 21.45
N ARG H 94 -48.84 5.18 22.52
CA ARG H 94 -48.87 4.61 23.86
C ARG H 94 -50.01 5.13 24.72
N GLY H 95 -50.54 6.31 24.42
CA GLY H 95 -51.61 6.86 25.23
C GLY H 95 -52.14 8.16 24.68
N THR H 96 -53.45 8.34 24.74
CA THR H 96 -54.11 9.54 24.25
C THR H 96 -55.02 10.08 25.35
N MET H 97 -55.05 11.41 25.46
CA MET H 97 -55.94 12.06 26.43
C MET H 97 -56.26 13.45 25.90
N GLY H 98 -57.49 13.63 25.40
CA GLY H 98 -57.92 14.93 24.94
C GLY H 98 -57.08 15.43 23.77
N HIS H 99 -56.46 16.59 23.95
CA HIS H 99 -55.66 17.21 22.89
C HIS H 99 -54.28 16.57 22.74
N PHE H 100 -53.89 15.69 23.65
CA PHE H 100 -52.50 15.25 23.76
C PHE H 100 -52.35 13.79 23.37
N ILE H 101 -51.37 13.51 22.51
CA ILE H 101 -51.03 12.16 22.08
C ILE H 101 -49.54 11.95 22.30
N VAL H 102 -49.19 10.81 22.91
CA VAL H 102 -47.79 10.39 23.05
C VAL H 102 -47.60 9.13 22.21
N ALA H 103 -46.48 9.05 21.52
CA ALA H 103 -46.25 7.93 20.61
C ALA H 103 -44.76 7.68 20.47
N TYR H 104 -44.43 6.47 20.03
CA TYR H 104 -43.06 6.08 19.73
C TYR H 104 -42.85 6.22 18.23
N CYS H 105 -41.90 7.05 17.83
CA CYS H 105 -41.78 7.32 16.41
C CYS H 105 -40.38 7.02 15.90
N PRO H 106 -40.27 6.42 14.72
CA PRO H 106 -38.97 6.22 14.11
C PRO H 106 -38.38 7.56 13.68
N PRO H 107 -37.07 7.63 13.47
CA PRO H 107 -36.48 8.89 13.00
C PRO H 107 -37.11 9.29 11.67
N GLY H 108 -37.40 10.58 11.55
CA GLY H 108 -38.12 11.05 10.39
C GLY H 108 -37.96 12.54 10.20
N ASP H 109 -38.59 13.08 9.16
CA ASP H 109 -38.42 14.53 8.86
C ASP H 109 -39.76 15.26 8.99
N GLU H 110 -40.87 14.53 9.10
CA GLU H 110 -42.19 15.20 9.15
C GLU H 110 -43.09 14.48 10.15
N LEU H 111 -44.20 15.10 10.55
CA LEU H 111 -45.16 14.51 11.52
C LEU H 111 -46.57 14.59 10.93
N LYS H 112 -47.25 13.46 10.69
CA LYS H 112 -48.58 13.52 10.03
C LYS H 112 -49.60 12.77 10.90
N VAL H 113 -50.45 13.51 11.62
CA VAL H 113 -51.48 12.91 12.45
C VAL H 113 -52.79 12.92 11.68
N GLN H 114 -53.41 11.76 11.53
CA GLN H 114 -54.66 11.63 10.79
C GLN H 114 -55.60 10.68 11.51
N PHE H 115 -56.90 10.92 11.31
CA PHE H 115 -57.94 10.01 11.76
C PHE H 115 -58.95 9.86 10.62
N GLN H 116 -59.80 8.84 10.75
CA GLN H 116 -60.86 8.60 9.73
C GLN H 116 -62.08 9.42 10.14
N ASP H 117 -62.52 10.32 9.26
CA ASP H 117 -63.61 11.24 9.56
C ASP H 117 -64.94 10.50 9.57
N ALA H 118 -65.93 11.12 10.22
CA ALA H 118 -67.27 10.54 10.21
C ALA H 118 -67.84 10.48 8.80
N GLU H 119 -67.29 11.29 7.90
CA GLU H 119 -67.71 11.24 6.47
C GLU H 119 -66.81 10.23 5.75
N SER H 120 -66.26 9.26 6.48
CA SER H 120 -65.36 8.23 5.89
C SER H 120 -64.16 8.89 5.19
N HIS H 121 -64.01 10.22 5.32
CA HIS H 121 -62.84 10.87 4.76
C HIS H 121 -61.65 10.72 5.70
N THR H 122 -60.47 11.06 5.18
CA THR H 122 -59.25 11.09 5.98
C THR H 122 -58.82 12.53 6.15
N GLN H 123 -58.67 12.97 7.40
CA GLN H 123 -58.31 14.34 7.74
C GLN H 123 -56.98 14.33 8.48
N ALA H 124 -55.98 15.01 7.91
CA ALA H 124 -54.63 14.97 8.44
C ALA H 124 -54.07 16.37 8.58
N CYS H 125 -52.96 16.48 9.31
CA CYS H 125 -52.21 17.72 9.43
C CYS H 125 -50.73 17.37 9.48
N LYS H 126 -49.92 18.03 8.66
CA LYS H 126 -48.52 17.71 8.50
C LYS H 126 -47.66 18.91 8.90
N VAL H 127 -46.62 18.65 9.68
CA VAL H 127 -45.66 19.66 10.11
C VAL H 127 -44.25 19.11 9.97
N GLN H 128 -43.28 20.02 9.93
CA GLN H 128 -41.86 19.67 9.85
C GLN H 128 -41.32 19.51 11.27
N TYR H 129 -40.61 18.41 11.52
CA TYR H 129 -40.07 18.15 12.84
C TYR H 129 -38.79 17.34 12.67
N LYS H 130 -37.69 17.83 13.24
CA LYS H 130 -36.47 17.03 13.42
C LYS H 130 -36.65 16.03 14.55
N HIS H 131 -37.05 14.81 14.21
CA HIS H 131 -37.12 13.72 15.18
C HIS H 131 -35.88 12.85 14.99
N ALA H 132 -34.80 13.21 15.70
CA ALA H 132 -33.55 12.45 15.71
C ALA H 132 -33.16 12.22 17.15
N PRO H 133 -33.77 11.25 17.82
CA PRO H 133 -33.51 11.05 19.25
C PRO H 133 -32.06 10.68 19.52
N ALA H 134 -31.52 11.22 20.61
CA ALA H 134 -30.15 10.91 21.00
C ALA H 134 -30.07 9.47 21.50
N PRO H 135 -28.93 8.82 21.34
CA PRO H 135 -28.79 7.44 21.83
C PRO H 135 -28.91 7.39 23.34
N VAL H 136 -29.47 6.29 23.83
CA VAL H 136 -29.53 6.01 25.25
C VAL H 136 -28.31 5.14 25.59
N GLY H 137 -27.30 5.74 26.19
CA GLY H 137 -26.09 5.00 26.50
C GLY H 137 -25.05 5.10 25.41
N ARG H 138 -24.40 3.97 25.07
CA ARG H 138 -23.29 4.04 24.09
C ARG H 138 -23.52 3.15 22.86
N GLU H 139 -24.73 2.60 22.68
CA GLU H 139 -25.00 1.83 21.48
C GLU H 139 -26.21 2.41 20.77
N LYS H 140 -26.08 2.56 19.45
CA LYS H 140 -27.13 3.15 18.62
C LYS H 140 -28.04 2.02 18.15
N PHE H 141 -28.86 1.55 19.08
CA PHE H 141 -29.82 0.48 18.82
C PHE H 141 -31.19 1.07 18.54
N THR H 142 -32.03 0.28 17.87
CA THR H 142 -33.39 0.68 17.54
C THR H 142 -34.44 -0.25 18.13
N VAL H 143 -34.07 -1.50 18.44
CA VAL H 143 -34.99 -2.49 18.97
C VAL H 143 -34.48 -2.92 20.34
N ARG H 144 -35.38 -2.92 21.32
CA ARG H 144 -35.03 -3.34 22.67
C ARG H 144 -34.62 -4.81 22.66
N PRO H 145 -33.43 -5.15 23.15
CA PRO H 145 -32.98 -6.54 23.11
C PRO H 145 -33.66 -7.38 24.19
N HIS H 146 -33.43 -8.69 24.10
CA HIS H 146 -33.98 -9.61 25.10
C HIS H 146 -33.04 -9.83 26.27
N PHE H 147 -31.81 -9.33 26.22
CA PHE H 147 -30.91 -9.37 27.36
C PHE H 147 -29.97 -8.18 27.28
N GLY H 148 -29.47 -7.77 28.44
CA GLY H 148 -28.54 -6.65 28.49
C GLY H 148 -28.43 -6.06 29.87
N ILE H 149 -28.25 -4.75 29.93
CA ILE H 149 -28.15 -4.01 31.19
C ILE H 149 -29.14 -2.86 31.15
N GLU H 150 -29.45 -2.34 32.34
CA GLU H 150 -30.44 -1.28 32.50
C GLU H 150 -29.72 0.05 32.67
N VAL H 151 -30.15 1.05 31.90
CA VAL H 151 -29.58 2.39 31.95
C VAL H 151 -30.69 3.37 32.28
N PRO H 152 -30.50 4.26 33.26
CA PRO H 152 -31.57 5.20 33.63
C PRO H 152 -31.89 6.16 32.50
N CYS H 153 -33.16 6.57 32.45
CA CYS H 153 -33.63 7.50 31.43
C CYS H 153 -34.89 8.18 31.95
N THR H 154 -35.40 9.14 31.17
CA THR H 154 -36.62 9.86 31.50
C THR H 154 -37.72 9.48 30.53
N THR H 155 -38.94 9.35 31.04
CA THR H 155 -40.08 8.90 30.23
C THR H 155 -41.34 9.61 30.72
N TYR H 156 -42.37 9.56 29.88
CA TYR H 156 -43.68 10.09 30.25
C TYR H 156 -44.49 8.97 30.90
N GLN H 157 -44.96 9.22 32.12
CA GLN H 157 -45.80 8.25 32.80
C GLN H 157 -47.14 8.12 32.10
N LEU H 158 -47.61 6.88 31.94
CA LEU H 158 -48.87 6.62 31.27
C LEU H 158 -50.03 6.64 32.28
N THR H 159 -50.22 7.81 32.87
CA THR H 159 -51.30 8.05 33.81
C THR H 159 -52.00 9.36 33.46
N THR H 160 -53.27 9.45 33.85
CA THR H 160 -54.12 10.60 33.57
C THR H 160 -54.25 11.54 34.76
N ALA H 161 -53.44 11.37 35.79
CA ALA H 161 -53.54 12.21 36.97
C ALA H 161 -53.17 13.66 36.63
N PRO H 162 -53.84 14.63 37.24
CA PRO H 162 -53.51 16.04 36.97
C PRO H 162 -52.09 16.37 37.43
N THR H 163 -51.44 17.28 36.70
CA THR H 163 -50.08 17.71 37.00
C THR H 163 -50.02 19.23 37.11
N GLU H 164 -48.84 19.73 37.48
CA GLU H 164 -48.62 21.17 37.56
C GLU H 164 -48.62 21.81 36.18
N GLU H 165 -48.24 21.06 35.16
CA GLU H 165 -48.21 21.57 33.79
C GLU H 165 -49.61 21.54 33.18
N GLU H 166 -49.99 22.72 32.68
CA GLU H 166 -51.36 22.87 32.16
C GLU H 166 -51.34 23.78 30.94
N ILE H 167 -52.50 23.94 30.30
CA ILE H 167 -52.63 24.78 29.11
C ILE H 167 -53.76 25.78 29.31
N ASP H 168 -53.60 26.97 28.74
CA ASP H 168 -54.58 28.04 28.88
C ASP H 168 -55.89 27.73 28.18
N MET H 169 -56.98 28.17 28.77
CA MET H 169 -58.31 28.00 28.18
C MET H 169 -59.09 29.31 28.26
N HIS H 170 -59.88 29.57 27.21
CA HIS H 170 -60.63 30.83 27.14
C HIS H 170 -61.87 30.66 26.28
N THR H 171 -62.73 31.67 26.31
CA THR H 171 -63.98 31.63 25.57
C THR H 171 -63.71 31.69 24.06
N PRO H 172 -64.50 30.97 23.26
CA PRO H 172 -64.30 31.04 21.81
C PRO H 172 -64.66 32.41 21.27
N PRO H 173 -64.03 32.85 20.18
CA PRO H 173 -64.34 34.15 19.59
C PRO H 173 -65.56 34.07 18.68
N ASP H 174 -65.86 35.20 18.05
CA ASP H 174 -66.96 35.26 17.09
C ASP H 174 -66.63 34.42 15.87
N ILE H 175 -67.61 33.60 15.46
CA ILE H 175 -67.42 32.66 14.32
C ILE H 175 -68.29 33.12 13.14
N PRO H 176 -67.79 33.90 12.14
CA PRO H 176 -68.65 34.36 11.03
C PRO H 176 -69.05 33.22 10.11
N ASP H 177 -70.10 33.46 9.32
CA ASP H 177 -70.58 32.49 8.35
C ASP H 177 -71.44 33.22 7.32
N ILE H 178 -71.05 33.15 6.04
CA ILE H 178 -71.81 33.83 4.96
C ILE H 178 -73.12 33.09 4.69
N THR H 179 -73.14 31.76 4.88
CA THR H 179 -74.34 30.95 4.55
C THR H 179 -75.47 31.21 5.55
N LEU H 180 -75.20 31.86 6.69
CA LEU H 180 -76.30 32.13 7.61
C LEU H 180 -77.22 33.24 7.09
N LEU H 181 -76.95 33.74 5.88
CA LEU H 181 -77.71 34.80 5.25
C LEU H 181 -78.37 34.30 3.97
N SER H 182 -79.61 34.74 3.74
CA SER H 182 -80.29 34.53 2.47
C SER H 182 -80.93 35.84 2.04
N GLN H 183 -80.79 36.17 0.76
CA GLN H 183 -81.27 37.44 0.23
C GLN H 183 -82.76 37.36 -0.02
N GLN H 184 -83.53 38.23 0.63
CA GLN H 184 -84.95 38.36 0.40
C GLN H 184 -85.30 39.83 0.18
N SER H 185 -86.37 40.06 -0.59
CA SER H 185 -86.79 41.42 -0.90
C SER H 185 -87.20 42.17 0.36
N GLY H 186 -86.41 43.19 0.73
CA GLY H 186 -86.71 43.96 1.91
C GLY H 186 -86.19 43.35 3.19
N ASN H 187 -86.86 42.31 3.69
CA ASN H 187 -86.44 41.66 4.93
C ASN H 187 -85.44 40.55 4.58
N VAL H 188 -84.16 40.90 4.66
CA VAL H 188 -83.08 39.93 4.47
C VAL H 188 -83.07 38.97 5.65
N LYS H 189 -83.14 37.67 5.38
CA LYS H 189 -83.17 36.71 6.48
C LYS H 189 -81.79 36.21 6.87
N ILE H 190 -81.58 36.13 8.19
CA ILE H 190 -80.32 35.55 8.75
C ILE H 190 -80.77 34.27 9.49
N THR H 191 -80.75 33.13 8.78
CA THR H 191 -81.15 31.83 9.37
C THR H 191 -80.44 31.68 10.72
N ALA H 192 -81.19 31.53 11.81
CA ALA H 192 -80.58 31.47 13.13
C ALA H 192 -80.16 30.03 13.42
N GLY H 193 -79.03 29.61 12.88
CA GLY H 193 -78.49 28.30 13.15
C GLY H 193 -77.51 28.31 14.31
N GLY H 194 -78.00 27.95 15.49
CA GLY H 194 -77.18 27.99 16.69
C GLY H 194 -77.90 28.65 17.83
N LYS H 195 -77.11 29.06 18.84
CA LYS H 195 -77.66 29.69 20.02
C LYS H 195 -77.79 31.20 19.85
N THR H 196 -76.67 31.88 19.60
CA THR H 196 -76.65 33.33 19.51
C THR H 196 -75.89 33.76 18.26
N ILE H 197 -76.48 34.67 17.50
CA ILE H 197 -75.91 35.16 16.24
C ILE H 197 -75.86 36.68 16.29
N ARG H 198 -74.70 37.25 15.97
CA ARG H 198 -74.48 38.69 15.96
C ARG H 198 -74.38 39.19 14.53
N TYR H 199 -74.98 40.36 14.27
CA TYR H 199 -74.91 40.95 12.93
C TYR H 199 -74.64 42.44 13.07
N ASN H 200 -74.18 43.04 11.97
CA ASN H 200 -74.05 44.49 11.89
C ASN H 200 -74.16 44.86 10.41
N CYS H 201 -75.19 45.64 10.08
CA CYS H 201 -75.53 45.97 8.70
C CYS H 201 -75.36 47.46 8.47
N THR H 202 -74.66 47.82 7.39
CA THR H 202 -74.46 49.23 7.06
C THR H 202 -75.78 49.88 6.65
N CYS H 203 -76.52 49.24 5.72
CA CYS H 203 -77.80 49.79 5.29
C CYS H 203 -78.90 49.53 6.31
N GLY H 204 -78.86 48.37 6.96
CA GLY H 204 -79.86 48.01 7.95
C GLY H 204 -79.54 48.60 9.31
N SER H 205 -80.38 48.23 10.29
CA SER H 205 -80.18 48.71 11.65
C SER H 205 -78.89 48.16 12.25
N GLY H 206 -78.64 46.87 12.08
CA GLY H 206 -77.43 46.26 12.63
C GLY H 206 -77.47 46.24 14.15
N ASN H 207 -76.54 46.99 14.76
CA ASN H 207 -76.43 47.11 16.22
C ASN H 207 -76.11 45.71 16.77
N VAL H 208 -76.79 45.24 17.81
CA VAL H 208 -76.48 43.95 18.40
C VAL H 208 -77.26 42.85 17.69
N GLY H 209 -76.76 41.62 17.77
CA GLY H 209 -77.36 40.52 17.07
C GLY H 209 -78.43 39.75 17.83
N THR H 210 -78.44 39.87 19.16
CA THR H 210 -79.32 39.10 20.03
C THR H 210 -79.35 37.64 19.63
N THR H 211 -80.53 37.02 19.66
CA THR H 211 -80.68 35.62 19.28
C THR H 211 -81.92 35.49 18.39
N SER H 212 -82.26 34.24 18.08
CA SER H 212 -83.45 33.89 17.28
C SER H 212 -83.39 34.46 15.86
N SER H 213 -84.35 34.08 15.03
CA SER H 213 -84.40 34.55 13.65
C SER H 213 -85.08 35.91 13.57
N ASP H 214 -84.52 36.78 12.74
CA ASP H 214 -85.04 38.13 12.57
C ASP H 214 -85.12 38.47 11.08
N LYS H 215 -86.01 39.39 10.76
CA LYS H 215 -86.26 39.80 9.37
C LYS H 215 -85.85 41.27 9.26
N THR H 216 -84.59 41.50 8.91
CA THR H 216 -84.06 42.86 8.88
C THR H 216 -84.40 43.55 7.56
N ILE H 217 -85.06 44.70 7.67
CA ILE H 217 -85.43 45.51 6.51
C ILE H 217 -84.18 46.23 6.01
N ASN H 218 -83.79 45.94 4.76
CA ASN H 218 -82.65 46.58 4.11
C ASN H 218 -82.59 46.12 2.66
N SER H 219 -82.10 47.00 1.79
CA SER H 219 -81.86 46.65 0.40
C SER H 219 -80.41 46.26 0.14
N CYS H 220 -79.58 46.20 1.17
CA CYS H 220 -78.18 45.82 1.00
C CYS H 220 -78.03 44.36 0.60
N LYS H 221 -79.05 43.54 0.84
CA LYS H 221 -79.08 42.13 0.44
C LYS H 221 -77.94 41.41 1.16
N ILE H 222 -77.26 40.49 0.49
CA ILE H 222 -76.11 39.81 1.12
C ILE H 222 -74.98 40.80 1.37
N ALA H 223 -74.74 41.72 0.43
CA ALA H 223 -73.69 42.70 0.58
C ALA H 223 -73.99 43.64 1.75
N GLN H 224 -72.92 44.19 2.33
CA GLN H 224 -73.00 45.08 3.48
C GLN H 224 -73.66 44.40 4.68
N CYS H 225 -73.62 43.06 4.71
CA CYS H 225 -74.24 42.30 5.78
C CYS H 225 -73.53 40.97 5.94
N HIS H 226 -73.32 40.58 7.20
CA HIS H 226 -72.78 39.27 7.54
C HIS H 226 -72.94 39.06 9.04
N ALA H 227 -72.95 37.79 9.45
CA ALA H 227 -73.28 37.43 10.82
C ALA H 227 -72.23 36.48 11.40
N ALA H 228 -72.14 36.46 12.72
CA ALA H 228 -71.18 35.62 13.43
C ALA H 228 -71.83 35.01 14.66
N VAL H 229 -71.49 33.76 14.95
CA VAL H 229 -72.01 33.08 16.13
C VAL H 229 -71.18 33.48 17.35
N THR H 230 -71.86 33.80 18.46
CA THR H 230 -71.19 34.19 19.68
C THR H 230 -71.89 33.55 20.88
N ASN H 231 -71.33 33.79 22.06
CA ASN H 231 -71.77 33.14 23.31
C ASN H 231 -71.75 31.62 23.18
N HIS H 232 -70.54 31.09 22.99
CA HIS H 232 -70.33 29.65 23.10
C HIS H 232 -70.20 29.26 24.57
N ASP H 233 -71.06 28.35 25.01
CA ASP H 233 -71.11 27.99 26.42
C ASP H 233 -69.85 27.26 26.87
N LYS H 234 -69.22 26.52 25.97
CA LYS H 234 -67.99 25.82 26.29
C LYS H 234 -66.79 26.74 26.06
N TRP H 235 -65.59 26.17 26.10
CA TRP H 235 -64.35 26.93 26.06
C TRP H 235 -63.41 26.40 24.99
N GLN H 236 -62.51 27.28 24.54
CA GLN H 236 -61.51 26.98 23.53
C GLN H 236 -60.13 27.02 24.14
N TYR H 237 -59.19 26.30 23.53
CA TYR H 237 -57.79 26.49 23.85
C TYR H 237 -57.25 27.71 23.11
N THR H 238 -56.44 28.51 23.79
CA THR H 238 -55.90 29.74 23.21
C THR H 238 -54.81 29.38 22.21
N SER H 239 -55.22 28.78 21.10
CA SER H 239 -54.29 28.40 20.05
C SER H 239 -53.80 29.63 19.29
N SER H 240 -52.59 29.51 18.76
CA SER H 240 -52.01 30.62 18.00
C SER H 240 -52.70 30.84 16.66
N PHE H 241 -53.51 29.88 16.20
CA PHE H 241 -54.19 29.98 14.92
C PHE H 241 -55.65 30.39 15.05
N VAL H 242 -56.07 30.83 16.24
CA VAL H 242 -57.44 31.29 16.47
C VAL H 242 -57.40 32.67 17.10
N PRO H 243 -58.20 33.63 16.62
CA PRO H 243 -58.16 34.97 17.20
C PRO H 243 -58.64 34.97 18.65
N ARG H 244 -58.09 35.90 19.43
CA ARG H 244 -58.49 36.07 20.82
C ARG H 244 -59.84 36.78 20.88
N ALA H 245 -60.70 36.31 21.79
CA ALA H 245 -62.00 36.95 21.95
C ALA H 245 -61.87 38.31 22.60
N ASP H 246 -60.98 38.46 23.58
CA ASP H 246 -60.89 39.67 24.37
C ASP H 246 -59.59 39.68 25.17
N GLN H 247 -59.19 40.89 25.58
CA GLN H 247 -58.03 41.08 26.44
C GLN H 247 -58.36 40.94 27.92
N LEU H 248 -58.97 39.83 28.29
CA LEU H 248 -59.26 39.52 29.69
C LEU H 248 -58.44 38.32 30.10
N SER H 249 -58.39 38.08 31.41
CA SER H 249 -57.72 36.89 31.90
C SER H 249 -58.45 35.64 31.40
N ARG H 250 -57.67 34.57 31.27
CA ARG H 250 -58.21 33.28 30.78
C ARG H 250 -59.36 32.79 31.68
N LYS H 251 -60.18 31.90 31.15
CA LYS H 251 -61.36 31.44 31.88
C LYS H 251 -61.19 30.04 32.48
N GLY H 252 -61.00 29.02 31.64
CA GLY H 252 -60.87 27.65 32.08
C GLY H 252 -59.42 27.29 32.32
N LYS H 253 -59.17 26.05 32.73
CA LYS H 253 -57.78 25.63 33.06
C LYS H 253 -57.66 24.12 32.89
N VAL H 254 -56.78 23.66 32.00
CA VAL H 254 -56.69 22.23 31.74
C VAL H 254 -55.23 21.78 31.87
N HIS H 255 -55.00 20.69 32.60
CA HIS H 255 -53.65 20.19 32.84
C HIS H 255 -53.12 19.40 31.64
N VAL H 256 -51.81 19.22 31.63
CA VAL H 256 -51.14 18.41 30.62
C VAL H 256 -50.81 17.04 31.23
N PRO H 257 -51.40 15.97 30.75
CA PRO H 257 -51.13 14.64 31.33
C PRO H 257 -49.75 14.11 30.92
N PHE H 258 -49.48 12.88 31.33
CA PHE H 258 -48.23 12.17 31.05
C PHE H 258 -47.04 12.97 31.54
N PRO H 259 -46.86 13.12 32.85
CA PRO H 259 -45.71 13.88 33.35
C PRO H 259 -44.41 13.11 33.15
N LEU H 260 -43.32 13.86 33.09
CA LEU H 260 -42.00 13.25 32.98
C LEU H 260 -41.61 12.63 34.32
N THR H 261 -41.25 11.35 34.29
CA THR H 261 -40.90 10.62 35.50
C THR H 261 -39.59 9.87 35.28
N ASN H 262 -38.90 9.60 36.38
CA ASN H 262 -37.64 8.88 36.33
C ASN H 262 -37.86 7.39 36.06
N SER H 263 -37.06 6.83 35.16
CA SER H 263 -37.22 5.44 34.73
C SER H 263 -35.88 4.90 34.22
N THR H 264 -35.90 3.65 33.74
CA THR H 264 -34.69 3.00 33.19
C THR H 264 -35.09 2.23 31.92
N CYS H 265 -34.18 2.09 30.96
CA CYS H 265 -34.48 1.33 29.72
C CYS H 265 -33.42 0.25 29.50
N ARG H 266 -33.84 -0.95 29.08
CA ARG H 266 -32.85 -2.02 28.76
C ARG H 266 -32.00 -1.56 27.57
N VAL H 267 -30.68 -1.74 27.64
CA VAL H 267 -29.81 -1.39 26.49
C VAL H 267 -29.01 -2.63 26.07
N PRO H 268 -28.63 -2.83 24.77
CA PRO H 268 -27.81 -3.98 24.40
C PRO H 268 -26.39 -3.85 24.91
N VAL H 269 -25.75 -5.01 25.08
CA VAL H 269 -24.36 -5.08 25.51
C VAL H 269 -23.54 -5.65 24.37
N ALA H 270 -22.49 -4.94 23.98
CA ALA H 270 -21.67 -5.37 22.86
C ALA H 270 -20.83 -6.58 23.25
N ARG H 271 -20.49 -7.41 22.25
CA ARG H 271 -19.60 -8.58 22.50
C ARG H 271 -18.24 -8.02 22.91
N ALA H 272 -17.39 -8.81 23.57
CA ALA H 272 -16.15 -8.14 24.02
C ALA H 272 -15.23 -7.92 22.84
N PRO H 273 -14.47 -6.82 22.82
CA PRO H 273 -13.58 -6.54 21.73
C PRO H 273 -12.51 -7.62 21.69
N GLY H 274 -12.08 -8.09 20.52
CA GLY H 274 -10.98 -9.07 20.42
C GLY H 274 -9.64 -8.40 20.55
N VAL H 275 -8.82 -8.82 21.50
CA VAL H 275 -7.59 -8.07 21.83
C VAL H 275 -6.35 -8.90 21.72
N THR H 276 -5.38 -8.42 20.97
CA THR H 276 -4.07 -9.06 20.94
C THR H 276 -3.15 -8.15 21.72
N TYR H 277 -2.56 -8.64 22.82
CA TYR H 277 -1.59 -7.86 23.60
C TYR H 277 -0.33 -7.86 22.79
N GLY H 278 0.51 -6.84 22.94
CA GLY H 278 1.70 -6.69 22.11
C GLY H 278 2.76 -5.98 22.91
N LYS H 279 3.85 -5.50 22.31
CA LYS H 279 4.81 -4.81 23.20
C LYS H 279 4.37 -3.37 23.30
N ARG H 280 3.84 -3.00 24.45
CA ARG H 280 3.34 -1.64 24.67
C ARG H 280 2.30 -1.26 23.63
N GLU H 281 1.39 -2.17 23.29
CA GLU H 281 0.31 -1.86 22.34
C GLU H 281 -0.80 -2.88 22.50
N LEU H 282 -2.04 -2.52 22.22
CA LEU H 282 -3.19 -3.44 22.26
C LEU H 282 -3.81 -3.26 20.91
N THR H 283 -4.27 -4.31 20.23
CA THR H 283 -4.99 -4.06 18.98
C THR H 283 -6.41 -4.57 19.09
N VAL H 284 -7.32 -3.73 19.54
CA VAL H 284 -8.75 -4.10 19.60
C VAL H 284 -9.24 -4.39 18.19
N LYS H 285 -10.19 -5.31 18.03
CA LYS H 285 -10.71 -5.73 16.72
C LYS H 285 -12.19 -5.62 16.85
N LEU H 286 -12.65 -4.36 16.87
CA LEU H 286 -14.08 -4.05 17.07
C LEU H 286 -14.91 -4.62 15.93
N HIS H 287 -16.06 -5.23 16.27
CA HIS H 287 -17.02 -5.76 15.26
C HIS H 287 -18.39 -5.18 15.59
N PRO H 288 -18.63 -3.85 15.50
CA PRO H 288 -19.90 -3.27 15.94
C PRO H 288 -21.12 -3.65 15.09
N ASP H 289 -22.27 -3.86 15.72
CA ASP H 289 -23.53 -4.16 14.99
C ASP H 289 -24.17 -2.83 14.60
N HIS H 290 -24.00 -1.84 15.46
CA HIS H 290 -24.54 -0.48 15.18
C HIS H 290 -23.43 0.51 15.55
N PRO H 291 -23.50 1.84 15.26
CA PRO H 291 -22.40 2.72 15.66
C PRO H 291 -22.16 2.51 17.16
N THR H 292 -20.92 2.19 17.54
CA THR H 292 -20.59 1.93 18.96
C THR H 292 -19.44 2.86 19.38
N LEU H 293 -19.53 3.48 20.55
CA LEU H 293 -18.51 4.49 20.95
C LEU H 293 -17.24 3.84 21.50
N LEU H 294 -16.07 4.21 20.98
CA LEU H 294 -14.78 3.68 21.52
C LEU H 294 -14.04 4.84 22.20
N THR H 295 -14.00 4.85 23.53
CA THR H 295 -13.28 5.92 24.27
C THR H 295 -12.17 5.31 25.14
N TYR H 296 -10.93 5.80 25.00
CA TYR H 296 -9.84 5.32 25.88
C TYR H 296 -9.02 6.52 26.36
N ARG H 297 -8.68 6.55 27.66
CA ARG H 297 -7.85 7.65 28.21
C ARG H 297 -6.67 7.05 28.97
N SER H 298 -5.48 7.62 28.81
CA SER H 298 -4.30 7.13 29.58
C SER H 298 -4.50 7.40 31.07
N LEU H 299 -4.17 6.44 31.92
CA LEU H 299 -4.26 6.66 33.39
C LEU H 299 -2.95 7.31 33.83
N GLY H 300 -2.71 8.56 33.42
CA GLY H 300 -1.42 9.19 33.70
C GLY H 300 -1.54 10.70 33.73
N ALA H 301 -0.46 11.43 33.53
CA ALA H 301 -0.54 12.90 33.71
C ALA H 301 -1.00 13.55 32.43
N ASP H 302 -0.78 12.89 31.30
CA ASP H 302 -1.30 13.40 29.99
C ASP H 302 -2.29 12.36 29.46
N PRO H 303 -3.62 12.44 29.75
CA PRO H 303 -4.57 11.39 29.35
C PRO H 303 -5.14 11.60 27.94
N ARG H 304 -4.35 11.29 26.91
CA ARG H 304 -4.81 11.55 25.53
C ARG H 304 -6.10 10.77 25.28
N PRO H 305 -7.23 11.41 24.88
CA PRO H 305 -8.48 10.70 24.59
C PRO H 305 -8.82 10.52 23.10
N TYR H 306 -9.14 9.29 22.70
CA TYR H 306 -9.56 9.03 21.29
C TYR H 306 -11.00 8.55 21.26
N GLU H 307 -11.95 9.51 21.25
CA GLU H 307 -13.39 9.17 21.18
C GLU H 307 -13.78 9.11 19.70
N GLU H 308 -14.35 7.99 19.26
CA GLU H 308 -14.73 7.82 17.85
C GLU H 308 -15.86 6.83 17.82
N TRP H 309 -16.81 6.97 16.93
CA TRP H 309 -17.99 6.12 16.89
C TRP H 309 -17.73 5.13 15.77
N ILE H 310 -17.70 3.85 16.06
CA ILE H 310 -17.30 2.83 15.06
C ILE H 310 -18.56 2.12 14.61
N ASP H 311 -18.74 1.89 13.32
CA ASP H 311 -19.95 1.23 12.77
C ASP H 311 -19.66 0.05 11.84
N ARG H 312 -18.42 -0.20 11.48
CA ARG H 312 -18.05 -1.36 10.64
C ARG H 312 -16.83 -2.00 11.28
N TYR H 313 -16.41 -3.19 10.88
CA TYR H 313 -15.28 -3.84 11.54
C TYR H 313 -14.05 -2.97 11.36
N VAL H 314 -13.24 -2.83 12.40
CA VAL H 314 -12.03 -2.00 12.37
C VAL H 314 -11.07 -2.62 13.34
N GLU H 315 -9.81 -2.63 13.02
CA GLU H 315 -8.84 -3.09 13.99
C GLU H 315 -8.06 -1.84 14.36
N ARG H 316 -8.14 -1.36 15.58
CA ARG H 316 -7.46 -0.13 16.04
C ARG H 316 -6.34 -0.52 16.98
N THR H 317 -5.31 0.30 17.14
CA THR H 317 -4.19 0.02 18.06
C THR H 317 -4.13 1.15 19.06
N ILE H 318 -4.21 0.85 20.33
CA ILE H 318 -4.25 1.85 21.40
C ILE H 318 -2.90 1.72 22.08
N PRO H 319 -2.06 2.77 22.15
CA PRO H 319 -0.75 2.62 22.73
C PRO H 319 -0.80 2.45 24.25
N VAL H 320 -0.11 1.48 24.84
CA VAL H 320 -0.28 1.25 26.31
C VAL H 320 1.05 1.52 26.98
N THR H 321 1.04 2.30 28.03
CA THR H 321 2.31 2.67 28.69
C THR H 321 2.29 2.09 30.09
N GLU H 322 3.38 2.23 30.81
CA GLU H 322 3.49 1.66 32.15
C GLU H 322 2.47 2.31 33.04
N ASP H 323 2.09 3.55 32.74
CA ASP H 323 1.02 4.22 33.51
C ASP H 323 -0.29 3.50 33.30
N GLY H 324 -0.63 3.14 32.06
CA GLY H 324 -1.84 2.35 31.83
C GLY H 324 -2.84 3.00 30.95
N ILE H 325 -3.89 2.26 30.57
CA ILE H 325 -5.02 2.81 29.77
C ILE H 325 -6.28 2.14 30.33
N GLU H 326 -7.45 2.71 30.10
CA GLU H 326 -8.73 2.08 30.54
C GLU H 326 -9.68 2.12 29.35
N TYR H 327 -9.85 0.99 28.64
CA TYR H 327 -10.69 1.13 27.46
C TYR H 327 -12.06 0.58 27.77
N ARG H 328 -13.07 1.31 27.26
CA ARG H 328 -14.48 0.89 27.40
C ARG H 328 -15.05 0.83 25.98
N TRP H 329 -15.88 -0.18 25.70
CA TRP H 329 -16.46 -0.42 24.38
C TRP H 329 -17.93 -0.75 24.56
N GLY H 330 -18.79 0.09 23.98
CA GLY H 330 -20.22 -0.11 24.15
C GLY H 330 -20.66 0.13 25.59
N ASN H 331 -21.65 -0.64 26.02
CA ASN H 331 -22.16 -0.59 27.38
C ASN H 331 -21.41 -1.50 28.32
N ASN H 332 -20.36 -2.16 27.86
CA ASN H 332 -19.58 -3.04 28.71
C ASN H 332 -18.86 -2.23 29.80
N PRO H 333 -18.62 -2.84 30.96
CA PRO H 333 -17.88 -2.14 32.01
C PRO H 333 -16.45 -1.87 31.57
N PRO H 334 -15.81 -0.82 32.11
CA PRO H 334 -14.45 -0.49 31.69
C PRO H 334 -13.47 -1.61 32.03
N VAL H 335 -12.45 -1.73 31.18
CA VAL H 335 -11.40 -2.74 31.35
C VAL H 335 -10.06 -2.01 31.43
N ARG H 336 -9.30 -2.29 32.48
CA ARG H 336 -8.01 -1.67 32.71
C ARG H 336 -6.89 -2.66 32.44
N LEU H 337 -5.89 -2.24 31.66
CA LEU H 337 -4.75 -3.07 31.32
C LEU H 337 -3.47 -2.30 31.56
N TRP H 338 -2.43 -3.00 32.01
CA TRP H 338 -1.12 -2.43 32.23
C TRP H 338 -0.07 -3.22 31.46
N ALA H 339 1.00 -2.53 31.08
CA ALA H 339 2.08 -3.12 30.30
C ALA H 339 3.24 -3.52 31.22
N GLN H 340 3.73 -4.74 31.01
CA GLN H 340 4.84 -5.23 31.86
C GLN H 340 6.18 -4.89 31.19
N LEU H 341 7.27 -5.20 31.88
CA LEU H 341 8.62 -4.90 31.40
C LEU H 341 9.14 -6.06 30.55
N THR H 342 8.68 -6.12 29.31
CA THR H 342 9.05 -7.16 28.36
C THR H 342 10.02 -6.61 27.33
N THR H 343 10.84 -7.49 26.75
CA THR H 343 11.85 -7.10 25.73
C THR H 343 12.53 -8.37 25.20
N GLU H 344 13.26 -8.26 24.08
CA GLU H 344 13.93 -9.44 23.47
C GLU H 344 15.36 -9.58 24.00
N GLY H 345 15.82 -8.66 24.86
CA GLY H 345 17.21 -8.70 25.33
C GLY H 345 17.45 -9.75 26.41
N LYS H 346 18.72 -10.16 26.56
CA LYS H 346 19.11 -11.16 27.59
C LYS H 346 19.58 -10.39 28.83
N PRO H 347 19.12 -10.68 30.07
CA PRO H 347 19.49 -9.84 31.22
C PRO H 347 20.92 -10.01 31.72
N HIS H 348 21.38 -11.24 31.91
CA HIS H 348 22.70 -11.51 32.48
C HIS H 348 23.52 -12.38 31.54
N GLY H 349 23.57 -11.99 30.27
CA GLY H 349 24.43 -12.66 29.32
C GLY H 349 25.66 -11.85 28.98
N TRP H 350 26.00 -11.82 27.69
CA TRP H 350 27.10 -11.01 27.20
C TRP H 350 26.75 -9.53 27.28
N PRO H 351 27.75 -8.64 27.22
CA PRO H 351 27.44 -7.20 27.32
C PRO H 351 26.46 -6.68 26.27
N HIS H 352 26.54 -7.15 25.02
CA HIS H 352 25.68 -6.59 23.99
C HIS H 352 24.24 -7.02 24.17
N GLU H 353 24.04 -8.23 24.70
CA GLU H 353 22.66 -8.71 25.00
C GLU H 353 22.08 -7.83 26.11
N ILE H 354 22.93 -7.39 27.04
CA ILE H 354 22.49 -6.48 28.09
C ILE H 354 22.16 -5.11 27.51
N ILE H 355 22.95 -4.66 26.52
CA ILE H 355 22.61 -3.44 25.79
C ILE H 355 21.22 -3.56 25.21
N LEU H 356 20.93 -4.69 24.56
CA LEU H 356 19.61 -4.90 23.91
C LEU H 356 18.51 -4.95 24.97
N TYR H 357 18.78 -5.57 26.12
CA TYR H 357 17.79 -5.67 27.18
C TYR H 357 17.38 -4.30 27.69
N TYR H 358 18.37 -3.46 28.00
CA TYR H 358 18.08 -2.11 28.47
C TYR H 358 17.74 -1.15 27.34
N TYR H 359 17.77 -1.61 26.08
CA TYR H 359 17.27 -0.80 24.99
C TYR H 359 15.81 -1.11 24.66
N GLY H 360 15.40 -2.37 24.77
CA GLY H 360 14.02 -2.72 24.51
C GLY H 360 13.07 -2.04 25.47
N LEU H 361 13.50 -1.82 26.70
CA LEU H 361 12.80 -0.97 27.65
C LEU H 361 13.67 0.25 27.94
N TYR H 362 13.07 1.44 27.84
CA TYR H 362 13.69 2.75 27.93
C TYR H 362 14.70 2.97 26.81
N PRO H 363 14.33 2.95 25.51
CA PRO H 363 15.31 3.01 24.43
C PRO H 363 16.27 4.20 24.34
N ALA H 364 15.79 5.42 24.53
CA ALA H 364 16.64 6.60 24.32
C ALA H 364 17.81 6.63 25.30
N ALA H 365 17.55 6.37 26.56
CA ALA H 365 18.63 6.51 27.55
C ALA H 365 19.75 5.55 27.18
N THR H 366 19.42 4.35 26.73
CA THR H 366 20.52 3.41 26.46
C THR H 366 21.42 4.00 25.37
N ILE H 367 20.85 4.49 24.27
CA ILE H 367 21.79 4.98 23.21
C ILE H 367 22.57 6.17 23.76
N ALA H 368 21.92 7.00 24.57
CA ALA H 368 22.65 8.11 25.18
C ALA H 368 23.77 7.58 26.06
N ALA H 369 23.48 6.59 26.91
CA ALA H 369 24.51 6.16 27.88
C ALA H 369 25.66 5.45 27.18
N VAL H 370 25.35 4.53 26.28
CA VAL H 370 26.44 3.73 25.67
C VAL H 370 27.33 4.68 24.91
N SER H 371 26.76 5.64 24.20
CA SER H 371 27.62 6.50 23.37
C SER H 371 28.59 7.28 24.25
N ALA H 372 28.10 7.84 25.36
CA ALA H 372 28.98 8.64 26.23
C ALA H 372 30.06 7.74 26.81
N ALA H 373 29.70 6.51 27.20
CA ALA H 373 30.71 5.57 27.70
C ALA H 373 31.67 5.25 26.57
N GLY H 374 31.18 5.19 25.35
CA GLY H 374 32.09 4.97 24.22
C GLY H 374 33.08 6.10 24.16
N LEU H 375 32.63 7.33 24.41
CA LEU H 375 33.60 8.45 24.43
C LEU H 375 34.59 8.22 25.57
N ALA H 376 34.12 7.84 26.75
CA ALA H 376 35.07 7.75 27.88
C ALA H 376 36.12 6.70 27.54
N VAL H 377 35.75 5.62 26.89
CA VAL H 377 36.84 4.67 26.53
C VAL H 377 37.81 5.40 25.62
N VAL H 378 37.30 6.08 24.60
CA VAL H 378 38.21 6.76 23.62
C VAL H 378 38.98 7.86 24.35
N LEU H 379 38.29 8.68 25.11
CA LEU H 379 38.96 9.81 25.80
C LEU H 379 39.97 9.24 26.77
N SER H 380 39.60 8.25 27.57
CA SER H 380 40.58 7.79 28.58
C SER H 380 41.76 7.19 27.84
N LEU H 381 41.50 6.37 26.84
CA LEU H 381 42.65 5.70 26.19
C LEU H 381 43.51 6.75 25.49
N LEU H 382 42.88 7.71 24.81
CA LEU H 382 43.63 8.77 24.10
C LEU H 382 44.33 9.69 25.09
N ALA H 383 43.73 10.01 26.24
CA ALA H 383 44.49 10.79 27.25
C ALA H 383 45.63 9.89 27.70
N SER H 384 45.33 8.60 27.87
CA SER H 384 46.44 7.68 28.18
C SER H 384 47.28 7.58 26.93
N CYS H 385 46.86 8.25 25.85
CA CYS H 385 47.84 8.16 24.77
C CYS H 385 48.60 9.46 24.58
N TYR H 386 47.91 10.61 24.65
CA TYR H 386 48.57 11.88 24.44
C TYR H 386 49.56 12.18 25.56
N MET H 387 49.16 11.96 26.81
CA MET H 387 50.06 12.29 27.92
C MET H 387 51.23 11.31 27.97
N PHE H 388 50.94 10.03 27.72
CA PHE H 388 51.96 8.96 27.86
C PHE H 388 53.15 9.14 26.92
N ALA H 389 52.90 9.39 25.64
CA ALA H 389 54.00 9.46 24.66
C ALA H 389 54.92 10.62 25.05
N THR H 390 54.42 11.53 25.89
CA THR H 390 55.29 12.62 26.38
C THR H 390 56.46 11.97 27.07
N ALA H 391 56.24 10.94 27.88
CA ALA H 391 57.40 10.39 28.61
C ALA H 391 58.39 9.79 27.60
N ARG H 392 57.91 9.17 26.53
CA ARG H 392 58.87 8.67 25.51
C ARG H 392 59.67 9.86 24.99
N ARG H 393 59.03 10.99 24.72
CA ARG H 393 59.77 12.19 24.31
C ARG H 393 60.62 12.68 25.47
N LYS H 394 60.06 12.74 26.68
CA LYS H 394 60.79 13.37 27.80
C LYS H 394 62.09 12.67 28.13
N CYS H 395 62.11 11.34 28.09
CA CYS H 395 63.37 10.67 28.49
C CYS H 395 64.26 10.53 27.27
N LEU H 396 63.72 10.01 26.18
CA LEU H 396 64.55 9.73 24.98
C LEU H 396 65.14 11.00 24.35
N THR H 397 64.38 12.08 24.27
CA THR H 397 64.86 13.30 23.57
C THR H 397 66.20 13.85 24.08
N PRO H 398 66.44 14.16 25.38
CA PRO H 398 67.68 14.82 25.77
C PRO H 398 68.86 13.98 25.30
N TYR H 399 68.75 12.66 25.34
CA TYR H 399 69.86 11.84 24.80
C TYR H 399 70.08 12.16 23.32
N ALA H 400 69.01 12.37 22.57
CA ALA H 400 69.11 12.70 21.14
C ALA H 400 69.79 14.05 20.96
N LEU H 401 69.50 15.02 21.84
CA LEU H 401 70.10 16.37 21.75
C LEU H 401 71.62 16.29 21.94
N THR H 402 72.13 15.38 22.79
CA THR H 402 73.57 15.31 23.11
C THR H 402 74.33 15.22 21.78
N PRO H 403 75.51 15.86 21.62
CA PRO H 403 76.15 15.98 20.29
C PRO H 403 76.42 14.77 19.40
N GLY H 404 76.93 13.67 19.93
CA GLY H 404 77.09 12.49 19.04
C GLY H 404 76.74 11.20 19.74
N ALA H 405 76.26 11.29 20.98
CA ALA H 405 76.01 10.07 21.79
C ALA H 405 74.84 9.26 21.22
N VAL H 406 74.87 7.95 21.40
CA VAL H 406 73.73 7.08 21.01
C VAL H 406 73.12 6.62 22.34
N VAL H 407 71.79 6.45 22.42
CA VAL H 407 71.10 6.17 23.72
C VAL H 407 71.52 4.81 24.29
N PRO H 408 71.47 4.62 25.62
CA PRO H 408 71.81 3.35 26.24
C PRO H 408 70.86 2.29 25.70
N VAL H 409 71.36 1.09 25.41
CA VAL H 409 70.51 0.03 24.77
C VAL H 409 69.37 -0.38 25.71
N THR H 410 69.59 -0.34 27.03
CA THR H 410 68.55 -0.83 27.97
C THR H 410 67.28 -0.01 27.82
N LEU H 411 67.41 1.32 27.79
CA LEU H 411 66.22 2.18 27.67
C LEU H 411 65.89 2.28 26.19
N GLY H 412 66.75 1.70 25.36
CA GLY H 412 66.50 1.68 23.90
C GLY H 412 65.26 0.90 23.55
N VAL H 413 64.92 -0.12 24.34
CA VAL H 413 63.65 -0.87 24.08
C VAL H 413 62.56 -0.44 25.04
N LEU H 414 62.93 -0.08 26.27
CA LEU H 414 61.89 0.25 27.28
C LEU H 414 61.14 1.49 26.79
N CYS H 415 61.83 2.48 26.25
CA CYS H 415 61.10 3.62 25.64
C CYS H 415 61.02 3.38 24.13
N CYS H 416 61.48 2.22 23.65
CA CYS H 416 61.35 1.85 22.22
C CYS H 416 62.02 2.87 21.29
N ALA H 417 63.30 3.17 21.51
CA ALA H 417 64.08 4.10 20.67
C ALA H 417 64.10 3.69 19.18
N PRO H 418 64.02 4.63 18.19
CA PRO H 418 63.94 4.23 16.79
C PRO H 418 65.18 3.57 16.16
N ARG H 419 66.37 4.11 16.43
CA ARG H 419 67.60 3.60 15.76
C ARG H 419 67.82 2.12 16.08
N ARG I 111 93.87 32.61 16.40
CA ARG I 111 92.98 33.04 15.32
C ARG I 111 92.40 31.86 14.55
N MET I 112 92.79 30.64 14.96
CA MET I 112 92.23 29.45 14.35
C MET I 112 90.76 29.26 14.70
N CYS I 113 90.36 29.65 15.92
CA CYS I 113 88.97 29.52 16.34
C CYS I 113 88.04 30.28 15.40
N MET I 114 88.50 31.40 14.84
CA MET I 114 87.65 32.17 13.95
C MET I 114 87.32 31.43 12.65
N LYS I 115 88.34 30.82 12.03
CA LYS I 115 88.15 30.05 10.77
C LYS I 115 87.30 28.82 11.08
N ILE I 116 87.48 28.23 12.25
CA ILE I 116 86.67 27.10 12.68
C ILE I 116 85.22 27.53 12.82
N GLU I 117 85.02 28.76 13.32
CA GLU I 117 83.65 29.32 13.41
C GLU I 117 83.13 29.47 11.99
N ASN I 118 83.97 29.92 11.08
CA ASN I 118 83.52 30.18 9.69
C ASN I 118 82.79 28.96 9.13
N ASP I 119 83.49 27.83 9.03
CA ASP I 119 82.86 26.65 8.39
C ASP I 119 81.64 26.18 9.20
N CYS I 120 81.76 26.04 10.52
CA CYS I 120 80.65 25.48 11.32
C CYS I 120 79.45 26.42 11.43
N ILE I 121 79.67 27.70 11.72
CA ILE I 121 78.52 28.62 11.98
C ILE I 121 77.70 28.84 10.70
N PHE I 122 76.38 28.87 10.83
CA PHE I 122 75.49 29.16 9.68
C PHE I 122 74.59 30.29 10.16
N GLU I 123 73.97 31.02 9.24
CA GLU I 123 73.23 32.21 9.69
C GLU I 123 71.73 31.94 9.78
N VAL I 124 71.11 32.37 10.88
CA VAL I 124 69.63 32.27 10.95
C VAL I 124 69.11 33.67 10.65
N LYS I 125 68.33 33.83 9.59
CA LYS I 125 67.92 35.20 9.22
C LYS I 125 66.41 35.35 9.31
N LEU I 126 65.93 36.36 10.03
CA LEU I 126 64.47 36.62 10.06
C LEU I 126 64.15 37.88 9.30
N ASP I 127 63.56 37.77 8.12
CA ASP I 127 63.12 38.96 7.38
C ASP I 127 64.26 39.96 7.26
N GLY I 128 65.44 39.49 6.89
CA GLY I 128 66.53 40.43 6.65
C GLY I 128 67.32 40.76 7.88
N LYS I 129 66.97 40.17 9.01
CA LYS I 129 67.84 40.41 10.18
C LYS I 129 68.35 39.05 10.69
N VAL I 130 69.67 38.87 10.72
CA VAL I 130 70.16 37.60 11.32
C VAL I 130 69.75 37.61 12.78
N THR I 131 69.14 36.52 13.25
CA THR I 131 68.67 36.46 14.64
C THR I 131 69.55 35.49 15.42
N GLY I 132 70.20 34.57 14.72
CA GLY I 132 70.97 33.55 15.45
C GLY I 132 72.05 32.92 14.63
N TYR I 133 72.96 32.21 15.30
CA TYR I 133 73.98 31.45 14.54
C TYR I 133 73.78 29.97 14.85
N ALA I 134 73.60 29.16 13.80
CA ALA I 134 73.33 27.73 13.99
C ALA I 134 74.59 26.95 13.64
N CYS I 135 75.12 26.17 14.57
CA CYS I 135 76.43 25.50 14.31
C CYS I 135 76.24 24.01 14.14
N LEU I 136 76.89 23.44 13.12
CA LEU I 136 76.81 21.97 12.89
C LEU I 136 77.69 21.23 13.91
N VAL I 137 77.68 21.57 15.19
CA VAL I 137 78.59 20.83 16.12
C VAL I 137 78.26 19.35 15.99
N GLY I 138 79.24 18.47 16.14
CA GLY I 138 78.93 17.03 16.09
C GLY I 138 78.23 16.66 14.80
N ASP I 139 77.09 15.96 14.87
CA ASP I 139 76.33 15.57 13.66
C ASP I 139 74.99 16.31 13.58
N LYS I 140 74.83 17.42 14.32
CA LYS I 140 73.52 18.13 14.35
C LYS I 140 73.72 19.65 14.25
N VAL I 141 72.64 20.40 14.00
CA VAL I 141 72.76 21.89 13.97
C VAL I 141 72.33 22.46 15.34
N MET I 142 73.25 23.11 16.06
CA MET I 142 72.92 23.73 17.37
C MET I 142 72.25 25.08 17.13
N LYS I 143 70.91 25.08 17.15
CA LYS I 143 70.13 26.32 16.95
C LYS I 143 69.36 26.59 18.24
N PRO I 144 69.43 27.78 18.90
CA PRO I 144 68.63 28.03 20.10
C PRO I 144 67.15 28.16 19.78
N ALA I 145 66.32 27.69 20.70
CA ALA I 145 64.88 27.63 20.44
C ALA I 145 64.28 29.02 20.36
N HIS I 146 64.80 29.99 21.11
CA HIS I 146 64.20 31.31 21.14
C HIS I 146 64.35 32.06 19.82
N VAL I 147 65.33 31.64 19.01
CA VAL I 147 65.62 32.32 17.72
C VAL I 147 64.51 31.99 16.72
N LYS I 148 63.80 33.01 16.23
CA LYS I 148 62.76 32.80 15.23
C LYS I 148 63.34 33.17 13.88
N GLY I 149 63.25 32.28 12.91
CA GLY I 149 63.76 32.60 11.59
C GLY I 149 64.15 31.38 10.79
N VAL I 150 64.88 31.64 9.70
CA VAL I 150 65.15 30.69 8.62
C VAL I 150 66.66 30.57 8.45
N ILE I 151 67.14 29.32 8.43
CA ILE I 151 68.58 29.03 8.16
C ILE I 151 68.83 29.38 6.69
N ASP I 152 69.97 29.98 6.38
CA ASP I 152 70.20 30.49 5.02
C ASP I 152 70.40 29.36 4.03
N ASN I 153 71.19 28.35 4.38
CA ASN I 153 71.41 27.20 3.51
C ASN I 153 70.15 26.36 3.47
N PRO I 154 69.56 26.11 2.28
CA PRO I 154 68.32 25.31 2.24
C PRO I 154 68.47 23.93 2.84
N ASP I 155 69.61 23.26 2.61
CA ASP I 155 69.76 21.86 3.03
C ASP I 155 69.48 21.68 4.51
N LEU I 156 69.79 22.68 5.32
CA LEU I 156 69.44 22.63 6.74
C LEU I 156 68.04 23.15 7.01
N ALA I 157 67.41 23.83 6.04
CA ALA I 157 66.06 24.34 6.25
C ALA I 157 65.02 23.29 5.93
N LYS I 158 65.34 22.36 5.02
CA LYS I 158 64.35 21.34 4.58
C LYS I 158 64.34 20.13 5.52
N LEU I 159 64.97 20.24 6.69
CA LEU I 159 64.94 19.15 7.66
C LEU I 159 63.85 19.36 8.70
N THR I 160 63.53 18.27 9.41
CA THR I 160 62.62 18.35 10.56
C THR I 160 63.42 18.62 11.84
N TYR I 161 62.98 19.61 12.60
CA TYR I 161 63.69 20.07 13.78
C TYR I 161 62.91 19.70 15.01
N LYS I 162 63.61 19.19 16.03
CA LYS I 162 62.95 18.82 17.32
C LYS I 162 62.72 20.10 18.13
N LYS I 163 61.72 20.09 19.02
CA LYS I 163 61.38 21.33 19.79
C LYS I 163 61.67 21.09 21.28
N SER I 164 62.41 22.00 21.91
CA SER I 164 62.68 21.89 23.38
C SER I 164 62.64 23.29 24.00
N SER I 165 61.87 23.46 25.08
CA SER I 165 61.76 24.77 25.70
C SER I 165 62.55 24.89 27.00
N LYS I 166 62.47 23.88 27.87
CA LYS I 166 63.19 23.90 29.17
C LYS I 166 64.69 23.92 28.89
N TYR I 167 65.13 23.24 27.84
CA TYR I 167 66.53 23.20 27.47
C TYR I 167 66.89 24.29 26.47
N ASP I 168 65.90 24.86 25.77
CA ASP I 168 66.15 25.96 24.82
C ASP I 168 67.15 25.54 23.74
N LEU I 169 66.77 24.55 22.93
CA LEU I 169 67.62 24.10 21.84
C LEU I 169 66.75 23.61 20.71
N GLU I 170 67.33 23.56 19.50
CA GLU I 170 66.70 22.95 18.35
C GLU I 170 67.78 22.32 17.49
N CYS I 171 67.62 21.03 17.19
CA CYS I 171 68.65 20.29 16.46
C CYS I 171 67.99 19.36 15.45
N ALA I 172 68.72 19.08 14.38
CA ALA I 172 68.28 18.19 13.32
C ALA I 172 69.51 17.57 12.68
N GLN I 173 69.37 16.32 12.24
CA GLN I 173 70.49 15.60 11.65
C GLN I 173 70.98 16.29 10.37
N ILE I 174 72.24 16.72 10.37
CA ILE I 174 72.81 17.38 9.21
C ILE I 174 73.10 16.37 8.12
N PRO I 175 72.90 16.72 6.85
CA PRO I 175 73.13 15.76 5.76
C PRO I 175 74.57 15.28 5.68
N VAL I 176 74.73 14.15 4.98
CA VAL I 176 76.04 13.45 4.84
C VAL I 176 77.10 14.35 4.17
N HIS I 177 76.71 15.50 3.62
CA HIS I 177 77.76 16.39 3.07
C HIS I 177 78.19 17.44 4.11
N MET I 178 77.46 17.57 5.23
CA MET I 178 77.77 18.65 6.20
C MET I 178 78.69 18.24 7.35
N LYS I 179 79.00 16.95 7.55
CA LYS I 179 79.83 16.60 8.74
C LYS I 179 81.30 16.95 8.46
N SER I 180 81.76 16.83 7.21
CA SER I 180 83.12 17.27 6.91
C SER I 180 83.24 18.77 7.13
N ASP I 181 82.10 19.46 7.18
CA ASP I 181 82.12 20.92 7.47
C ASP I 181 81.86 21.16 8.96
N ALA I 182 81.42 20.13 9.70
CA ALA I 182 81.05 20.32 11.13
C ALA I 182 82.28 20.56 12.02
N SER I 183 82.14 21.44 13.02
CA SER I 183 83.24 21.70 13.99
C SER I 183 83.33 20.58 15.02
N LYS I 184 84.47 20.45 15.72
CA LYS I 184 84.67 19.32 16.66
C LYS I 184 84.15 19.67 18.06
N TYR I 185 83.72 18.68 18.86
CA TYR I 185 83.24 18.83 20.23
C TYR I 185 84.19 18.19 21.23
N THR I 186 83.97 18.53 22.51
CA THR I 186 84.79 17.97 23.61
C THR I 186 84.06 18.19 24.93
N HIS I 187 84.45 17.45 25.98
CA HIS I 187 83.89 17.61 27.31
C HIS I 187 84.90 18.04 28.37
N GLU I 188 86.09 18.48 27.96
CA GLU I 188 87.06 18.99 28.95
C GLU I 188 86.67 20.40 29.40
N LYS I 189 86.27 20.58 30.67
CA LYS I 189 86.04 21.92 31.21
C LYS I 189 87.02 22.12 32.36
N PRO I 190 88.33 22.15 32.07
CA PRO I 190 89.30 22.41 33.12
C PRO I 190 89.26 23.88 33.50
N GLU I 191 89.74 24.15 34.70
CA GLU I 191 89.68 25.50 35.24
C GLU I 191 90.67 26.39 34.49
N GLY I 192 90.14 27.36 33.76
CA GLY I 192 91.01 28.31 33.09
C GLY I 192 90.34 29.17 32.04
N HIS I 193 91.00 29.29 30.88
CA HIS I 193 90.68 30.26 29.86
C HIS I 193 90.28 29.59 28.55
N TYR I 194 89.19 30.06 27.95
CA TYR I 194 88.77 29.59 26.65
C TYR I 194 88.65 30.77 25.70
N ASN I 195 88.12 30.50 24.51
CA ASN I 195 88.12 31.47 23.43
C ASN I 195 86.69 31.78 22.99
N TRP I 196 86.50 32.95 22.38
CA TRP I 196 85.20 33.36 21.89
C TRP I 196 85.38 34.25 20.67
N HIS I 197 84.28 34.45 19.93
CA HIS I 197 84.30 35.29 18.73
C HIS I 197 84.63 36.74 19.08
N HIS I 198 83.98 37.29 20.08
CA HIS I 198 84.13 38.70 20.45
C HIS I 198 85.23 38.94 21.47
N GLY I 199 85.89 37.89 21.97
CA GLY I 199 86.90 38.04 23.00
C GLY I 199 87.23 36.71 23.65
N ALA I 200 87.25 36.70 24.98
CA ALA I 200 87.62 35.53 25.76
C ALA I 200 86.58 35.24 26.85
N VAL I 201 86.46 33.94 27.14
CA VAL I 201 85.51 33.48 28.20
C VAL I 201 86.35 33.00 29.39
N GLN I 202 86.06 33.49 30.59
CA GLN I 202 86.77 33.12 31.80
C GLN I 202 85.94 32.05 32.49
N TYR I 203 86.53 30.89 32.75
CA TYR I 203 85.81 29.80 33.38
C TYR I 203 86.28 29.61 34.80
N SER I 204 85.37 29.78 35.75
CA SER I 204 85.67 29.56 37.16
C SER I 204 84.37 29.30 37.90
N GLY I 205 84.32 28.24 38.69
CA GLY I 205 83.12 27.91 39.44
C GLY I 205 81.94 27.58 38.56
N GLY I 206 82.17 26.87 37.45
CA GLY I 206 81.09 26.45 36.59
C GLY I 206 80.34 27.55 35.88
N ARG I 207 80.96 28.73 35.70
CA ARG I 207 80.28 29.87 35.12
C ARG I 207 81.15 30.49 34.03
N PHE I 208 80.55 30.76 32.87
CA PHE I 208 81.19 31.49 31.78
C PHE I 208 80.94 32.97 31.99
N THR I 209 81.99 33.77 31.98
CA THR I 209 81.87 35.21 32.21
C THR I 209 82.63 36.00 31.14
N ILE I 210 82.04 37.12 30.70
CA ILE I 210 82.66 37.97 29.64
C ILE I 210 82.73 39.40 30.18
N PRO I 211 83.65 40.30 29.73
CA PRO I 211 83.59 41.70 30.14
C PRO I 211 82.35 42.37 29.54
N THR I 212 81.64 43.21 30.31
CA THR I 212 80.42 43.90 29.83
C THR I 212 80.84 44.80 28.66
N GLY I 213 80.00 44.90 27.63
CA GLY I 213 80.29 45.65 26.44
C GLY I 213 80.73 44.82 25.25
N ALA I 214 80.88 43.51 25.45
CA ALA I 214 81.25 42.62 24.36
C ALA I 214 80.03 41.99 23.70
N GLY I 215 78.86 42.13 24.31
CA GLY I 215 77.63 41.56 23.77
C GLY I 215 76.48 42.55 23.70
N LYS I 216 75.90 42.68 22.52
CA LYS I 216 74.62 43.34 22.28
C LYS I 216 73.55 42.27 22.12
N PRO I 217 72.26 42.65 22.17
CA PRO I 217 71.20 41.71 21.79
C PRO I 217 71.44 41.10 20.42
N GLY I 218 70.78 39.98 20.17
CA GLY I 218 71.17 39.13 19.06
C GLY I 218 72.49 38.43 19.37
N ASP I 219 73.15 37.96 18.32
CA ASP I 219 74.50 37.39 18.47
C ASP I 219 74.47 36.16 19.39
N SER I 220 73.38 35.40 19.32
CA SER I 220 73.25 34.16 20.07
C SER I 220 73.41 32.97 19.13
N GLY I 221 74.06 31.92 19.64
CA GLY I 221 74.35 30.75 18.84
C GLY I 221 75.80 30.56 18.48
N ARG I 222 76.62 31.55 18.84
CA ARG I 222 78.08 31.46 18.61
C ARG I 222 78.69 30.45 19.61
N PRO I 223 79.55 29.49 19.21
CA PRO I 223 80.10 28.51 20.13
C PRO I 223 81.25 29.10 20.95
N ILE I 224 81.69 28.33 21.93
CA ILE I 224 82.85 28.66 22.74
C ILE I 224 83.90 27.59 22.51
N PHE I 225 85.13 28.02 22.23
CA PHE I 225 86.19 27.10 21.84
C PHE I 225 87.30 27.09 22.89
N ASP I 226 87.90 25.91 23.06
CA ASP I 226 89.06 25.77 23.91
C ASP I 226 90.32 26.13 23.12
N ASN I 227 91.48 25.78 23.68
CA ASN I 227 92.76 26.17 23.06
C ASN I 227 92.89 25.66 21.63
N LYS I 228 92.67 24.37 21.41
CA LYS I 228 92.96 23.75 20.12
C LYS I 228 91.72 23.41 19.30
N GLY I 229 90.63 24.17 19.47
CA GLY I 229 89.55 24.19 18.50
C GLY I 229 88.32 23.37 18.81
N ARG I 230 88.35 22.55 19.86
CA ARG I 230 87.22 21.70 20.19
C ARG I 230 86.12 22.50 20.88
N VAL I 231 84.90 22.39 20.34
CA VAL I 231 83.73 23.15 20.87
C VAL I 231 83.44 22.69 22.29
N VAL I 232 83.00 23.61 23.13
CA VAL I 232 82.74 23.33 24.53
C VAL I 232 81.40 23.91 25.00
N ALA I 233 80.84 24.86 24.25
CA ALA I 233 79.64 25.55 24.72
C ALA I 233 78.93 26.22 23.56
N ILE I 234 77.65 26.55 23.79
CA ILE I 234 76.82 27.31 22.87
C ILE I 234 76.09 28.38 23.66
N VAL I 235 76.42 29.65 23.40
CA VAL I 235 75.91 30.77 24.17
C VAL I 235 74.44 31.01 23.82
N LEU I 236 73.63 31.25 24.85
CA LEU I 236 72.23 31.59 24.69
C LEU I 236 71.90 33.00 25.12
N GLY I 237 72.46 33.45 26.24
CA GLY I 237 72.25 34.79 26.75
C GLY I 237 73.29 35.15 27.78
N GLY I 238 72.91 35.99 28.74
CA GLY I 238 73.82 36.35 29.80
C GLY I 238 73.20 37.36 30.73
N ALA I 239 73.75 37.41 31.94
CA ALA I 239 73.31 38.33 32.98
C ALA I 239 74.42 39.32 33.27
N ASN I 240 74.09 40.61 33.26
CA ASN I 240 75.06 41.66 33.53
C ASN I 240 75.54 41.52 34.97
N GLU I 241 76.86 41.49 35.16
CA GLU I 241 77.43 41.28 36.53
C GLU I 241 78.67 42.16 36.74
N GLY I 242 78.48 43.43 37.09
CA GLY I 242 79.58 44.35 37.30
C GLY I 242 80.36 44.61 36.03
N ALA I 243 81.68 44.44 36.10
CA ALA I 243 82.51 44.50 34.91
C ALA I 243 82.62 43.14 34.23
N ARG I 244 82.12 42.09 34.88
CA ARG I 244 82.34 40.72 34.45
C ARG I 244 81.02 40.01 34.28
N THR I 245 80.37 40.22 33.14
CA THR I 245 79.03 39.70 32.90
C THR I 245 79.07 38.19 32.66
N ALA I 246 78.06 37.49 33.17
CA ALA I 246 78.02 36.04 33.07
C ALA I 246 77.39 35.60 31.75
N LEU I 247 77.30 34.28 31.58
CA LEU I 247 76.73 33.68 30.38
C LEU I 247 75.76 32.57 30.77
N SER I 248 74.61 32.54 30.06
CA SER I 248 73.67 31.40 30.19
C SER I 248 74.07 30.51 29.03
N VAL I 249 74.44 29.25 29.28
CA VAL I 249 75.01 28.45 28.15
C VAL I 249 74.52 27.01 28.13
N VAL I 250 74.59 26.35 26.96
CA VAL I 250 74.24 24.90 26.87
C VAL I 250 75.52 24.13 27.20
N THR I 251 75.50 23.30 28.25
CA THR I 251 76.68 22.57 28.69
C THR I 251 76.38 21.08 28.67
N TRP I 252 77.38 20.25 28.39
CA TRP I 252 77.15 18.83 28.13
C TRP I 252 78.21 17.91 28.73
N THR I 253 77.81 16.66 29.03
CA THR I 253 78.76 15.68 29.62
C THR I 253 78.79 14.42 28.74
N LYS I 254 78.86 13.22 29.35
CA LYS I 254 78.92 11.97 28.55
C LYS I 254 77.50 11.66 28.04
N ASP I 255 76.47 11.89 28.86
CA ASP I 255 75.11 11.56 28.44
C ASP I 255 74.19 12.76 28.54
N MET I 256 74.57 13.72 29.37
CA MET I 256 73.65 14.74 29.82
C MET I 256 74.02 16.09 29.23
N VAL I 257 73.00 16.86 28.89
CA VAL I 257 73.15 18.27 28.57
C VAL I 257 72.47 19.10 29.65
N THR I 258 73.20 20.12 30.11
CA THR I 258 72.70 20.98 31.22
C THR I 258 72.73 22.45 30.83
N ARG I 259 71.63 23.17 31.05
CA ARG I 259 71.48 24.59 30.76
C ARG I 259 71.63 25.34 32.07
N TYR I 260 72.70 26.13 32.18
CA TYR I 260 72.96 26.91 33.38
C TYR I 260 72.68 28.36 33.10
N THR I 261 71.59 28.87 33.66
CA THR I 261 71.14 30.24 33.43
C THR I 261 71.35 31.05 34.70
N PRO I 262 72.32 32.00 34.79
CA PRO I 262 72.44 32.86 35.99
C PRO I 262 71.18 33.68 36.31
N GLU I 263 71.09 34.21 37.54
CA GLU I 263 69.88 34.98 37.97
C GLU I 263 69.81 36.32 37.22
N GLY I 264 68.59 36.85 37.02
CA GLY I 264 68.42 38.13 36.32
C GLY I 264 69.04 38.09 34.93
N THR I 265 68.86 36.99 34.20
CA THR I 265 69.51 36.83 32.88
C THR I 265 68.65 37.38 31.75
N GLU I 266 69.25 38.17 30.84
CA GLU I 266 68.53 38.60 29.64
C GLU I 266 68.96 37.67 28.52
N GLU I 267 68.07 37.50 27.53
CA GLU I 267 68.41 36.65 26.35
C GLU I 267 68.90 37.54 25.20
N TRP I 268 70.20 37.50 24.90
CA TRP I 268 70.77 38.30 23.83
C TRP I 268 71.52 37.40 22.86
N TYR J 1 3.15 -21.13 25.83
CA TYR J 1 4.59 -20.90 25.87
C TYR J 1 5.20 -21.15 24.51
N GLU J 2 6.07 -20.24 24.07
CA GLU J 2 6.67 -20.32 22.76
C GLU J 2 7.98 -21.11 22.83
N HIS J 3 8.06 -22.19 22.04
CA HIS J 3 9.24 -23.04 22.03
C HIS J 3 9.27 -23.81 20.70
N THR J 4 10.46 -23.90 20.11
CA THR J 4 10.66 -24.62 18.86
C THR J 4 11.73 -25.70 19.04
N ALA J 5 11.50 -26.85 18.40
CA ALA J 5 12.43 -27.97 18.46
C ALA J 5 12.49 -28.65 17.10
N THR J 6 13.60 -29.35 16.85
CA THR J 6 13.82 -30.09 15.61
C THR J 6 14.01 -31.56 15.94
N ILE J 7 13.28 -32.42 15.24
CA ILE J 7 13.32 -33.86 15.52
C ILE J 7 13.74 -34.63 14.29
N PRO J 8 14.40 -35.77 14.43
CA PRO J 8 14.72 -36.60 13.27
C PRO J 8 13.47 -37.24 12.69
N ASN J 9 13.53 -37.51 11.39
CA ASN J 9 12.42 -38.19 10.69
C ASN J 9 12.64 -39.70 10.71
N VAL J 10 12.63 -40.25 11.92
CA VAL J 10 12.85 -41.67 12.14
C VAL J 10 11.68 -42.23 12.93
N VAL J 11 11.14 -43.36 12.44
CA VAL J 11 10.00 -44.02 13.13
C VAL J 11 10.54 -44.89 14.26
N GLY J 12 10.10 -44.63 15.50
CA GLY J 12 10.54 -45.38 16.66
C GLY J 12 11.73 -44.79 17.39
N PHE J 13 12.01 -43.50 17.17
CA PHE J 13 13.11 -42.82 17.88
C PHE J 13 12.53 -41.99 19.03
N PRO J 14 12.84 -42.30 20.30
CA PRO J 14 12.28 -41.57 21.44
C PRO J 14 12.92 -40.19 21.59
N TYR J 15 12.65 -39.26 20.67
CA TYR J 15 13.19 -37.91 20.80
C TYR J 15 12.60 -37.23 22.02
N LYS J 16 13.43 -36.45 22.71
CA LYS J 16 13.04 -35.79 23.94
C LYS J 16 13.36 -34.30 23.85
N ALA J 17 12.34 -33.46 23.98
CA ALA J 17 12.48 -32.02 23.98
C ALA J 17 12.30 -31.50 25.39
N HIS J 18 13.24 -30.67 25.84
CA HIS J 18 13.24 -30.15 27.20
C HIS J 18 12.84 -28.68 27.15
N ILE J 19 11.87 -28.29 27.98
CA ILE J 19 11.47 -26.91 28.15
C ILE J 19 12.03 -26.42 29.49
N GLU J 20 12.93 -25.44 29.45
CA GLU J 20 13.34 -24.67 30.61
C GLU J 20 12.44 -23.44 30.72
N ARG J 21 11.28 -23.60 31.35
CA ARG J 21 10.43 -22.45 31.62
C ARG J 21 10.98 -21.72 32.85
N ASN J 22 10.93 -20.39 32.79
CA ASN J 22 11.58 -19.57 33.80
C ASN J 22 11.00 -19.80 35.19
N GLY J 23 9.73 -19.45 35.38
CA GLY J 23 9.14 -19.47 36.71
C GLY J 23 8.65 -20.83 37.19
N PHE J 24 8.80 -21.87 36.38
CA PHE J 24 8.29 -23.19 36.70
C PHE J 24 9.43 -24.21 36.69
N SER J 25 9.09 -25.39 37.20
CA SER J 25 10.06 -26.50 37.25
C SER J 25 10.25 -27.05 35.82
N PRO J 26 11.48 -27.43 35.39
CA PRO J 26 11.72 -27.91 34.02
C PRO J 26 10.83 -29.11 33.68
N MET J 27 10.45 -29.19 32.41
CA MET J 27 9.63 -30.28 31.90
C MET J 27 10.29 -30.88 30.66
N THR J 28 10.28 -32.21 30.58
CA THR J 28 10.87 -32.95 29.47
C THR J 28 9.76 -33.64 28.71
N LEU J 29 9.79 -33.51 27.38
CA LEU J 29 8.64 -34.00 26.58
C LEU J 29 8.99 -35.14 25.63
N GLN J 30 8.07 -36.09 25.45
CA GLN J 30 8.35 -37.28 24.60
C GLN J 30 7.73 -37.07 23.22
N LEU J 31 8.55 -36.74 22.23
CA LEU J 31 8.03 -36.61 20.84
C LEU J 31 8.34 -37.94 20.12
N GLU J 32 7.31 -38.68 19.73
CA GLU J 32 7.55 -40.02 19.12
C GLU J 32 6.92 -40.07 17.72
N VAL J 33 7.70 -40.49 16.72
CA VAL J 33 7.15 -40.65 15.34
C VAL J 33 6.60 -42.06 15.21
N LEU J 34 5.28 -42.19 15.04
CA LEU J 34 4.68 -43.52 14.87
C LEU J 34 4.64 -43.96 13.42
N GLY J 35 4.62 -43.02 12.48
CA GLY J 35 4.55 -43.37 11.08
C GLY J 35 4.30 -42.19 10.17
N THR J 36 5.00 -42.14 9.04
CA THR J 36 4.87 -41.06 8.08
C THR J 36 4.27 -41.58 6.79
N SER J 37 3.98 -40.64 5.88
CA SER J 37 3.48 -40.99 4.55
C SER J 37 3.79 -39.84 3.61
N LEU J 38 4.59 -40.13 2.57
CA LEU J 38 4.93 -39.16 1.55
C LEU J 38 3.98 -39.41 0.37
N GLU J 39 3.08 -38.46 0.11
CA GLU J 39 1.94 -38.67 -0.77
C GLU J 39 2.05 -37.84 -2.04
N PRO J 40 2.48 -38.41 -3.16
CA PRO J 40 2.66 -37.63 -4.39
C PRO J 40 1.33 -37.38 -5.09
N THR J 41 1.33 -36.35 -5.94
CA THR J 41 0.17 -36.00 -6.74
C THR J 41 0.28 -36.68 -8.11
N LEU J 42 -0.77 -37.38 -8.51
CA LEU J 42 -0.73 -38.21 -9.71
C LEU J 42 -1.61 -37.59 -10.80
N ASN J 43 -1.04 -37.40 -11.98
CA ASN J 43 -1.78 -36.97 -13.17
C ASN J 43 -1.83 -38.14 -14.14
N LEU J 44 -3.03 -38.70 -14.32
CA LEU J 44 -3.19 -39.87 -15.17
C LEU J 44 -2.96 -39.49 -16.63
N GLU J 45 -2.09 -40.23 -17.30
CA GLU J 45 -1.82 -39.95 -18.72
C GLU J 45 -2.66 -40.84 -19.63
N TYR J 46 -2.56 -42.16 -19.48
CA TYR J 46 -3.37 -43.08 -20.25
C TYR J 46 -3.44 -44.42 -19.52
N ILE J 47 -4.26 -45.33 -20.07
CA ILE J 47 -4.46 -46.66 -19.50
C ILE J 47 -4.02 -47.69 -20.54
N THR J 48 -3.14 -48.59 -20.13
CA THR J 48 -2.58 -49.60 -21.02
C THR J 48 -2.97 -50.98 -20.53
N CYS J 49 -3.36 -51.85 -21.47
CA CYS J 49 -3.77 -53.20 -21.16
C CYS J 49 -3.59 -54.06 -22.40
N GLU J 50 -3.95 -55.34 -22.27
CA GLU J 50 -3.97 -56.22 -23.43
C GLU J 50 -5.06 -55.77 -24.40
N TYR J 51 -4.81 -56.00 -25.69
CA TYR J 51 -5.78 -55.65 -26.72
C TYR J 51 -6.62 -56.87 -27.09
N LYS J 52 -7.55 -56.67 -28.01
CA LYS J 52 -8.38 -57.76 -28.52
C LYS J 52 -8.52 -57.57 -30.03
N THR J 53 -8.00 -58.52 -30.80
CA THR J 53 -8.13 -58.50 -32.25
C THR J 53 -9.45 -59.16 -32.62
N VAL J 54 -10.37 -58.37 -33.15
CA VAL J 54 -11.70 -58.86 -33.51
C VAL J 54 -11.68 -59.15 -35.01
N VAL J 55 -11.82 -60.43 -35.37
CA VAL J 55 -11.84 -60.87 -36.74
C VAL J 55 -13.20 -61.49 -37.03
N PRO J 56 -14.13 -60.76 -37.63
CA PRO J 56 -15.45 -61.31 -37.93
C PRO J 56 -15.35 -62.32 -39.07
N SER J 57 -16.46 -63.03 -39.27
CA SER J 57 -16.51 -64.00 -40.36
C SER J 57 -16.38 -63.27 -41.70
N PRO J 58 -15.56 -63.78 -42.61
CA PRO J 58 -15.37 -63.09 -43.89
C PRO J 58 -16.58 -63.27 -44.79
N TYR J 59 -16.93 -62.19 -45.49
CA TYR J 59 -17.97 -62.26 -46.52
C TYR J 59 -17.32 -62.82 -47.78
N ILE J 60 -17.92 -63.89 -48.31
CA ILE J 60 -17.44 -64.53 -49.52
C ILE J 60 -18.47 -64.28 -50.61
N LYS J 61 -18.10 -63.47 -51.61
CA LYS J 61 -19.02 -63.03 -52.64
C LYS J 61 -18.97 -64.03 -53.78
N CYS J 62 -19.94 -64.95 -53.80
CA CYS J 62 -19.89 -66.06 -54.75
C CYS J 62 -20.30 -65.57 -56.15
N CYS J 63 -19.34 -65.61 -57.07
CA CYS J 63 -19.51 -65.11 -58.45
C CYS J 63 -20.01 -63.67 -58.45
N GLY J 64 -19.22 -62.79 -57.84
CA GLY J 64 -19.55 -61.38 -57.71
C GLY J 64 -18.34 -60.61 -57.22
N THR J 65 -18.56 -59.34 -56.88
CA THR J 65 -17.44 -58.47 -56.44
C THR J 65 -17.91 -57.33 -55.53
N SER J 66 -17.18 -57.05 -54.45
CA SER J 66 -17.45 -55.94 -53.55
C SER J 66 -16.22 -55.04 -53.46
N GLU J 67 -16.38 -53.91 -52.77
CA GLU J 67 -15.25 -52.99 -52.54
C GLU J 67 -15.11 -52.80 -51.03
N CYS J 68 -13.91 -52.46 -50.57
CA CYS J 68 -13.67 -52.25 -49.12
C CYS J 68 -14.45 -51.03 -48.65
N ARG J 69 -15.00 -51.08 -47.43
CA ARG J 69 -15.73 -49.92 -46.85
C ARG J 69 -14.88 -49.35 -45.71
N SER J 70 -14.56 -48.04 -45.77
CA SER J 70 -13.74 -47.41 -44.70
C SER J 70 -14.52 -47.38 -43.40
N MET J 71 -13.82 -47.54 -42.27
CA MET J 71 -14.50 -47.58 -40.94
C MET J 71 -13.62 -46.82 -39.93
N GLU J 72 -14.26 -46.09 -39.01
CA GLU J 72 -13.51 -45.32 -37.98
C GLU J 72 -13.16 -46.25 -36.82
N ARG J 73 -12.20 -47.15 -37.03
CA ARG J 73 -11.78 -48.11 -35.97
C ARG J 73 -10.27 -48.02 -35.80
N PRO J 74 -9.70 -48.10 -34.58
CA PRO J 74 -8.26 -48.09 -34.40
C PRO J 74 -7.60 -49.29 -35.10
N ASP J 75 -6.47 -49.06 -35.77
CA ASP J 75 -5.75 -50.14 -36.50
C ASP J 75 -6.74 -50.93 -37.37
N TYR J 76 -7.61 -50.24 -38.10
CA TYR J 76 -8.52 -50.92 -39.01
C TYR J 76 -7.81 -51.36 -40.28
N GLN J 77 -8.10 -52.58 -40.71
CA GLN J 77 -7.57 -53.13 -41.96
C GLN J 77 -8.72 -53.74 -42.76
N CYS J 78 -8.72 -53.52 -44.07
CA CYS J 78 -9.77 -54.12 -44.95
C CYS J 78 -9.12 -54.60 -46.25
N GLN J 79 -9.44 -55.80 -46.73
CA GLN J 79 -8.87 -56.21 -48.05
C GLN J 79 -9.85 -57.11 -48.80
N VAL J 80 -10.09 -56.81 -50.08
CA VAL J 80 -10.95 -57.69 -50.92
C VAL J 80 -10.00 -58.57 -51.71
N TYR J 81 -10.13 -59.89 -51.58
CA TYR J 81 -9.18 -60.82 -52.27
C TYR J 81 -9.92 -61.49 -53.41
N THR J 82 -9.36 -61.42 -54.62
CA THR J 82 -10.08 -61.96 -55.81
C THR J 82 -9.63 -63.38 -56.14
N GLY J 83 -10.34 -64.06 -57.02
CA GLY J 83 -9.99 -65.39 -57.50
C GLY J 83 -10.07 -66.50 -56.47
N VAL J 84 -10.80 -66.31 -55.37
CA VAL J 84 -10.83 -67.31 -54.31
C VAL J 84 -11.78 -68.44 -54.65
N TYR J 85 -11.36 -69.67 -54.32
CA TYR J 85 -12.15 -70.88 -54.50
C TYR J 85 -12.13 -71.64 -53.18
N PRO J 86 -12.91 -71.21 -52.20
CA PRO J 86 -12.95 -71.91 -50.91
C PRO J 86 -13.65 -73.27 -51.00
N PHE J 87 -13.40 -74.09 -50.00
CA PHE J 87 -14.02 -75.39 -49.83
C PHE J 87 -14.62 -75.51 -48.42
N MET J 88 -15.73 -76.24 -48.33
CA MET J 88 -16.31 -76.68 -47.06
C MET J 88 -16.23 -78.19 -46.96
N TRP J 89 -16.81 -78.73 -45.89
CA TRP J 89 -16.82 -80.18 -45.68
C TRP J 89 -17.64 -80.89 -46.75
N GLY J 90 -18.80 -80.35 -47.11
CA GLY J 90 -19.62 -80.96 -48.13
C GLY J 90 -19.13 -80.72 -49.55
N GLY J 91 -18.28 -79.73 -49.73
CA GLY J 91 -17.75 -79.44 -51.05
C GLY J 91 -17.44 -77.96 -51.21
N ALA J 92 -17.46 -77.52 -52.46
CA ALA J 92 -17.06 -76.16 -52.81
C ALA J 92 -18.14 -75.16 -52.43
N TYR J 93 -17.72 -74.10 -51.73
CA TYR J 93 -18.68 -73.08 -51.30
C TYR J 93 -19.21 -72.26 -52.47
N CYS J 94 -18.32 -71.61 -53.24
CA CYS J 94 -18.76 -70.72 -54.35
C CYS J 94 -18.92 -71.43 -55.70
N PHE J 95 -19.76 -70.91 -56.60
CA PHE J 95 -20.08 -71.63 -57.86
C PHE J 95 -18.98 -71.53 -58.93
N CYS J 96 -18.38 -70.37 -59.15
CA CYS J 96 -17.43 -70.23 -60.31
C CYS J 96 -16.03 -70.76 -59.96
N ASP J 97 -15.10 -70.72 -60.91
CA ASP J 97 -13.69 -71.11 -60.60
C ASP J 97 -12.97 -69.92 -59.96
N THR J 98 -12.52 -68.95 -60.76
CA THR J 98 -11.73 -67.81 -60.22
C THR J 98 -12.57 -66.53 -60.09
N GLU J 99 -13.87 -66.56 -60.43
CA GLU J 99 -14.64 -65.28 -60.38
C GLU J 99 -15.26 -65.09 -58.99
N ASN J 100 -14.46 -64.83 -57.95
CA ASN J 100 -15.01 -64.71 -56.56
C ASN J 100 -14.14 -63.78 -55.71
N THR J 101 -14.73 -63.09 -54.73
CA THR J 101 -13.98 -62.22 -53.83
C THR J 101 -14.32 -62.58 -52.38
N GLN J 102 -13.33 -62.42 -51.50
CA GLN J 102 -13.53 -62.58 -50.08
C GLN J 102 -13.09 -61.29 -49.38
N LEU J 103 -13.91 -60.82 -48.44
CA LEU J 103 -13.66 -59.55 -47.76
C LEU J 103 -13.05 -59.85 -46.39
N SER J 104 -11.80 -59.45 -46.21
CA SER J 104 -11.11 -59.64 -44.94
C SER J 104 -11.11 -58.34 -44.15
N GLU J 105 -11.61 -58.40 -42.93
CA GLU J 105 -11.73 -57.22 -42.08
C GLU J 105 -11.28 -57.57 -40.67
N ALA J 106 -10.43 -56.72 -40.10
CA ALA J 106 -9.89 -56.95 -38.77
C ALA J 106 -9.56 -55.61 -38.14
N TYR J 107 -9.58 -55.57 -36.80
CA TYR J 107 -9.34 -54.33 -36.07
C TYR J 107 -8.98 -54.65 -34.63
N VAL J 108 -8.48 -53.64 -33.93
CA VAL J 108 -8.06 -53.74 -32.54
C VAL J 108 -9.09 -53.03 -31.67
N ASP J 109 -9.48 -53.68 -30.57
CA ASP J 109 -10.43 -53.11 -29.63
C ASP J 109 -9.91 -53.31 -28.22
N ARG J 110 -10.36 -52.44 -27.32
CA ARG J 110 -10.04 -52.58 -25.91
C ARG J 110 -10.55 -53.92 -25.39
N SER J 111 -9.69 -54.64 -24.67
CA SER J 111 -10.05 -55.95 -24.18
C SER J 111 -11.18 -55.85 -23.16
N ASP J 112 -11.89 -56.96 -22.98
CA ASP J 112 -13.05 -56.98 -22.09
C ASP J 112 -12.68 -56.76 -20.63
N VAL J 113 -11.41 -56.89 -20.29
CA VAL J 113 -10.97 -56.79 -18.89
C VAL J 113 -9.91 -55.71 -18.71
N CYS J 114 -9.82 -54.75 -19.63
CA CYS J 114 -9.14 -53.51 -19.30
C CYS J 114 -9.80 -52.82 -18.12
N LYS J 115 -11.11 -52.96 -18.01
CA LYS J 115 -11.85 -52.55 -16.83
C LYS J 115 -11.33 -53.26 -15.57
N HIS J 116 -10.77 -54.47 -15.72
CA HIS J 116 -10.19 -55.20 -14.60
C HIS J 116 -8.67 -55.17 -14.61
N ASP J 117 -8.05 -55.63 -15.68
CA ASP J 117 -6.60 -55.81 -15.76
C ASP J 117 -6.01 -54.71 -16.64
N HIS J 118 -5.36 -53.74 -16.00
CA HIS J 118 -4.77 -52.62 -16.72
C HIS J 118 -3.68 -52.00 -15.88
N ALA J 119 -2.81 -51.23 -16.54
CA ALA J 119 -1.74 -50.48 -15.88
C ALA J 119 -1.90 -49.01 -16.22
N ALA J 120 -1.69 -48.16 -15.21
CA ALA J 120 -1.91 -46.72 -15.34
C ALA J 120 -0.58 -46.00 -15.34
N ALA J 121 -0.42 -45.06 -16.28
CA ALA J 121 0.76 -44.22 -16.36
C ALA J 121 0.46 -42.88 -15.71
N TYR J 122 1.32 -42.47 -14.77
CA TYR J 122 1.10 -41.29 -13.96
C TYR J 122 2.29 -40.34 -14.06
N LYS J 123 2.07 -39.11 -13.64
CA LYS J 123 3.15 -38.16 -13.37
C LYS J 123 3.06 -37.74 -11.90
N ALA J 124 4.18 -37.83 -11.19
CA ALA J 124 4.24 -37.57 -9.77
C ALA J 124 5.00 -36.27 -9.52
N HIS J 125 4.40 -35.37 -8.74
CA HIS J 125 5.01 -34.10 -8.39
C HIS J 125 4.34 -33.57 -7.15
N THR J 126 5.06 -32.68 -6.43
CA THR J 126 4.50 -32.04 -5.20
C THR J 126 4.05 -33.11 -4.19
N ALA J 127 4.96 -33.96 -3.74
CA ALA J 127 4.62 -34.95 -2.73
C ALA J 127 4.30 -34.26 -1.41
N ALA J 128 3.17 -34.66 -0.81
CA ALA J 128 2.69 -34.08 0.44
C ALA J 128 2.91 -35.06 1.57
N MET J 129 3.60 -34.60 2.61
CA MET J 129 3.98 -35.46 3.72
C MET J 129 3.02 -35.31 4.89
N LYS J 130 2.60 -36.45 5.44
CA LYS J 130 1.75 -36.49 6.61
C LYS J 130 2.30 -37.54 7.57
N ALA J 131 2.39 -37.19 8.85
CA ALA J 131 3.04 -38.05 9.83
C ALA J 131 2.17 -38.21 11.07
N THR J 132 2.36 -39.34 11.76
CA THR J 132 1.65 -39.65 12.99
C THR J 132 2.60 -39.45 14.17
N ILE J 133 2.19 -38.63 15.13
CA ILE J 133 3.05 -38.24 16.25
C ILE J 133 2.31 -38.51 17.57
N ARG J 134 3.02 -39.11 18.52
CA ARG J 134 2.54 -39.25 19.89
C ARG J 134 3.16 -38.18 20.77
N ILE J 135 2.31 -37.48 21.52
CA ILE J 135 2.73 -36.52 22.53
C ILE J 135 2.35 -37.07 23.89
N SER J 136 3.35 -37.29 24.75
CA SER J 136 3.10 -37.72 26.11
C SER J 136 4.02 -36.95 27.04
N TYR J 137 3.45 -35.98 27.76
CA TYR J 137 4.21 -35.13 28.65
C TYR J 137 3.44 -34.98 29.95
N GLY J 138 4.16 -34.85 31.06
CA GLY J 138 3.49 -34.70 32.34
C GLY J 138 2.62 -35.89 32.66
N ASN J 139 1.31 -35.68 32.61
CA ASN J 139 0.33 -36.69 32.97
C ASN J 139 -0.50 -37.19 31.79
N LEU J 140 -0.35 -36.53 30.64
CA LEU J 140 -1.17 -36.85 29.44
C LEU J 140 -0.38 -37.79 28.51
N ASN J 141 -1.06 -38.48 27.61
CA ASN J 141 -0.39 -39.39 26.67
C ASN J 141 -1.31 -39.51 25.44
N GLN J 142 -1.05 -38.66 24.44
CA GLN J 142 -1.97 -38.59 23.28
C GLN J 142 -1.24 -38.77 21.95
N THR J 143 -1.97 -39.20 20.92
CA THR J 143 -1.49 -39.43 19.55
C THR J 143 -2.37 -38.67 18.57
N THR J 144 -1.75 -37.90 17.68
CA THR J 144 -2.48 -37.16 16.65
C THR J 144 -1.70 -37.24 15.34
N THR J 145 -2.41 -36.95 14.24
CA THR J 145 -1.84 -36.94 12.90
C THR J 145 -1.95 -35.54 12.32
N ALA J 146 -0.87 -35.08 11.67
CA ALA J 146 -0.86 -33.74 11.08
C ALA J 146 -0.03 -33.75 9.80
N PHE J 147 -0.41 -32.87 8.88
CA PHE J 147 0.40 -32.66 7.68
C PHE J 147 1.68 -31.93 8.05
N VAL J 148 2.80 -32.39 7.49
CA VAL J 148 4.12 -31.89 7.88
C VAL J 148 4.37 -30.65 7.02
N ASN J 149 3.90 -29.51 7.53
CA ASN J 149 4.18 -28.21 6.92
C ASN J 149 3.91 -27.13 7.97
N GLY J 150 4.44 -25.94 7.71
CA GLY J 150 4.25 -24.84 8.63
C GLY J 150 2.90 -24.17 8.49
N GLU J 151 1.89 -24.95 8.12
CA GLU J 151 0.54 -24.42 7.91
C GLU J 151 -0.54 -25.34 8.47
N HIS J 152 -0.20 -26.23 9.40
CA HIS J 152 -1.19 -27.09 10.03
C HIS J 152 -0.94 -27.14 11.53
N THR J 153 -1.99 -26.90 12.32
CA THR J 153 -1.93 -26.95 13.77
C THR J 153 -3.01 -27.89 14.29
N VAL J 154 -2.58 -28.80 15.19
CA VAL J 154 -3.52 -29.79 15.77
C VAL J 154 -3.51 -29.62 17.30
N THR J 155 -4.68 -29.74 17.93
CA THR J 155 -4.81 -29.55 19.39
C THR J 155 -4.49 -30.84 20.15
N VAL J 156 -3.58 -30.77 21.11
CA VAL J 156 -3.20 -31.92 21.94
C VAL J 156 -3.31 -31.49 23.39
N GLY J 157 -4.41 -31.84 24.04
CA GLY J 157 -4.60 -31.53 25.45
C GLY J 157 -4.50 -30.06 25.77
N GLY J 158 -5.08 -29.21 24.91
CA GLY J 158 -5.00 -27.77 25.07
C GLY J 158 -3.79 -27.12 24.44
N SER J 159 -2.93 -27.89 23.77
CA SER J 159 -1.69 -27.37 23.20
C SER J 159 -1.81 -27.22 21.69
N ARG J 160 -1.14 -26.18 21.19
CA ARG J 160 -1.13 -25.90 19.72
C ARG J 160 0.19 -26.40 19.16
N PHE J 161 0.15 -27.46 18.36
CA PHE J 161 1.34 -28.08 17.79
C PHE J 161 1.30 -27.93 16.28
N THR J 162 2.43 -27.49 15.72
CA THR J 162 2.57 -27.34 14.24
C THR J 162 3.85 -28.05 13.81
N PHE J 163 3.73 -29.14 13.03
CA PHE J 163 4.93 -29.85 12.52
C PHE J 163 5.46 -29.08 11.31
N GLY J 164 6.58 -28.35 11.48
CA GLY J 164 7.10 -27.46 10.43
C GLY J 164 7.51 -28.12 9.12
N PRO J 165 7.78 -27.35 8.03
CA PRO J 165 8.15 -27.92 6.73
C PRO J 165 9.29 -28.94 6.75
N ILE J 166 9.10 -30.10 6.10
CA ILE J 166 10.16 -31.16 6.04
C ILE J 166 11.45 -30.54 5.51
N SER J 167 12.60 -30.93 6.06
CA SER J 167 13.90 -30.34 5.66
C SER J 167 14.22 -30.59 4.18
N THR J 168 13.92 -31.78 3.66
CA THR J 168 14.34 -32.11 2.26
C THR J 168 13.14 -32.32 1.33
N ALA J 169 13.28 -31.94 0.06
CA ALA J 169 12.26 -32.19 -0.95
C ALA J 169 12.46 -33.51 -1.67
N TRP J 170 13.30 -34.40 -1.13
CA TRP J 170 13.59 -35.66 -1.78
C TRP J 170 12.35 -36.54 -1.84
N THR J 171 12.17 -37.21 -2.98
CA THR J 171 11.08 -38.14 -3.18
C THR J 171 11.62 -39.38 -3.88
N PRO J 172 11.07 -40.56 -3.60
CA PRO J 172 11.53 -41.77 -4.30
C PRO J 172 10.94 -41.93 -5.69
N PHE J 173 9.79 -41.33 -5.97
CA PHE J 173 9.16 -41.44 -7.26
C PHE J 173 9.80 -40.49 -8.26
N ASP J 174 9.90 -40.93 -9.51
CA ASP J 174 10.40 -40.10 -10.59
C ASP J 174 9.25 -39.30 -11.20
N ASN J 175 9.54 -38.63 -12.32
CA ASN J 175 8.48 -37.89 -13.02
C ASN J 175 7.39 -38.83 -13.54
N LYS J 176 7.78 -39.95 -14.12
CA LYS J 176 6.84 -40.86 -14.76
C LYS J 176 6.66 -42.10 -13.90
N ILE J 177 5.42 -42.45 -13.60
CA ILE J 177 5.07 -43.52 -12.68
C ILE J 177 4.09 -44.45 -13.36
N VAL J 178 4.35 -45.76 -13.30
CA VAL J 178 3.46 -46.78 -13.81
C VAL J 178 3.04 -47.67 -12.65
N VAL J 179 1.73 -47.80 -12.45
CA VAL J 179 1.16 -48.53 -11.33
C VAL J 179 0.37 -49.71 -11.85
N TYR J 180 0.69 -50.91 -11.35
CA TYR J 180 -0.06 -52.12 -11.67
C TYR J 180 -0.42 -52.80 -10.37
N LYS J 181 -1.71 -52.76 -10.00
CA LYS J 181 -2.21 -53.34 -8.76
C LYS J 181 -1.49 -52.71 -7.58
N ASN J 182 -0.64 -53.45 -6.87
CA ASN J 182 0.03 -52.93 -5.68
C ASN J 182 1.50 -52.62 -5.91
N ASP J 183 1.95 -52.58 -7.16
CA ASP J 183 3.34 -52.31 -7.50
C ASP J 183 3.47 -50.99 -8.25
N VAL J 184 4.55 -50.27 -7.96
CA VAL J 184 4.85 -48.99 -8.60
C VAL J 184 6.22 -49.09 -9.24
N TYR J 185 6.32 -48.68 -10.50
CA TYR J 185 7.56 -48.79 -11.27
C TYR J 185 7.98 -47.40 -11.75
N ASN J 186 9.27 -47.11 -11.62
CA ASN J 186 9.85 -45.88 -12.17
C ASN J 186 10.19 -46.15 -13.64
N GLN J 187 9.24 -45.93 -14.54
CA GLN J 187 9.40 -46.27 -15.94
C GLN J 187 9.13 -45.08 -16.83
N ASP J 188 9.94 -44.95 -17.88
CA ASP J 188 9.73 -43.93 -18.92
C ASP J 188 8.76 -44.50 -19.95
N PHE J 189 7.47 -44.42 -19.62
CA PHE J 189 6.46 -44.90 -20.55
C PHE J 189 6.41 -43.97 -21.77
N PRO J 190 6.09 -44.52 -22.95
CA PRO J 190 6.11 -43.69 -24.15
C PRO J 190 5.03 -42.64 -24.11
N PRO J 191 5.27 -41.48 -24.72
CA PRO J 191 4.24 -40.43 -24.74
C PRO J 191 2.97 -40.91 -25.43
N TYR J 192 1.85 -40.30 -25.03
CA TYR J 192 0.57 -40.66 -25.60
C TYR J 192 0.55 -40.43 -27.09
N GLY J 193 0.01 -41.40 -27.84
CA GLY J 193 -0.06 -41.31 -29.28
C GLY J 193 1.24 -41.59 -30.01
N SER J 194 2.26 -42.07 -29.28
CA SER J 194 3.56 -42.42 -29.91
C SER J 194 4.03 -43.79 -29.44
N GLY J 195 3.09 -44.74 -29.29
CA GLY J 195 3.46 -46.08 -28.85
C GLY J 195 3.96 -46.95 -29.98
N GLN J 196 4.80 -47.92 -29.63
CA GLN J 196 5.33 -48.89 -30.57
C GLN J 196 4.71 -50.25 -30.32
N PRO J 197 4.48 -51.04 -31.37
CA PRO J 197 3.95 -52.39 -31.16
C PRO J 197 4.94 -53.27 -30.41
N GLY J 198 4.42 -54.16 -29.58
CA GLY J 198 5.25 -55.09 -28.86
C GLY J 198 5.88 -54.57 -27.60
N ARG J 199 5.65 -53.31 -27.25
CA ARG J 199 6.19 -52.72 -26.03
C ARG J 199 5.06 -52.13 -25.20
N PHE J 200 5.39 -51.73 -23.98
CA PHE J 200 4.40 -51.10 -23.12
C PHE J 200 3.88 -49.82 -23.77
N GLY J 201 2.56 -49.68 -23.80
CA GLY J 201 1.95 -48.57 -24.49
C GLY J 201 1.65 -48.79 -25.96
N ASP J 202 1.63 -50.04 -26.42
CA ASP J 202 1.27 -50.30 -27.81
C ASP J 202 -0.15 -49.86 -28.11
N ILE J 203 -1.07 -50.08 -27.16
CA ILE J 203 -2.41 -49.50 -27.21
C ILE J 203 -2.58 -48.62 -25.98
N GLN J 204 -3.20 -47.45 -26.17
CA GLN J 204 -3.33 -46.47 -25.11
C GLN J 204 -4.75 -45.93 -25.09
N SER J 205 -5.28 -45.75 -23.89
CA SER J 205 -6.60 -45.17 -23.67
C SER J 205 -6.52 -44.16 -22.54
N ARG J 206 -7.10 -42.98 -22.75
CA ARG J 206 -6.96 -41.89 -21.79
C ARG J 206 -7.62 -42.24 -20.46
N THR J 207 -8.79 -42.87 -20.50
CA THR J 207 -9.56 -43.15 -19.29
C THR J 207 -10.20 -44.53 -19.45
N VAL J 208 -10.60 -45.13 -18.33
CA VAL J 208 -11.32 -46.39 -18.39
C VAL J 208 -12.68 -46.20 -19.05
N GLU J 209 -13.22 -44.98 -18.96
CA GLU J 209 -14.52 -44.67 -19.61
C GLU J 209 -14.26 -44.00 -20.96
N SER J 210 -13.01 -44.04 -21.45
CA SER J 210 -12.69 -43.43 -22.72
C SER J 210 -13.37 -44.16 -23.89
N LYS J 211 -13.83 -43.37 -24.85
CA LYS J 211 -14.36 -43.89 -26.10
C LYS J 211 -13.30 -43.95 -27.20
N ASP J 212 -12.35 -43.03 -27.17
CA ASP J 212 -11.24 -43.03 -28.11
C ASP J 212 -10.14 -43.96 -27.61
N LEU J 213 -9.63 -44.79 -28.52
CA LEU J 213 -8.58 -45.74 -28.21
C LEU J 213 -7.52 -45.65 -29.30
N TYR J 214 -6.26 -45.49 -28.89
CA TYR J 214 -5.14 -45.48 -29.81
C TYR J 214 -4.51 -46.87 -29.84
N ALA J 215 -4.31 -47.41 -31.04
CA ALA J 215 -3.75 -48.74 -31.21
C ALA J 215 -2.73 -48.72 -32.33
N ASN J 216 -1.52 -49.21 -32.03
CA ASN J 216 -0.45 -49.35 -33.03
C ASN J 216 0.16 -50.72 -32.81
N THR J 217 -0.40 -51.74 -33.48
CA THR J 217 0.04 -53.12 -33.32
C THR J 217 0.54 -53.73 -34.63
N ALA J 218 0.70 -52.92 -35.68
CA ALA J 218 1.25 -53.39 -36.96
C ALA J 218 0.45 -54.57 -37.52
N LEU J 219 -0.86 -54.45 -37.52
CA LEU J 219 -1.71 -55.52 -38.02
C LEU J 219 -1.55 -55.68 -39.53
N LYS J 220 -1.46 -56.94 -39.97
CA LYS J 220 -1.23 -57.22 -41.41
C LYS J 220 -2.23 -58.25 -41.92
N LEU J 221 -2.67 -58.13 -43.18
CA LEU J 221 -3.59 -59.06 -43.81
C LEU J 221 -2.94 -59.69 -45.04
N SER J 222 -3.29 -60.96 -45.27
CA SER J 222 -2.63 -61.70 -46.38
C SER J 222 -3.64 -62.62 -47.07
N ARG J 223 -3.35 -62.98 -48.31
CA ARG J 223 -4.18 -63.91 -49.07
C ARG J 223 -4.53 -65.14 -48.24
N PRO J 224 -5.78 -65.57 -48.26
CA PRO J 224 -6.09 -66.92 -47.78
C PRO J 224 -5.50 -67.97 -48.70
N SER J 225 -5.23 -69.14 -48.15
CA SER J 225 -4.78 -70.24 -48.99
C SER J 225 -5.94 -70.73 -49.84
N SER J 226 -5.58 -71.49 -50.88
CA SER J 226 -6.60 -72.02 -51.83
C SER J 226 -7.50 -73.04 -51.13
N GLY J 227 -8.81 -72.88 -51.29
CA GLY J 227 -9.76 -73.82 -50.71
C GLY J 227 -9.84 -73.80 -49.19
N THR J 228 -9.68 -72.64 -48.57
CA THR J 228 -9.76 -72.52 -47.13
C THR J 228 -10.33 -71.16 -46.77
N VAL J 229 -11.18 -71.14 -45.74
CA VAL J 229 -11.78 -69.90 -45.24
C VAL J 229 -11.23 -69.70 -43.84
N HIS J 230 -10.19 -68.89 -43.70
CA HIS J 230 -9.56 -68.71 -42.40
C HIS J 230 -9.14 -67.29 -42.07
N VAL J 231 -9.26 -66.34 -42.99
CA VAL J 231 -8.87 -64.95 -42.78
C VAL J 231 -7.46 -64.88 -42.18
N PRO J 232 -6.42 -65.19 -42.94
CA PRO J 232 -5.07 -65.09 -42.39
C PRO J 232 -4.73 -63.66 -42.02
N TYR J 233 -4.01 -63.52 -40.91
CA TYR J 233 -3.50 -62.24 -40.46
C TYR J 233 -2.33 -62.50 -39.53
N THR J 234 -1.34 -61.61 -39.61
CA THR J 234 -0.16 -61.69 -38.72
C THR J 234 -0.10 -60.35 -37.95
N GLN J 235 -0.01 -60.40 -36.63
CA GLN J 235 -0.05 -59.20 -35.83
C GLN J 235 0.96 -59.28 -34.68
N THR J 236 1.49 -58.13 -34.30
CA THR J 236 2.43 -58.06 -33.19
C THR J 236 1.75 -58.46 -31.88
N PRO J 237 2.40 -59.28 -31.05
CA PRO J 237 1.81 -59.64 -29.76
C PRO J 237 1.68 -58.44 -28.84
N SER J 238 0.82 -58.59 -27.83
CA SER J 238 0.56 -57.51 -26.89
C SER J 238 1.81 -57.10 -26.14
N GLY J 239 2.06 -55.78 -26.09
CA GLY J 239 3.15 -55.27 -25.28
C GLY J 239 2.85 -55.28 -23.80
N PHE J 240 1.57 -55.35 -23.43
CA PHE J 240 1.21 -55.42 -22.01
C PHE J 240 1.70 -56.71 -21.37
N LYS J 241 1.49 -57.85 -22.01
CA LYS J 241 1.97 -59.10 -21.45
C LYS J 241 3.50 -59.16 -21.46
N TYR J 242 4.12 -58.61 -22.51
CA TYR J 242 5.57 -58.49 -22.52
C TYR J 242 6.06 -57.69 -21.33
N TRP J 243 5.43 -56.57 -21.03
CA TRP J 243 5.82 -55.79 -19.87
C TRP J 243 5.58 -56.56 -18.58
N LEU J 244 4.46 -57.29 -18.52
CA LEU J 244 4.13 -58.07 -17.33
C LEU J 244 5.20 -59.11 -17.03
N LYS J 245 5.73 -59.76 -18.07
CA LYS J 245 6.75 -60.78 -17.83
C LYS J 245 8.16 -60.25 -18.10
N GLU J 246 8.32 -58.94 -18.22
CA GLU J 246 9.63 -58.29 -18.21
C GLU J 246 9.68 -57.10 -17.25
N ARG J 247 8.68 -56.91 -16.39
CA ARG J 247 8.67 -55.76 -15.50
C ARG J 247 9.79 -55.86 -14.46
N GLY J 248 10.04 -57.05 -13.92
CA GLY J 248 11.01 -57.19 -12.85
C GLY J 248 10.43 -56.78 -11.51
N THR J 249 11.27 -56.20 -10.66
CA THR J 249 10.86 -55.76 -9.34
C THR J 249 10.38 -54.31 -9.39
N SER J 250 9.54 -53.95 -8.42
CA SER J 250 8.94 -52.62 -8.38
C SER J 250 9.80 -51.68 -7.53
N LEU J 251 9.26 -50.49 -7.25
CA LEU J 251 9.99 -49.51 -6.47
C LEU J 251 10.15 -49.94 -5.00
N ASN J 252 9.30 -50.85 -4.53
CA ASN J 252 9.39 -51.30 -3.14
C ASN J 252 10.72 -52.00 -2.88
N ASP J 253 11.28 -52.64 -3.91
CA ASP J 253 12.51 -53.41 -3.77
C ASP J 253 13.77 -52.59 -4.01
N LYS J 254 13.63 -51.33 -4.47
CA LYS J 254 14.78 -50.48 -4.69
C LYS J 254 14.67 -49.10 -4.08
N ALA J 255 13.62 -48.81 -3.31
CA ALA J 255 13.45 -47.48 -2.75
C ALA J 255 14.53 -47.19 -1.71
N PRO J 256 15.15 -46.01 -1.77
CA PRO J 256 16.16 -45.65 -0.77
C PRO J 256 15.51 -45.32 0.57
N PHE J 257 16.36 -45.23 1.59
CA PHE J 257 15.97 -44.86 2.95
C PHE J 257 14.96 -45.81 3.56
N GLY J 258 14.86 -47.02 3.04
CA GLY J 258 13.91 -47.99 3.55
C GLY J 258 12.46 -47.59 3.39
N CYS J 259 12.14 -46.90 2.30
CA CYS J 259 10.74 -46.54 2.04
C CYS J 259 9.93 -47.78 1.67
N VAL J 260 8.70 -47.82 2.14
CA VAL J 260 7.77 -48.90 1.84
C VAL J 260 6.70 -48.31 0.92
N ILE J 261 6.68 -48.77 -0.32
CA ILE J 261 5.78 -48.23 -1.33
C ILE J 261 4.47 -49.01 -1.31
N LYS J 262 3.36 -48.31 -1.12
CA LYS J 262 2.03 -48.90 -1.22
C LYS J 262 1.21 -48.10 -2.22
N THR J 263 0.07 -48.68 -2.62
CA THR J 263 -0.81 -47.99 -3.60
C THR J 263 -2.19 -47.78 -2.96
N ASN J 264 -3.15 -47.24 -3.72
CA ASN J 264 -4.51 -46.94 -3.19
C ASN J 264 -4.39 -46.08 -1.92
N PRO J 265 -4.12 -44.75 -2.01
CA PRO J 265 -3.42 -44.14 -3.15
C PRO J 265 -1.90 -44.35 -3.09
N VAL J 266 -1.21 -44.12 -4.23
CA VAL J 266 0.27 -44.33 -4.29
C VAL J 266 0.95 -43.48 -3.23
N ARG J 267 1.84 -44.08 -2.43
CA ARG J 267 2.48 -43.38 -1.33
C ARG J 267 3.78 -44.07 -0.96
N ALA J 268 4.65 -43.33 -0.29
CA ALA J 268 5.88 -43.85 0.30
C ALA J 268 5.85 -43.57 1.78
N GLU J 269 5.95 -44.63 2.59
CA GLU J 269 5.76 -44.49 4.03
C GLU J 269 7.05 -44.81 4.79
N ASN J 270 7.23 -44.12 5.92
CA ASN J 270 8.30 -44.40 6.87
C ASN J 270 9.69 -44.25 6.25
N CYS J 271 9.84 -43.27 5.35
CA CYS J 271 11.16 -42.94 4.84
C CYS J 271 11.96 -42.20 5.90
N ALA J 272 13.19 -42.66 6.13
CA ALA J 272 14.05 -42.12 7.17
C ALA J 272 15.04 -41.14 6.54
N VAL J 273 14.59 -39.90 6.37
CA VAL J 273 15.43 -38.86 5.80
C VAL J 273 14.88 -37.50 6.23
N GLY J 274 15.78 -36.57 6.53
CA GLY J 274 15.39 -35.22 6.87
C GLY J 274 15.03 -35.05 8.33
N ASN J 275 14.66 -33.81 8.65
CA ASN J 275 14.25 -33.43 10.00
C ASN J 275 12.88 -32.79 9.96
N ILE J 276 12.17 -32.87 11.08
CA ILE J 276 10.83 -32.33 11.20
C ILE J 276 10.85 -31.22 12.25
N PRO J 277 10.87 -29.95 11.84
CA PRO J 277 10.80 -28.87 12.82
C PRO J 277 9.48 -28.88 13.58
N VAL J 278 9.55 -28.54 14.86
CA VAL J 278 8.40 -28.59 15.76
C VAL J 278 8.25 -27.24 16.45
N SER J 279 7.05 -26.68 16.40
CA SER J 279 6.71 -25.46 17.12
C SER J 279 5.65 -25.79 18.16
N MET J 280 5.88 -25.36 19.40
CA MET J 280 5.14 -25.84 20.56
C MET J 280 4.48 -24.66 21.26
N ASP J 281 3.23 -24.88 21.69
CA ASP J 281 2.44 -23.87 22.42
C ASP J 281 1.85 -24.54 23.66
N ILE J 282 2.59 -24.51 24.76
CA ILE J 282 2.21 -25.19 25.99
C ILE J 282 1.60 -24.17 26.95
N PRO J 283 0.44 -24.44 27.54
CA PRO J 283 -0.15 -23.50 28.50
C PRO J 283 0.50 -23.61 29.86
N ASP J 284 0.03 -22.77 30.80
CA ASP J 284 0.58 -22.77 32.14
C ASP J 284 0.19 -24.02 32.92
N THR J 285 -1.03 -24.51 32.70
CA THR J 285 -1.56 -25.66 33.50
C THR J 285 -0.61 -26.86 33.48
N ALA J 286 0.11 -27.08 32.37
CA ALA J 286 0.93 -28.28 32.27
C ALA J 286 2.14 -28.20 33.21
N PHE J 287 2.71 -27.03 33.38
CA PHE J 287 3.94 -26.88 34.14
C PHE J 287 3.66 -26.98 35.64
N THR J 288 4.74 -27.20 36.40
CA THR J 288 4.68 -27.27 37.85
C THR J 288 5.63 -26.24 38.46
N ARG J 289 5.21 -25.66 39.59
CA ARG J 289 5.97 -24.63 40.26
C ARG J 289 7.15 -25.22 41.03
N VAL J 290 8.19 -24.40 41.21
CA VAL J 290 9.38 -24.84 41.93
C VAL J 290 9.11 -24.87 43.43
N ILE J 291 8.07 -24.17 43.89
CA ILE J 291 7.71 -24.23 45.30
C ILE J 291 7.16 -25.60 45.66
N ASP J 292 6.49 -26.23 44.70
CA ASP J 292 5.98 -27.61 44.89
C ASP J 292 6.98 -28.58 44.25
N ALA J 293 7.98 -28.06 43.52
CA ALA J 293 8.96 -28.99 42.96
C ALA J 293 10.11 -29.18 43.93
N PRO J 294 10.65 -30.39 44.05
CA PRO J 294 11.75 -30.62 44.99
C PRO J 294 13.00 -29.85 44.58
N ALA J 295 13.77 -29.43 45.58
CA ALA J 295 15.02 -28.72 45.37
C ALA J 295 16.16 -29.72 45.46
N VAL J 296 16.90 -29.88 44.36
CA VAL J 296 17.93 -30.90 44.24
C VAL J 296 19.29 -30.20 44.23
N THR J 297 20.17 -30.63 45.12
CA THR J 297 21.51 -30.07 45.23
C THR J 297 22.54 -31.19 45.28
N ASN J 298 23.81 -30.79 45.41
CA ASN J 298 24.93 -31.77 45.52
C ASN J 298 24.69 -32.93 44.55
N LEU J 299 24.57 -32.65 43.25
CA LEU J 299 24.43 -33.75 42.31
C LEU J 299 25.79 -34.09 41.71
N GLU J 300 26.29 -35.29 42.03
CA GLU J 300 27.47 -35.82 41.36
C GLU J 300 27.03 -37.00 40.51
N CYS J 301 27.80 -37.25 39.45
CA CYS J 301 27.56 -38.38 38.56
C CYS J 301 28.78 -39.28 38.56
N GLN J 302 28.54 -40.56 38.86
CA GLN J 302 29.58 -41.61 38.79
C GLN J 302 28.96 -42.70 37.91
N VAL J 303 29.77 -43.47 37.19
CA VAL J 303 29.24 -44.44 36.25
C VAL J 303 29.86 -45.81 36.53
N ALA J 304 29.01 -46.82 36.70
CA ALA J 304 29.48 -48.17 36.97
C ALA J 304 29.88 -48.89 35.70
N VAL J 305 28.93 -49.09 34.78
CA VAL J 305 29.16 -49.83 33.55
C VAL J 305 28.50 -49.10 32.39
N CYS J 306 29.17 -49.10 31.24
CA CYS J 306 28.59 -48.51 30.04
C CYS J 306 29.14 -49.23 28.82
N THR J 307 28.26 -49.52 27.87
CA THR J 307 28.61 -50.15 26.60
C THR J 307 27.92 -49.37 25.48
N HIS J 308 28.70 -48.92 24.50
CA HIS J 308 28.15 -48.09 23.42
C HIS J 308 27.52 -48.99 22.35
N SER J 309 26.42 -49.63 22.73
CA SER J 309 25.65 -50.49 21.85
C SER J 309 24.50 -49.68 21.25
N SER J 310 23.73 -50.34 20.38
CA SER J 310 22.58 -49.67 19.77
C SER J 310 21.53 -49.31 20.80
N ASP J 311 21.29 -50.20 21.76
CA ASP J 311 20.31 -49.96 22.80
C ASP J 311 20.93 -49.14 23.92
N PHE J 312 20.22 -49.02 25.04
CA PHE J 312 20.70 -48.24 26.18
C PHE J 312 21.60 -49.10 27.04
N GLY J 313 22.85 -49.24 26.57
CA GLY J 313 23.86 -50.02 27.26
C GLY J 313 24.67 -49.27 28.30
N GLY J 314 24.34 -48.01 28.57
CA GLY J 314 25.03 -47.24 29.58
C GLY J 314 24.17 -47.11 30.84
N ILE J 315 24.83 -47.26 31.99
CA ILE J 315 24.16 -47.24 33.28
C ILE J 315 24.80 -46.15 34.12
N ALA J 316 23.98 -45.19 34.57
CA ALA J 316 24.45 -44.01 35.27
C ALA J 316 23.86 -43.97 36.66
N THR J 317 24.73 -43.73 37.65
CA THR J 317 24.29 -43.62 39.07
C THR J 317 24.48 -42.18 39.53
N LEU J 318 23.42 -41.53 39.98
CA LEU J 318 23.44 -40.13 40.41
C LEU J 318 23.17 -40.05 41.90
N THR J 319 23.90 -39.17 42.58
CA THR J 319 23.72 -38.93 44.01
C THR J 319 23.37 -37.47 44.21
N PHE J 320 22.37 -37.21 45.07
CA PHE J 320 21.92 -35.84 45.28
C PHE J 320 21.24 -35.79 46.65
N LYS J 321 20.84 -34.57 47.04
CA LYS J 321 20.09 -34.36 48.31
C LYS J 321 18.85 -33.50 48.02
N THR J 322 17.65 -34.00 48.32
CA THR J 322 16.39 -33.32 48.11
C THR J 322 15.74 -33.07 49.46
N ASP J 323 14.68 -32.25 49.46
CA ASP J 323 13.92 -31.98 50.67
C ASP J 323 12.60 -32.73 50.71
N LYS J 324 11.89 -32.83 49.59
CA LYS J 324 10.65 -33.57 49.51
C LYS J 324 10.67 -34.49 48.30
N PRO J 325 9.93 -35.60 48.36
CA PRO J 325 9.86 -36.48 47.20
C PRO J 325 9.00 -35.89 46.10
N GLY J 326 9.17 -36.44 44.91
CA GLY J 326 8.37 -35.99 43.78
C GLY J 326 8.96 -36.45 42.47
N LYS J 327 8.70 -35.68 41.40
CA LYS J 327 9.16 -36.11 40.05
C LYS J 327 9.96 -35.02 39.32
N CYS J 328 11.25 -35.26 39.06
CA CYS J 328 12.11 -34.37 38.30
C CYS J 328 12.06 -34.72 36.82
N ALA J 329 12.46 -33.77 36.00
CA ALA J 329 12.69 -33.98 34.57
C ALA J 329 14.17 -34.11 34.31
N VAL J 330 14.54 -35.19 33.62
CA VAL J 330 15.97 -35.48 33.33
C VAL J 330 16.22 -35.28 31.83
N HIS J 331 17.35 -34.69 31.47
CA HIS J 331 17.68 -34.42 30.08
C HIS J 331 19.19 -34.50 29.91
N SER J 332 19.60 -34.78 28.69
CA SER J 332 21.00 -34.72 28.30
C SER J 332 21.17 -33.51 27.40
N HIS J 333 22.00 -32.55 27.82
CA HIS J 333 22.24 -31.36 27.02
C HIS J 333 23.24 -31.62 25.90
N SER J 334 23.76 -32.84 25.82
CA SER J 334 24.74 -33.23 24.83
C SER J 334 24.21 -34.41 24.01
N ASN J 335 24.48 -34.38 22.71
CA ASN J 335 24.04 -35.44 21.82
C ASN J 335 24.93 -36.68 21.86
N VAL J 336 25.92 -36.69 22.76
CA VAL J 336 26.80 -37.89 22.90
C VAL J 336 25.99 -39.05 23.49
N ALA J 337 25.05 -38.77 24.40
CA ALA J 337 24.21 -39.81 24.96
C ALA J 337 22.78 -39.31 25.08
N THR J 338 21.84 -40.26 25.06
CA THR J 338 20.42 -39.95 25.20
C THR J 338 19.87 -40.78 26.34
N ILE J 339 19.28 -40.10 27.33
CA ILE J 339 18.74 -40.79 28.50
C ILE J 339 17.44 -41.47 28.09
N GLN J 340 17.32 -42.77 28.39
CA GLN J 340 16.15 -43.54 27.97
C GLN J 340 14.85 -42.95 28.49
N GLU J 341 14.85 -42.70 29.80
CA GLU J 341 13.62 -42.18 30.44
C GLU J 341 13.69 -40.66 30.49
N ALA J 342 12.57 -40.03 30.82
CA ALA J 342 12.49 -38.58 30.93
C ALA J 342 12.14 -38.07 32.32
N ALA J 343 11.45 -38.86 33.13
CA ALA J 343 11.21 -38.46 34.52
C ALA J 343 11.30 -39.67 35.43
N VAL J 344 12.08 -39.49 36.49
CA VAL J 344 12.31 -40.61 37.45
C VAL J 344 11.71 -40.19 38.80
N ASP J 345 11.48 -41.20 39.67
CA ASP J 345 10.94 -40.96 41.02
C ASP J 345 12.05 -40.38 41.90
N ILE J 346 11.79 -39.25 42.53
CA ILE J 346 12.77 -38.58 43.39
C ILE J 346 12.32 -38.73 44.83
N LYS J 347 13.18 -39.39 45.64
CA LYS J 347 12.80 -39.70 47.04
C LYS J 347 13.92 -39.29 48.01
N THR J 348 13.88 -39.79 49.26
CA THR J 348 14.84 -39.35 50.30
C THR J 348 16.21 -40.03 50.18
N ASP J 349 16.26 -41.26 49.66
CA ASP J 349 17.54 -42.01 49.50
C ASP J 349 18.54 -41.14 48.75
N GLY J 350 18.05 -40.24 47.89
CA GLY J 350 18.95 -39.36 47.11
C GLY J 350 19.91 -40.16 46.26
N LYS J 351 19.46 -41.28 45.70
CA LYS J 351 20.34 -42.14 44.86
C LYS J 351 19.49 -42.80 43.77
N ILE J 352 19.61 -42.35 42.52
CA ILE J 352 18.80 -42.90 41.43
C ILE J 352 19.71 -43.49 40.37
N THR J 353 19.11 -44.27 39.48
CA THR J 353 19.78 -44.89 38.35
C THR J 353 19.14 -44.44 37.05
N LEU J 354 20.00 -44.28 36.02
CA LEU J 354 19.52 -43.83 34.69
C LEU J 354 20.09 -44.75 33.61
N HIS J 355 19.32 -45.01 32.56
CA HIS J 355 19.80 -45.78 31.41
C HIS J 355 20.01 -44.84 30.23
N PHE J 356 21.20 -44.87 29.64
CA PHE J 356 21.52 -43.99 28.53
C PHE J 356 22.22 -44.78 27.42
N SER J 357 22.05 -44.29 26.19
CA SER J 357 22.65 -44.89 25.00
C SER J 357 23.70 -43.95 24.44
N THR J 358 24.88 -44.51 24.20
CA THR J 358 25.96 -43.68 23.61
C THR J 358 26.58 -44.44 22.44
N ALA J 359 27.47 -43.77 21.72
CA ALA J 359 28.18 -44.36 20.60
C ALA J 359 29.69 -44.08 20.64
N SER J 360 30.18 -43.38 21.64
CA SER J 360 31.59 -43.03 21.76
C SER J 360 32.22 -43.78 22.91
N ALA J 361 33.54 -44.01 22.79
CA ALA J 361 34.26 -44.75 23.82
C ALA J 361 34.26 -44.02 25.15
N SER J 362 34.46 -42.70 25.14
CA SER J 362 34.49 -41.88 26.35
C SER J 362 33.50 -40.74 26.19
N PRO J 363 32.23 -40.99 26.48
CA PRO J 363 31.22 -39.94 26.32
C PRO J 363 31.25 -38.95 27.47
N ALA J 364 30.96 -37.69 27.15
CA ALA J 364 30.77 -36.66 28.17
C ALA J 364 29.44 -35.97 27.87
N PHE J 365 28.36 -36.52 28.44
CA PHE J 365 27.03 -35.87 28.31
C PHE J 365 26.71 -35.22 29.66
N LYS J 366 25.86 -34.18 29.66
CA LYS J 366 25.56 -33.45 30.92
C LYS J 366 24.11 -33.74 31.35
N VAL J 367 23.89 -34.10 32.61
CA VAL J 367 22.52 -34.49 33.07
C VAL J 367 21.98 -33.43 34.06
N SER J 368 20.75 -32.97 33.83
CA SER J 368 20.12 -32.00 34.76
C SER J 368 18.91 -32.68 35.43
N VAL J 369 18.89 -32.74 36.76
CA VAL J 369 17.76 -33.34 37.47
C VAL J 369 17.01 -32.23 38.20
N CYS J 370 15.75 -32.02 37.84
CA CYS J 370 15.05 -30.76 38.15
C CYS J 370 15.95 -29.62 37.70
N SER J 371 16.39 -28.73 38.59
CA SER J 371 17.24 -27.62 38.21
C SER J 371 18.72 -27.84 38.52
N ALA J 372 19.09 -29.03 38.97
CA ALA J 372 20.47 -29.31 39.35
C ALA J 372 21.34 -29.50 38.11
N LYS J 373 22.65 -29.49 38.33
CA LYS J 373 23.62 -29.61 37.25
C LYS J 373 24.75 -30.53 37.68
N THR J 374 25.21 -31.36 36.74
CA THR J 374 26.38 -32.20 36.97
C THR J 374 26.91 -32.71 35.64
N THR J 375 28.15 -33.23 35.70
CA THR J 375 28.81 -33.76 34.47
C THR J 375 29.02 -35.26 34.63
N CYS J 376 28.55 -36.05 33.65
CA CYS J 376 28.67 -37.50 33.64
C CYS J 376 29.82 -37.89 32.71
N THR J 377 30.80 -38.60 33.28
CA THR J 377 31.97 -39.08 32.48
C THR J 377 32.04 -40.60 32.60
N ALA J 378 32.28 -41.30 31.49
CA ALA J 378 32.31 -42.75 31.47
C ALA J 378 33.29 -43.25 30.41
N ALA J 379 33.68 -44.50 30.57
CA ALA J 379 34.47 -45.24 29.60
C ALA J 379 33.58 -46.36 29.08
N CYS J 380 32.96 -46.16 27.92
CA CYS J 380 32.02 -47.17 27.39
C CYS J 380 32.79 -48.25 26.64
N GLU J 381 32.19 -49.44 26.48
CA GLU J 381 32.97 -50.57 25.91
C GLU J 381 32.47 -51.04 24.55
N PRO J 382 33.32 -51.61 23.64
CA PRO J 382 32.82 -52.20 22.40
C PRO J 382 31.93 -53.40 22.69
N PRO J 383 30.76 -53.47 22.07
CA PRO J 383 29.71 -54.38 22.53
C PRO J 383 29.85 -55.81 22.01
N LYS J 384 28.85 -56.66 22.28
CA LYS J 384 29.04 -58.11 21.97
C LYS J 384 28.55 -58.55 20.59
N ASP J 385 27.49 -57.94 20.04
CA ASP J 385 26.92 -58.49 18.78
C ASP J 385 27.38 -57.74 17.53
N HIS J 386 27.77 -58.46 16.47
CA HIS J 386 28.07 -57.81 15.20
C HIS J 386 26.81 -57.27 14.54
N ILE J 387 25.67 -57.91 14.80
CA ILE J 387 24.40 -57.58 14.16
C ILE J 387 23.29 -57.61 15.21
N VAL J 388 22.41 -56.61 15.17
CA VAL J 388 21.22 -56.59 16.03
C VAL J 388 20.01 -56.27 15.16
N PRO J 389 18.81 -56.72 15.54
CA PRO J 389 17.62 -56.46 14.72
C PRO J 389 16.90 -55.15 15.01
N TYR J 390 17.52 -54.22 15.73
CA TYR J 390 16.90 -52.94 16.04
C TYR J 390 17.87 -51.81 15.73
N GLY J 391 17.31 -50.65 15.42
CA GLY J 391 18.11 -49.49 15.08
C GLY J 391 18.77 -48.86 16.29
N ALA J 392 19.77 -48.03 16.02
CA ALA J 392 20.49 -47.34 17.08
C ALA J 392 19.61 -46.30 17.75
N SER J 393 19.69 -46.25 19.09
CA SER J 393 18.92 -45.30 19.88
C SER J 393 19.70 -44.04 20.21
N HIS J 394 20.93 -43.91 19.72
CA HIS J 394 21.78 -42.76 19.98
C HIS J 394 21.86 -41.87 18.74
N ASN J 395 22.64 -40.80 18.86
CA ASN J 395 22.85 -39.87 17.76
C ASN J 395 24.09 -40.19 16.93
N ASN J 396 24.74 -41.33 17.20
CA ASN J 396 25.92 -41.78 16.47
C ASN J 396 27.06 -40.76 16.56
N GLN J 397 27.48 -40.50 17.81
CA GLN J 397 28.61 -39.63 18.12
C GLN J 397 29.77 -40.51 18.54
N VAL J 398 30.89 -40.40 17.83
CA VAL J 398 32.05 -41.24 18.09
C VAL J 398 33.29 -40.44 18.46
N PHE J 399 33.17 -39.11 18.51
CA PHE J 399 34.29 -38.29 18.98
C PHE J 399 34.46 -38.49 20.47
N PRO J 400 35.62 -38.95 20.95
CA PRO J 400 35.83 -39.13 22.38
C PRO J 400 35.87 -37.80 23.11
N ASP J 401 35.69 -37.89 24.43
CA ASP J 401 35.69 -36.73 25.30
C ASP J 401 37.03 -36.00 25.17
N MET J 402 37.00 -34.68 25.41
CA MET J 402 38.24 -33.91 25.46
C MET J 402 39.19 -34.47 26.51
N SER J 403 38.67 -35.16 27.53
CA SER J 403 39.46 -35.72 28.60
C SER J 403 39.57 -37.24 28.52
N GLY J 404 39.19 -37.85 27.40
CA GLY J 404 39.31 -39.29 27.25
C GLY J 404 40.76 -39.72 27.14
N THR J 405 40.98 -41.03 27.31
CA THR J 405 42.33 -41.58 27.35
C THR J 405 43.08 -41.29 26.05
N ALA J 406 42.42 -41.52 24.90
CA ALA J 406 43.05 -41.21 23.62
C ALA J 406 43.35 -39.72 23.50
N MET J 407 42.36 -38.89 23.83
CA MET J 407 42.58 -37.42 23.80
C MET J 407 43.56 -37.02 24.89
N THR J 408 43.64 -37.78 26.00
CA THR J 408 44.63 -37.49 27.03
C THR J 408 46.05 -37.71 26.50
N TRP J 409 46.29 -38.82 25.80
CA TRP J 409 47.61 -39.08 25.23
C TRP J 409 47.94 -38.07 24.13
N VAL J 410 46.97 -37.77 23.26
CA VAL J 410 47.19 -36.79 22.22
C VAL J 410 47.57 -35.45 22.82
N GLN J 411 46.82 -35.01 23.82
CA GLN J 411 47.07 -33.74 24.49
C GLN J 411 48.43 -33.74 25.19
N ARG J 412 48.83 -34.86 25.79
CA ARG J 412 50.16 -34.94 26.39
C ARG J 412 51.24 -34.77 25.34
N VAL J 413 51.12 -35.46 24.21
CA VAL J 413 52.14 -35.35 23.17
C VAL J 413 52.18 -33.92 22.64
N ALA J 414 51.02 -33.33 22.41
CA ALA J 414 50.95 -31.95 21.93
C ALA J 414 51.56 -30.98 22.93
N GLY J 415 51.29 -31.19 24.22
CA GLY J 415 51.87 -30.31 25.24
C GLY J 415 53.38 -30.42 25.28
N GLY J 416 53.92 -31.63 25.19
CA GLY J 416 55.37 -31.77 25.18
C GLY J 416 56.01 -31.13 23.96
N LEU J 417 55.42 -31.37 22.79
CA LEU J 417 55.94 -30.75 21.57
C LEU J 417 55.84 -29.23 21.61
N GLY J 418 54.72 -28.71 22.14
CA GLY J 418 54.57 -27.27 22.25
C GLY J 418 55.52 -26.66 23.26
N GLY J 419 55.79 -27.36 24.36
CA GLY J 419 56.79 -26.88 25.30
C GLY J 419 58.17 -26.82 24.68
N LEU J 420 58.54 -27.85 23.92
CA LEU J 420 59.83 -27.83 23.23
C LEU J 420 59.88 -26.69 22.22
N THR J 421 58.80 -26.50 21.46
CA THR J 421 58.77 -25.44 20.45
C THR J 421 58.85 -24.06 21.07
N LEU J 422 58.13 -23.85 22.17
CA LEU J 422 58.16 -22.55 22.85
C LEU J 422 59.51 -22.32 23.51
N ALA J 423 60.15 -23.38 24.01
CA ALA J 423 61.51 -23.22 24.54
C ALA J 423 62.47 -22.80 23.44
N ALA J 424 62.37 -23.42 22.27
CA ALA J 424 63.22 -23.02 21.14
C ALA J 424 62.93 -21.58 20.72
N VAL J 425 61.64 -21.20 20.70
CA VAL J 425 61.27 -19.84 20.33
C VAL J 425 61.86 -18.85 21.32
N ALA J 426 61.75 -19.14 22.62
CA ALA J 426 62.30 -18.25 23.63
C ALA J 426 63.81 -18.14 23.51
N VAL J 427 64.49 -19.27 23.27
CA VAL J 427 65.95 -19.23 23.15
C VAL J 427 66.37 -18.38 21.95
N LEU J 428 65.72 -18.60 20.79
CA LEU J 428 66.05 -17.82 19.61
C LEU J 428 65.72 -16.34 19.81
N ILE J 429 64.59 -16.06 20.47
CA ILE J 429 64.16 -14.65 20.71
C ILE J 429 65.21 -13.97 21.58
N LEU J 430 65.65 -14.63 22.67
CA LEU J 430 66.66 -14.05 23.54
C LEU J 430 67.97 -13.85 22.78
N VAL J 431 68.35 -14.82 21.95
CA VAL J 431 69.59 -14.70 21.19
C VAL J 431 69.53 -13.50 20.24
N THR J 432 68.40 -13.37 19.52
CA THR J 432 68.23 -12.24 18.57
C THR J 432 68.23 -10.91 19.33
N CYS J 433 67.58 -10.86 20.48
CA CYS J 433 67.58 -9.65 21.28
C CYS J 433 68.99 -9.26 21.68
N VAL J 434 69.79 -10.25 22.10
CA VAL J 434 71.18 -9.99 22.47
C VAL J 434 71.98 -9.52 21.26
N THR J 435 71.71 -10.11 20.09
CA THR J 435 72.44 -9.69 18.88
C THR J 435 72.15 -8.24 18.52
N MET J 436 70.89 -7.83 18.55
CA MET J 436 70.61 -6.41 18.33
C MET J 436 71.08 -5.55 19.50
N ARG J 437 71.31 -6.15 20.67
CA ARG J 437 71.83 -5.38 21.83
C ARG J 437 73.33 -5.10 21.67
N ARG J 438 74.03 -5.89 20.85
CA ARG J 438 75.46 -5.72 20.64
C ARG J 438 75.75 -5.03 19.31
N SER K 1 -31.05 -71.06 -11.41
CA SER K 1 -30.15 -72.21 -11.34
C SER K 1 -29.50 -72.46 -12.70
N VAL K 2 -29.07 -73.70 -12.92
CA VAL K 2 -28.33 -74.04 -14.14
C VAL K 2 -29.24 -74.02 -15.35
N THR K 3 -30.54 -74.24 -15.16
CA THR K 3 -31.44 -74.41 -16.30
C THR K 3 -31.75 -73.08 -16.97
N GLU K 4 -32.10 -72.08 -16.14
CA GLU K 4 -32.39 -70.71 -16.66
C GLU K 4 -31.06 -70.03 -17.01
N HIS K 5 -29.94 -70.74 -16.84
CA HIS K 5 -28.62 -70.17 -17.25
C HIS K 5 -28.20 -70.84 -18.55
N PHE K 6 -28.67 -72.08 -18.79
CA PHE K 6 -28.38 -72.75 -20.04
C PHE K 6 -29.45 -72.51 -21.10
N ASN K 7 -30.60 -71.95 -20.74
CA ASN K 7 -31.65 -71.71 -21.73
C ASN K 7 -31.21 -70.74 -22.81
N VAL K 8 -30.12 -70.01 -22.60
CA VAL K 8 -29.63 -69.04 -23.59
C VAL K 8 -29.04 -69.74 -24.82
N TYR K 9 -28.56 -70.97 -24.68
CA TYR K 9 -27.90 -71.68 -25.78
C TYR K 9 -28.82 -72.42 -26.73
N LYS K 10 -29.98 -72.86 -26.24
CA LYS K 10 -30.90 -73.67 -27.08
C LYS K 10 -31.09 -72.98 -28.43
N ALA K 11 -31.19 -71.65 -28.42
CA ALA K 11 -31.38 -70.89 -29.65
C ALA K 11 -30.12 -70.86 -30.52
N THR K 12 -29.05 -71.53 -30.10
CA THR K 12 -27.80 -71.58 -30.82
C THR K 12 -27.52 -73.00 -31.29
N LYS K 13 -26.51 -73.12 -32.15
CA LYS K 13 -26.13 -74.41 -32.75
C LYS K 13 -24.62 -74.55 -32.79
N PRO K 14 -24.10 -75.75 -32.55
CA PRO K 14 -22.67 -76.00 -32.77
C PRO K 14 -22.31 -75.90 -34.25
N TYR K 15 -21.01 -75.79 -34.52
CA TYR K 15 -20.54 -75.61 -35.88
C TYR K 15 -19.32 -76.47 -36.14
N LEU K 16 -19.04 -76.67 -37.43
CA LEU K 16 -17.86 -77.40 -37.89
C LEU K 16 -16.91 -76.41 -38.54
N ALA K 17 -15.67 -76.36 -38.04
CA ALA K 17 -14.69 -75.41 -38.53
C ALA K 17 -13.43 -76.14 -38.98
N TYR K 18 -12.50 -75.38 -39.55
CA TYR K 18 -11.26 -75.91 -40.09
C TYR K 18 -10.19 -75.91 -39.01
N CYS K 19 -9.77 -77.09 -38.57
CA CYS K 19 -8.69 -77.24 -37.60
C CYS K 19 -7.45 -77.71 -38.35
N ALA K 20 -6.35 -76.96 -38.20
CA ALA K 20 -5.15 -77.20 -38.98
C ALA K 20 -4.36 -78.41 -38.51
N ASP K 21 -4.53 -78.84 -37.26
CA ASP K 21 -3.78 -79.97 -36.73
C ASP K 21 -4.67 -80.73 -35.76
N CYS K 22 -5.24 -81.83 -36.22
CA CYS K 22 -6.15 -82.64 -35.41
C CYS K 22 -5.43 -83.85 -34.83
N GLY K 23 -4.57 -83.59 -33.85
CA GLY K 23 -3.82 -84.63 -33.18
C GLY K 23 -2.64 -85.09 -34.02
N ASP K 24 -2.94 -85.67 -35.18
CA ASP K 24 -1.92 -86.03 -36.14
C ASP K 24 -1.42 -84.79 -36.87
N GLY K 25 -0.57 -84.99 -37.87
CA GLY K 25 0.13 -83.88 -38.48
C GLY K 25 -0.62 -83.18 -39.60
N GLN K 26 -1.92 -83.46 -39.70
CA GLN K 26 -2.68 -82.91 -40.84
C GLN K 26 -3.97 -82.24 -40.38
N PHE K 27 -4.53 -81.39 -41.23
CA PHE K 27 -5.79 -80.72 -40.96
C PHE K 27 -6.94 -81.68 -41.20
N CYS K 28 -8.10 -81.34 -40.64
CA CYS K 28 -9.38 -81.92 -41.05
C CYS K 28 -10.46 -81.04 -40.43
N TYR K 29 -11.72 -81.40 -40.66
CA TYR K 29 -12.84 -80.54 -40.29
C TYR K 29 -13.47 -81.12 -39.04
N SER K 30 -13.11 -80.56 -37.88
CA SER K 30 -13.45 -81.17 -36.59
C SER K 30 -14.41 -80.29 -35.81
N PRO K 31 -15.19 -80.90 -34.89
CA PRO K 31 -16.11 -80.12 -34.06
C PRO K 31 -15.49 -79.55 -32.80
N VAL K 32 -14.17 -79.57 -32.65
CA VAL K 32 -13.51 -78.99 -31.48
C VAL K 32 -12.46 -77.98 -31.91
N ALA K 33 -12.67 -77.34 -33.06
CA ALA K 33 -11.75 -76.33 -33.54
C ALA K 33 -11.60 -75.21 -32.51
N ILE K 34 -10.41 -75.09 -31.93
CA ILE K 34 -10.15 -74.10 -30.89
C ILE K 34 -10.11 -72.71 -31.53
N GLU K 35 -10.85 -71.77 -30.94
CA GLU K 35 -10.91 -70.41 -31.46
C GLU K 35 -9.98 -69.46 -30.73
N LYS K 36 -10.14 -69.35 -29.41
CA LYS K 36 -9.31 -68.42 -28.59
C LYS K 36 -9.07 -69.02 -27.21
N ILE K 37 -7.88 -68.78 -26.62
CA ILE K 37 -7.60 -69.26 -25.23
C ILE K 37 -7.29 -68.01 -24.39
N ARG K 38 -7.93 -67.85 -23.23
CA ARG K 38 -7.77 -66.61 -22.43
C ARG K 38 -7.07 -66.90 -21.11
N ASP K 39 -6.06 -66.09 -20.74
CA ASP K 39 -5.33 -66.28 -19.46
C ASP K 39 -5.22 -64.95 -18.71
N GLU K 40 -6.34 -64.43 -18.19
CA GLU K 40 -6.30 -63.18 -17.38
C GLU K 40 -6.22 -63.55 -15.90
N ALA K 41 -6.18 -64.85 -15.59
CA ALA K 41 -6.15 -65.31 -14.18
C ALA K 41 -4.70 -65.34 -13.66
N SER K 42 -4.48 -64.89 -12.42
CA SER K 42 -3.16 -64.87 -11.83
C SER K 42 -2.75 -66.22 -11.25
N ASP K 43 -3.69 -67.13 -11.06
CA ASP K 43 -3.41 -68.43 -10.46
C ASP K 43 -3.08 -69.50 -11.49
N GLY K 44 -3.10 -69.16 -12.77
CA GLY K 44 -2.71 -70.08 -13.82
C GLY K 44 -3.86 -70.74 -14.57
N MET K 45 -5.11 -70.35 -14.30
CA MET K 45 -6.23 -70.91 -15.03
C MET K 45 -6.32 -70.30 -16.43
N ILE K 46 -6.68 -71.13 -17.40
CA ILE K 46 -6.85 -70.69 -18.78
C ILE K 46 -8.23 -71.11 -19.25
N LYS K 47 -8.80 -70.32 -20.15
CA LYS K 47 -10.12 -70.56 -20.71
C LYS K 47 -9.98 -70.96 -22.18
N ILE K 48 -10.64 -72.05 -22.56
CA ILE K 48 -10.53 -72.60 -23.91
C ILE K 48 -11.90 -72.55 -24.55
N GLN K 49 -11.97 -71.98 -25.75
CA GLN K 49 -13.20 -71.92 -26.53
C GLN K 49 -13.13 -72.98 -27.63
N VAL K 50 -14.14 -73.85 -27.68
CA VAL K 50 -14.17 -74.95 -28.63
C VAL K 50 -15.43 -74.83 -29.48
N ALA K 51 -15.42 -75.52 -30.63
CA ALA K 51 -16.55 -75.47 -31.55
C ALA K 51 -17.77 -76.17 -30.98
N ALA K 52 -17.58 -77.31 -30.32
CA ALA K 52 -18.70 -78.06 -29.77
C ALA K 52 -19.24 -77.37 -28.53
N GLN K 53 -20.48 -77.72 -28.19
CA GLN K 53 -21.15 -77.20 -27.00
C GLN K 53 -21.28 -78.32 -25.98
N ILE K 54 -20.83 -78.06 -24.75
CA ILE K 54 -20.77 -79.07 -23.70
C ILE K 54 -21.87 -78.77 -22.69
N GLY K 55 -22.65 -79.81 -22.34
CA GLY K 55 -23.72 -79.66 -21.40
C GLY K 55 -25.10 -79.51 -21.99
N ILE K 56 -25.24 -79.64 -23.31
CA ILE K 56 -26.50 -79.48 -24.01
C ILE K 56 -26.70 -80.68 -24.92
N ASN K 57 -27.91 -81.23 -24.95
CA ASN K 57 -28.18 -82.44 -25.71
C ASN K 57 -28.66 -82.10 -27.13
N LYS K 58 -29.19 -83.11 -27.82
CA LYS K 58 -29.70 -82.93 -29.17
C LYS K 58 -30.90 -81.99 -29.19
N GLY K 59 -31.82 -82.17 -28.24
CA GLY K 59 -33.00 -81.31 -28.20
C GLY K 59 -32.67 -79.88 -27.81
N GLY K 60 -31.78 -79.72 -26.82
CA GLY K 60 -31.46 -78.38 -26.29
C GLY K 60 -31.55 -78.36 -24.78
N THR K 61 -32.02 -79.48 -24.18
CA THR K 61 -32.14 -79.59 -22.69
C THR K 61 -30.75 -79.74 -22.08
N HIS K 62 -30.60 -79.43 -20.79
CA HIS K 62 -29.26 -79.46 -20.14
C HIS K 62 -28.96 -80.78 -19.44
N GLU K 63 -27.78 -81.36 -19.67
CA GLU K 63 -27.33 -82.55 -18.95
C GLU K 63 -25.89 -82.37 -18.53
N HIS K 64 -25.47 -83.12 -17.51
CA HIS K 64 -24.07 -83.04 -17.03
C HIS K 64 -23.21 -84.14 -17.66
N ASN K 65 -23.64 -84.74 -18.78
CA ASN K 65 -22.86 -85.88 -19.33
C ASN K 65 -22.98 -86.01 -20.86
N LYS K 66 -23.39 -84.95 -21.57
CA LYS K 66 -23.54 -85.01 -23.01
C LYS K 66 -22.89 -83.81 -23.67
N ILE K 67 -22.27 -84.05 -24.82
CA ILE K 67 -21.67 -83.00 -25.64
C ILE K 67 -22.28 -83.09 -27.03
N ARG K 68 -22.82 -81.98 -27.52
CA ARG K 68 -23.44 -81.93 -28.83
C ARG K 68 -22.51 -81.21 -29.80
N TYR K 69 -22.49 -81.68 -31.05
CA TYR K 69 -21.55 -81.18 -32.04
C TYR K 69 -22.13 -81.44 -33.42
N ILE K 70 -21.31 -81.20 -34.44
CA ILE K 70 -21.72 -81.37 -35.83
C ILE K 70 -20.89 -82.49 -36.46
N ALA K 71 -21.56 -83.47 -37.04
CA ALA K 71 -20.92 -84.53 -37.83
C ALA K 71 -21.69 -84.61 -39.14
N GLY K 72 -21.26 -83.82 -40.11
CA GLY K 72 -21.97 -83.72 -41.39
C GLY K 72 -23.05 -82.65 -41.33
N HIS K 73 -24.30 -83.06 -41.56
CA HIS K 73 -25.43 -82.15 -41.53
C HIS K 73 -26.21 -82.19 -40.23
N ASP K 74 -26.33 -83.37 -39.62
CA ASP K 74 -27.18 -83.54 -38.45
C ASP K 74 -26.39 -83.42 -37.15
N MET K 75 -27.01 -82.80 -36.16
CA MET K 75 -26.45 -82.73 -34.81
C MET K 75 -26.41 -84.13 -34.21
N LYS K 76 -25.36 -84.42 -33.44
CA LYS K 76 -25.23 -85.73 -32.82
C LYS K 76 -24.79 -85.63 -31.37
N GLU K 77 -24.54 -86.81 -30.80
CA GLU K 77 -24.27 -86.82 -29.35
C GLU K 77 -22.89 -87.34 -28.99
N ALA K 78 -22.44 -86.99 -27.81
CA ALA K 78 -21.15 -87.38 -27.26
C ALA K 78 -21.25 -87.36 -25.74
N ASN K 79 -20.35 -88.08 -25.09
CA ASN K 79 -20.37 -88.18 -23.64
C ASN K 79 -19.30 -87.28 -23.04
N ARG K 80 -19.49 -86.86 -21.79
CA ARG K 80 -18.63 -85.83 -21.21
C ARG K 80 -17.34 -86.38 -20.60
N ASP K 81 -17.36 -87.62 -20.07
CA ASP K 81 -16.18 -88.17 -19.35
C ASP K 81 -14.95 -88.33 -20.25
N SER K 82 -15.11 -88.19 -21.57
CA SER K 82 -14.02 -88.36 -22.52
C SER K 82 -13.42 -87.04 -22.98
N LEU K 83 -13.94 -85.90 -22.51
CA LEU K 83 -13.29 -84.64 -22.83
C LEU K 83 -12.02 -84.49 -22.00
N GLN K 84 -10.91 -84.22 -22.68
CA GLN K 84 -9.62 -84.09 -22.00
C GLN K 84 -8.82 -82.97 -22.65
N VAL K 85 -7.96 -82.34 -21.86
CA VAL K 85 -7.14 -81.22 -22.30
C VAL K 85 -5.68 -81.56 -22.04
N TYR K 86 -4.84 -81.41 -23.08
CA TYR K 86 -3.45 -81.85 -23.02
C TYR K 86 -2.54 -80.69 -23.39
N THR K 87 -1.55 -80.41 -22.53
CA THR K 87 -0.46 -79.51 -22.88
C THR K 87 0.87 -80.24 -22.92
N SER K 88 1.27 -80.86 -21.81
CA SER K 88 2.36 -81.81 -21.74
C SER K 88 1.92 -83.09 -21.06
N GLY K 89 1.09 -82.98 -20.03
CA GLY K 89 0.36 -84.09 -19.47
C GLY K 89 -1.13 -83.83 -19.54
N VAL K 90 -1.84 -84.44 -18.58
CA VAL K 90 -3.32 -84.29 -18.51
C VAL K 90 -3.66 -83.05 -17.68
N CYS K 91 -4.60 -82.24 -18.17
CA CYS K 91 -5.04 -81.03 -17.49
C CYS K 91 -6.27 -81.33 -16.63
N ALA K 92 -6.43 -80.54 -15.58
CA ALA K 92 -7.54 -80.69 -14.65
C ALA K 92 -8.64 -79.71 -15.04
N ILE K 93 -9.75 -80.23 -15.56
CA ILE K 93 -10.87 -79.40 -15.98
C ILE K 93 -11.71 -79.05 -14.77
N ARG K 94 -11.99 -77.75 -14.59
CA ARG K 94 -12.76 -77.26 -13.47
C ARG K 94 -14.21 -76.94 -13.80
N GLY K 95 -14.52 -76.67 -15.06
CA GLY K 95 -15.88 -76.33 -15.43
C GLY K 95 -16.05 -76.16 -16.92
N THR K 96 -17.17 -76.64 -17.45
CA THR K 96 -17.48 -76.54 -18.86
C THR K 96 -18.87 -75.95 -19.04
N MET K 97 -19.01 -75.09 -20.05
CA MET K 97 -20.31 -74.51 -20.36
C MET K 97 -20.33 -74.16 -21.84
N GLY K 98 -21.06 -74.95 -22.63
CA GLY K 98 -21.19 -74.66 -24.04
C GLY K 98 -19.85 -74.70 -24.76
N HIS K 99 -19.50 -73.60 -25.40
CA HIS K 99 -18.26 -73.51 -26.17
C HIS K 99 -17.02 -73.34 -25.30
N PHE K 100 -17.18 -73.09 -24.00
CA PHE K 100 -16.10 -72.63 -23.15
C PHE K 100 -15.70 -73.70 -22.13
N ILE K 101 -14.39 -73.93 -22.04
CA ILE K 101 -13.80 -74.86 -21.08
C ILE K 101 -12.71 -74.14 -20.32
N VAL K 102 -12.73 -74.27 -18.99
CA VAL K 102 -11.66 -73.77 -18.13
C VAL K 102 -10.97 -74.97 -17.49
N ALA K 103 -9.64 -74.92 -17.41
CA ALA K 103 -8.89 -76.06 -16.92
C ALA K 103 -7.59 -75.59 -16.31
N TYR K 104 -7.00 -76.45 -15.48
CA TYR K 104 -5.71 -76.22 -14.87
C TYR K 104 -4.67 -76.99 -15.68
N CYS K 105 -3.70 -76.29 -16.24
CA CYS K 105 -2.80 -76.97 -17.15
C CYS K 105 -1.35 -76.81 -16.72
N PRO K 106 -0.56 -77.88 -16.81
CA PRO K 106 0.88 -77.76 -16.55
C PRO K 106 1.54 -76.94 -17.63
N PRO K 107 2.73 -76.41 -17.38
CA PRO K 107 3.44 -75.66 -18.43
C PRO K 107 3.68 -76.56 -19.64
N GLY K 108 3.45 -76.00 -20.82
CA GLY K 108 3.51 -76.80 -22.03
C GLY K 108 3.69 -75.94 -23.25
N ASP K 109 3.77 -76.59 -24.42
CA ASP K 109 4.02 -75.83 -25.68
C ASP K 109 2.80 -75.90 -26.59
N GLU K 110 1.87 -76.84 -26.34
CA GLU K 110 0.72 -76.98 -27.25
C GLU K 110 -0.55 -77.09 -26.41
N LEU K 111 -1.72 -76.96 -27.03
CA LEU K 111 -2.98 -77.17 -26.28
C LEU K 111 -3.90 -78.05 -27.12
N LYS K 112 -4.11 -79.29 -26.68
CA LYS K 112 -4.95 -80.21 -27.44
C LYS K 112 -6.21 -80.51 -26.66
N VAL K 113 -7.36 -80.43 -27.33
CA VAL K 113 -8.66 -80.76 -26.76
C VAL K 113 -9.29 -81.87 -27.59
N GLN K 114 -9.66 -82.96 -26.94
CA GLN K 114 -10.25 -84.11 -27.61
C GLN K 114 -11.40 -84.67 -26.79
N PHE K 115 -12.35 -85.28 -27.51
CA PHE K 115 -13.43 -86.04 -26.89
C PHE K 115 -13.58 -87.33 -27.67
N GLN K 116 -14.30 -88.29 -27.07
CA GLN K 116 -14.58 -89.58 -27.75
C GLN K 116 -15.84 -89.41 -28.60
N ASP K 117 -15.73 -89.63 -29.90
CA ASP K 117 -16.83 -89.41 -30.83
C ASP K 117 -17.90 -90.49 -30.67
N ALA K 118 -19.11 -90.17 -31.13
CA ALA K 118 -20.17 -91.17 -31.12
C ALA K 118 -19.82 -92.37 -31.98
N GLU K 119 -18.88 -92.20 -32.91
CA GLU K 119 -18.39 -93.33 -33.74
C GLU K 119 -17.21 -93.97 -33.02
N SER K 120 -17.14 -93.83 -31.70
CA SER K 120 -16.03 -94.41 -30.88
C SER K 120 -14.68 -93.87 -31.37
N HIS K 121 -14.67 -92.92 -32.32
CA HIS K 121 -13.42 -92.32 -32.75
C HIS K 121 -12.98 -91.24 -31.76
N THR K 122 -11.74 -90.81 -31.91
CA THR K 122 -11.20 -89.69 -31.14
C THR K 122 -11.00 -88.50 -32.06
N GLN K 123 -11.63 -87.38 -31.71
CA GLN K 123 -11.58 -86.16 -32.52
C GLN K 123 -10.92 -85.05 -31.71
N ALA K 124 -9.81 -84.53 -32.20
CA ALA K 124 -9.01 -83.57 -31.47
C ALA K 124 -8.67 -82.37 -32.34
N CYS K 125 -8.20 -81.30 -31.68
CA CYS K 125 -7.71 -80.12 -32.36
C CYS K 125 -6.51 -79.59 -31.59
N LYS K 126 -5.41 -79.33 -32.28
CA LYS K 126 -4.15 -78.95 -31.65
C LYS K 126 -3.74 -77.56 -32.12
N VAL K 127 -3.32 -76.72 -31.16
CA VAL K 127 -2.83 -75.38 -31.45
C VAL K 127 -1.58 -75.13 -30.62
N GLN K 128 -0.80 -74.14 -31.06
CA GLN K 128 0.41 -73.72 -30.37
C GLN K 128 0.05 -72.66 -29.32
N TYR K 129 0.54 -72.83 -28.10
CA TYR K 129 0.24 -71.88 -27.04
C TYR K 129 1.41 -71.87 -26.07
N LYS K 130 1.95 -70.68 -25.81
CA LYS K 130 2.87 -70.46 -24.70
C LYS K 130 2.12 -70.43 -23.38
N HIS K 131 2.03 -71.58 -22.71
CA HIS K 131 1.46 -71.66 -21.36
C HIS K 131 2.62 -71.71 -20.36
N ALA K 132 3.07 -70.53 -19.94
CA ALA K 132 4.12 -70.39 -18.94
C ALA K 132 3.62 -69.41 -17.88
N PRO K 133 2.77 -69.87 -16.97
CA PRO K 133 2.17 -68.95 -15.99
C PRO K 133 3.22 -68.31 -15.10
N ALA K 134 3.00 -67.04 -14.79
CA ALA K 134 3.91 -66.32 -13.90
C ALA K 134 3.74 -66.83 -12.47
N PRO K 135 4.80 -66.78 -11.67
CA PRO K 135 4.68 -67.23 -10.27
C PRO K 135 3.71 -66.36 -9.49
N VAL K 136 3.02 -66.98 -8.56
CA VAL K 136 2.17 -66.26 -7.61
C VAL K 136 3.01 -66.00 -6.37
N GLY K 137 3.46 -64.77 -6.20
CA GLY K 137 4.29 -64.44 -5.07
C GLY K 137 5.77 -64.58 -5.37
N ARG K 138 6.54 -65.17 -4.44
CA ARG K 138 8.01 -65.21 -4.64
C ARG K 138 8.56 -66.65 -4.64
N GLU K 139 7.70 -67.67 -4.67
CA GLU K 139 8.20 -69.03 -4.76
C GLU K 139 7.60 -69.71 -5.98
N LYS K 140 8.46 -70.39 -6.73
CA LYS K 140 8.06 -71.08 -7.97
C LYS K 140 7.63 -72.49 -7.60
N PHE K 141 6.44 -72.58 -7.01
CA PHE K 141 5.86 -73.85 -6.62
C PHE K 141 4.87 -74.33 -7.67
N THR K 142 4.61 -75.64 -7.65
CA THR K 142 3.67 -76.25 -8.58
C THR K 142 2.52 -76.94 -7.87
N VAL K 143 2.69 -77.32 -6.60
CA VAL K 143 1.67 -78.02 -5.84
C VAL K 143 1.30 -77.17 -4.64
N ARG K 144 0.01 -76.99 -4.42
CA ARG K 144 -0.47 -76.20 -3.28
C ARG K 144 -0.07 -76.89 -1.99
N PRO K 145 0.63 -76.22 -1.08
CA PRO K 145 1.08 -76.87 0.15
C PRO K 145 -0.06 -77.03 1.15
N HIS K 146 0.23 -77.75 2.23
CA HIS K 146 -0.75 -77.95 3.29
C HIS K 146 -0.65 -76.88 4.38
N PHE K 147 0.36 -76.03 4.34
CA PHE K 147 0.44 -74.89 5.26
C PHE K 147 1.20 -73.78 4.57
N GLY K 148 0.92 -72.54 4.99
CA GLY K 148 1.62 -71.39 4.44
C GLY K 148 0.88 -70.10 4.71
N ILE K 149 0.94 -69.19 3.74
CA ILE K 149 0.29 -67.89 3.84
C ILE K 149 -0.56 -67.70 2.59
N GLU K 150 -1.52 -66.77 2.69
CA GLU K 150 -2.45 -66.50 1.61
C GLU K 150 -2.03 -65.24 0.86
N VAL K 151 -1.97 -65.33 -0.46
CA VAL K 151 -1.58 -64.22 -1.32
C VAL K 151 -2.72 -63.94 -2.28
N PRO K 152 -3.17 -62.70 -2.43
CA PRO K 152 -4.29 -62.40 -3.33
C PRO K 152 -3.94 -62.70 -4.78
N CYS K 153 -4.96 -63.09 -5.55
CA CYS K 153 -4.80 -63.41 -6.96
C CYS K 153 -6.16 -63.27 -7.64
N THR K 154 -6.16 -63.43 -8.96
CA THR K 154 -7.37 -63.37 -9.76
C THR K 154 -7.69 -64.74 -10.31
N THR K 155 -8.98 -65.08 -10.35
CA THR K 155 -9.43 -66.40 -10.77
C THR K 155 -10.77 -66.27 -11.48
N TYR K 156 -11.13 -67.32 -12.21
CA TYR K 156 -12.43 -67.41 -12.87
C TYR K 156 -13.42 -68.04 -11.91
N GLN K 157 -14.52 -67.34 -11.64
CA GLN K 157 -15.56 -67.89 -10.77
C GLN K 157 -16.24 -69.07 -11.47
N LEU K 158 -16.48 -70.14 -10.71
CA LEU K 158 -17.12 -71.33 -11.26
C LEU K 158 -18.64 -71.23 -11.14
N THR K 159 -19.19 -70.23 -11.83
CA THR K 159 -20.62 -70.00 -11.88
C THR K 159 -21.05 -69.78 -13.32
N THR K 160 -22.31 -70.08 -13.60
CA THR K 160 -22.87 -69.97 -14.94
C THR K 160 -23.71 -68.71 -15.12
N ALA K 161 -23.64 -67.77 -14.19
CA ALA K 161 -24.43 -66.55 -14.30
C ALA K 161 -23.99 -65.72 -15.49
N PRO K 162 -24.93 -65.06 -16.18
CA PRO K 162 -24.56 -64.22 -17.33
C PRO K 162 -23.69 -63.05 -16.90
N THR K 163 -22.77 -62.66 -17.78
CA THR K 163 -21.85 -61.55 -17.53
C THR K 163 -21.91 -60.54 -18.67
N GLU K 164 -21.19 -59.44 -18.50
CA GLU K 164 -21.12 -58.41 -19.53
C GLU K 164 -20.35 -58.90 -20.75
N GLU K 165 -19.39 -59.80 -20.51
CA GLU K 165 -18.58 -60.35 -21.62
C GLU K 165 -19.49 -61.24 -22.47
N GLU K 166 -19.66 -60.90 -23.75
CA GLU K 166 -20.57 -61.67 -24.63
C GLU K 166 -19.90 -61.93 -25.98
N ILE K 167 -20.22 -63.07 -26.61
CA ILE K 167 -19.67 -63.37 -27.97
C ILE K 167 -20.74 -63.08 -29.01
N ASP K 168 -20.33 -62.90 -30.27
CA ASP K 168 -21.25 -62.62 -31.36
C ASP K 168 -21.91 -63.89 -31.91
N MET K 169 -23.17 -63.77 -32.30
CA MET K 169 -23.90 -64.89 -32.90
C MET K 169 -24.63 -64.43 -34.15
N HIS K 170 -24.69 -65.30 -35.15
CA HIS K 170 -25.30 -64.94 -36.43
C HIS K 170 -25.81 -66.19 -37.14
N THR K 171 -26.58 -65.96 -38.21
CA THR K 171 -27.18 -67.07 -38.96
C THR K 171 -26.09 -67.87 -39.70
N PRO K 172 -26.23 -69.19 -39.79
CA PRO K 172 -25.24 -69.97 -40.52
C PRO K 172 -25.27 -69.65 -42.01
N PRO K 173 -24.16 -69.78 -42.70
CA PRO K 173 -24.12 -69.52 -44.15
C PRO K 173 -24.58 -70.73 -44.94
N ASP K 174 -24.52 -70.60 -46.26
CA ASP K 174 -24.87 -71.69 -47.16
C ASP K 174 -23.86 -72.82 -47.00
N ILE K 175 -24.39 -74.04 -46.87
CA ILE K 175 -23.53 -75.25 -46.65
C ILE K 175 -23.59 -76.14 -47.91
N PRO K 176 -22.64 -76.08 -48.88
CA PRO K 176 -22.72 -76.90 -50.08
C PRO K 176 -22.46 -78.37 -49.79
N ASP K 177 -22.96 -79.24 -50.67
CA ASP K 177 -22.81 -80.71 -50.49
C ASP K 177 -22.95 -81.41 -51.84
N ILE K 178 -21.85 -81.96 -52.37
CA ILE K 178 -21.86 -82.67 -53.69
C ILE K 178 -22.74 -83.93 -53.62
N THR K 179 -22.79 -84.60 -52.47
CA THR K 179 -23.50 -85.90 -52.36
C THR K 179 -25.00 -85.77 -52.70
N LEU K 180 -25.64 -84.67 -52.28
CA LEU K 180 -27.11 -84.51 -52.51
C LEU K 180 -27.45 -84.77 -53.99
N LEU K 181 -26.51 -84.53 -54.91
CA LEU K 181 -26.80 -84.66 -56.33
C LEU K 181 -26.59 -86.09 -56.80
N SER K 182 -27.47 -86.56 -57.67
CA SER K 182 -27.30 -87.82 -58.38
C SER K 182 -27.63 -87.62 -59.84
N GLN K 183 -26.78 -88.17 -60.72
CA GLN K 183 -26.93 -87.95 -62.16
C GLN K 183 -27.99 -88.88 -62.71
N GLN K 184 -29.02 -88.31 -63.31
CA GLN K 184 -30.06 -89.06 -63.99
C GLN K 184 -30.27 -88.48 -65.39
N SER K 185 -30.72 -89.33 -66.31
CA SER K 185 -30.95 -88.91 -67.69
C SER K 185 -32.03 -87.85 -67.77
N GLY K 186 -31.64 -86.64 -68.13
CA GLY K 186 -32.59 -85.54 -68.24
C GLY K 186 -32.88 -84.85 -66.92
N ASN K 187 -33.68 -85.47 -66.06
CA ASN K 187 -34.02 -84.89 -64.76
C ASN K 187 -32.96 -85.30 -63.75
N VAL K 188 -31.96 -84.43 -63.57
CA VAL K 188 -30.94 -84.63 -62.55
C VAL K 188 -31.58 -84.45 -61.17
N LYS K 189 -31.51 -85.49 -60.33
CA LYS K 189 -32.28 -85.45 -59.06
C LYS K 189 -31.61 -84.69 -57.92
N ILE K 190 -32.37 -83.81 -57.25
CA ILE K 190 -31.84 -83.14 -56.03
C ILE K 190 -32.64 -83.76 -54.88
N THR K 191 -31.96 -84.47 -53.97
CA THR K 191 -32.68 -85.17 -52.88
C THR K 191 -32.72 -84.26 -51.64
N ALA K 192 -33.90 -83.89 -51.16
CA ALA K 192 -34.00 -83.09 -49.93
C ALA K 192 -34.56 -83.96 -48.81
N GLY K 193 -33.70 -84.44 -47.92
CA GLY K 193 -34.22 -85.20 -46.75
C GLY K 193 -35.03 -84.27 -45.88
N GLY K 194 -34.52 -83.05 -45.66
CA GLY K 194 -35.25 -82.04 -44.88
C GLY K 194 -34.65 -80.67 -45.08
N LYS K 195 -35.31 -79.60 -44.60
CA LYS K 195 -34.76 -78.22 -44.65
C LYS K 195 -34.80 -77.61 -46.07
N THR K 196 -34.13 -76.47 -46.26
CA THR K 196 -34.14 -75.74 -47.56
C THR K 196 -32.81 -75.93 -48.29
N ILE K 197 -32.84 -76.35 -49.55
CA ILE K 197 -31.68 -76.58 -50.40
C ILE K 197 -31.72 -75.60 -51.56
N ARG K 198 -30.61 -74.92 -51.81
CA ARG K 198 -30.49 -73.94 -52.88
C ARG K 198 -29.61 -74.49 -53.99
N TYR K 199 -29.99 -74.25 -55.25
CA TYR K 199 -29.19 -74.70 -56.38
C TYR K 199 -29.10 -73.58 -57.41
N ASN K 200 -28.12 -73.70 -58.30
CA ASN K 200 -28.03 -72.83 -59.46
C ASN K 200 -27.28 -73.59 -60.54
N CYS K 201 -27.94 -73.79 -61.68
CA CYS K 201 -27.33 -74.56 -62.80
C CYS K 201 -27.07 -73.62 -63.97
N THR K 202 -25.99 -73.87 -64.73
CA THR K 202 -25.67 -73.05 -65.93
C THR K 202 -26.81 -73.20 -66.95
N CYS K 203 -27.33 -74.41 -67.12
CA CYS K 203 -28.42 -74.67 -68.08
C CYS K 203 -29.58 -75.38 -67.37
N GLY K 204 -30.80 -75.24 -67.90
CA GLY K 204 -31.98 -75.86 -67.24
C GLY K 204 -32.70 -74.85 -66.34
N SER K 205 -32.64 -75.05 -65.02
CA SER K 205 -33.39 -74.16 -64.09
C SER K 205 -32.42 -73.34 -63.23
N GLY K 206 -32.08 -73.85 -62.04
CA GLY K 206 -31.22 -73.09 -61.11
C GLY K 206 -32.01 -72.03 -60.41
N ASN K 207 -31.58 -70.78 -60.55
CA ASN K 207 -32.38 -69.69 -59.97
C ASN K 207 -32.48 -69.95 -58.47
N VAL K 208 -33.69 -69.91 -57.90
CA VAL K 208 -33.74 -70.16 -56.46
C VAL K 208 -33.92 -71.66 -56.22
N GLY K 209 -33.51 -72.10 -55.03
CA GLY K 209 -33.55 -73.52 -54.71
C GLY K 209 -34.83 -73.99 -54.04
N THR K 210 -35.60 -73.08 -53.47
CA THR K 210 -36.80 -73.42 -52.69
C THR K 210 -36.54 -74.57 -51.74
N THR K 211 -37.49 -75.49 -51.62
CA THR K 211 -37.34 -76.65 -50.76
C THR K 211 -37.83 -77.89 -51.50
N SER K 212 -37.88 -79.01 -50.79
CA SER K 212 -38.38 -80.29 -51.29
C SER K 212 -37.54 -80.82 -52.45
N SER K 213 -37.83 -82.04 -52.89
CA SER K 213 -37.10 -82.67 -53.99
C SER K 213 -37.65 -82.21 -55.32
N ASP K 214 -36.76 -81.95 -56.27
CA ASP K 214 -37.14 -81.49 -57.60
C ASP K 214 -36.36 -82.26 -58.65
N LYS K 215 -36.94 -82.34 -59.84
CA LYS K 215 -36.36 -83.10 -60.96
C LYS K 215 -36.01 -82.10 -62.06
N THR K 216 -34.79 -81.56 -62.02
CA THR K 216 -34.40 -80.51 -62.93
C THR K 216 -33.95 -81.09 -64.27
N ILE K 217 -34.60 -80.65 -65.34
CA ILE K 217 -34.26 -81.07 -66.70
C ILE K 217 -32.98 -80.36 -67.13
N ASN K 218 -31.94 -81.14 -67.40
CA ASN K 218 -30.66 -80.63 -67.88
C ASN K 218 -29.74 -81.80 -68.23
N SER K 219 -28.89 -81.58 -69.23
CA SER K 219 -27.86 -82.56 -69.59
C SER K 219 -26.52 -82.28 -68.94
N CYS K 220 -26.43 -81.25 -68.10
CA CYS K 220 -25.18 -80.93 -67.42
C CYS K 220 -24.77 -81.99 -66.42
N LYS K 221 -25.71 -82.81 -65.97
CA LYS K 221 -25.44 -83.95 -65.08
C LYS K 221 -24.90 -83.37 -63.77
N ILE K 222 -23.92 -84.03 -63.15
CA ILE K 222 -23.31 -83.49 -61.93
C ILE K 222 -22.58 -82.19 -62.21
N ALA K 223 -21.88 -82.13 -63.35
CA ALA K 223 -21.14 -80.93 -63.71
C ALA K 223 -22.11 -79.76 -63.95
N GLN K 224 -21.58 -78.55 -63.76
CA GLN K 224 -22.35 -77.31 -63.90
C GLN K 224 -23.55 -77.28 -62.95
N CYS K 225 -23.49 -78.04 -61.86
CA CYS K 225 -24.58 -78.13 -60.91
C CYS K 225 -24.04 -78.48 -59.54
N HIS K 226 -24.54 -77.76 -58.53
CA HIS K 226 -24.15 -78.00 -57.11
C HIS K 226 -25.25 -77.39 -56.23
N ALA K 227 -25.45 -77.89 -55.02
CA ALA K 227 -26.50 -77.40 -54.14
C ALA K 227 -25.94 -77.10 -52.75
N ALA K 228 -26.62 -76.23 -52.02
CA ALA K 228 -26.21 -75.84 -50.68
C ALA K 228 -27.42 -75.72 -49.78
N VAL K 229 -27.27 -76.13 -48.52
CA VAL K 229 -28.35 -76.03 -47.54
C VAL K 229 -28.39 -74.62 -46.97
N THR K 230 -29.59 -74.06 -46.87
CA THR K 230 -29.77 -72.71 -46.34
C THR K 230 -31.01 -72.68 -45.44
N ASN K 231 -31.24 -71.51 -44.84
CA ASN K 231 -32.29 -71.32 -43.83
C ASN K 231 -32.14 -72.31 -42.68
N HIS K 232 -31.01 -72.18 -41.97
CA HIS K 232 -30.85 -72.87 -40.70
C HIS K 232 -31.58 -72.12 -39.60
N ASP K 233 -32.49 -72.80 -38.92
CA ASP K 233 -33.34 -72.14 -37.93
C ASP K 233 -32.54 -71.69 -36.70
N LYS K 234 -31.47 -72.41 -36.37
CA LYS K 234 -30.63 -72.03 -35.25
C LYS K 234 -29.54 -71.06 -35.72
N TRP K 235 -28.57 -70.79 -34.86
CA TRP K 235 -27.57 -69.77 -35.09
C TRP K 235 -26.16 -70.31 -34.90
N GLN K 236 -25.20 -69.66 -35.55
CA GLN K 236 -23.79 -70.00 -35.51
C GLN K 236 -23.01 -68.92 -34.78
N TYR K 237 -21.88 -69.29 -34.22
CA TYR K 237 -20.92 -68.30 -33.75
C TYR K 237 -20.10 -67.79 -34.93
N THR K 238 -19.87 -66.47 -34.95
CA THR K 238 -19.13 -65.85 -36.06
C THR K 238 -17.65 -66.18 -35.93
N SER K 239 -17.33 -67.45 -36.15
CA SER K 239 -15.95 -67.90 -36.08
C SER K 239 -15.16 -67.40 -37.29
N SER K 240 -13.86 -67.22 -37.09
CA SER K 240 -13.00 -66.76 -38.16
C SER K 240 -12.80 -67.82 -39.25
N PHE K 241 -13.17 -69.07 -38.99
CA PHE K 241 -12.98 -70.16 -39.94
C PHE K 241 -14.27 -70.52 -40.68
N VAL K 242 -15.31 -69.71 -40.55
CA VAL K 242 -16.57 -69.95 -41.24
C VAL K 242 -16.95 -68.68 -42.01
N PRO K 243 -17.37 -68.79 -43.27
CA PRO K 243 -17.74 -67.58 -44.03
C PRO K 243 -18.95 -66.89 -43.43
N ARG K 244 -19.00 -65.57 -43.60
CA ARG K 244 -20.12 -64.78 -43.15
C ARG K 244 -21.30 -64.96 -44.12
N ALA K 245 -22.50 -65.07 -43.56
CA ALA K 245 -23.68 -65.21 -44.40
C ALA K 245 -24.00 -63.91 -45.12
N ASP K 246 -23.84 -62.77 -44.44
CA ASP K 246 -24.28 -61.49 -44.97
C ASP K 246 -23.68 -60.35 -44.15
N GLN K 247 -23.64 -59.17 -44.76
CA GLN K 247 -23.19 -57.94 -44.10
C GLN K 247 -24.31 -57.25 -43.33
N LEU K 248 -24.98 -57.98 -42.46
CA LEU K 248 -26.00 -57.42 -41.60
C LEU K 248 -25.51 -57.47 -40.17
N SER K 249 -26.22 -56.78 -39.29
CA SER K 249 -25.91 -56.86 -37.87
C SER K 249 -26.18 -58.28 -37.37
N ARG K 250 -25.42 -58.64 -36.32
CA ARG K 250 -25.53 -59.98 -35.73
C ARG K 250 -26.96 -60.26 -35.27
N LYS K 251 -27.29 -61.53 -35.09
CA LYS K 251 -28.66 -61.92 -34.72
C LYS K 251 -28.80 -62.30 -33.25
N GLY K 252 -28.12 -63.35 -32.81
CA GLY K 252 -28.23 -63.84 -31.45
C GLY K 252 -27.15 -63.21 -30.58
N LYS K 253 -27.14 -63.57 -29.28
CA LYS K 253 -26.18 -62.95 -28.34
C LYS K 253 -25.92 -63.92 -27.19
N VAL K 254 -24.67 -64.35 -27.00
CA VAL K 254 -24.39 -65.34 -25.95
C VAL K 254 -23.26 -64.83 -25.07
N HIS K 255 -23.44 -64.91 -23.75
CA HIS K 255 -22.47 -64.41 -22.80
C HIS K 255 -21.31 -65.40 -22.61
N VAL K 256 -20.22 -64.89 -22.06
CA VAL K 256 -19.06 -65.70 -21.70
C VAL K 256 -19.10 -65.97 -20.21
N PRO K 257 -19.26 -67.22 -19.78
CA PRO K 257 -19.31 -67.52 -18.35
C PRO K 257 -17.93 -67.45 -17.69
N PHE K 258 -17.90 -67.80 -16.41
CA PHE K 258 -16.69 -67.81 -15.59
C PHE K 258 -16.02 -66.44 -15.58
N PRO K 259 -16.64 -65.43 -14.98
CA PRO K 259 -16.02 -64.10 -14.95
C PRO K 259 -14.82 -64.07 -14.02
N LEU K 260 -13.91 -63.14 -14.29
CA LEU K 260 -12.76 -62.94 -13.44
C LEU K 260 -13.19 -62.28 -12.13
N THR K 261 -12.82 -62.90 -11.01
CA THR K 261 -13.21 -62.40 -9.70
C THR K 261 -11.98 -62.37 -8.79
N ASN K 262 -12.04 -61.48 -7.80
CA ASN K 262 -10.93 -61.34 -6.82
C ASN K 262 -10.91 -62.58 -5.94
N SER K 263 -9.71 -63.07 -5.62
CA SER K 263 -9.54 -64.27 -4.80
C SER K 263 -8.14 -64.27 -4.19
N THR K 264 -7.83 -65.35 -3.45
CA THR K 264 -6.49 -65.51 -2.81
C THR K 264 -6.06 -66.97 -2.99
N CYS K 265 -4.76 -67.22 -3.08
CA CYS K 265 -4.24 -68.61 -3.22
C CYS K 265 -3.21 -68.91 -2.12
N ARG K 266 -3.26 -70.10 -1.52
CA ARG K 266 -2.25 -70.47 -0.51
C ARG K 266 -0.88 -70.55 -1.21
N VAL K 267 0.16 -69.98 -0.60
CA VAL K 267 1.52 -70.09 -1.18
C VAL K 267 2.47 -70.73 -0.15
N PRO K 268 3.53 -71.49 -0.55
CA PRO K 268 4.46 -72.04 0.44
C PRO K 268 5.32 -70.95 1.07
N VAL K 269 5.79 -71.23 2.27
CA VAL K 269 6.68 -70.33 3.01
C VAL K 269 8.03 -71.01 3.14
N ALA K 270 9.08 -70.33 2.71
CA ALA K 270 10.41 -70.91 2.75
C ALA K 270 10.93 -71.00 4.18
N ARG K 271 11.84 -71.94 4.40
CA ARG K 271 12.48 -72.08 5.70
C ARG K 271 13.34 -70.88 6.03
N ALA K 272 13.43 -70.57 7.31
CA ALA K 272 14.25 -69.45 7.75
C ALA K 272 15.71 -69.76 7.49
N PRO K 273 16.43 -68.89 6.78
CA PRO K 273 17.84 -69.17 6.48
C PRO K 273 18.68 -69.16 7.75
N GLY K 274 19.75 -69.97 7.75
CA GLY K 274 20.69 -69.94 8.89
C GLY K 274 21.54 -68.69 8.77
N VAL K 275 21.46 -67.78 9.74
CA VAL K 275 22.17 -66.47 9.58
C VAL K 275 23.39 -66.43 10.51
N THR K 276 24.57 -66.10 9.94
CA THR K 276 25.79 -65.94 10.78
C THR K 276 26.20 -64.47 10.71
N TYR K 277 26.45 -63.84 11.86
CA TYR K 277 26.76 -62.38 11.88
C TYR K 277 28.28 -62.18 11.91
N GLY K 278 28.80 -61.39 10.96
CA GLY K 278 30.26 -61.14 10.93
C GLY K 278 30.50 -59.66 10.91
N LYS K 279 31.73 -59.18 10.87
CA LYS K 279 31.89 -57.72 10.99
C LYS K 279 31.42 -57.07 9.70
N ARG K 280 30.34 -56.28 9.78
CA ARG K 280 29.88 -55.53 8.62
C ARG K 280 29.63 -56.50 7.48
N GLU K 281 29.21 -57.74 7.79
CA GLU K 281 28.93 -58.77 6.75
C GLU K 281 27.91 -59.77 7.30
N LEU K 282 26.94 -60.17 6.47
CA LEU K 282 25.96 -61.21 6.89
C LEU K 282 26.07 -62.38 5.90
N THR K 283 26.23 -63.61 6.39
CA THR K 283 26.28 -64.78 5.49
C THR K 283 25.03 -65.63 5.72
N VAL K 284 24.31 -66.00 4.65
CA VAL K 284 23.04 -66.75 4.82
C VAL K 284 23.16 -68.13 4.17
N LYS K 285 22.83 -69.19 4.91
CA LYS K 285 22.81 -70.55 4.30
C LYS K 285 21.44 -70.67 3.63
N LEU K 286 21.39 -70.72 2.30
CA LEU K 286 20.04 -70.69 1.64
C LEU K 286 19.59 -72.12 1.35
N HIS K 287 18.44 -72.49 1.91
CA HIS K 287 17.88 -73.85 1.68
C HIS K 287 16.55 -73.69 0.94
N PRO K 288 16.45 -73.63 -0.42
CA PRO K 288 15.16 -73.50 -1.06
C PRO K 288 14.60 -74.88 -1.38
N ASP K 289 13.66 -74.96 -2.34
CA ASP K 289 13.02 -76.25 -2.70
C ASP K 289 12.66 -76.11 -4.17
N HIS K 290 12.18 -74.92 -4.53
CA HIS K 290 11.86 -74.61 -5.94
C HIS K 290 12.36 -73.17 -6.12
N PRO K 291 12.71 -72.69 -7.33
CA PRO K 291 13.28 -71.35 -7.48
C PRO K 291 12.70 -70.35 -6.48
N THR K 292 13.51 -69.93 -5.50
CA THR K 292 13.08 -68.97 -4.49
C THR K 292 13.83 -67.66 -4.69
N LEU K 293 13.11 -66.55 -4.53
CA LEU K 293 13.66 -65.23 -4.76
C LEU K 293 14.26 -64.67 -3.47
N LEU K 294 15.53 -64.28 -3.52
CA LEU K 294 16.22 -63.65 -2.41
C LEU K 294 16.42 -62.18 -2.76
N THR K 295 16.00 -61.29 -1.86
CA THR K 295 16.09 -59.86 -2.10
C THR K 295 16.53 -59.13 -0.84
N TYR K 296 17.48 -58.21 -1.02
CA TYR K 296 17.86 -57.28 0.04
C TYR K 296 18.29 -55.95 -0.56
N ARG K 297 18.26 -54.93 0.29
CA ARG K 297 18.61 -53.56 -0.06
C ARG K 297 19.13 -52.87 1.18
N SER K 298 19.93 -51.83 0.98
CA SER K 298 20.44 -51.05 2.09
C SER K 298 19.39 -50.04 2.56
N LEU K 299 19.40 -49.76 3.87
CA LEU K 299 18.45 -48.84 4.49
C LEU K 299 18.96 -47.41 4.54
N GLY K 300 20.10 -47.13 3.90
CA GLY K 300 20.71 -45.81 3.93
C GLY K 300 20.36 -44.97 2.72
N ALA K 301 21.18 -43.94 2.52
CA ALA K 301 20.92 -42.98 1.44
C ALA K 301 21.04 -43.60 0.07
N ASP K 302 22.03 -44.48 -0.12
CA ASP K 302 22.29 -45.06 -1.44
C ASP K 302 22.07 -46.57 -1.33
N PRO K 303 20.91 -47.08 -1.70
CA PRO K 303 20.70 -48.52 -1.60
C PRO K 303 21.43 -49.26 -2.73
N ARG K 304 21.72 -50.53 -2.46
CA ARG K 304 22.33 -51.43 -3.45
C ARG K 304 21.47 -52.68 -3.53
N PRO K 305 20.37 -52.63 -4.26
CA PRO K 305 19.45 -53.78 -4.32
C PRO K 305 20.08 -54.97 -5.02
N TYR K 306 19.54 -56.15 -4.73
CA TYR K 306 20.05 -57.41 -5.22
C TYR K 306 18.92 -58.21 -5.87
N GLU K 307 19.30 -59.14 -6.73
CA GLU K 307 18.37 -60.12 -7.28
C GLU K 307 19.12 -61.41 -7.59
N GLU K 308 18.53 -62.53 -7.21
CA GLU K 308 18.97 -63.85 -7.65
C GLU K 308 17.89 -64.86 -7.29
N TRP K 309 17.56 -65.74 -8.25
CA TRP K 309 16.59 -66.83 -7.96
C TRP K 309 17.37 -68.05 -7.49
N ILE K 310 16.98 -68.64 -6.36
CA ILE K 310 17.77 -69.76 -5.77
C ILE K 310 16.99 -71.08 -5.93
N ASP K 311 17.55 -72.04 -6.68
CA ASP K 311 16.91 -73.37 -6.81
C ASP K 311 17.79 -74.42 -6.15
N ARG K 312 19.04 -74.06 -5.81
CA ARG K 312 20.00 -75.02 -5.21
C ARG K 312 20.71 -74.35 -4.03
N TYR K 313 21.15 -75.15 -3.05
CA TYR K 313 21.83 -74.60 -1.84
C TYR K 313 23.02 -73.75 -2.24
N VAL K 314 22.97 -72.45 -1.92
CA VAL K 314 24.14 -71.56 -2.18
C VAL K 314 24.41 -70.76 -0.90
N GLU K 315 25.65 -70.36 -0.67
CA GLU K 315 25.93 -69.50 0.51
C GLU K 315 26.13 -68.07 0.00
N ARG K 316 25.30 -67.13 0.44
CA ARG K 316 25.38 -65.74 -0.08
C ARG K 316 25.86 -64.80 1.03
N THR K 317 26.77 -63.89 0.69
CA THR K 317 27.30 -62.91 1.68
C THR K 317 26.64 -61.55 1.43
N ILE K 318 26.17 -60.90 2.50
CA ILE K 318 25.44 -59.60 2.36
C ILE K 318 26.22 -58.53 3.12
N PRO K 319 26.59 -57.38 2.51
CA PRO K 319 27.23 -56.30 3.27
C PRO K 319 26.21 -55.68 4.23
N VAL K 320 26.60 -55.47 5.50
CA VAL K 320 25.69 -54.82 6.49
C VAL K 320 26.37 -53.56 7.01
N THR K 321 25.65 -52.44 7.06
CA THR K 321 26.29 -51.16 7.47
C THR K 321 25.58 -50.58 8.70
N GLU K 322 26.07 -49.44 9.21
CA GLU K 322 25.43 -48.76 10.32
C GLU K 322 23.95 -48.47 10.04
N ASP K 323 23.65 -48.06 8.81
CA ASP K 323 22.24 -47.76 8.40
C ASP K 323 21.45 -49.07 8.39
N GLY K 324 22.11 -50.20 8.13
CA GLY K 324 21.50 -51.51 8.17
C GLY K 324 20.92 -51.91 6.83
N ILE K 325 20.38 -53.12 6.81
CA ILE K 325 19.75 -53.70 5.64
C ILE K 325 18.37 -54.18 6.03
N GLU K 326 17.61 -54.62 5.02
CA GLU K 326 16.43 -55.43 5.23
C GLU K 326 16.36 -56.45 4.10
N TYR K 327 16.48 -57.73 4.46
CA TYR K 327 16.48 -58.81 3.49
C TYR K 327 15.19 -59.60 3.63
N ARG K 328 14.65 -59.96 2.46
CA ARG K 328 13.42 -60.80 2.41
C ARG K 328 13.76 -62.01 1.55
N TRP K 329 13.30 -63.20 1.94
CA TRP K 329 13.60 -64.46 1.28
C TRP K 329 12.30 -65.25 1.15
N GLY K 330 11.90 -65.53 -0.09
CA GLY K 330 10.65 -66.22 -0.32
C GLY K 330 9.46 -65.37 0.09
N ASN K 331 8.42 -66.04 0.61
CA ASN K 331 7.22 -65.38 1.10
C ASN K 331 7.33 -64.97 2.56
N ASN K 332 8.49 -65.16 3.18
CA ASN K 332 8.66 -64.78 4.57
C ASN K 332 8.59 -63.26 4.72
N PRO K 333 8.14 -62.77 5.87
CA PRO K 333 8.12 -61.32 6.10
C PRO K 333 9.51 -60.75 6.12
N PRO K 334 9.69 -59.48 5.76
CA PRO K 334 11.03 -58.90 5.73
C PRO K 334 11.69 -58.87 7.10
N VAL K 335 13.01 -59.00 7.10
CA VAL K 335 13.81 -59.00 8.31
C VAL K 335 14.83 -57.87 8.21
N ARG K 336 14.86 -57.00 9.23
CA ARG K 336 15.76 -55.86 9.26
C ARG K 336 16.86 -56.10 10.28
N LEU K 337 18.10 -55.87 9.86
CA LEU K 337 19.27 -56.05 10.71
C LEU K 337 20.15 -54.81 10.64
N TRP K 338 20.76 -54.45 11.76
CA TRP K 338 21.69 -53.33 11.85
C TRP K 338 23.02 -53.80 12.42
N ALA K 339 24.08 -53.11 12.02
CA ALA K 339 25.44 -53.46 12.44
C ALA K 339 25.86 -52.55 13.59
N GLN K 340 26.44 -53.19 14.62
CA GLN K 340 26.88 -52.42 15.80
C GLN K 340 28.34 -51.98 15.62
N LEU K 341 28.86 -51.22 16.58
CA LEU K 341 30.22 -50.70 16.53
C LEU K 341 31.17 -51.69 17.19
N THR K 342 31.51 -52.74 16.44
CA THR K 342 32.40 -53.79 16.91
C THR K 342 33.76 -53.65 16.25
N THR K 343 34.81 -54.17 16.92
CA THR K 343 36.21 -54.08 16.41
C THR K 343 37.12 -54.88 17.35
N GLU K 344 38.35 -55.15 16.93
CA GLU K 344 39.32 -55.94 17.75
C GLU K 344 40.19 -55.01 18.60
N GLY K 345 40.02 -53.70 18.49
CA GLY K 345 40.88 -52.75 19.21
C GLY K 345 40.50 -52.59 20.68
N LYS K 346 41.46 -52.13 21.49
CA LYS K 346 41.23 -51.89 22.94
C LYS K 346 40.87 -50.41 23.11
N PRO K 347 39.79 -50.02 23.84
CA PRO K 347 39.39 -48.59 23.87
C PRO K 347 40.28 -47.70 24.73
N HIS K 348 40.60 -48.10 25.96
CA HIS K 348 41.35 -47.27 26.89
C HIS K 348 42.60 -47.99 27.37
N GLY K 349 43.35 -48.55 26.43
CA GLY K 349 44.63 -49.15 26.74
C GLY K 349 45.80 -48.28 26.32
N TRP K 350 46.81 -48.92 25.74
CA TRP K 350 47.97 -48.22 25.20
C TRP K 350 47.57 -47.44 23.95
N PRO K 351 48.39 -46.47 23.52
CA PRO K 351 48.03 -45.67 22.34
C PRO K 351 47.79 -46.50 21.07
N HIS K 352 48.60 -47.54 20.84
CA HIS K 352 48.48 -48.27 19.58
C HIS K 352 47.21 -49.11 19.55
N GLU K 353 46.80 -49.60 20.72
CA GLU K 353 45.52 -50.36 20.81
C GLU K 353 44.37 -49.40 20.51
N ILE K 354 44.51 -48.13 20.89
CA ILE K 354 43.50 -47.12 20.58
C ILE K 354 43.52 -46.82 19.07
N ILE K 355 44.71 -46.81 18.46
CA ILE K 355 44.81 -46.69 17.02
C ILE K 355 44.01 -47.80 16.35
N LEU K 356 44.21 -49.04 16.83
CA LEU K 356 43.50 -50.21 16.24
C LEU K 356 41.99 -50.08 16.46
N TYR K 357 41.58 -49.59 17.64
CA TYR K 357 40.16 -49.47 17.94
C TYR K 357 39.49 -48.50 16.98
N TYR K 358 40.07 -47.32 16.79
CA TYR K 358 39.52 -46.35 15.86
C TYR K 358 39.85 -46.66 14.41
N TYR K 359 40.62 -47.71 14.14
CA TYR K 359 40.80 -48.16 12.77
C TYR K 359 39.81 -49.25 12.38
N GLY K 360 39.47 -50.14 13.30
CA GLY K 360 38.50 -51.18 13.00
C GLY K 360 37.14 -50.62 12.65
N LEU K 361 36.78 -49.48 13.24
CA LEU K 361 35.63 -48.70 12.84
C LEU K 361 36.13 -47.37 12.29
N TYR K 362 35.64 -47.00 11.10
CA TYR K 362 36.09 -45.77 10.40
C TYR K 362 37.57 -45.90 10.00
N PRO K 363 37.93 -46.88 9.15
CA PRO K 363 39.35 -47.13 8.78
C PRO K 363 40.08 -46.03 8.01
N ALA K 364 39.44 -45.44 6.99
CA ALA K 364 40.14 -44.45 6.14
C ALA K 364 40.32 -43.14 6.90
N ALA K 365 39.29 -42.65 7.58
CA ALA K 365 39.46 -41.33 8.23
C ALA K 365 40.48 -41.46 9.37
N THR K 366 40.85 -42.69 9.76
CA THR K 366 41.91 -42.89 10.78
C THR K 366 43.31 -42.91 10.18
N ILE K 367 43.54 -43.62 9.10
CA ILE K 367 44.94 -43.66 8.60
C ILE K 367 45.32 -42.22 8.34
N ALA K 368 44.43 -41.45 7.74
CA ALA K 368 44.80 -40.07 7.40
C ALA K 368 45.14 -39.32 8.67
N ALA K 369 44.34 -39.46 9.71
CA ALA K 369 44.59 -38.66 10.92
C ALA K 369 45.91 -39.04 11.56
N VAL K 370 46.24 -40.32 11.60
CA VAL K 370 47.56 -40.72 12.15
C VAL K 370 48.68 -40.17 11.27
N SER K 371 48.54 -40.29 9.96
CA SER K 371 49.62 -39.83 9.05
C SER K 371 49.77 -38.32 9.18
N ALA K 372 48.65 -37.60 9.26
CA ALA K 372 48.72 -36.13 9.32
C ALA K 372 49.42 -35.75 10.61
N ALA K 373 49.11 -36.45 11.68
CA ALA K 373 49.82 -36.18 12.96
C ALA K 373 51.29 -36.50 12.79
N GLY K 374 51.58 -37.57 12.05
CA GLY K 374 52.97 -37.99 11.89
C GLY K 374 53.74 -36.88 11.22
N LEU K 375 53.14 -36.25 10.22
CA LEU K 375 53.82 -35.10 9.61
C LEU K 375 54.01 -34.04 10.68
N ALA K 376 52.98 -33.75 11.47
CA ALA K 376 53.10 -32.64 12.44
C ALA K 376 54.15 -32.93 13.50
N VAL K 377 54.19 -34.14 14.04
CA VAL K 377 55.15 -34.37 15.15
C VAL K 377 56.53 -34.22 14.54
N VAL K 378 56.71 -34.81 13.37
CA VAL K 378 58.07 -34.76 12.76
C VAL K 378 58.38 -33.28 12.55
N LEU K 379 57.43 -32.53 12.02
CA LEU K 379 57.73 -31.13 11.68
C LEU K 379 58.04 -30.33 12.94
N SER K 380 57.29 -30.52 14.02
CA SER K 380 57.53 -29.65 15.20
C SER K 380 58.93 -29.93 15.72
N LEU K 381 59.34 -31.19 15.79
CA LEU K 381 60.74 -31.43 16.20
C LEU K 381 61.71 -30.84 15.17
N LEU K 382 61.49 -31.06 13.88
CA LEU K 382 62.46 -30.59 12.87
C LEU K 382 62.50 -29.06 12.87
N ALA K 383 61.34 -28.41 12.96
CA ALA K 383 61.34 -26.93 13.04
C ALA K 383 62.00 -26.51 14.33
N SER K 384 61.74 -27.21 15.43
CA SER K 384 62.31 -26.71 16.70
C SER K 384 63.80 -26.77 16.53
N CYS K 385 64.28 -27.83 15.88
CA CYS K 385 65.72 -27.97 15.62
C CYS K 385 66.18 -26.91 14.61
N TYR K 386 65.56 -26.83 13.41
CA TYR K 386 66.17 -25.86 12.51
C TYR K 386 66.32 -24.49 13.16
N MET K 387 65.26 -24.02 13.84
CA MET K 387 65.32 -22.67 14.48
C MET K 387 66.33 -22.69 15.61
N PHE K 388 66.43 -23.81 16.35
CA PHE K 388 67.46 -23.97 17.36
C PHE K 388 68.86 -23.90 16.76
N ALA K 389 69.08 -24.58 15.64
CA ALA K 389 70.38 -24.53 14.98
C ALA K 389 70.68 -23.13 14.47
N THR K 390 69.64 -22.41 14.04
CA THR K 390 69.83 -21.00 13.69
C THR K 390 70.31 -20.20 14.89
N ALA K 391 69.72 -20.44 16.07
CA ALA K 391 70.18 -19.76 17.28
C ALA K 391 71.64 -20.11 17.57
N ARG K 392 72.00 -21.39 17.44
CA ARG K 392 73.37 -21.79 17.72
C ARG K 392 74.36 -21.12 16.76
N ARG K 393 74.06 -21.14 15.46
CA ARG K 393 74.91 -20.48 14.48
C ARG K 393 75.05 -19.01 14.81
N LYS K 394 73.94 -18.35 15.14
CA LYS K 394 73.97 -16.89 15.42
C LYS K 394 75.03 -16.61 16.50
N CYS K 395 74.98 -17.34 17.62
CA CYS K 395 75.91 -17.07 18.76
C CYS K 395 77.35 -17.45 18.42
N LEU K 396 77.56 -18.51 17.66
CA LEU K 396 78.95 -19.01 17.43
C LEU K 396 79.67 -18.37 16.23
N THR K 397 78.95 -17.74 15.30
CA THR K 397 79.67 -17.24 14.12
C THR K 397 80.80 -16.28 14.47
N PRO K 398 80.59 -15.22 15.29
CA PRO K 398 81.65 -14.21 15.45
C PRO K 398 82.97 -14.72 16.01
N TYR K 399 82.94 -15.68 16.95
CA TYR K 399 84.19 -16.12 17.56
C TYR K 399 85.09 -16.81 16.57
N ALA K 400 84.55 -17.70 15.73
CA ALA K 400 85.38 -18.28 14.68
C ALA K 400 85.53 -17.32 13.50
N LEU K 401 84.86 -16.16 13.53
CA LEU K 401 85.24 -15.07 12.66
C LEU K 401 86.33 -14.19 13.29
N THR K 402 86.50 -14.27 14.60
CA THR K 402 87.44 -13.39 15.31
C THR K 402 88.88 -13.84 15.05
N PRO K 403 89.78 -12.94 14.60
CA PRO K 403 91.05 -13.39 14.02
C PRO K 403 91.80 -14.40 14.86
N GLY K 404 92.14 -14.06 16.09
CA GLY K 404 92.68 -15.06 16.98
C GLY K 404 91.74 -15.21 18.16
N ALA K 405 91.07 -16.35 18.25
CA ALA K 405 90.06 -16.52 19.28
C ALA K 405 89.77 -18.00 19.45
N VAL K 406 89.65 -18.40 20.71
CA VAL K 406 89.11 -19.70 21.09
C VAL K 406 87.84 -19.45 21.89
N VAL K 407 86.80 -20.20 21.57
CA VAL K 407 85.48 -19.95 22.17
C VAL K 407 85.59 -20.07 23.69
N PRO K 408 85.01 -19.15 24.45
CA PRO K 408 85.01 -19.30 25.92
C PRO K 408 84.34 -20.60 26.32
N VAL K 409 84.87 -21.21 27.38
CA VAL K 409 84.46 -22.56 27.74
C VAL K 409 82.98 -22.60 28.10
N THR K 410 82.46 -21.51 28.68
CA THR K 410 81.04 -21.47 29.03
C THR K 410 80.16 -21.58 27.80
N LEU K 411 80.40 -20.74 26.80
CA LEU K 411 79.64 -20.84 25.56
C LEU K 411 80.10 -22.05 24.74
N GLY K 412 81.32 -22.52 24.95
CA GLY K 412 81.76 -23.72 24.28
C GLY K 412 80.96 -24.95 24.66
N VAL K 413 80.62 -25.06 25.95
CA VAL K 413 79.79 -26.19 26.38
C VAL K 413 78.31 -25.88 26.23
N LEU K 414 77.94 -24.59 26.31
CA LEU K 414 76.49 -24.23 26.28
C LEU K 414 75.92 -24.47 24.88
N CYS K 415 76.78 -24.45 23.85
CA CYS K 415 76.32 -24.57 22.48
C CYS K 415 77.15 -25.56 21.66
N CYS K 416 77.95 -26.41 22.31
CA CYS K 416 78.69 -27.48 21.64
C CYS K 416 79.58 -26.92 20.53
N ALA K 417 80.57 -26.13 20.95
CA ALA K 417 81.49 -25.53 20.01
C ALA K 417 82.22 -26.62 19.21
N PRO K 418 82.50 -26.37 17.93
CA PRO K 418 83.07 -27.43 17.08
C PRO K 418 84.41 -27.95 17.59
N ARG K 419 85.23 -27.10 18.20
CA ARG K 419 86.52 -27.53 18.72
C ARG K 419 86.50 -27.67 20.23
N ARG L 111 106.99 2.95 5.97
CA ARG L 111 106.93 2.12 4.78
C ARG L 111 106.98 0.64 5.13
N MET L 112 107.08 0.34 6.43
CA MET L 112 107.03 -1.05 6.88
C MET L 112 105.66 -1.67 6.67
N CYS L 113 104.59 -0.89 6.84
CA CYS L 113 103.24 -1.40 6.66
C CYS L 113 103.06 -1.98 5.25
N MET L 114 103.74 -1.42 4.25
CA MET L 114 103.58 -1.92 2.89
C MET L 114 104.12 -3.33 2.71
N LYS L 115 105.33 -3.58 3.25
CA LYS L 115 105.97 -4.92 3.15
C LYS L 115 105.15 -5.91 3.99
N ILE L 116 104.60 -5.44 5.12
CA ILE L 116 103.73 -6.29 5.94
C ILE L 116 102.48 -6.66 5.14
N GLU L 117 101.99 -5.72 4.34
CA GLU L 117 100.82 -6.04 3.51
C GLU L 117 101.19 -7.10 2.46
N ASN L 118 102.46 -7.16 2.04
CA ASN L 118 102.77 -8.06 0.90
C ASN L 118 102.48 -9.52 1.21
N ASP L 119 102.96 -10.01 2.35
CA ASP L 119 102.73 -11.43 2.74
C ASP L 119 101.27 -11.64 3.11
N CYS L 120 100.69 -10.72 3.88
CA CYS L 120 99.30 -10.89 4.39
C CYS L 120 98.28 -10.85 3.25
N ILE L 121 98.42 -9.92 2.31
CA ILE L 121 97.37 -9.72 1.27
C ILE L 121 97.27 -10.88 0.30
N PHE L 122 96.07 -11.19 -0.15
CA PHE L 122 95.88 -12.22 -1.20
C PHE L 122 94.87 -11.57 -2.14
N GLU L 123 94.75 -12.09 -3.36
CA GLU L 123 93.88 -11.38 -4.31
C GLU L 123 92.75 -12.30 -4.74
N VAL L 124 91.53 -11.80 -4.66
CA VAL L 124 90.41 -12.60 -5.18
C VAL L 124 89.78 -11.86 -6.37
N LYS L 125 89.59 -12.57 -7.47
CA LYS L 125 89.12 -11.91 -8.70
C LYS L 125 87.94 -12.67 -9.27
N LEU L 126 87.01 -11.97 -9.91
CA LEU L 126 85.88 -12.66 -10.61
C LEU L 126 86.33 -12.88 -12.05
N ASP L 127 86.60 -14.12 -12.43
CA ASP L 127 87.11 -14.41 -13.80
C ASP L 127 88.31 -13.51 -14.05
N GLY L 128 89.14 -13.32 -13.03
CA GLY L 128 90.36 -12.54 -13.24
C GLY L 128 90.13 -11.06 -13.04
N LYS L 129 88.88 -10.62 -12.94
CA LYS L 129 88.75 -9.17 -12.64
C LYS L 129 88.83 -9.07 -11.11
N VAL L 130 89.93 -8.53 -10.58
CA VAL L 130 90.06 -8.57 -9.10
C VAL L 130 88.92 -7.76 -8.51
N THR L 131 88.22 -8.33 -7.54
CA THR L 131 87.15 -7.57 -6.87
C THR L 131 87.60 -7.22 -5.46
N GLY L 132 88.49 -8.03 -4.88
CA GLY L 132 88.85 -7.81 -3.47
C GLY L 132 90.13 -8.51 -3.06
N TYR L 133 90.49 -8.38 -1.78
CA TYR L 133 91.75 -8.97 -1.26
C TYR L 133 91.46 -9.84 -0.03
N ALA L 134 92.30 -10.84 0.22
CA ALA L 134 92.13 -11.71 1.41
C ALA L 134 93.37 -11.61 2.29
N CYS L 135 93.22 -11.31 3.58
CA CYS L 135 94.45 -11.10 4.41
C CYS L 135 94.55 -12.10 5.57
N LEU L 136 95.71 -12.73 5.74
CA LEU L 136 95.90 -13.68 6.86
C LEU L 136 96.13 -12.90 8.15
N VAL L 137 95.32 -13.15 9.18
CA VAL L 137 95.44 -12.44 10.49
C VAL L 137 95.32 -13.52 11.57
N GLY L 138 96.32 -13.65 12.46
CA GLY L 138 96.27 -14.77 13.42
C GLY L 138 96.27 -16.12 12.72
N ASP L 139 95.12 -16.64 12.30
CA ASP L 139 94.97 -17.95 11.61
C ASP L 139 93.77 -17.95 10.65
N LYS L 140 93.14 -16.78 10.45
CA LYS L 140 91.91 -16.72 9.59
C LYS L 140 92.23 -15.94 8.31
N VAL L 141 91.82 -16.43 7.14
CA VAL L 141 92.02 -15.62 5.90
C VAL L 141 90.87 -14.61 5.79
N MET L 142 91.12 -13.33 6.11
CA MET L 142 90.06 -12.28 6.08
C MET L 142 89.67 -11.99 4.63
N LYS L 143 88.58 -12.60 4.18
CA LYS L 143 88.06 -12.39 2.81
C LYS L 143 86.64 -11.81 2.96
N PRO L 144 86.28 -10.64 2.38
CA PRO L 144 84.90 -10.15 2.50
C PRO L 144 83.93 -11.00 1.70
N ALA L 145 82.71 -11.14 2.25
CA ALA L 145 81.74 -12.04 1.65
C ALA L 145 81.27 -11.55 0.29
N HIS L 146 81.19 -10.23 0.10
CA HIS L 146 80.67 -9.71 -1.16
C HIS L 146 81.57 -10.00 -2.34
N VAL L 147 82.85 -10.25 -2.07
CA VAL L 147 83.84 -10.49 -3.16
C VAL L 147 83.59 -11.86 -3.78
N LYS L 148 83.30 -11.90 -5.08
CA LYS L 148 83.08 -13.15 -5.79
C LYS L 148 84.36 -13.47 -6.56
N GLY L 149 84.91 -14.66 -6.35
CA GLY L 149 86.11 -15.01 -7.08
C GLY L 149 86.94 -16.06 -6.38
N VAL L 150 88.17 -16.21 -6.88
CA VAL L 150 89.08 -17.31 -6.57
C VAL L 150 90.39 -16.74 -6.03
N ILE L 151 90.79 -17.25 -4.85
CA ILE L 151 92.11 -16.85 -4.29
C ILE L 151 93.15 -17.40 -5.27
N ASP L 152 94.29 -16.72 -5.41
CA ASP L 152 95.27 -17.14 -6.40
C ASP L 152 96.08 -18.35 -5.93
N ASN L 153 96.51 -18.34 -4.68
CA ASN L 153 97.26 -19.47 -4.13
C ASN L 153 96.31 -20.64 -3.93
N PRO L 154 96.58 -21.80 -4.53
CA PRO L 154 95.65 -22.94 -4.36
C PRO L 154 95.45 -23.35 -2.91
N ASP L 155 96.50 -23.32 -2.09
CA ASP L 155 96.42 -23.85 -0.73
C ASP L 155 95.29 -23.19 0.05
N LEU L 156 95.01 -21.92 -0.23
CA LEU L 156 93.87 -21.25 0.39
C LEU L 156 92.57 -21.48 -0.38
N ALA L 157 92.66 -21.96 -1.61
CA ALA L 157 91.45 -22.20 -2.39
C ALA L 157 90.84 -23.56 -2.09
N LYS L 158 91.68 -24.52 -1.70
CA LYS L 158 91.20 -25.92 -1.47
C LYS L 158 90.63 -26.08 -0.05
N LEU L 159 90.43 -24.97 0.68
CA LEU L 159 89.86 -25.06 2.02
C LEU L 159 88.35 -24.84 1.99
N THR L 160 87.70 -25.22 3.08
CA THR L 160 86.28 -24.92 3.27
C THR L 160 86.12 -23.58 3.97
N TYR L 161 85.24 -22.71 3.44
CA TYR L 161 85.13 -21.34 4.00
C TYR L 161 83.82 -21.14 4.78
N LYS L 162 83.87 -20.38 5.88
CA LYS L 162 82.63 -20.04 6.62
C LYS L 162 81.84 -19.02 5.81
N LYS L 163 80.51 -19.01 5.94
CA LYS L 163 79.67 -18.03 5.19
C LYS L 163 78.95 -17.12 6.19
N SER L 164 79.06 -15.80 6.01
CA SER L 164 78.39 -14.82 6.92
C SER L 164 77.94 -13.60 6.12
N SER L 165 76.66 -13.24 6.20
CA SER L 165 76.14 -12.12 5.44
C SER L 165 75.97 -10.85 6.26
N LYS L 166 75.40 -10.97 7.47
CA LYS L 166 75.18 -9.81 8.35
C LYS L 166 76.53 -9.21 8.74
N TYR L 167 77.55 -10.06 8.89
CA TYR L 167 78.88 -9.61 9.24
C TYR L 167 79.74 -9.39 8.01
N ASP L 168 79.37 -9.95 6.85
CA ASP L 168 80.12 -9.74 5.60
C ASP L 168 81.58 -10.17 5.75
N LEU L 169 81.81 -11.46 5.99
CA LEU L 169 83.16 -11.98 6.11
C LEU L 169 83.18 -13.42 5.63
N GLU L 170 84.38 -13.89 5.27
CA GLU L 170 84.59 -15.30 4.96
C GLU L 170 86.01 -15.67 5.41
N CYS L 171 86.10 -16.72 6.23
CA CYS L 171 87.37 -17.10 6.80
C CYS L 171 87.50 -18.61 6.80
N ALA L 172 88.74 -19.08 6.75
CA ALA L 172 89.06 -20.49 6.78
C ALA L 172 90.45 -20.66 7.39
N GLN L 173 90.64 -21.76 8.10
CA GLN L 173 91.92 -22.01 8.77
C GLN L 173 93.06 -22.13 7.77
N ILE L 174 94.04 -21.24 7.88
CA ILE L 174 95.19 -21.26 6.97
C ILE L 174 96.11 -22.41 7.34
N PRO L 175 96.71 -23.07 6.36
CA PRO L 175 97.59 -24.21 6.65
C PRO L 175 98.80 -23.84 7.50
N VAL L 176 99.38 -24.87 8.12
CA VAL L 176 100.52 -24.68 9.06
C VAL L 176 101.67 -23.93 8.37
N HIS L 177 101.79 -23.99 7.05
CA HIS L 177 102.88 -23.22 6.40
C HIS L 177 102.53 -21.72 6.25
N MET L 178 101.26 -21.34 6.41
CA MET L 178 100.87 -19.91 6.13
C MET L 178 100.91 -19.02 7.38
N LYS L 179 101.14 -19.57 8.58
CA LYS L 179 101.08 -18.73 9.81
C LYS L 179 102.32 -17.83 9.88
N SER L 180 103.50 -18.36 9.60
CA SER L 180 104.75 -17.61 9.57
C SER L 180 104.66 -16.49 8.56
N ASP L 181 103.79 -16.65 7.55
CA ASP L 181 103.60 -15.66 6.51
C ASP L 181 102.54 -14.62 6.85
N ALA L 182 101.81 -14.84 7.96
CA ALA L 182 100.69 -13.95 8.33
C ALA L 182 101.17 -12.70 9.09
N SER L 183 100.22 -11.87 9.54
CA SER L 183 100.56 -10.64 10.30
C SER L 183 99.91 -10.71 11.69
N LYS L 184 100.59 -10.17 12.71
CA LYS L 184 100.05 -10.15 14.10
C LYS L 184 98.90 -9.15 14.19
N TYR L 185 97.89 -9.45 15.02
CA TYR L 185 96.71 -8.55 15.14
C TYR L 185 96.79 -7.75 16.46
N THR L 186 95.87 -6.80 16.64
CA THR L 186 95.83 -6.02 17.91
C THR L 186 94.44 -5.44 18.15
N HIS L 187 94.14 -5.11 19.40
CA HIS L 187 92.87 -4.46 19.74
C HIS L 187 93.02 -3.04 20.29
N GLU L 188 94.19 -2.44 20.14
CA GLU L 188 94.34 -1.03 20.58
C GLU L 188 93.71 -0.09 19.56
N LYS L 189 92.62 0.62 19.92
CA LYS L 189 92.08 1.64 19.04
C LYS L 189 92.14 2.96 19.80
N PRO L 190 93.35 3.45 20.08
CA PRO L 190 93.46 4.73 20.76
C PRO L 190 93.16 5.84 19.77
N GLU L 191 92.80 6.99 20.32
CA GLU L 191 92.37 8.11 19.50
C GLU L 191 93.58 8.70 18.78
N GLY L 192 93.59 8.57 17.45
CA GLY L 192 94.66 9.18 16.69
C GLY L 192 94.75 8.73 15.24
N HIS L 193 95.96 8.41 14.81
CA HIS L 193 96.31 8.23 13.40
C HIS L 193 96.82 6.81 13.15
N TYR L 194 96.30 6.18 12.09
CA TYR L 194 96.78 4.88 11.66
C TYR L 194 97.23 4.95 10.21
N ASN L 195 97.55 3.79 9.65
CA ASN L 195 98.18 3.71 8.33
C ASN L 195 97.30 2.93 7.37
N TRP L 196 97.50 3.17 6.08
CA TRP L 196 96.75 2.48 5.04
C TRP L 196 97.61 2.36 3.79
N HIS L 197 97.18 1.48 2.88
CA HIS L 197 97.92 1.26 1.63
C HIS L 197 97.92 2.51 0.77
N HIS L 198 96.77 3.15 0.61
CA HIS L 198 96.62 4.31 -0.27
C HIS L 198 96.86 5.64 0.43
N GLY L 199 97.11 5.63 1.74
CA GLY L 199 97.27 6.86 2.49
C GLY L 199 97.18 6.60 3.99
N ALA L 200 96.38 7.44 4.66
CA ALA L 200 96.23 7.39 6.11
C ALA L 200 94.76 7.36 6.51
N VAL L 201 94.51 6.68 7.64
CA VAL L 201 93.14 6.59 8.20
C VAL L 201 93.08 7.43 9.48
N GLN L 202 92.11 8.34 9.58
CA GLN L 202 91.95 9.21 10.73
C GLN L 202 90.90 8.56 11.62
N TYR L 203 91.24 8.31 12.88
CA TYR L 203 90.33 7.67 13.80
C TYR L 203 89.83 8.67 14.83
N SER L 204 88.52 8.89 14.85
CA SER L 204 87.90 9.78 15.82
C SER L 204 86.43 9.42 15.93
N GLY L 205 85.95 9.24 17.15
CA GLY L 205 84.55 8.90 17.36
C GLY L 205 84.16 7.56 16.76
N GLY L 206 85.04 6.58 16.86
CA GLY L 206 84.73 5.24 16.38
C GLY L 206 84.54 5.11 14.89
N ARG L 207 85.10 6.02 14.09
CA ARG L 207 84.89 6.03 12.64
C ARG L 207 86.21 6.17 11.92
N PHE L 208 86.44 5.33 10.92
CA PHE L 208 87.58 5.41 10.04
C PHE L 208 87.22 6.33 8.88
N THR L 209 88.04 7.33 8.61
CA THR L 209 87.75 8.29 7.54
C THR L 209 88.98 8.49 6.65
N ILE L 210 88.76 8.64 5.34
CA ILE L 210 89.87 8.80 4.35
C ILE L 210 89.55 10.05 3.51
N PRO L 211 90.52 10.76 2.91
CA PRO L 211 90.19 11.85 1.97
C PRO L 211 89.56 11.27 0.70
N THR L 212 88.49 11.90 0.19
CA THR L 212 87.80 11.42 -1.04
C THR L 212 88.81 11.45 -2.19
N GLY L 213 88.77 10.45 -3.07
CA GLY L 213 89.71 10.33 -4.17
C GLY L 213 90.81 9.32 -3.93
N ALA L 214 90.85 8.70 -2.74
CA ALA L 214 91.84 7.68 -2.46
C ALA L 214 91.29 6.28 -2.72
N GLY L 215 89.99 6.15 -2.94
CA GLY L 215 89.36 4.86 -3.18
C GLY L 215 88.46 4.85 -4.41
N LYS L 216 88.72 3.91 -5.31
CA LYS L 216 87.84 3.54 -6.40
C LYS L 216 87.13 2.25 -6.03
N PRO L 217 86.07 1.87 -6.76
CA PRO L 217 85.48 0.53 -6.58
C PRO L 217 86.53 -0.56 -6.70
N GLY L 218 86.21 -1.74 -6.16
CA GLY L 218 87.22 -2.74 -5.90
C GLY L 218 88.09 -2.32 -4.74
N ASP L 219 89.27 -2.92 -4.64
CA ASP L 219 90.25 -2.51 -3.65
C ASP L 219 89.71 -2.70 -2.23
N SER L 220 88.91 -3.75 -2.05
CA SER L 220 88.39 -4.11 -0.74
C SER L 220 89.12 -5.33 -0.20
N GLY L 221 89.37 -5.34 1.11
CA GLY L 221 90.11 -6.40 1.75
C GLY L 221 91.49 -6.03 2.24
N ARG L 222 91.89 -4.78 1.92
CA ARG L 222 93.18 -4.25 2.39
C ARG L 222 93.08 -3.95 3.90
N PRO L 223 94.04 -4.35 4.77
CA PRO L 223 93.94 -4.11 6.20
C PRO L 223 94.33 -2.68 6.54
N ILE L 224 94.10 -2.32 7.80
CA ILE L 224 94.52 -1.04 8.34
C ILE L 224 95.52 -1.32 9.45
N PHE L 225 96.65 -0.62 9.41
CA PHE L 225 97.75 -0.89 10.32
C PHE L 225 97.98 0.29 11.25
N ASP L 226 98.40 -0.01 12.48
CA ASP L 226 98.80 1.01 13.42
C ASP L 226 100.27 1.37 13.20
N ASN L 227 100.86 2.08 14.16
CA ASN L 227 102.23 2.57 14.01
C ASN L 227 103.22 1.44 13.73
N LYS L 228 103.23 0.41 14.57
CA LYS L 228 104.26 -0.61 14.51
C LYS L 228 103.79 -1.94 13.93
N GLY L 229 102.81 -1.92 13.03
CA GLY L 229 102.55 -3.05 12.15
C GLY L 229 101.40 -3.96 12.52
N ARG L 230 100.81 -3.80 13.70
CA ARG L 230 99.74 -4.69 14.13
C ARG L 230 98.42 -4.31 13.46
N VAL L 231 97.80 -5.33 12.84
CA VAL L 231 96.55 -5.10 12.08
C VAL L 231 95.43 -4.69 13.05
N VAL L 232 94.54 -3.82 12.59
CA VAL L 232 93.49 -3.25 13.42
C VAL L 232 92.13 -3.28 12.72
N ALA L 233 92.12 -3.43 11.39
CA ALA L 233 90.86 -3.32 10.67
C ALA L 233 90.98 -3.97 9.29
N ILE L 234 89.83 -4.28 8.70
CA ILE L 234 89.70 -4.81 7.35
C ILE L 234 88.61 -4.02 6.63
N VAL L 235 89.00 -3.25 5.62
CA VAL L 235 88.09 -2.34 4.94
C VAL L 235 87.13 -3.14 4.06
N LEU L 236 85.85 -2.76 4.09
CA LEU L 236 84.82 -3.35 3.25
C LEU L 236 84.27 -2.38 2.22
N GLY L 237 84.01 -1.14 2.62
CA GLY L 237 83.50 -0.13 1.74
C GLY L 237 83.68 1.25 2.35
N GLY L 238 82.77 2.15 2.02
CA GLY L 238 82.83 3.49 2.58
C GLY L 238 81.73 4.37 2.04
N ALA L 239 81.42 5.42 2.78
CA ALA L 239 80.42 6.40 2.42
C ALA L 239 81.09 7.74 2.18
N ASN L 240 80.79 8.35 1.04
CA ASN L 240 81.37 9.65 0.68
C ASN L 240 80.86 10.69 1.67
N GLU L 241 81.79 11.47 2.25
CA GLU L 241 81.42 12.44 3.31
C GLU L 241 82.26 13.72 3.15
N GLY L 242 81.84 14.63 2.26
CA GLY L 242 82.55 15.87 2.04
C GLY L 242 83.94 15.62 1.47
N ALA L 243 84.94 16.23 2.12
CA ALA L 243 86.33 15.95 1.76
C ALA L 243 86.87 14.76 2.53
N ARG L 244 86.11 14.26 3.51
CA ARG L 244 86.59 13.27 4.47
C ARG L 244 85.67 12.06 4.48
N THR L 245 85.85 11.18 3.51
CA THR L 245 84.94 10.04 3.33
C THR L 245 85.17 8.99 4.41
N ALA L 246 84.09 8.37 4.86
CA ALA L 246 84.15 7.41 5.95
C ALA L 246 84.48 6.01 5.42
N LEU L 247 84.54 5.02 6.32
CA LEU L 247 84.94 3.66 5.90
C LEU L 247 84.10 2.58 6.59
N SER L 248 83.31 1.82 5.82
CA SER L 248 82.62 0.65 6.45
C SER L 248 83.73 -0.33 6.79
N VAL L 249 83.69 -0.95 7.98
CA VAL L 249 84.88 -1.78 8.35
C VAL L 249 84.53 -2.87 9.36
N VAL L 250 85.32 -3.96 9.37
CA VAL L 250 85.16 -5.02 10.36
C VAL L 250 86.08 -4.69 11.53
N THR L 251 85.49 -4.59 12.73
CA THR L 251 86.19 -4.18 13.95
C THR L 251 86.00 -5.26 15.01
N TRP L 252 86.99 -5.44 15.88
CA TRP L 252 87.01 -6.58 16.78
C TRP L 252 87.51 -6.24 18.19
N THR L 253 87.06 -7.02 19.19
CA THR L 253 87.46 -6.79 20.61
C THR L 253 88.09 -8.06 21.17
N LYS L 254 87.79 -8.39 22.44
CA LYS L 254 88.35 -9.63 23.06
C LYS L 254 87.56 -10.83 22.53
N ASP L 255 86.23 -10.70 22.40
CA ASP L 255 85.43 -11.85 21.98
C ASP L 255 84.60 -11.51 20.75
N MET L 256 84.36 -10.23 20.53
CA MET L 256 83.32 -9.78 19.63
C MET L 256 83.95 -9.13 18.40
N VAL L 257 83.32 -9.38 17.26
CA VAL L 257 83.60 -8.65 16.05
C VAL L 257 82.38 -7.81 15.68
N THR L 258 82.63 -6.53 15.36
CA THR L 258 81.54 -5.58 15.06
C THR L 258 81.75 -4.90 13.70
N ARG L 259 80.73 -4.88 12.86
CA ARG L 259 80.74 -4.26 11.54
C ARG L 259 80.04 -2.92 11.66
N TYR L 260 80.79 -1.85 11.45
CA TYR L 260 80.24 -0.51 11.55
C TYR L 260 80.16 0.08 10.14
N THR L 261 78.93 0.18 9.63
CA THR L 261 78.68 0.65 8.27
C THR L 261 78.03 2.03 8.33
N PRO L 262 78.76 3.09 7.96
CA PRO L 262 78.17 4.43 7.96
C PRO L 262 76.99 4.53 7.00
N GLU L 263 76.06 5.44 7.29
CA GLU L 263 74.84 5.59 6.44
C GLU L 263 75.21 5.99 5.01
N GLY L 264 74.38 5.63 4.03
CA GLY L 264 74.66 5.94 2.62
C GLY L 264 75.98 5.35 2.15
N THR L 265 76.31 4.14 2.61
CA THR L 265 77.59 3.50 2.24
C THR L 265 77.48 2.83 0.86
N GLU L 266 78.51 2.99 0.02
CA GLU L 266 78.53 2.30 -1.29
C GLU L 266 79.71 1.33 -1.22
N GLU L 267 79.49 0.04 -1.52
CA GLU L 267 80.60 -0.96 -1.34
C GLU L 267 81.65 -0.80 -2.43
N TRP L 268 82.92 -0.63 -2.05
CA TRP L 268 84.00 -0.51 -3.01
C TRP L 268 85.20 -1.29 -2.52
C1 NAG M . -46.87 30.65 -18.34
C2 NAG M . -47.29 29.91 -19.60
C3 NAG M . -46.43 30.38 -20.76
C4 NAG M . -46.43 31.89 -20.85
C5 NAG M . -46.09 32.53 -19.50
C6 NAG M . -46.16 34.05 -19.53
C7 NAG M . -48.10 27.69 -19.04
C8 NAG M . -49.45 28.04 -19.58
N2 NAG M . -47.11 28.48 -19.43
O3 NAG M . -46.95 29.82 -21.98
O4 NAG M . -45.42 32.22 -21.81
O5 NAG M . -47.01 32.05 -18.53
O6 NAG M . -47.50 34.45 -19.83
O7 NAG M . -47.93 26.74 -18.29
C1 NAG M . -45.90 32.99 -22.92
C2 NAG M . -44.66 33.64 -23.51
C3 NAG M . -44.99 34.40 -24.77
C4 NAG M . -45.70 33.52 -25.77
C5 NAG M . -46.91 32.97 -25.05
C6 NAG M . -47.75 32.09 -25.97
C7 NAG M . -42.90 34.47 -22.15
C8 NAG M . -42.41 35.61 -21.32
N2 NAG M . -44.14 34.59 -22.58
O3 NAG M . -43.73 34.82 -25.29
O4 NAG M . -46.16 34.33 -26.85
O5 NAG M . -46.49 32.20 -23.94
O6 NAG M . -47.03 30.90 -26.29
O7 NAG M . -42.21 33.50 -22.44
C1 BMA M . -45.26 34.34 -27.99
C2 BMA M . -46.14 34.17 -29.21
C3 BMA M . -45.39 34.40 -30.50
C4 BMA M . -44.61 35.70 -30.43
C5 BMA M . -43.71 35.63 -29.21
C6 BMA M . -42.77 36.83 -29.08
O2 BMA M . -47.20 35.13 -29.14
O3 BMA M . -46.31 34.45 -31.59
O4 BMA M . -43.84 35.88 -31.61
O5 BMA M . -44.57 35.59 -28.09
O6 BMA M . -41.93 36.63 -27.94
C1 MAN M . -42.08 37.72 -27.01
C2 MAN M . -43.45 38.38 -27.10
C3 MAN M . -43.51 39.57 -26.16
C4 MAN M . -42.44 40.57 -26.58
C5 MAN M . -41.58 39.95 -27.67
C6 MAN M . -40.45 40.89 -28.03
O2 MAN M . -44.49 37.49 -26.71
O3 MAN M . -43.26 39.10 -24.84
O4 MAN M . -43.05 41.77 -27.08
O5 MAN M . -41.07 38.70 -27.19
O6 MAN M . -39.72 40.38 -29.15
C1 NAG N . -38.66 65.63 -5.61
C2 NAG N . -37.69 65.17 -4.51
C3 NAG N . -37.74 63.69 -4.32
C4 NAG N . -39.15 63.25 -4.06
C5 NAG N . -39.89 63.63 -5.33
C6 NAG N . -41.30 63.08 -5.40
C7 NAG N . -35.73 66.63 -4.45
C8 NAG N . -36.61 67.75 -3.96
N2 NAG N . -36.33 65.52 -4.85
O3 NAG N . -36.87 63.52 -3.22
O4 NAG N . -39.24 61.85 -3.93
O5 NAG N . -39.92 65.04 -5.35
O6 NAG N . -42.13 63.69 -4.40
O7 NAG N . -34.52 66.76 -4.48
C1 NAG N . -39.46 61.46 -2.56
C2 NAG N . -39.15 60.00 -2.34
C3 NAG N . -39.70 59.57 -1.00
C4 NAG N . -40.11 60.75 -0.12
C5 NAG N . -39.16 61.95 -0.25
C6 NAG N . -37.95 61.75 0.66
C7 NAG N . -38.87 58.67 -4.32
C8 NAG N . -37.42 58.62 -3.95
N2 NAG N . -39.68 59.17 -3.41
O3 NAG N . -38.71 58.81 -0.30
O4 NAG N . -41.48 61.11 -0.32
O5 NAG N . -38.71 62.16 -1.59
O6 NAG N . -37.04 62.81 0.46
O7 NAG N . -39.28 58.28 -5.39
C1 NAG O . -53.21 -20.21 -41.73
C2 NAG O . -52.18 -19.11 -42.06
C3 NAG O . -51.01 -19.57 -42.94
C4 NAG O . -50.38 -20.85 -42.43
C5 NAG O . -51.55 -21.78 -42.29
C6 NAG O . -51.20 -23.19 -41.86
C7 NAG O . -53.38 -17.10 -41.79
C8 NAG O . -54.87 -17.13 -41.57
N2 NAG O . -52.90 -18.00 -42.62
O3 NAG O . -50.03 -18.55 -42.92
O4 NAG O . -49.57 -21.42 -43.45
O5 NAG O . -52.31 -21.23 -41.26
O6 NAG O . -52.42 -23.81 -41.49
O7 NAG O . -52.65 -16.31 -41.23
C1 NAG O . -48.18 -21.22 -43.25
C2 NAG O . -47.46 -22.46 -43.72
C3 NAG O . -45.98 -22.27 -43.46
C4 NAG O . -45.47 -21.04 -44.19
C5 NAG O . -46.40 -19.85 -43.98
C6 NAG O . -46.13 -18.71 -44.95
C7 NAG O . -48.67 -24.55 -43.68
C8 NAG O . -49.00 -24.26 -45.11
N2 NAG O . -47.90 -23.66 -43.05
O3 NAG O . -45.30 -23.43 -43.92
O4 NAG O . -44.23 -20.74 -43.56
O5 NAG O . -47.76 -20.24 -44.17
O6 NAG O . -45.04 -17.93 -44.47
O7 NAG O . -49.09 -25.54 -43.11
C1 BMA O . -43.11 -20.79 -44.47
C2 BMA O . -42.27 -22.06 -44.43
C3 BMA O . -40.91 -21.74 -45.03
C4 BMA O . -41.02 -20.90 -46.30
C5 BMA O . -42.05 -19.77 -46.20
C6 BMA O . -42.25 -19.05 -47.53
O2 BMA O . -42.92 -23.08 -45.19
O3 BMA O . -40.29 -22.98 -45.39
O4 BMA O . -39.71 -20.33 -46.51
O5 BMA O . -43.29 -20.33 -45.79
O6 BMA O . -41.16 -18.15 -47.75
C1 NAG P . -26.86 -25.00 -8.11
C2 NAG P . -27.04 -26.05 -7.03
C3 NAG P . -25.75 -26.79 -6.76
C4 NAG P . -25.07 -27.28 -8.01
C5 NAG P . -24.97 -26.10 -8.96
C6 NAG P . -24.34 -26.52 -10.26
C7 NAG P . -28.54 -25.42 -5.24
C8 NAG P . -28.61 -24.64 -3.97
N2 NAG P . -27.35 -25.38 -5.81
O3 NAG P . -26.06 -27.92 -5.97
O4 NAG P . -23.75 -27.69 -7.64
O5 NAG P . -26.28 -25.64 -9.23
O6 NAG P . -25.13 -27.57 -10.81
O7 NAG P . -29.47 -26.04 -5.68
C1 NAG P . -23.49 -29.10 -7.85
C2 NAG P . -21.98 -29.12 -7.65
C3 NAG P . -21.43 -30.51 -7.50
C4 NAG P . -22.09 -31.01 -6.25
C5 NAG P . -23.54 -31.21 -6.63
C6 NAG P . -24.25 -31.96 -5.52
C7 NAG P . -20.34 -27.68 -8.56
C8 NAG P . -19.80 -26.94 -9.74
N2 NAG P . -21.34 -28.50 -8.79
O3 NAG P . -20.02 -30.44 -7.32
O4 NAG P . -21.50 -32.22 -5.78
O5 NAG P . -24.12 -29.92 -6.84
O6 NAG P . -25.58 -32.26 -5.94
O7 NAG P . -19.88 -27.55 -7.44
C1 BMA P . -21.29 -33.19 -6.82
C2 BMA P . -19.90 -33.82 -6.73
C3 BMA P . -19.67 -34.50 -5.39
C4 BMA P . -20.89 -35.33 -5.05
C5 BMA P . -21.77 -35.53 -6.29
C6 BMA P . -22.99 -36.39 -5.98
O2 BMA P . -18.86 -32.85 -6.96
O3 BMA P . -19.45 -33.52 -4.37
O4 BMA P . -20.44 -36.60 -4.55
O5 BMA P . -22.25 -34.26 -6.76
O6 BMA P . -22.62 -37.77 -5.85
C1 MAN P . -23.28 -38.34 -4.70
C2 MAN P . -24.72 -38.68 -5.02
C3 MAN P . -25.38 -39.27 -3.78
C4 MAN P . -24.32 -39.43 -2.69
C5 MAN P . -23.68 -38.08 -2.36
C6 MAN P . -22.48 -38.24 -1.44
O2 MAN P . -24.74 -39.66 -6.07
O3 MAN P . -25.95 -40.54 -4.09
O4 MAN P . -24.94 -39.98 -1.53
O5 MAN P . -23.24 -37.46 -3.57
O6 MAN P . -22.90 -38.68 -0.15
C1 NAG Q . -11.38 -23.47 -43.07
C2 NAG Q . -11.23 -21.92 -43.37
C3 NAG Q . -11.81 -20.95 -42.35
C4 NAG Q . -13.15 -21.41 -41.82
C5 NAG Q . -12.92 -22.78 -41.23
C6 NAG Q . -14.11 -23.32 -40.46
C7 NAG Q . -9.31 -21.82 -44.84
C8 NAG Q . -10.27 -21.85 -45.98
N2 NAG Q . -9.84 -21.60 -43.64
O3 NAG Q . -11.93 -19.65 -42.94
O4 NAG Q . -13.68 -20.51 -40.83
O5 NAG Q . -12.65 -23.62 -42.33
O6 NAG Q . -15.23 -23.45 -41.35
O7 NAG Q . -8.11 -21.97 -45.00
C1 NAG Q . -14.90 -19.87 -41.27
C2 NAG Q . -15.74 -19.51 -40.04
C3 NAG Q . -17.00 -18.80 -40.49
C4 NAG Q . -16.66 -17.63 -41.38
C5 NAG Q . -15.83 -18.15 -42.53
C6 NAG Q . -15.52 -17.06 -43.55
C7 NAG Q . -15.81 -20.90 -38.05
C8 NAG Q . -14.86 -19.92 -37.45
N2 NAG Q . -16.14 -20.70 -39.32
O3 NAG Q . -17.71 -18.32 -39.35
O4 NAG Q . -17.85 -17.04 -41.90
O5 NAG Q . -14.62 -18.70 -42.01
O6 NAG Q . -15.20 -17.67 -44.80
O7 NAG Q . -16.26 -21.83 -37.42
C1 NAG R . -41.85 -30.22 46.59
C2 NAG R . -40.31 -30.18 46.29
C3 NAG R . -39.87 -28.78 46.60
C4 NAG R . -39.92 -28.51 48.07
C5 NAG R . -41.23 -28.98 48.71
C6 NAG R . -42.04 -27.75 48.99
C7 NAG R . -39.05 -32.19 46.29
C8 NAG R . -39.94 -32.65 45.17
N2 NAG R . -39.52 -31.17 46.98
O3 NAG R . -40.84 -27.93 46.03
O4 NAG R . -38.85 -29.14 48.76
O5 NAG R . -41.99 -29.99 48.01
O6 NAG R . -41.06 -26.81 49.41
O7 NAG R . -37.98 -32.70 46.54
C1 NAG R . -37.69 -28.30 48.72
C2 NAG R . -37.33 -27.78 50.11
C3 NAG R . -36.15 -26.86 49.93
C4 NAG R . -34.97 -27.66 49.45
C5 NAG R . -35.34 -28.47 48.20
C6 NAG R . -34.38 -29.61 47.95
C7 NAG R . -39.11 -27.63 51.73
C8 NAG R . -38.43 -28.78 52.43
N2 NAG R . -38.40 -27.05 50.75
O3 NAG R . -35.84 -26.23 51.18
O4 NAG R . -33.99 -26.68 49.13
O5 NAG R . -36.60 -29.11 48.31
O6 NAG R . -33.12 -29.13 47.50
O7 NAG R . -40.22 -27.28 52.03
C1 BMA R . -32.71 -26.91 49.75
C2 BMA R . -32.30 -25.84 50.73
C3 BMA R . -30.79 -25.94 50.86
C4 BMA R . -30.40 -27.35 51.26
C5 BMA R . -31.05 -28.41 50.39
C6 BMA R . -30.81 -29.79 51.00
O2 BMA R . -32.90 -26.10 52.01
O3 BMA R . -30.37 -25.02 51.88
O4 BMA R . -28.97 -27.48 51.14
O5 BMA R . -32.46 -28.20 50.29
O6 BMA R . -31.50 -30.76 50.22
C1 NAG S . -35.87 12.12 39.24
C2 NAG S . -36.20 13.65 39.67
C3 NAG S . -35.03 14.56 39.82
C4 NAG S . -34.29 13.95 40.97
C5 NAG S . -33.80 12.64 40.37
C6 NAG S . -32.72 12.00 41.22
C7 NAG S . -37.18 13.99 37.43
C8 NAG S . -38.47 13.45 36.86
N2 NAG S . -37.16 14.24 38.74
O3 NAG S . -35.56 15.85 40.09
O4 NAG S . -33.19 14.79 41.35
O5 NAG S . -34.87 11.71 40.17
O6 NAG S . -32.18 10.91 40.48
O7 NAG S . -36.22 14.15 36.72
C1 NAG S . -33.49 15.56 42.53
C2 NAG S . -32.40 16.60 42.71
C3 NAG S . -32.63 17.37 43.98
C4 NAG S . -34.03 17.96 44.07
C5 NAG S . -35.04 16.91 43.67
C6 NAG S . -36.42 17.53 43.51
C7 NAG S . -30.42 15.71 41.62
C8 NAG S . -30.48 16.74 40.54
N2 NAG S . -31.11 15.96 42.73
O3 NAG S . -31.69 18.45 43.96
O4 NAG S . -34.32 18.27 45.42
O5 NAG S . -34.68 16.32 42.43
O6 NAG S . -37.34 16.48 43.19
O7 NAG S . -29.77 14.67 41.50
C1 BMA S . -34.37 19.67 45.68
C2 BMA S . -35.57 19.89 46.58
C3 BMA S . -35.61 21.30 47.14
C4 BMA S . -34.30 21.62 47.83
C5 BMA S . -33.15 21.38 46.86
C6 BMA S . -31.80 21.61 47.53
O2 BMA S . -35.51 18.96 47.67
O3 BMA S . -36.68 21.39 48.09
O4 BMA S . -34.31 22.99 48.24
O5 BMA S . -33.19 20.05 46.38
O6 BMA S . -30.81 21.77 46.51
C1 MAN S . -29.78 20.77 46.59
C2 MAN S . -29.30 20.49 45.19
C3 MAN S . -28.07 19.59 45.17
C4 MAN S . -28.11 18.71 46.41
C5 MAN S . -29.56 18.39 46.76
C6 MAN S . -29.60 17.31 47.82
O2 MAN S . -29.03 21.73 44.51
O3 MAN S . -26.88 20.38 45.20
O4 MAN S . -27.41 17.49 46.16
O5 MAN S . -30.20 19.57 47.25
O6 MAN S . -28.72 17.68 48.89
C1 NAG T . -8.11 -7.63 57.46
C2 NAG T . -7.09 -8.20 56.46
C3 NAG T . -7.52 -8.21 54.98
C4 NAG T . -9.00 -8.53 54.76
C5 NAG T . -9.78 -7.66 55.69
C6 NAG T . -11.25 -7.93 55.61
C7 NAG T . -4.70 -7.93 56.17
C8 NAG T . -4.10 -9.06 56.93
N2 NAG T . -5.85 -7.48 56.65
O3 NAG T . -6.78 -9.24 54.32
O4 NAG T . -9.43 -8.26 53.43
O5 NAG T . -9.38 -8.13 56.95
O6 NAG T . -11.83 -7.49 56.83
O7 NAG T . -4.17 -7.44 55.19
C1 NAG T . -9.83 -9.48 52.79
C2 NAG T . -10.48 -9.22 51.43
C3 NAG T . -10.59 -10.47 50.57
C4 NAG T . -9.27 -11.23 50.59
C5 NAG T . -9.02 -11.55 52.05
C6 NAG T . -7.88 -12.53 52.27
C7 NAG T . -12.13 -7.45 51.58
C8 NAG T . -11.54 -6.66 50.46
N2 NAG T . -11.82 -8.74 51.61
O3 NAG T . -10.90 -10.11 49.23
O4 NAG T . -9.38 -12.44 49.83
O5 NAG T . -8.70 -10.32 52.64
O6 NAG T . -7.73 -12.67 53.68
O7 NAG T . -12.86 -6.94 52.41
C1 NAG U . -71.37 48.35 12.44
C2 NAG U . -70.99 49.62 13.34
C3 NAG U . -69.85 50.51 12.82
C4 NAG U . -69.71 50.47 11.33
C5 NAG U . -71.10 50.10 10.85
C6 NAG U . -71.40 50.50 9.41
C7 NAG U . -73.12 49.53 14.37
C8 NAG U . -72.74 49.01 15.72
N2 NAG U . -72.21 50.28 13.76
O3 NAG U . -68.65 50.03 13.41
O4 NAG U . -69.37 51.77 10.83
O5 NAG U . -71.20 48.69 11.05
O6 NAG U . -70.26 50.18 8.62
O7 NAG U . -74.20 49.26 13.86
C1 NAG U . -67.94 52.03 10.79
C2 NAG U . -67.58 53.01 9.69
C3 NAG U . -66.08 53.24 9.72
C4 NAG U . -65.65 53.71 11.11
C5 NAG U . -66.14 52.71 12.14
C6 NAG U . -65.87 53.14 13.57
C7 NAG U . -68.99 52.99 7.73
C8 NAG U . -69.19 54.46 7.88
N2 NAG U . -67.98 52.47 8.41
O3 NAG U . -65.75 54.19 8.72
O4 NAG U . -64.23 53.75 11.19
O5 NAG U . -67.54 52.62 12.01
O6 NAG U . -64.47 53.10 13.86
O7 NAG U . -69.72 52.31 7.03
C1 BMA U . -63.72 55.06 10.97
C2 BMA U . -62.62 55.25 12.01
C3 BMA U . -61.55 56.25 11.60
C4 BMA U . -61.12 56.01 10.17
C5 BMA U . -62.36 56.15 9.29
C6 BMA U . -62.04 56.00 7.80
O2 BMA U . -62.03 53.97 12.26
O3 BMA U . -60.40 56.10 12.45
O4 BMA U . -60.11 56.95 9.83
O5 BMA U . -63.25 55.11 9.63
O6 BMA U . -61.15 57.03 7.36
C1 NAG V . -11.02 -56.91 -7.72
C2 NAG V . -11.75 -56.16 -8.89
C3 NAG V . -11.39 -54.71 -9.10
C4 NAG V . -11.37 -53.99 -7.79
C5 NAG V . -10.50 -54.72 -6.82
C6 NAG V . -10.60 -54.04 -5.48
C7 NAG V . -12.15 -58.13 -10.20
C8 NAG V . -13.61 -58.30 -9.90
N2 NAG V . -11.68 -56.90 -10.13
O3 NAG V . -12.44 -54.15 -9.87
O4 NAG V . -10.71 -52.75 -8.01
O5 NAG V . -11.09 -55.97 -6.63
O6 NAG V . -12.00 -53.90 -5.25
O7 NAG V . -11.43 -59.05 -10.50
C1 NAG V . -11.58 -51.66 -7.71
C2 NAG V . -10.75 -50.51 -8.20
C3 NAG V . -11.58 -49.25 -8.29
C4 NAG V . -12.95 -49.44 -8.89
C5 NAG V . -13.62 -50.61 -8.24
C6 NAG V . -14.94 -50.93 -8.90
C7 NAG V . -8.43 -50.39 -7.52
C8 NAG V . -8.06 -50.23 -8.96
N2 NAG V . -9.71 -50.21 -7.24
O3 NAG V . -10.87 -48.36 -9.15
O4 NAG V . -13.67 -48.26 -8.56
O5 NAG V . -12.79 -51.73 -8.44
O6 NAG V . -14.64 -51.22 -10.26
O7 NAG V . -7.62 -50.67 -6.67
C1 BMA V . -14.18 -47.57 -9.71
C2 BMA V . -15.59 -47.09 -9.36
C3 BMA V . -16.20 -46.38 -10.54
C4 BMA V . -15.28 -45.26 -10.96
C5 BMA V . -13.89 -45.80 -11.24
C6 BMA V . -12.96 -44.66 -11.62
O2 BMA V . -15.49 -46.16 -8.28
O3 BMA V . -17.45 -45.83 -10.14
O4 BMA V . -15.79 -44.64 -12.14
O5 BMA V . -13.41 -46.43 -10.06
O6 BMA V . -11.62 -45.01 -11.24
C1 MAN V . -10.98 -43.91 -10.58
C2 MAN V . -9.60 -44.31 -10.09
C3 MAN V . -9.69 -45.15 -8.82
C4 MAN V . -10.47 -44.39 -7.77
C5 MAN V . -11.84 -44.12 -8.33
C6 MAN V . -12.77 -43.48 -7.31
O2 MAN V . -8.86 -43.12 -9.84
O3 MAN V . -8.38 -45.49 -8.34
O4 MAN V . -10.60 -45.18 -6.59
O5 MAN V . -11.73 -43.31 -9.51
O6 MAN V . -14.11 -43.54 -7.84
C1 NAG W . 1.22 -43.94 26.17
C2 NAG W . 2.67 -44.61 26.25
C3 NAG W . 2.98 -45.80 25.39
C4 NAG W . 1.81 -46.73 25.27
C5 NAG W . 0.67 -45.86 24.80
C6 NAG W . -0.53 -46.70 24.40
C7 NAG W . 4.44 -43.09 26.87
C8 NAG W . 3.84 -42.92 28.22
N2 NAG W . 3.66 -43.63 25.94
O3 NAG W . 4.04 -46.49 26.03
O4 NAG W . 2.19 -47.63 24.26
O5 NAG W . 0.30 -45.02 25.88
O6 NAG W . -0.99 -47.43 25.54
O7 NAG W . 5.58 -42.77 26.62
C1 NAG W . 2.25 -48.97 24.75
C2 NAG W . 2.83 -49.85 23.67
C3 NAG W . 3.31 -51.16 24.26
C4 NAG W . 2.58 -51.52 25.55
C5 NAG W . 2.70 -50.39 26.58
C6 NAG W . 3.77 -50.71 27.62
C7 NAG W . 1.73 -49.34 21.59
C8 NAG W . 3.05 -49.07 20.94
N2 NAG W . 1.79 -50.08 22.69
O3 NAG W . 4.70 -51.03 24.56
O4 NAG W . 1.20 -51.85 25.29
O5 NAG W . 3.02 -49.16 25.93
O6 NAG W . 3.73 -49.71 28.65
O7 NAG W . 0.67 -48.94 21.12
C1 NAG X . -25.84 -68.57 -61.15
C2 NAG X . -25.29 -67.11 -60.95
C3 NAG X . -24.84 -66.47 -62.23
C4 NAG X . -23.76 -67.34 -62.83
C5 NAG X . -24.41 -68.70 -63.02
C6 NAG X . -23.49 -69.61 -63.80
C7 NAG X . -26.59 -66.44 -59.05
C8 NAG X . -27.14 -65.22 -58.39
N2 NAG X . -26.30 -66.30 -60.33
O3 NAG X . -24.35 -65.17 -61.93
O4 NAG X . -23.38 -66.87 -64.10
O5 NAG X . -24.71 -69.24 -61.75
O6 NAG X . -23.63 -69.33 -65.19
O7 NAG X . -26.43 -67.48 -58.46
C1 NAG X . -22.13 -66.21 -63.98
C2 NAG X . -21.52 -66.11 -65.38
C3 NAG X . -21.47 -64.67 -65.83
C4 NAG X . -20.78 -63.75 -64.82
C5 NAG X . -21.06 -64.18 -63.40
C6 NAG X . -21.35 -63.00 -62.49
C7 NAG X . -20.16 -67.99 -65.83
C8 NAG X . -21.03 -68.30 -67.01
N2 NAG X . -20.22 -66.74 -65.42
O3 NAG X . -22.81 -64.23 -66.06
O4 NAG X . -19.38 -63.72 -65.08
O5 NAG X . -22.26 -64.89 -63.47
O6 NAG X . -20.13 -62.34 -62.15
O7 NAG X . -19.46 -68.83 -65.27
C1 BMA X . -19.26 -62.78 -66.16
C2 BMA X . -18.70 -61.43 -65.71
C3 BMA X . -17.24 -61.37 -66.10
C4 BMA X . -17.19 -61.31 -67.60
C5 BMA X . -18.26 -62.22 -68.21
C6 BMA X . -17.73 -62.83 -69.50
O2 BMA X . -18.81 -61.27 -64.30
O3 BMA X . -16.55 -62.53 -65.62
O4 BMA X . -17.45 -59.97 -68.02
O5 BMA X . -18.57 -63.27 -67.30
O6 BMA X . -16.47 -63.45 -69.22
C1 NAG Y . -32.36 49.18 -10.33
C2 NAG Y . -32.76 50.23 -9.27
C3 NAG Y . -34.23 50.61 -9.35
C4 NAG Y . -34.53 51.00 -10.77
C5 NAG Y . -34.30 49.82 -11.69
C6 NAG Y . -34.59 50.26 -13.13
C7 NAG Y . -31.61 50.48 -7.16
C8 NAG Y . -30.25 49.89 -6.90
N2 NAG Y . -32.42 49.77 -7.94
O3 NAG Y . -34.49 51.73 -8.49
O4 NAG Y . -35.89 51.44 -10.87
O5 NAG Y . -32.96 49.36 -11.63
O6 NAG Y . -33.37 50.23 -13.87
O7 NAG Y . -31.96 51.54 -6.66
C1 PCW Z . -3.50 60.26 -4.37
C2 PCW Z . -2.52 60.01 -5.49
C3 PCW Z . -2.55 61.08 -6.57
C4 PCW Z . -5.91 56.47 -4.85
C5 PCW Z . -7.32 56.07 -5.19
C6 PCW Z . -7.46 53.98 -3.89
C7 PCW Z . -8.02 56.08 -2.83
C8 PCW Z . -9.50 55.15 -4.50
C11 PCW Z . -1.35 63.02 -5.99
C12 PCW Z . 0.03 63.54 -5.70
C13 PCW Z . 1.11 62.76 -6.37
C14 PCW Z . 2.17 62.27 -5.40
C15 PCW Z . 1.94 62.68 -3.97
C16 PCW Z . 3.11 63.39 -3.33
C17 PCW Z . 3.29 63.08 -1.85
C18 PCW Z . 2.78 61.74 -1.44
C19 PCW Z . 3.35 61.26 -0.15
C20 PCW Z . 4.61 61.05 0.09
C21 PCW Z . 5.39 61.67 1.21
C22 PCW Z . 5.59 60.76 2.38
C23 PCW Z . 6.02 59.35 2.00
C24 PCW Z . 6.19 58.44 3.18
C25 PCW Z . 6.66 59.15 4.43
C26 PCW Z . 6.94 58.23 5.59
C27 PCW Z . 7.91 58.80 6.59
C28 PCW Z . 9.10 57.91 6.83
C31 PCW Z . -0.65 58.76 -4.63
C32 PCW Z . 0.46 58.82 -3.62
C33 PCW Z . 1.77 58.35 -4.16
C34 PCW Z . 2.46 57.36 -3.24
C35 PCW Z . 2.60 55.97 -3.81
C36 PCW Z . 3.14 54.95 -2.84
C37 PCW Z . 3.90 53.80 -3.49
C38 PCW Z . 5.15 54.21 -4.20
C39 PCW Z . 6.23 54.71 -3.29
C40 PCW Z . 6.98 55.76 -3.49
C41 PCW Z . 6.53 57.18 -3.47
C42 PCW Z . 6.38 57.74 -2.09
C43 PCW Z . 7.26 58.94 -1.79
C44 PCW Z . 8.54 58.60 -1.07
C45 PCW Z . 9.55 59.71 -1.04
C46 PCW Z . 8.98 61.04 -0.61
C47 PCW Z . 9.42 61.51 0.75
C48 PCW Z . 10.92 61.68 0.88
N PCW Z . -8.07 55.32 -4.11
O2 PCW Z . -1.18 59.97 -4.90
O3 PCW Z . -1.31 61.81 -6.53
O11 PCW Z . -2.38 63.62 -5.78
O31 PCW Z . -1.05 57.75 -5.15
O1P PCW Z . -7.27 59.53 -4.45
O2P PCW Z . -5.31 58.67 -2.96
O3P PCW Z . -4.86 60.18 -4.89
O4P PCW Z . -5.64 57.82 -5.32
P PCW Z . -5.86 59.05 -4.31
C1 STE AA . 39.02 77.79 2.10
O1 STE AA . 38.30 78.30 1.19
O2 STE AA . 40.14 77.29 1.81
C2 STE AA . 38.52 77.78 3.54
C3 STE AA . 37.11 78.34 3.69
C4 STE AA . 36.04 77.31 3.32
C5 STE AA . 34.78 77.96 2.77
C6 STE AA . 33.68 78.07 3.82
C7 STE AA . 33.57 79.47 4.41
C8 STE AA . 32.12 79.94 4.57
C9 STE AA . 31.88 80.63 5.91
C10 STE AA . 30.49 81.26 6.01
C11 STE AA . 29.42 80.50 5.23
C12 STE AA . 28.80 81.36 4.13
C13 STE AA . 27.47 81.97 4.56
C14 STE AA . 26.36 81.73 3.53
C15 STE AA . 25.14 82.60 3.79
C16 STE AA . 23.89 82.12 3.04
C17 STE AA . 22.78 81.69 3.99
C18 STE AA . 21.73 80.82 3.29
C1 PLM BA . 33.40 76.23 -11.74
O1 PLM BA . 33.20 75.41 -10.80
O2 PLM BA . 34.22 75.95 -12.65
C2 PLM BA . 32.67 77.57 -11.75
C3 PLM BA . 32.25 77.99 -13.17
C4 PLM BA . 30.74 78.00 -13.35
C5 PLM BA . 30.20 76.66 -13.86
C6 PLM BA . 29.16 76.05 -12.91
C7 PLM BA . 28.28 75.03 -13.61
C8 PLM BA . 27.24 75.69 -14.53
C9 PLM BA . 25.80 75.37 -14.12
CA PLM BA . 25.10 74.44 -15.11
CB PLM BA . 25.57 73.00 -15.00
CC PLM BA . 24.45 72.07 -14.52
CD PLM BA . 24.95 70.65 -14.27
CE PLM BA . 25.58 70.49 -12.89
CF PLM BA . 24.94 69.37 -12.08
CG PLM BA . 23.41 69.44 -12.09
C1 CLR CA . -2.17 54.89 0.16
C2 CLR CA . -2.72 54.15 -1.07
C3 CLR CA . -3.49 55.07 -1.98
C4 CLR CA . -2.65 56.28 -2.37
C5 CLR CA . -2.09 56.99 -1.15
C6 CLR CA . -2.32 58.27 -0.92
C7 CLR CA . -1.61 59.09 0.11
C8 CLR CA . -0.48 58.31 0.79
C9 CLR CA . -0.93 56.89 1.09
C10 CLR CA . -1.29 56.10 -0.19
C11 CLR CA . 0.10 56.11 1.93
C12 CLR CA . 0.58 56.88 3.17
C13 CLR CA . 1.11 58.28 2.82
C14 CLR CA . -0.04 59.00 2.07
C15 CLR CA . 0.42 60.46 2.02
C16 CLR CA . 1.19 60.66 3.35
C17 CLR CA . 1.33 59.26 4.00
C18 CLR CA . 2.39 58.18 1.96
C19 CLR CA . -0.02 55.62 -0.91
C20 CLR CA . 2.57 59.13 4.88
C21 CLR CA . 2.50 57.98 5.87
C22 CLR CA . 2.80 60.45 5.63
C23 CLR CA . 3.84 60.39 6.73
C24 CLR CA . 3.68 61.51 7.70
C25 CLR CA . 4.72 61.57 8.81
C26 CLR CA . 4.21 62.42 9.96
C27 CLR CA . 5.08 60.18 9.29
O1 CLR CA . -3.88 54.35 -3.15
C1 CLR DA . 6.02 52.11 16.96
C2 CLR DA . 5.11 51.26 17.86
C3 CLR DA . 3.81 50.91 17.18
C4 CLR DA . 4.10 50.21 15.86
C5 CLR DA . 4.99 51.05 14.97
C6 CLR DA . 4.59 51.41 13.76
C7 CLR DA . 5.46 52.08 12.74
C8 CLR DA . 6.91 52.16 13.18
C9 CLR DA . 6.99 52.54 14.67
C10 CLR DA . 6.31 51.48 15.58
C11 CLR DA . 8.43 52.85 15.10
C12 CLR DA . 9.15 53.86 14.20
C13 CLR DA . 9.13 53.41 12.74
C14 CLR DA . 7.65 53.20 12.35
C15 CLR DA . 7.65 53.09 10.83
C16 CLR DA . 8.86 53.93 10.38
C17 CLR DA . 9.54 54.46 11.66
C18 CLR DA . 9.96 52.12 12.55
C19 CLR DA . 7.19 50.23 15.75
C20 CLR DA . 11.02 54.80 11.44
C21 CLR DA . 11.40 56.20 11.94
C22 CLR DA . 11.39 54.64 9.96
C23 CLR DA . 12.85 54.82 9.64
C24 CLR DA . 13.16 54.68 8.17
C25 CLR DA . 14.60 55.00 7.76
C26 CLR DA . 14.98 56.43 8.12
C27 CLR DA . 15.57 54.01 8.38
O1 CLR DA . 3.03 50.05 18.02
C1 CLR EA . 5.08 46.90 12.00
C2 CLR EA . 3.80 46.32 12.60
C3 CLR EA . 2.68 47.34 12.63
C4 CLR EA . 2.42 47.86 11.23
C5 CLR EA . 3.67 48.40 10.57
C6 CLR EA . 3.69 49.62 10.04
C7 CLR EA . 4.72 50.11 9.08
C8 CLR EA . 5.91 49.15 8.91
C9 CLR EA . 6.13 48.35 10.21
C10 CLR EA . 4.89 47.49 10.57
C11 CLR EA . 7.44 47.54 10.17
C12 CLR EA . 8.66 48.35 9.75
C13 CLR EA . 8.44 49.05 8.41
C14 CLR EA . 7.18 49.92 8.57
C15 CLR EA . 7.18 50.88 7.39
C16 CLR EA . 8.65 50.92 6.92
C17 CLR EA . 9.45 50.15 8.00
C18 CLR EA . 8.30 48.02 7.27
C19 CLR EA . 4.66 46.36 9.55
C20 CLR EA . 10.87 49.76 7.52
C21 CLR EA . 11.92 49.88 8.61
C22 CLR EA . 11.26 50.64 6.31
C23 CLR EA . 12.53 51.43 6.48
C24 CLR EA . 13.25 51.69 5.19
C25 CLR EA . 14.77 51.70 5.28
C26 CLR EA . 15.30 50.37 5.84
C27 CLR EA . 15.41 51.99 3.93
O1 CLR EA . 1.50 46.73 13.16
C1 PLM FA . 34.59 72.58 5.14
O1 PLM FA . 35.24 71.53 5.42
O2 PLM FA . 34.96 73.31 4.19
C2 PLM FA . 33.36 72.94 5.96
C3 PLM FA . 33.55 74.12 6.89
C4 PLM FA . 32.21 74.72 7.33
C5 PLM FA . 31.39 73.75 8.18
C6 PLM FA . 30.06 73.38 7.53
C7 PLM FA . 28.95 74.38 7.84
C8 PLM FA . 28.09 73.95 9.02
C9 PLM FA . 26.67 73.56 8.59
CA PLM FA . 25.68 74.72 8.74
CB PLM FA . 24.26 74.31 8.36
CC PLM FA . 23.51 75.44 7.65
CD PLM FA . 22.06 75.07 7.34
CE PLM FA . 21.16 75.23 8.56
CF PLM FA . 20.56 73.90 9.01
CG PLM FA . 19.94 73.11 7.85
C1 STE GA . 26.77 65.49 8.12
O1 STE GA . 26.34 66.54 7.58
O2 STE GA . 25.96 64.64 8.58
C2 STE GA . 28.27 65.24 8.22
C3 STE GA . 28.75 65.11 9.66
C4 STE GA . 30.03 64.30 9.78
C5 STE GA . 30.02 63.35 10.98
C6 STE GA . 30.49 64.04 12.27
C7 STE GA . 31.88 64.66 12.13
C8 STE GA . 32.95 63.82 12.80
C9 STE GA . 34.31 64.52 12.82
C10 STE GA . 34.84 64.77 11.41
C11 STE GA . 35.83 63.69 10.96
C12 STE GA . 37.28 64.05 11.29
C13 STE GA . 38.01 62.91 11.99
C14 STE GA . 37.92 61.59 11.23
C15 STE GA . 38.69 61.62 9.91
C16 STE GA . 40.15 62.01 10.12
C17 STE GA . 41.10 60.83 9.91
C18 STE GA . 42.47 61.08 10.53
C1 PLM HA . 33.69 70.35 11.03
O1 PLM HA . 34.71 70.41 10.29
O2 PLM HA . 33.81 70.42 12.28
C2 PLM HA . 32.30 70.21 10.43
C3 PLM HA . 31.75 68.79 10.57
C4 PLM HA . 30.24 68.72 10.73
C5 PLM HA . 29.49 68.85 9.40
C6 PLM HA . 28.17 69.61 9.53
C7 PLM HA . 27.11 68.78 10.25
C8 PLM HA . 26.41 69.58 11.35
C9 PLM HA . 25.41 68.74 12.14
CA PLM HA . 23.96 69.09 11.80
CB PLM HA . 23.02 68.85 12.98
CC PLM HA . 21.72 68.17 12.57
CD PLM HA . 20.85 67.81 13.78
CE PLM HA . 20.12 69.03 14.34
CF PLM HA . 18.69 68.70 14.77
CG PLM HA . 17.95 67.86 13.74
C1 NAG IA . -11.24 -18.26 -25.61
C2 NAG IA . -11.62 -18.01 -27.08
C3 NAG IA . -12.68 -18.98 -27.59
C4 NAG IA . -12.22 -20.39 -27.28
C5 NAG IA . -12.09 -20.57 -25.78
C6 NAG IA . -11.61 -21.98 -25.50
C7 NAG IA . -11.41 -15.85 -28.14
C8 NAG IA . -10.58 -14.74 -27.55
N2 NAG IA . -12.02 -16.65 -27.27
O3 NAG IA . -12.83 -18.83 -29.00
O4 NAG IA . -13.17 -21.32 -27.80
O5 NAG IA . -11.15 -19.65 -25.22
O6 NAG IA . -10.29 -21.91 -24.94
O7 NAG IA . -11.50 -16.02 -29.35
C1 PCW JA . 14.70 -2.29 -33.82
C2 PCW JA . 15.87 -2.67 -32.94
C3 PCW JA . 16.71 -3.78 -33.52
C4 PCW JA . 11.39 -1.93 -31.96
C5 PCW JA . 11.37 -2.52 -30.59
C6 PCW JA . 10.67 -4.61 -29.57
C7 PCW JA . 9.20 -2.66 -29.49
C8 PCW JA . 9.53 -3.83 -31.55
C11 PCW JA . 18.66 -4.06 -34.79
C12 PCW JA . 19.96 -3.42 -35.17
C13 PCW JA . 19.85 -2.49 -36.33
C14 PCW JA . 20.19 -1.05 -35.97
C15 PCW JA . 21.47 -0.89 -35.18
C16 PCW JA . 22.54 -0.10 -35.88
C17 PCW JA . 22.08 0.69 -37.10
C18 PCW JA . 23.07 1.67 -37.61
C19 PCW JA . 22.84 3.07 -37.16
C20 PCW JA . 21.83 3.50 -36.47
C21 PCW JA . 20.69 4.34 -36.95
C22 PCW JA . 19.86 4.90 -35.84
C23 PCW JA . 20.52 6.05 -35.10
C24 PCW JA . 20.84 7.22 -35.96
C25 PCW JA . 19.65 8.08 -36.25
C26 PCW JA . 19.72 9.45 -35.68
C27 PCW JA . 20.14 10.47 -36.67
C28 PCW JA . 19.49 11.83 -36.55
C31 PCW JA . 16.69 -1.01 -31.54
C32 PCW JA . 17.15 0.40 -31.34
C33 PCW JA . 16.67 0.94 -30.03
C34 PCW JA . 17.70 1.77 -29.27
C35 PCW JA . 17.33 2.02 -27.84
C36 PCW JA . 17.27 3.47 -27.48
C37 PCW JA . 18.55 4.00 -26.86
C38 PCW JA . 19.44 4.71 -27.81
C39 PCW JA . 20.88 4.54 -27.50
C40 PCW JA . 21.82 4.71 -28.37
C41 PCW JA . 21.58 5.35 -29.71
C42 PCW JA . 22.52 4.90 -30.81
C43 PCW JA . 23.57 5.91 -31.22
C44 PCW JA . 23.76 6.05 -32.72
C45 PCW JA . 24.57 7.25 -33.16
C46 PCW JA . 25.06 7.21 -34.59
C47 PCW JA . 24.51 8.29 -35.49
C48 PCW JA . 25.37 8.74 -36.64
N PCW JA . 10.20 -3.41 -30.30
O2 PCW JA . 16.71 -1.50 -32.77
O3 PCW JA . 17.83 -3.20 -34.22
O11 PCW JA . 18.39 -5.22 -34.95
O31 PCW JA . 16.29 -1.71 -30.68
O1P PCW JA . 12.29 -4.96 -33.00
O2P PCW JA . 11.30 -2.92 -34.27
O3P PCW JA . 13.89 -3.44 -34.25
O4P PCW JA . 12.60 -2.42 -32.55
P PCW JA . 12.45 -3.59 -33.60
C1 STE KA . 54.23 18.75 -45.89
O1 STE KA . 54.19 17.49 -46.00
O2 STE KA . 55.11 19.28 -45.16
C2 STE KA . 53.24 19.61 -46.65
C3 STE KA . 52.19 18.80 -47.40
C4 STE KA . 51.07 18.31 -46.49
C5 STE KA . 50.46 16.99 -46.98
C6 STE KA . 49.16 17.20 -47.75
C7 STE KA . 49.35 17.12 -49.25
C8 STE KA . 48.24 16.32 -49.94
C9 STE KA . 47.75 17.00 -51.22
C10 STE KA . 46.76 16.14 -52.02
C11 STE KA . 45.90 15.23 -51.14
C12 STE KA . 46.13 13.75 -51.43
C13 STE KA . 45.06 13.18 -52.37
C14 STE KA . 44.47 11.88 -51.83
C15 STE KA . 43.65 11.13 -52.89
C16 STE KA . 42.74 10.08 -52.28
C17 STE KA . 41.25 10.38 -52.53
C18 STE KA . 40.33 9.59 -51.60
C1 PLM LA . 54.48 5.58 -38.68
O1 PLM LA . 53.64 6.49 -38.45
O2 PLM LA . 55.43 5.40 -37.87
C2 PLM LA . 54.35 4.72 -39.92
C3 PLM LA . 54.73 3.26 -39.67
C4 PLM LA . 53.53 2.32 -39.82
C5 PLM LA . 52.80 2.11 -38.49
C6 PLM LA . 51.32 2.52 -38.58
C7 PLM LA . 50.48 1.86 -37.48
C8 PLM LA . 50.23 0.38 -37.76
C9 PLM LA . 48.74 0.07 -37.89
CA PLM LA . 48.21 -0.76 -36.71
CB PLM LA . 48.02 0.08 -35.45
CC PLM LA . 46.55 0.18 -35.05
CD PLM LA . 46.34 1.14 -33.87
CE PLM LA . 46.26 2.59 -34.31
CF PLM LA . 44.99 3.28 -33.81
CG PLM LA . 43.74 2.45 -34.10
C1 CLR MA . 12.19 4.07 -31.02
C2 CLR MA . 11.80 2.95 -30.05
C3 CLR MA . 11.45 1.68 -30.79
C4 CLR MA . 12.62 1.25 -31.65
C5 CLR MA . 13.03 2.35 -32.60
C6 CLR MA . 13.08 2.12 -33.91
C7 CLR MA . 13.34 3.19 -34.93
C8 CLR MA . 14.11 4.36 -34.33
C9 CLR MA . 13.45 4.82 -33.03
C10 CLR MA . 13.34 3.70 -31.97
C11 CLR MA . 14.13 6.07 -32.46
C12 CLR MA . 14.28 7.20 -33.47
C13 CLR MA . 14.97 6.74 -34.76
C14 CLR MA . 14.17 5.54 -35.29
C15 CLR MA . 14.69 5.34 -36.70
C16 CLR MA . 14.96 6.76 -37.21
C17 CLR MA . 14.89 7.71 -35.97
C18 CLR MA . 16.44 6.36 -34.49
C19 CLR MA . 14.66 3.58 -31.17
C20 CLR MA . 15.89 8.87 -36.11
C21 CLR MA . 15.60 10.01 -35.14
C22 CLR MA . 15.93 9.37 -37.55
C23 CLR MA . 16.16 10.85 -37.68
C24 CLR MA . 15.49 11.46 -38.88
C25 CLR MA . 16.38 11.67 -40.09
C26 CLR MA . 15.56 11.98 -41.31
C27 CLR MA . 17.42 12.76 -39.84
O1 CLR MA . 11.10 0.70 -29.80
C1 CLR NA . 11.36 21.93 -36.06
C2 CLR NA . 9.95 22.47 -35.85
C3 CLR NA . 8.97 21.38 -35.48
C4 CLR NA . 9.48 20.64 -34.25
C5 CLR NA . 10.88 20.11 -34.46
C6 CLR NA . 11.14 18.82 -34.31
C7 CLR NA . 12.52 18.22 -34.29
C8 CLR NA . 13.62 19.27 -34.35
C9 CLR NA . 13.22 20.40 -35.31
C10 CLR NA . 11.93 21.14 -34.87
C11 CLR NA . 14.39 21.37 -35.57
C12 CLR NA . 15.69 20.66 -35.99
C13 CLR NA . 16.11 19.61 -34.95
C14 CLR NA . 14.92 18.64 -34.81
C15 CLR NA . 15.50 17.45 -34.03
C16 CLR NA . 16.99 17.42 -34.43
C17 CLR NA . 17.23 18.63 -35.37
C18 CLR NA . 16.47 20.29 -33.62
C19 CLR NA . 12.18 22.07 -33.67
C20 CLR NA . 18.69 19.08 -35.38
C21 CLR NA . 19.28 19.15 -36.79
C22 CLR NA . 19.54 18.17 -34.49
C23 CLR NA . 20.97 18.62 -34.29
C24 CLR NA . 21.76 17.72 -33.37
C25 CLR NA . 23.22 18.12 -33.15
C26 CLR NA . 24.01 18.05 -34.45
C27 CLR NA . 23.33 19.51 -32.54
O1 CLR NA . 7.68 21.93 -35.22
C1 CLR OA . 9.28 20.17 -30.56
C2 CLR OA . 7.76 20.28 -30.53
C3 CLR OA . 7.11 19.18 -31.32
C4 CLR OA . 7.55 17.83 -30.79
C5 CLR OA . 9.05 17.70 -30.80
C6 CLR OA . 9.65 16.70 -31.41
C7 CLR OA . 11.10 16.34 -31.27
C8 CLR OA . 11.85 17.25 -30.29
C9 CLR OA . 11.32 18.70 -30.44
C10 CLR OA . 9.82 18.81 -30.07
C11 CLR OA . 12.20 19.71 -29.67
C12 CLR OA . 13.69 19.58 -29.98
C13 CLR OA . 14.20 18.16 -29.70
C14 CLR OA . 13.35 17.22 -30.58
C15 CLR OA . 14.08 15.88 -30.54
C16 CLR OA . 15.56 16.26 -30.31
C17 CLR OA . 15.62 17.81 -30.24
C18 CLR OA . 14.11 17.83 -28.20
C19 CLR OA . 9.58 18.66 -28.56
C20 CLR OA . 16.88 18.32 -29.51
C21 CLR OA . 17.25 19.76 -29.86
C22 CLR OA . 18.07 17.38 -29.75
C23 CLR OA . 19.28 17.68 -28.92
C24 CLR OA . 20.48 16.85 -29.27
C25 CLR OA . 21.72 17.09 -28.40
C26 CLR OA . 21.46 16.72 -26.95
C27 CLR OA . 22.94 16.36 -28.94
O1 CLR OA . 5.68 19.29 -31.23
C1 PLM PA . 47.10 20.61 -43.92
O1 PLM PA . 47.15 21.53 -43.05
O2 PLM PA . 48.06 19.82 -44.05
C2 PLM PA . 45.87 20.49 -44.80
C3 PLM PA . 46.08 20.91 -46.25
C4 PLM PA . 45.00 20.34 -47.17
C5 PLM PA . 43.61 20.90 -46.86
C6 PLM PA . 42.63 19.83 -46.41
C7 PLM PA . 41.93 19.15 -47.58
C8 PLM PA . 40.57 19.77 -47.90
C9 PLM PA . 39.41 18.83 -47.57
CA PLM PA . 38.94 18.03 -48.78
CB PLM PA . 37.76 17.12 -48.45
CC PLM PA . 37.82 15.79 -49.19
CD PLM PA . 36.60 14.92 -48.94
CE PLM PA . 35.41 15.34 -49.78
CF PLM PA . 34.24 15.83 -48.94
CG PLM PA . 33.90 14.88 -47.79
C1 STE QA . 36.76 21.29 -40.35
O1 STE QA . 37.00 20.29 -41.06
O2 STE QA . 35.59 21.52 -39.95
C2 STE QA . 37.89 22.24 -39.96
C3 STE QA . 37.65 23.66 -40.46
C4 STE QA . 38.40 24.71 -39.63
C5 STE QA . 37.56 25.97 -39.39
C6 STE QA . 37.68 26.97 -40.53
C7 STE QA . 39.13 27.36 -40.81
C8 STE QA . 39.46 28.75 -40.26
C9 STE QA . 40.85 29.23 -40.67
C10 STE QA . 41.95 28.33 -40.14
C11 STE QA . 42.57 28.87 -38.84
C12 STE QA . 43.78 29.75 -39.10
C13 STE QA . 43.71 31.08 -38.35
C14 STE QA . 43.45 30.89 -36.85
C15 STE QA . 44.65 30.25 -36.14
C16 STE QA . 45.93 31.05 -36.36
C17 STE QA . 46.39 31.79 -35.10
C18 STE QA . 47.38 32.90 -35.42
C1 PLM RA . 43.17 25.50 -44.96
O1 PLM RA . 44.34 25.44 -44.50
O2 PLM RA . 42.79 26.52 -45.60
C2 PLM RA . 42.19 24.35 -44.73
C3 PLM RA . 41.15 24.67 -43.65
C4 PLM RA . 39.79 24.02 -43.89
C5 PLM RA . 39.74 22.55 -43.47
C6 PLM RA . 38.87 21.71 -44.39
C7 PLM RA . 37.38 22.00 -44.17
C8 PLM RA . 36.64 22.21 -45.48
C9 PLM RA . 35.18 22.59 -45.28
CA PLM RA . 34.22 21.45 -45.63
CB PLM RA . 32.87 21.97 -46.12
CC PLM RA . 31.70 21.19 -45.52
CD PLM RA . 30.35 21.80 -45.92
CE PLM RA . 29.95 21.44 -47.34
CF PLM RA . 28.46 21.14 -47.48
CG PLM RA . 27.94 20.24 -46.36
C1 NAG SA . -13.04 4.31 44.28
C2 NAG SA . -12.69 2.89 44.76
C3 NAG SA . -13.76 2.29 45.68
C4 NAG SA . -14.02 3.29 46.79
C5 NAG SA . -14.56 4.58 46.20
C6 NAG SA . -14.78 5.58 47.33
C7 NAG SA . -11.30 1.37 43.48
C8 NAG SA . -10.42 1.84 42.36
N2 NAG SA . -12.45 2.01 43.63
O3 NAG SA . -13.28 1.07 46.25
O4 NAG SA . -14.96 2.75 47.71
O5 NAG SA . -13.63 5.16 45.28
O6 NAG SA . -13.87 6.66 47.19
O7 NAG SA . -10.97 0.46 44.23
C1 PCW TA . 18.09 5.86 39.68
C2 PCW TA . 18.48 6.92 38.69
C3 PCW TA . 18.56 8.29 39.31
C4 PCW TA . 14.32 5.09 36.88
C5 PCW TA . 13.56 6.34 36.55
C6 PCW TA . 11.44 7.42 36.05
C7 PCW TA . 11.76 5.09 35.41
C8 PCW TA . 11.54 5.70 37.75
C11 PCW TA . 20.57 9.32 40.02
C12 PCW TA . 21.85 8.55 40.20
C13 PCW TA . 22.87 8.75 39.12
C14 PCW TA . 24.19 8.07 39.43
C15 PCW TA . 24.43 6.76 38.71
C16 PCW TA . 25.85 6.22 38.83
C17 PCW TA . 26.09 4.91 38.09
C18 PCW TA . 27.20 4.95 37.08
C19 PCW TA . 27.09 3.87 36.05
C20 PCW TA . 27.43 3.93 34.79
C21 PCW TA . 26.70 3.23 33.69
C22 PCW TA . 27.34 3.38 32.35
C23 PCW TA . 27.32 2.12 31.52
C24 PCW TA . 27.47 2.33 30.04
C25 PCW TA . 28.43 1.37 29.38
C26 PCW TA . 28.38 1.31 27.86
C27 PCW TA . 29.58 0.62 27.26
C28 PCW TA . 30.31 1.25 26.10
C31 PCW TA . 19.81 6.67 36.78
C32 PCW TA . 21.18 6.45 36.17
C33 PCW TA . 21.76 7.68 35.55
C34 PCW TA . 21.04 8.08 34.27
C35 PCW TA . 20.24 9.37 34.38
C36 PCW TA . 18.85 9.31 33.79
C37 PCW TA . 18.78 9.43 32.27
C38 PCW TA . 19.34 10.70 31.74
C39 PCW TA . 20.47 10.48 30.81
C40 PCW TA . 21.27 9.48 30.89
C41 PCW TA . 22.76 9.66 30.85
C42 PCW TA . 23.11 10.93 30.16
C43 PCW TA . 24.61 11.13 30.07
C44 PCW TA . 25.38 10.16 30.92
C45 PCW TA . 26.77 10.62 31.26
C46 PCW TA . 27.76 9.51 31.56
C47 PCW TA . 27.16 8.20 32.02
C48 PCW TA . 28.09 7.03 31.91
N PCW TA . 12.07 6.13 36.43
O2 PCW TA . 19.77 6.65 38.10
O3 PCW TA . 19.85 8.87 39.01
O11 PCW TA . 20.23 10.27 40.70
O31 PCW TA . 18.80 6.84 36.17
O1P PCW TA . 14.47 4.65 39.63
O2P PCW TA . 16.66 3.64 38.60
O3P PCW TA . 16.65 5.90 39.77
O4P PCW TA . 15.53 5.49 37.54
P PCW TA . 15.80 4.82 38.96
C1 CLR UA . 17.13 3.73 31.62
C2 CLR UA . 16.04 4.75 31.97
C3 CLR UA . 15.54 4.58 33.37
C4 CLR UA . 16.69 4.67 34.34
C5 CLR UA . 17.79 3.70 34.01
C6 CLR UA . 18.22 2.81 34.91
C7 CLR UA . 19.44 1.96 34.74
C8 CLR UA . 20.22 2.28 33.47
C9 CLR UA . 19.25 2.55 32.31
C10 CLR UA . 18.34 3.77 32.59
C11 CLR UA . 19.98 2.69 30.96
C12 CLR UA . 20.93 1.52 30.67
C13 CLR UA . 21.94 1.32 31.80
C14 CLR UA . 21.14 1.12 33.09
C15 CLR UA . 22.17 0.64 34.11
C16 CLR UA . 23.14 -0.22 33.27
C17 CLR UA . 22.75 -0.01 31.79
C18 CLR UA . 22.91 2.52 31.89
C19 CLR UA . 19.09 5.10 32.42
C20 CLR UA . 23.94 -0.19 30.84
C21 CLR UA . 23.53 -0.58 29.41
C22 CLR UA . 24.88 -1.27 31.41
C23 CLR UA . 25.88 -1.83 30.45
C24 CLR UA . 26.54 -3.07 30.98
C25 CLR UA . 27.54 -3.75 30.06
C26 CLR UA . 27.62 -5.23 30.35
C27 CLR UA . 27.19 -3.50 28.60
O1 CLR UA . 14.55 5.59 33.64
C1 PLM VA . 56.33 19.46 40.20
O1 PLM VA . 55.87 18.86 39.20
O2 PLM VA . 56.75 20.63 40.10
C2 PLM VA . 56.38 18.74 41.56
C3 PLM VA . 56.04 19.68 42.71
C4 PLM VA . 54.75 19.29 43.42
C5 PLM VA . 53.54 20.00 42.82
C6 PLM VA . 52.48 19.03 42.30
C7 PLM VA . 51.10 19.68 42.18
C8 PLM VA . 50.44 19.89 43.54
C9 PLM VA . 49.12 19.13 43.66
CA PLM VA . 47.91 20.07 43.69
CB PLM VA . 47.57 20.63 42.31
CC PLM VA . 46.22 20.14 41.80
CD PLM VA . 45.94 20.59 40.37
CE PLM VA . 46.60 19.67 39.33
CF PLM VA . 45.59 19.13 38.32
CG PLM VA . 44.34 18.57 38.98
C1 STE WA . 63.84 8.89 32.64
O1 STE WA . 63.37 9.24 33.75
O2 STE WA . 64.49 9.71 31.93
C2 STE WA . 63.62 7.47 32.13
C3 STE WA . 62.73 6.65 33.07
C4 STE WA . 61.25 6.94 32.85
C5 STE WA . 60.42 6.75 34.13
C6 STE WA . 59.70 5.40 34.14
C7 STE WA . 60.42 4.36 35.01
C8 STE WA . 59.44 3.56 35.87
C9 STE WA . 59.78 2.07 35.88
C10 STE WA . 58.93 1.26 36.86
C11 STE WA . 57.54 1.83 37.07
C12 STE WA . 57.29 2.26 38.51
C13 STE WA . 56.53 1.21 39.31
C14 STE WA . 55.33 1.79 40.06
C15 STE WA . 54.77 0.83 41.11
C16 STE WA . 53.37 1.22 41.56
C17 STE WA . 52.34 0.15 41.22
C18 STE WA . 50.91 0.68 41.29
C1 CLR XA . 25.15 -6.89 17.16
C2 CLR XA . 24.19 -7.52 16.15
C3 CLR XA . 22.75 -7.32 16.54
C4 CLR XA . 22.48 -5.84 16.70
C5 CLR XA . 23.41 -5.19 17.70
C6 CLR XA . 22.95 -4.53 18.74
C7 CLR XA . 23.78 -3.71 19.67
C8 CLR XA . 25.24 -3.61 19.25
C9 CLR XA . 25.72 -4.96 18.68
C10 CLR XA . 24.90 -5.39 17.42
C11 CLR XA . 27.24 -4.99 18.46
C12 CLR XA . 28.04 -4.57 19.70
C13 CLR XA . 27.62 -3.17 20.17
C14 CLR XA . 26.11 -3.23 20.45
C15 CLR XA . 25.81 -1.94 21.19
C16 CLR XA . 27.09 -1.67 22.01
C17 CLR XA . 28.13 -2.74 21.57
C18 CLR XA . 27.99 -2.12 19.11
C19 CLR XA . 25.28 -4.57 16.18
C20 CLR XA . 29.58 -2.24 21.76
C21 CLR XA . 30.36 -3.04 22.79
C22 CLR XA . 29.58 -0.74 22.12
C23 CLR XA . 30.91 -0.05 21.96
C24 CLR XA . 30.84 1.43 22.25
C25 CLR XA . 32.14 2.20 22.03
C26 CLR XA . 33.26 1.67 22.91
C27 CLR XA . 32.56 2.17 20.57
O1 CLR XA . 21.89 -7.87 15.55
C1 CLR YA . 20.89 -2.49 16.44
C2 CLR YA . 19.65 -3.32 16.09
C3 CLR YA . 19.00 -3.88 17.34
C4 CLR YA . 18.60 -2.71 18.22
C5 CLR YA . 19.79 -1.88 18.60
C6 CLR YA . 20.10 -1.64 19.87
C7 CLR YA . 21.10 -0.65 20.35
C8 CLR YA . 21.80 0.09 19.22
C9 CLR YA . 21.99 -0.84 18.01
C10 CLR YA . 20.63 -1.34 17.44
C11 CLR YA . 22.89 -0.22 16.94
C12 CLR YA . 24.25 0.22 17.50
C13 CLR YA . 24.11 1.20 18.65
C14 CLR YA . 23.18 0.54 19.70
C15 CLR YA . 23.28 1.41 20.95
C16 CLR YA . 24.69 2.02 20.86
C17 CLR YA . 25.34 1.40 19.59
C18 CLR YA . 23.56 2.56 18.16
C19 CLR YA . 19.83 -0.22 16.75
C20 CLR YA . 26.57 2.19 19.11
C21 CLR YA . 27.46 1.39 18.17
C22 CLR YA . 27.40 2.72 20.30
C23 CLR YA . 28.78 3.18 19.89
C24 CLR YA . 29.27 4.38 20.63
C25 CLR YA . 30.37 5.17 19.91
C26 CLR YA . 29.81 5.95 18.72
C27 CLR YA . 31.13 6.09 20.85
O1 CLR YA . 17.85 -4.66 16.99
C1 PLM ZA . 57.96 6.24 28.93
O1 PLM ZA . 58.03 6.61 27.73
O2 PLM ZA . 58.52 6.92 29.83
C2 PLM ZA . 57.22 4.95 29.28
C3 PLM ZA . 58.12 3.79 29.68
C4 PLM ZA . 57.36 2.71 30.45
C5 PLM ZA . 56.29 2.03 29.59
C6 PLM ZA . 54.88 2.25 30.13
C7 PLM ZA . 54.49 1.21 31.18
C8 PLM ZA . 53.70 0.05 30.60
C9 PLM ZA . 52.25 0.04 31.05
CA PLM ZA . 52.01 -0.86 32.26
CB PLM ZA . 50.54 -0.90 32.68
CC PLM ZA . 50.38 -0.97 34.20
CD PLM ZA . 48.92 -1.09 34.61
CE PLM ZA . 48.40 -2.53 34.49
CF PLM ZA . 47.28 -2.65 33.46
CG PLM ZA . 46.20 -1.60 33.65
C1 STE AB . 48.16 3.40 24.94
O1 STE AB . 48.25 3.33 26.19
O2 STE AB . 47.11 3.02 24.36
C2 STE AB . 49.32 3.96 24.12
C3 STE AB . 49.86 2.93 23.11
C4 STE AB . 50.56 3.59 21.93
C5 STE AB . 50.24 2.90 20.60
C6 STE AB . 51.17 1.71 20.34
C7 STE AB . 52.64 2.11 20.36
C8 STE AB . 53.23 2.22 18.95
C9 STE AB . 54.74 2.45 18.97
C10 STE AB . 55.12 3.76 19.66
C11 STE AB . 55.34 4.89 18.65
C12 STE AB . 56.80 5.00 18.22
C13 STE AB . 56.95 5.08 16.69
C14 STE AB . 56.08 6.18 16.08
C15 STE AB . 56.56 7.59 16.45
C16 STE AB . 58.03 7.80 16.09
C17 STE AB . 58.21 8.74 14.90
C18 STE AB . 59.60 8.62 14.26
C1 PLM BB . 56.93 1.65 24.65
O1 PLM BB . 57.71 2.63 24.65
O2 PLM BB . 57.24 0.59 24.04
C2 PLM BB . 55.58 1.72 25.37
C3 PLM BB . 54.42 1.91 24.40
C4 PLM BB . 53.12 1.25 24.84
C5 PLM BB . 52.36 2.07 25.89
C6 PLM BB . 51.64 1.21 26.92
C7 PLM BB . 50.43 0.51 26.33
C8 PLM BB . 50.40 -0.98 26.68
C9 PLM BB . 49.23 -1.72 26.03
CA PLM BB . 48.13 -2.09 27.02
CB PLM BB . 47.38 -3.34 26.61
CC PLM BB . 45.87 -3.22 26.78
CD PLM BB . 45.13 -4.44 26.25
CE PLM BB . 45.21 -5.63 27.21
CF PLM BB . 43.89 -6.40 27.29
CG PLM BB . 42.69 -5.48 27.42
C1 NAG CB . 4.94 -47.42 8.73
C2 NAG CB . 5.01 -47.82 10.22
C3 NAG CB . 3.64 -48.09 10.82
C4 NAG CB . 2.75 -46.90 10.52
C5 NAG CB . 2.60 -46.75 9.01
C6 NAG CB . 1.73 -45.54 8.73
C7 NAG CB . 6.94 -48.88 11.22
C8 NAG CB . 8.28 -48.90 10.55
N2 NAG CB . 5.88 -48.95 10.41
O3 NAG CB . 3.75 -48.23 12.24
O4 NAG CB . 1.46 -47.09 11.12
O5 NAG CB . 3.86 -46.55 8.37
O6 NAG CB . 2.51 -44.54 8.08
O7 NAG CB . 6.82 -48.81 12.43
C1 PCW DB . 32.81 -34.92 14.93
C2 PCW DB . 33.86 -34.45 13.95
C3 PCW DB . 35.09 -33.89 14.62
C4 PCW DB . 31.17 -38.38 12.39
C5 PCW DB . 29.92 -38.72 11.61
C6 PCW DB . 29.80 -40.94 10.55
C7 PCW DB . 30.04 -40.77 12.95
C8 PCW DB . 27.95 -40.15 11.90
C11 PCW DB . 37.17 -34.72 15.34
C12 PCW DB . 37.39 -33.25 15.50
C13 PCW DB . 38.73 -32.79 15.01
C14 PCW DB . 39.15 -31.48 15.65
C15 PCW DB . 38.94 -31.41 17.14
C16 PCW DB . 40.20 -31.27 17.95
C17 PCW DB . 40.64 -32.55 18.65
C18 PCW DB . 41.80 -33.24 18.02
C19 PCW DB . 41.40 -34.41 17.18
C20 PCW DB . 42.23 -35.37 16.84
C21 PCW DB . 43.63 -35.48 17.35
C22 PCW DB . 44.27 -36.79 17.04
C23 PCW DB . 44.69 -36.95 15.59
C24 PCW DB . 45.53 -38.18 15.33
C25 PCW DB . 46.50 -38.52 16.44
C26 PCW DB . 47.33 -39.74 16.15
C27 PCW DB . 48.62 -39.83 16.92
C28 PCW DB . 49.49 -40.98 16.48
C31 PCW DB . 34.02 -35.51 11.81
C32 PCW DB . 35.13 -36.06 10.96
C33 PCW DB . 34.65 -36.81 9.76
C34 PCW DB . 35.78 -37.48 8.98
C35 PCW DB . 37.05 -36.68 8.94
C36 PCW DB . 38.15 -37.32 8.13
C37 PCW DB . 39.48 -36.58 8.18
C38 PCW DB . 40.44 -37.11 9.18
C39 PCW DB . 40.95 -36.07 10.13
C40 PCW DB . 40.41 -35.78 11.29
C41 PCW DB . 40.91 -34.73 12.24
C42 PCW DB . 42.07 -35.19 13.05
C43 PCW DB . 43.25 -34.22 13.06
C44 PCW DB . 44.49 -34.75 12.40
C45 PCW DB . 45.76 -34.07 12.83
C46 PCW DB . 45.71 -33.46 14.21
C47 PCW DB . 47.07 -33.24 14.83
C48 PCW DB . 47.21 -33.80 16.23
N PCW DB . 29.43 -40.15 11.75
O2 PCW DB . 34.27 -35.58 13.11
O3 PCW DB . 35.89 -34.99 15.12
O11 PCW DB . 38.01 -35.57 15.41
O31 PCW DB . 33.00 -35.05 11.36
O1P PCW DB . 30.16 -35.84 15.00
O2P PCW DB . 31.04 -38.28 15.20
O3P PCW DB . 32.61 -36.35 14.80
O4P PCW DB . 31.02 -37.06 12.99
P PCW DB . 31.13 -36.91 14.58
C1 STE EB . 74.40 -15.59 23.90
O1 STE EB . 73.37 -14.89 24.04
O2 STE EB . 75.30 -15.23 23.10
C2 STE EB . 74.56 -16.88 24.70
C3 STE EB . 73.33 -17.20 25.54
C4 STE EB . 72.23 -17.86 24.72
C5 STE EB . 70.83 -17.55 25.26
C6 STE EB . 70.28 -18.70 26.11
C7 STE EB . 70.40 -18.43 27.61
C8 STE EB . 69.15 -18.84 28.38
C9 STE EB . 69.47 -19.57 29.68
C10 STE EB . 68.25 -19.83 30.56
C11 STE EB . 66.96 -20.02 29.75
C12 STE EB . 65.92 -18.95 30.07
C13 STE EB . 64.87 -19.43 31.08
C14 STE EB . 63.44 -19.17 30.61
C15 STE EB . 62.43 -19.35 31.73
C16 STE EB . 61.01 -19.49 31.21
C17 STE EB . 60.39 -20.85 31.55
C18 STE EB . 59.16 -21.16 30.70
C1 PLM FB . 63.52 -7.94 16.95
O1 PLM FB . 63.75 -9.17 16.76
O2 PLM FB . 63.89 -7.09 16.09
C2 PLM FB . 62.82 -7.48 18.22
C3 PLM FB . 61.84 -6.32 17.96
C4 PLM FB . 60.40 -6.72 18.21
C5 PLM FB . 59.72 -7.26 16.95
C6 PLM FB . 59.18 -8.68 17.11
C7 PLM FB . 58.11 -9.01 16.09
C8 PLM FB . 56.77 -8.34 16.42
C9 PLM FB . 55.65 -9.35 16.66
CA PLM FB . 54.61 -9.34 15.54
CB PLM FB . 55.10 -10.04 14.27
CC PLM FB . 54.31 -11.30 13.96
CD PLM FB . 54.88 -12.07 12.78
CE PLM FB . 56.04 -12.99 13.19
CF PLM FB . 55.82 -14.43 12.78
CG PLM FB . 54.43 -14.95 13.16
C1 CLR GB . 36.99 -41.13 11.88
C2 CLR GB . 35.80 -40.84 11.00
C3 CLR GB . 34.56 -40.61 11.82
C4 CLR GB . 34.79 -39.44 12.76
C5 CLR GB . 36.00 -39.66 13.64
C6 CLR GB . 35.92 -39.55 14.96
C7 CLR GB . 37.03 -39.86 15.90
C8 CLR GB . 38.39 -39.78 15.22
C9 CLR GB . 38.35 -40.58 13.90
C10 CLR GB . 37.29 -40.02 12.92
C11 CLR GB . 39.72 -40.65 13.23
C12 CLR GB . 40.84 -41.12 14.16
C13 CLR GB . 40.89 -40.30 15.44
C14 CLR GB . 39.50 -40.36 16.08
C15 CLR GB . 39.71 -39.81 17.49
C16 CLR GB . 41.13 -40.26 17.86
C17 CLR GB . 41.76 -40.88 16.59
C18 CLR GB . 41.32 -38.85 15.14
C19 CLR GB . 37.82 -38.76 12.21
C20 CLR GB . 43.28 -40.68 16.53
C21 CLR GB . 43.99 -41.79 15.77
C22 CLR GB . 43.84 -40.57 17.95
C23 CLR GB . 44.92 -41.55 18.26
C24 CLR GB . 44.93 -41.95 19.70
C25 CLR GB . 46.29 -41.91 20.37
C26 CLR GB . 46.21 -42.54 21.74
C27 CLR GB . 47.33 -42.61 19.52
O1 CLR GB . 33.46 -40.42 10.93
C1 CLR HB . 51.41 -52.29 17.19
C2 CLR HB . 51.20 -53.80 17.23
C3 CLR HB . 49.84 -54.20 16.74
C4 CLR HB . 49.62 -53.66 15.34
C5 CLR HB . 49.82 -52.16 15.29
C6 CLR HB . 48.87 -51.36 14.84
C7 CLR HB . 49.02 -49.90 14.58
C8 CLR HB . 50.45 -49.40 14.77
C9 CLR HB . 51.10 -50.10 15.98
C10 CLR HB . 51.16 -51.65 15.81
C11 CLR HB . 52.47 -49.49 16.32
C12 CLR HB . 52.42 -47.97 16.49
C13 CLR HB . 51.85 -47.28 15.25
C14 CLR HB . 50.46 -47.90 15.01
C15 CLR HB . 49.82 -46.99 13.97
C16 CLR HB . 50.32 -45.58 14.35
C17 CLR HB . 51.44 -45.78 15.41
C18 CLR HB . 52.78 -47.43 14.04
C19 CLR HB . 52.27 -52.07 14.84
C20 CLR HB . 52.51 -44.67 15.34
C21 CLR HB . 53.05 -44.27 16.71
C22 CLR HB . 51.96 -43.46 14.59
C23 CLR HB . 53.01 -42.54 13.99
C24 CLR HB . 53.14 -41.24 14.73
C25 CLR HB . 54.37 -40.40 14.35
C26 CLR HB . 54.50 -39.19 15.26
C27 CLR HB . 55.64 -41.23 14.39
O1 CLR HB . 49.70 -55.62 16.74
C1 CLR IB . 48.31 -52.80 10.10
C2 CLR IB . 47.41 -54.01 10.34
C3 CLR IB . 46.52 -53.83 11.54
C4 CLR IB . 45.69 -52.58 11.37
C5 CLR IB . 46.54 -51.35 11.10
C6 CLR IB . 46.39 -50.25 11.83
C7 CLR IB . 47.02 -48.92 11.53
C8 CLR IB . 47.88 -48.93 10.26
C9 CLR IB . 48.58 -50.30 10.10
C10 CLR IB . 47.55 -51.46 9.97
C11 CLR IB . 49.61 -50.29 8.97
C12 CLR IB . 50.61 -49.12 9.05
C13 CLR IB . 49.89 -47.77 9.12
C14 CLR IB . 48.95 -47.85 10.34
C15 CLR IB . 48.53 -46.41 10.62
C16 CLR IB . 49.79 -45.59 10.27
C17 CLR IB . 50.77 -46.54 9.53
C18 CLR IB . 49.15 -47.48 7.81
C19 CLR IB . 46.81 -51.41 8.62
C20 CLR IB . 51.55 -45.78 8.43
C21 CLR IB . 53.00 -46.24 8.30
C22 CLR IB . 51.48 -44.27 8.68
C23 CLR IB . 52.81 -43.57 8.81
C24 CLR IB . 52.88 -42.66 10.02
C25 CLR IB . 54.03 -41.67 10.02
C26 CLR IB . 55.32 -42.31 10.49
C27 CLR IB . 54.21 -41.03 8.65
O1 CLR IB . 45.67 -54.97 11.70
C1 PLM JB . 71.48 -21.93 22.34
O1 PLM JB . 72.21 -22.43 21.44
O2 PLM JB . 71.39 -20.67 22.43
C2 PLM JB . 70.72 -22.83 23.30
C3 PLM JB . 71.28 -22.85 24.72
C4 PLM JB . 70.25 -23.38 25.71
C5 PLM JB . 69.91 -24.85 25.47
C6 PLM JB . 68.43 -25.04 25.12
C7 PLM JB . 67.55 -25.18 26.36
C8 PLM JB . 67.29 -26.64 26.74
C9 PLM JB . 65.84 -27.05 26.50
CA PLM JB . 64.99 -26.94 27.77
CB PLM JB . 63.55 -27.40 27.54
CC PLM JB . 62.54 -26.55 28.31
CD PLM JB . 61.11 -27.06 28.17
CE PLM JB . 60.82 -28.26 29.07
CF PLM JB . 60.51 -29.52 28.27
CG PLM JB . 59.47 -29.29 27.19
C1 STE KB . 65.89 -30.87 19.37
O1 STE KB . 65.24 -30.07 20.11
O2 STE KB . 65.38 -31.97 19.04
C2 STE KB . 67.29 -30.51 18.90
C3 STE KB . 68.35 -31.51 19.36
C4 STE KB . 69.57 -31.52 18.45
C5 STE KB . 70.10 -32.93 18.23
C6 STE KB . 71.06 -33.38 19.33
C7 STE KB . 72.24 -32.42 19.50
C8 STE KB . 73.53 -32.97 18.89
C9 STE KB . 74.74 -32.09 19.20
C10 STE KB . 74.61 -30.68 18.63
C11 STE KB . 75.31 -30.53 17.29
C12 STE KB . 76.75 -30.04 17.43
C13 STE KB . 77.74 -30.89 16.65
C14 STE KB . 77.35 -31.04 15.18
C15 STE KB . 77.48 -29.72 14.41
C16 STE KB . 78.87 -29.12 14.53
C17 STE KB . 79.67 -29.22 13.23
C18 STE KB . 81.17 -29.04 13.45
C1 PLM LB . 73.29 -27.92 23.45
O1 PLM LB . 73.88 -26.95 22.93
O2 PLM LB . 73.93 -28.79 24.09
C2 PLM LB . 71.76 -28.06 23.33
C3 PLM LB . 71.37 -29.12 22.30
C4 PLM LB . 70.07 -29.86 22.64
C5 PLM LB . 68.82 -29.06 22.28
C6 PLM LB . 67.68 -29.27 23.27
C7 PLM LB . 67.05 -30.64 23.13
C8 PLM LB . 66.88 -31.34 24.48
C9 PLM LB . 66.33 -32.76 24.35
CA PLM LB . 64.88 -32.87 24.80
CB PLM LB . 64.56 -34.26 25.35
CC PLM LB . 63.22 -34.79 24.85
CD PLM LB . 62.97 -36.22 25.31
CE PLM LB . 62.53 -36.30 26.77
CF PLM LB . 61.44 -37.34 27.00
CG PLM LB . 60.34 -37.28 25.95
#